data_5VY8
#
_entry.id   5VY8
#
loop_
_entity.id
_entity.type
_entity.pdbx_description
1 polymer 'Heat shock protein 104'
2 non-polymer "ADENOSINE-5'-DIPHOSPHATE"
#
_entity_poly.entity_id   1
_entity_poly.type   'polypeptide(L)'
_entity_poly.pdbx_seq_one_letter_code
;MNDQTQFTERALTILTLAQKLASDHQHPQLQPIHILAAFIETPEDGSVPYLQNLIEKGRYDYDLFKKVVNRNLVRIPQQQ
PAPAEITPSYALGKVLQDAAKIQKQQKDSFIAQDHILFALFNDSSIQQIFKEAQVDIEAIKQQALELRGNTRIDSRGADT
NTPLEYLSKYAIDMTEQARQGKLDPVIGREEEIRSTIRVLARRIKSNPCLIGEPGIGKTAIIEGVAQRIIDDDVPTILQG
AKLFSLDLAALTAGAKYKGDFEERFKGVLKEIEESKTLIVLFIDEIHMLMGNGKDDAANILKPALSRGQLKVIGATTNNE
YRSIVEKDGAFERRFQKIEVAEPSVRQTVAILRGLQPKYEIHHGVRILDSALVTAAQLAKRYLPYRRLPDSALDLVDISC
AGVAVARDSKPEELDSKERQLQLIQVEIKALERDEDADSTTKDRLKLARQKEASLQEELEPLRQRYNEEKHGHEELTQAK
KKLDELENKALDAERRYDTATAADLRYFAIPDIKKQIEKLEDQVAEEERRAGANSMIQNVVDSDTISETAARLTGIPVKK
LSESENEKLIHMERDLSSEVVGQMDAIKAVSNAVRLSRSGLANPRQPASFLFLGLSGSGKTELAKKVAGFLFNDEDMMIR
VDCSELSEKYAVSKLLGTTAGYVGYDEGGFLTNQLQYKPYSVLLFDEVEKAHPDVLTVMLQMLDDGRITSGQGKTIDCSN
CIVIMTSNLGAEFINSQQGSKIQESTKNLVMGAVRQHFRPEFLNRISSIVIFNKLSRKAIHKIVDIRLKEIEERFEQNDK
HYKLNLTQEAKDFLAKYGYSDDMGARPLNRLIQNEILNKLALRILKNEIKDKETVNVVLKKGKSRDENVPEEAEECLEVL
PNHEATIGADTLGDDDNEDSMEIDDDLD
;
_entity_poly.pdbx_strand_id   A,B,C,D,E,F
#
loop_
_chem_comp.id
_chem_comp.type
_chem_comp.name
_chem_comp.formula
ADP non-polymer ADENOSINE-5'-DIPHOSPHATE 'C10 H15 N5 O10 P2'
#
# COMPACT_ATOMS: atom_id res chain seq x y z
N TYR A 166 -40.52 6.15 -53.33
CA TYR A 166 -39.84 5.20 -52.48
C TYR A 166 -40.80 4.33 -51.71
N LEU A 167 -41.91 4.89 -51.24
CA LEU A 167 -42.83 4.11 -50.42
C LEU A 167 -43.42 2.95 -51.19
N SER A 168 -43.66 3.13 -52.46
CA SER A 168 -44.22 2.05 -53.25
C SER A 168 -43.27 0.83 -53.35
N LYS A 169 -42.00 1.01 -52.99
CA LYS A 169 -41.02 -0.07 -53.03
C LYS A 169 -40.59 -0.47 -51.62
N TYR A 170 -40.51 0.49 -50.72
CA TYR A 170 -39.95 0.24 -49.42
C TYR A 170 -40.93 0.23 -48.27
N ALA A 171 -42.23 0.44 -48.51
CA ALA A 171 -43.16 0.40 -47.40
C ALA A 171 -44.51 -0.16 -47.80
N ILE A 172 -45.22 -0.71 -46.83
CA ILE A 172 -46.55 -1.20 -47.14
C ILE A 172 -47.64 -0.40 -46.48
N ASP A 173 -48.56 0.13 -47.28
CA ASP A 173 -49.65 0.92 -46.71
C ASP A 173 -50.62 0.00 -46.06
N MET A 174 -50.33 -0.29 -44.81
CA MET A 174 -51.12 -1.27 -44.14
C MET A 174 -52.50 -0.81 -43.87
N THR A 175 -52.68 0.48 -43.66
CA THR A 175 -54.03 0.93 -43.38
C THR A 175 -54.92 0.72 -44.57
N GLU A 176 -54.46 1.07 -45.75
CA GLU A 176 -55.34 0.88 -46.86
C GLU A 176 -55.53 -0.60 -47.12
N GLN A 177 -54.47 -1.40 -46.97
CA GLN A 177 -54.67 -2.80 -47.22
C GLN A 177 -55.70 -3.32 -46.25
N ALA A 178 -55.57 -2.90 -45.00
CA ALA A 178 -56.45 -3.24 -43.91
C ALA A 178 -57.88 -2.78 -44.20
N ARG A 179 -58.02 -1.62 -44.84
CA ARG A 179 -59.34 -1.11 -45.17
C ARG A 179 -60.03 -2.03 -46.15
N GLN A 180 -59.27 -2.48 -47.14
CA GLN A 180 -59.77 -3.36 -48.17
C GLN A 180 -60.11 -4.74 -47.63
N GLY A 181 -59.25 -5.21 -46.72
CA GLY A 181 -59.28 -6.54 -46.11
C GLY A 181 -57.84 -6.79 -45.71
N LYS A 182 -57.27 -7.94 -46.05
CA LYS A 182 -55.83 -8.14 -45.78
C LYS A 182 -55.45 -7.85 -44.32
N LEU A 183 -56.34 -8.23 -43.41
CA LEU A 183 -56.17 -8.01 -41.99
C LEU A 183 -56.83 -9.10 -41.17
N ASP A 184 -56.18 -9.51 -40.08
CA ASP A 184 -56.79 -10.47 -39.17
C ASP A 184 -57.45 -9.68 -38.04
N PRO A 185 -58.79 -9.71 -37.85
CA PRO A 185 -59.46 -8.91 -36.84
C PRO A 185 -58.74 -9.16 -35.56
N VAL A 186 -58.33 -8.11 -34.88
CA VAL A 186 -57.52 -8.29 -33.71
C VAL A 186 -58.28 -8.24 -32.44
N ILE A 187 -58.12 -9.28 -31.63
CA ILE A 187 -58.84 -9.30 -30.38
C ILE A 187 -57.91 -9.58 -29.21
N GLY A 188 -58.27 -9.08 -28.03
CA GLY A 188 -57.53 -9.31 -26.81
C GLY A 188 -56.43 -8.27 -26.57
N ARG A 189 -56.33 -7.31 -27.48
CA ARG A 189 -55.34 -6.25 -27.43
C ARG A 189 -55.93 -4.87 -27.44
N GLU A 190 -57.19 -4.76 -27.08
CA GLU A 190 -57.85 -3.47 -27.18
C GLU A 190 -57.15 -2.39 -26.37
N GLU A 191 -56.60 -2.76 -25.22
CA GLU A 191 -55.92 -1.78 -24.39
C GLU A 191 -54.61 -1.34 -25.02
N GLU A 192 -53.92 -2.26 -25.67
CA GLU A 192 -52.67 -1.90 -26.32
C GLU A 192 -52.96 -0.89 -27.41
N ILE A 193 -54.10 -1.07 -28.07
CA ILE A 193 -54.45 -0.19 -29.15
C ILE A 193 -54.84 1.15 -28.60
N ARG A 194 -55.64 1.14 -27.55
CA ARG A 194 -56.08 2.38 -26.94
C ARG A 194 -54.87 3.15 -26.46
N SER A 195 -53.89 2.44 -25.91
CA SER A 195 -52.69 3.08 -25.45
C SER A 195 -51.93 3.66 -26.61
N THR A 196 -51.84 2.92 -27.69
CA THR A 196 -51.09 3.36 -28.85
C THR A 196 -51.73 4.63 -29.39
N ILE A 197 -53.06 4.64 -29.46
CA ILE A 197 -53.79 5.78 -29.96
C ILE A 197 -53.55 6.99 -29.10
N ARG A 198 -53.63 6.81 -27.79
CA ARG A 198 -53.41 7.93 -26.91
C ARG A 198 -52.02 8.50 -27.11
N VAL A 199 -51.04 7.64 -27.31
CA VAL A 199 -49.70 8.15 -27.50
C VAL A 199 -49.58 8.91 -28.79
N LEU A 200 -50.12 8.35 -29.86
CA LEU A 200 -50.03 9.00 -31.15
C LEU A 200 -50.73 10.35 -31.13
N ALA A 201 -51.77 10.49 -30.31
CA ALA A 201 -52.52 11.73 -30.19
C ALA A 201 -51.75 12.82 -29.43
N ARG A 202 -50.69 12.46 -28.72
CA ARG A 202 -50.01 13.42 -27.86
C ARG A 202 -49.42 14.60 -28.62
N ARG A 203 -49.51 15.79 -28.01
CA ARG A 203 -48.92 16.99 -28.59
C ARG A 203 -47.42 16.82 -28.70
N ILE A 204 -46.86 16.21 -27.67
CA ILE A 204 -45.44 15.99 -27.55
C ILE A 204 -45.16 14.53 -27.27
N LYS A 205 -43.98 14.02 -27.67
CA LYS A 205 -43.65 12.62 -27.38
C LYS A 205 -44.73 11.69 -27.93
N SER A 206 -45.08 11.92 -29.18
CA SER A 206 -46.13 11.19 -29.88
C SER A 206 -45.82 9.78 -30.36
N ASN A 207 -44.60 9.29 -30.22
CA ASN A 207 -44.28 7.97 -30.74
C ASN A 207 -44.42 6.89 -29.68
N PRO A 208 -45.24 5.84 -29.87
CA PRO A 208 -45.34 4.66 -29.03
C PRO A 208 -44.33 3.62 -29.42
N CYS A 209 -44.05 2.69 -28.53
CA CYS A 209 -43.30 1.47 -28.84
C CYS A 209 -43.88 0.26 -28.15
N LEU A 210 -44.07 -0.82 -28.90
CA LEU A 210 -44.59 -2.03 -28.31
C LEU A 210 -43.46 -2.91 -27.82
N ILE A 211 -43.51 -3.30 -26.57
CA ILE A 211 -42.49 -4.17 -26.05
C ILE A 211 -43.10 -5.48 -25.57
N GLY A 212 -42.71 -6.58 -26.20
CA GLY A 212 -43.29 -7.88 -25.86
C GLY A 212 -42.28 -9.00 -26.03
N GLU A 213 -42.75 -10.14 -26.51
CA GLU A 213 -41.93 -11.33 -26.73
C GLU A 213 -42.44 -12.05 -27.98
N PRO A 214 -41.66 -12.91 -28.63
CA PRO A 214 -42.10 -13.67 -29.77
C PRO A 214 -43.36 -14.46 -29.44
N GLY A 215 -44.38 -14.32 -30.28
CA GLY A 215 -45.64 -15.00 -30.11
C GLY A 215 -46.72 -14.20 -29.38
N ILE A 216 -46.35 -13.02 -28.85
CA ILE A 216 -47.26 -12.13 -28.13
C ILE A 216 -48.40 -11.45 -28.90
N GLY A 217 -48.17 -10.96 -30.11
CA GLY A 217 -49.25 -10.26 -30.81
C GLY A 217 -48.84 -8.90 -31.37
N LYS A 218 -47.55 -8.65 -31.48
CA LYS A 218 -47.05 -7.38 -31.99
C LYS A 218 -47.68 -6.97 -33.30
N THR A 219 -47.68 -7.89 -34.26
CA THR A 219 -48.16 -7.41 -35.56
C THR A 219 -49.63 -7.14 -35.46
N ALA A 220 -50.33 -7.93 -34.67
CA ALA A 220 -51.74 -7.72 -34.51
C ALA A 220 -52.02 -6.40 -33.86
N ILE A 221 -51.21 -6.01 -32.91
CA ILE A 221 -51.48 -4.76 -32.26
C ILE A 221 -51.39 -3.68 -33.31
N ILE A 222 -50.39 -3.74 -34.13
CA ILE A 222 -50.25 -2.73 -35.13
C ILE A 222 -51.48 -2.75 -36.06
N GLU A 223 -51.92 -3.93 -36.50
CA GLU A 223 -53.11 -3.97 -37.34
C GLU A 223 -54.35 -3.43 -36.60
N GLY A 224 -54.47 -3.71 -35.31
CA GLY A 224 -55.58 -3.24 -34.53
C GLY A 224 -55.65 -1.73 -34.60
N VAL A 225 -54.48 -1.09 -34.64
CA VAL A 225 -54.45 0.35 -34.71
C VAL A 225 -55.07 0.73 -36.02
N ALA A 226 -54.69 0.03 -37.08
CA ALA A 226 -55.27 0.34 -38.37
C ALA A 226 -56.77 0.20 -38.29
N GLN A 227 -57.28 -0.78 -37.58
CA GLN A 227 -58.73 -0.94 -37.54
C GLN A 227 -59.38 0.30 -36.93
N ARG A 228 -58.78 0.84 -35.89
CA ARG A 228 -59.37 2.00 -35.28
C ARG A 228 -59.27 3.17 -36.23
N ILE A 229 -58.16 3.25 -36.97
CA ILE A 229 -58.00 4.31 -37.93
C ILE A 229 -59.04 4.23 -39.01
N ILE A 230 -59.25 3.03 -39.52
CA ILE A 230 -60.18 2.76 -40.59
C ILE A 230 -61.58 3.18 -40.29
N ASP A 231 -62.02 2.92 -39.08
CA ASP A 231 -63.35 3.28 -38.63
C ASP A 231 -63.42 4.70 -38.07
N ASP A 232 -62.29 5.42 -38.10
CA ASP A 232 -62.13 6.76 -37.52
C ASP A 232 -62.49 6.76 -36.05
N ASP A 233 -62.24 5.66 -35.36
CA ASP A 233 -62.53 5.54 -33.93
C ASP A 233 -61.29 5.93 -33.16
N VAL A 234 -60.84 7.13 -33.48
CA VAL A 234 -59.63 7.74 -32.99
C VAL A 234 -59.95 9.18 -32.63
N PRO A 235 -59.13 9.86 -31.85
CA PRO A 235 -59.29 11.23 -31.50
C PRO A 235 -59.12 12.04 -32.73
N THR A 236 -59.79 13.18 -32.79
CA THR A 236 -59.75 14.10 -33.92
C THR A 236 -58.36 14.21 -34.56
N ILE A 237 -57.35 14.32 -33.74
CA ILE A 237 -55.97 14.48 -34.14
C ILE A 237 -55.51 13.40 -35.11
N LEU A 238 -55.94 12.19 -34.85
CA LEU A 238 -55.55 11.03 -35.59
C LEU A 238 -56.53 10.59 -36.66
N GLN A 239 -57.59 11.36 -36.91
CA GLN A 239 -58.57 10.90 -37.91
C GLN A 239 -58.00 10.91 -39.31
N GLY A 240 -56.93 11.66 -39.53
CA GLY A 240 -56.26 11.69 -40.82
C GLY A 240 -55.08 10.72 -40.85
N ALA A 241 -54.92 9.89 -39.81
CA ALA A 241 -53.78 8.99 -39.71
C ALA A 241 -53.81 7.82 -40.66
N LYS A 242 -52.63 7.37 -41.07
CA LYS A 242 -52.46 6.12 -41.83
C LYS A 242 -51.18 5.36 -41.49
N LEU A 243 -51.25 4.02 -41.44
CA LEU A 243 -50.08 3.16 -41.15
C LEU A 243 -49.34 2.52 -42.31
N PHE A 244 -48.00 2.68 -42.24
CA PHE A 244 -47.06 2.11 -43.21
C PHE A 244 -45.97 1.23 -42.61
N SER A 245 -45.82 0.02 -43.13
CA SER A 245 -44.77 -0.87 -42.62
C SER A 245 -43.46 -0.53 -43.25
N LEU A 246 -42.52 -0.04 -42.45
CA LEU A 246 -41.22 0.36 -42.99
C LEU A 246 -40.09 -0.42 -42.35
N ASP A 247 -39.83 -1.61 -42.85
CA ASP A 247 -38.85 -2.44 -42.17
C ASP A 247 -38.31 -3.59 -43.03
N LEU A 248 -37.31 -4.27 -42.47
CA LEU A 248 -36.63 -5.46 -42.97
C LEU A 248 -36.32 -5.52 -44.45
N ALA A 249 -37.36 -5.64 -45.27
CA ALA A 249 -37.16 -5.79 -46.69
C ALA A 249 -36.47 -4.58 -47.25
N ALA A 250 -36.87 -3.45 -46.72
CA ALA A 250 -36.37 -2.16 -47.14
C ALA A 250 -35.00 -1.85 -46.55
N LEU A 251 -34.61 -2.61 -45.53
CA LEU A 251 -33.42 -2.34 -44.75
C LEU A 251 -32.26 -3.24 -45.13
N THR A 252 -32.48 -4.55 -45.03
CA THR A 252 -31.41 -5.48 -45.30
C THR A 252 -31.73 -6.55 -46.32
N ALA A 253 -32.98 -7.00 -46.44
CA ALA A 253 -33.16 -8.15 -47.35
C ALA A 253 -32.86 -7.75 -48.79
N GLY A 254 -33.32 -6.56 -49.17
CA GLY A 254 -33.09 -6.06 -50.53
C GLY A 254 -31.87 -5.14 -50.63
N ALA A 255 -31.03 -5.08 -49.58
CA ALA A 255 -29.89 -4.15 -49.57
C ALA A 255 -28.60 -4.89 -49.84
N LYS A 256 -27.59 -4.20 -50.35
CA LYS A 256 -26.30 -4.84 -50.59
C LYS A 256 -25.13 -4.20 -49.83
N TYR A 257 -25.13 -2.87 -49.70
CA TYR A 257 -23.99 -2.19 -49.11
C TYR A 257 -24.33 -1.22 -47.99
N LYS A 258 -23.33 -0.92 -47.17
CA LYS A 258 -23.50 0.06 -46.13
C LYS A 258 -23.98 1.37 -46.74
N GLY A 259 -25.04 1.93 -46.20
CA GLY A 259 -25.61 3.18 -46.69
C GLY A 259 -26.84 2.97 -47.56
N ASP A 260 -27.06 1.75 -48.11
CA ASP A 260 -28.25 1.57 -48.94
C ASP A 260 -29.49 1.90 -48.12
N PHE A 261 -29.55 1.35 -46.91
CA PHE A 261 -30.68 1.63 -46.07
C PHE A 261 -30.83 3.06 -45.70
N GLU A 262 -29.76 3.66 -45.25
CA GLU A 262 -29.84 5.01 -44.76
C GLU A 262 -30.29 5.98 -45.85
N GLU A 263 -29.83 5.77 -47.09
CA GLU A 263 -30.28 6.65 -48.14
C GLU A 263 -31.74 6.37 -48.50
N ARG A 264 -32.16 5.10 -48.50
CA ARG A 264 -33.54 4.77 -48.80
C ARG A 264 -34.44 5.32 -47.72
N PHE A 265 -33.94 5.27 -46.50
CA PHE A 265 -34.65 5.72 -45.33
C PHE A 265 -34.90 7.19 -45.43
N LYS A 266 -33.84 7.95 -45.72
CA LYS A 266 -34.04 9.38 -45.90
C LYS A 266 -35.06 9.59 -47.01
N GLY A 267 -34.94 8.81 -48.08
CA GLY A 267 -35.83 8.87 -49.21
C GLY A 267 -37.28 8.74 -48.75
N VAL A 268 -37.60 7.66 -48.05
CA VAL A 268 -38.98 7.53 -47.63
C VAL A 268 -39.33 8.56 -46.59
N LEU A 269 -38.39 9.01 -45.76
CA LEU A 269 -38.84 9.98 -44.78
C LEU A 269 -39.28 11.22 -45.49
N LYS A 270 -38.64 11.57 -46.59
CA LYS A 270 -39.07 12.77 -47.24
C LYS A 270 -40.41 12.58 -47.95
N GLU A 271 -40.63 11.40 -48.54
CA GLU A 271 -41.90 11.16 -49.20
C GLU A 271 -43.01 11.22 -48.16
N ILE A 272 -42.72 10.62 -47.02
CA ILE A 272 -43.56 10.54 -45.84
C ILE A 272 -43.77 11.89 -45.18
N GLU A 273 -42.70 12.67 -45.06
CA GLU A 273 -42.72 13.97 -44.43
C GLU A 273 -43.71 14.88 -45.12
N GLU A 274 -43.79 14.78 -46.46
CA GLU A 274 -44.77 15.60 -47.12
C GLU A 274 -46.11 15.25 -46.53
N SER A 275 -47.01 16.23 -46.49
CA SER A 275 -48.29 16.10 -45.82
C SER A 275 -49.33 15.24 -46.51
N LYS A 276 -48.96 14.00 -46.82
CA LYS A 276 -49.84 13.05 -47.44
C LYS A 276 -50.66 12.35 -46.37
N THR A 277 -51.50 13.14 -45.70
CA THR A 277 -52.32 12.74 -44.54
C THR A 277 -51.37 12.46 -43.38
N LEU A 278 -51.90 12.21 -42.19
CA LEU A 278 -51.00 12.02 -41.07
C LEU A 278 -50.33 10.67 -41.12
N ILE A 279 -49.24 10.61 -41.83
CA ILE A 279 -48.62 9.34 -41.92
C ILE A 279 -47.97 8.93 -40.63
N VAL A 280 -48.34 7.75 -40.21
CA VAL A 280 -47.79 7.13 -39.05
C VAL A 280 -47.07 5.90 -39.60
N LEU A 281 -45.85 5.77 -39.25
CA LEU A 281 -45.01 4.72 -39.73
C LEU A 281 -44.93 3.67 -38.69
N PHE A 282 -44.50 2.51 -39.04
CA PHE A 282 -44.18 1.65 -37.94
C PHE A 282 -43.03 0.77 -38.27
N ILE A 283 -42.36 0.39 -37.20
CA ILE A 283 -41.22 -0.47 -37.25
C ILE A 283 -41.65 -1.76 -36.63
N ASP A 284 -41.35 -2.85 -37.29
CA ASP A 284 -41.73 -4.14 -36.80
C ASP A 284 -40.65 -4.67 -35.86
N GLU A 285 -39.41 -4.31 -36.13
CA GLU A 285 -38.28 -4.70 -35.30
C GLU A 285 -37.27 -3.59 -35.19
N ILE A 286 -37.34 -2.82 -34.12
CA ILE A 286 -36.40 -1.71 -34.01
C ILE A 286 -34.96 -2.17 -33.88
N HIS A 287 -34.68 -3.45 -33.57
CA HIS A 287 -33.29 -3.94 -33.54
C HIS A 287 -32.61 -3.76 -34.89
N MET A 288 -33.41 -3.77 -35.96
CA MET A 288 -32.92 -3.63 -37.32
C MET A 288 -32.39 -2.23 -37.54
N LEU A 289 -32.84 -1.29 -36.71
CA LEU A 289 -32.43 0.09 -36.75
C LEU A 289 -31.40 0.12 -35.67
N MET A 290 -30.45 1.05 -35.72
CA MET A 290 -29.41 1.12 -34.68
C MET A 290 -28.49 -0.12 -34.74
N GLY A 291 -29.02 -1.27 -34.34
CA GLY A 291 -28.28 -2.52 -34.41
C GLY A 291 -26.99 -2.40 -33.64
N ASN A 292 -25.90 -2.69 -34.32
CA ASN A 292 -24.58 -2.64 -33.72
C ASN A 292 -23.67 -1.68 -34.46
N GLY A 293 -23.33 -0.58 -33.80
CA GLY A 293 -22.50 0.48 -34.38
C GLY A 293 -23.30 1.69 -34.87
N LYS A 294 -24.62 1.53 -35.00
CA LYS A 294 -25.51 2.60 -35.43
C LYS A 294 -25.25 3.14 -36.83
N ASP A 295 -24.17 3.90 -37.02
CA ASP A 295 -23.89 4.54 -38.32
C ASP A 295 -25.10 5.33 -38.85
N ASP A 296 -25.87 5.93 -37.95
CA ASP A 296 -27.12 6.60 -38.29
C ASP A 296 -28.05 5.72 -39.08
N ALA A 297 -28.19 4.47 -38.65
CA ALA A 297 -29.13 3.56 -39.25
C ALA A 297 -30.51 3.94 -38.75
N ALA A 298 -31.00 5.06 -39.29
CA ALA A 298 -32.24 5.75 -38.96
C ALA A 298 -32.16 6.57 -37.69
N ASN A 299 -31.46 6.05 -36.71
CA ASN A 299 -31.51 6.56 -35.35
C ASN A 299 -31.18 8.02 -35.09
N ILE A 300 -30.40 8.68 -35.94
CA ILE A 300 -30.12 10.07 -35.67
C ILE A 300 -31.03 10.89 -36.57
N LEU A 301 -31.07 10.52 -37.84
CA LEU A 301 -31.88 11.24 -38.80
C LEU A 301 -33.34 11.26 -38.40
N LYS A 302 -33.89 10.10 -38.07
CA LYS A 302 -35.27 10.04 -37.72
C LYS A 302 -35.65 11.12 -36.71
N PRO A 303 -35.15 11.15 -35.45
CA PRO A 303 -35.51 12.17 -34.51
C PRO A 303 -35.11 13.56 -34.98
N ALA A 304 -34.07 13.65 -35.83
CA ALA A 304 -33.66 14.94 -36.36
C ALA A 304 -34.79 15.57 -37.13
N LEU A 305 -35.60 14.74 -37.77
CA LEU A 305 -36.71 15.21 -38.58
C LEU A 305 -38.04 15.12 -37.85
N SER A 306 -38.02 14.86 -36.54
CA SER A 306 -39.25 14.67 -35.77
C SER A 306 -40.26 15.80 -35.76
N ARG A 307 -39.86 16.99 -36.18
CA ARG A 307 -40.82 18.08 -36.23
C ARG A 307 -41.83 17.87 -37.36
N GLY A 308 -41.41 17.20 -38.44
CA GLY A 308 -42.25 17.03 -39.63
C GLY A 308 -43.22 15.86 -39.49
N GLN A 309 -43.99 15.88 -38.42
CA GLN A 309 -44.85 14.76 -38.10
C GLN A 309 -43.98 13.50 -38.03
N LEU A 310 -43.91 12.75 -39.12
CA LEU A 310 -43.17 11.49 -39.16
C LEU A 310 -43.46 10.60 -37.94
N LYS A 311 -44.72 10.52 -37.56
CA LYS A 311 -45.05 9.73 -36.39
C LYS A 311 -44.72 8.29 -36.65
N VAL A 312 -44.27 7.60 -35.63
CA VAL A 312 -43.91 6.20 -35.80
C VAL A 312 -44.21 5.31 -34.58
N ILE A 313 -44.68 4.09 -34.85
CA ILE A 313 -44.90 3.10 -33.80
C ILE A 313 -43.72 2.15 -33.82
N GLY A 314 -42.96 2.09 -32.74
CA GLY A 314 -41.82 1.19 -32.72
C GLY A 314 -42.28 -0.14 -32.18
N ALA A 315 -41.44 -1.15 -32.28
CA ALA A 315 -41.77 -2.44 -31.71
C ALA A 315 -40.55 -3.33 -31.57
N THR A 316 -40.55 -4.12 -30.49
CA THR A 316 -39.50 -5.09 -30.19
C THR A 316 -39.80 -6.06 -29.07
N THR A 317 -38.99 -7.10 -28.98
CA THR A 317 -39.04 -7.96 -27.83
C THR A 317 -38.42 -7.19 -26.69
N ASN A 318 -38.83 -7.46 -25.46
CA ASN A 318 -38.24 -6.82 -24.30
C ASN A 318 -36.76 -7.10 -24.18
N ASN A 319 -36.35 -8.28 -24.59
CA ASN A 319 -34.95 -8.63 -24.52
C ASN A 319 -34.14 -7.63 -25.33
N GLU A 320 -34.54 -7.46 -26.59
CA GLU A 320 -33.81 -6.52 -27.39
C GLU A 320 -34.08 -5.12 -26.97
N TYR A 321 -35.30 -4.83 -26.51
CA TYR A 321 -35.62 -3.49 -26.13
C TYR A 321 -34.61 -3.04 -25.13
N ARG A 322 -34.43 -3.84 -24.11
CA ARG A 322 -33.48 -3.50 -23.09
C ARG A 322 -32.09 -3.27 -23.64
N SER A 323 -31.61 -4.17 -24.50
CA SER A 323 -30.26 -3.99 -25.01
C SER A 323 -30.12 -2.73 -25.85
N ILE A 324 -31.12 -2.47 -26.66
CA ILE A 324 -31.12 -1.34 -27.56
C ILE A 324 -31.17 -0.06 -26.74
N VAL A 325 -32.05 -0.04 -25.76
CA VAL A 325 -32.19 1.09 -24.88
C VAL A 325 -30.94 1.40 -24.11
N GLU A 326 -30.35 0.37 -23.51
CA GLU A 326 -29.16 0.57 -22.70
C GLU A 326 -28.02 1.11 -23.53
N LYS A 327 -27.90 0.66 -24.79
CA LYS A 327 -26.86 1.20 -25.66
C LYS A 327 -27.15 2.65 -26.07
N ASP A 328 -28.44 3.00 -26.19
CA ASP A 328 -28.83 4.33 -26.64
C ASP A 328 -29.36 5.27 -25.55
N GLY A 329 -30.54 4.97 -25.03
CA GLY A 329 -31.23 5.77 -24.03
C GLY A 329 -31.96 7.02 -24.56
N ALA A 330 -31.84 7.33 -25.85
CA ALA A 330 -32.48 8.52 -26.36
C ALA A 330 -33.85 8.22 -26.90
N PHE A 331 -33.94 7.21 -27.78
CA PHE A 331 -35.25 6.88 -28.38
C PHE A 331 -36.19 6.45 -27.25
N GLU A 332 -35.61 5.95 -26.18
CA GLU A 332 -36.35 5.51 -25.01
C GLU A 332 -37.22 6.64 -24.49
N ARG A 333 -36.75 7.86 -24.67
CA ARG A 333 -37.39 9.05 -24.19
C ARG A 333 -38.04 9.83 -25.32
N ARG A 334 -38.35 9.15 -26.42
CA ARG A 334 -39.02 9.75 -27.55
C ARG A 334 -40.22 8.87 -27.83
N PHE A 335 -40.04 7.61 -27.43
CA PHE A 335 -41.03 6.56 -27.59
C PHE A 335 -41.69 6.14 -26.29
N GLN A 336 -43.01 6.14 -26.24
CA GLN A 336 -43.73 5.70 -25.07
C GLN A 336 -43.77 4.20 -24.98
N LYS A 337 -43.31 3.67 -23.88
CA LYS A 337 -43.29 2.24 -23.74
C LYS A 337 -44.68 1.69 -23.52
N ILE A 338 -45.01 0.65 -24.25
CA ILE A 338 -46.23 -0.09 -24.02
C ILE A 338 -45.85 -1.54 -23.83
N GLU A 339 -45.98 -2.04 -22.63
CA GLU A 339 -45.60 -3.43 -22.44
C GLU A 339 -46.77 -4.27 -22.87
N VAL A 340 -46.50 -5.31 -23.62
CA VAL A 340 -47.55 -6.16 -24.07
C VAL A 340 -47.47 -7.54 -23.40
N ALA A 341 -48.42 -7.82 -22.52
CA ALA A 341 -48.45 -9.07 -21.75
C ALA A 341 -48.94 -10.25 -22.57
N GLU A 342 -48.48 -11.44 -22.23
CA GLU A 342 -49.01 -12.65 -22.84
C GLU A 342 -50.43 -12.84 -22.33
N PRO A 343 -51.41 -13.16 -23.18
CA PRO A 343 -52.79 -13.37 -22.81
C PRO A 343 -52.99 -14.69 -22.09
N SER A 344 -54.06 -14.76 -21.32
CA SER A 344 -54.50 -15.99 -20.71
C SER A 344 -54.71 -17.04 -21.74
N VAL A 345 -54.57 -18.28 -21.35
CA VAL A 345 -54.88 -19.36 -22.25
C VAL A 345 -56.29 -19.18 -22.79
N ARG A 346 -57.23 -18.75 -21.94
CA ARG A 346 -58.61 -18.59 -22.42
C ARG A 346 -58.68 -17.46 -23.45
N GLN A 347 -57.88 -16.43 -23.26
CA GLN A 347 -57.84 -15.32 -24.19
C GLN A 347 -57.22 -15.81 -25.48
N THR A 348 -56.24 -16.71 -25.35
CA THR A 348 -55.58 -17.29 -26.48
C THR A 348 -56.61 -18.07 -27.25
N VAL A 349 -57.48 -18.79 -26.55
CA VAL A 349 -58.50 -19.55 -27.23
C VAL A 349 -59.39 -18.58 -27.98
N ALA A 350 -59.75 -17.47 -27.33
CA ALA A 350 -60.58 -16.49 -28.02
C ALA A 350 -59.89 -16.05 -29.31
N ILE A 351 -58.57 -15.88 -29.27
CA ILE A 351 -57.83 -15.50 -30.47
C ILE A 351 -57.98 -16.60 -31.49
N LEU A 352 -57.86 -17.84 -31.04
CA LEU A 352 -57.95 -18.93 -31.97
C LEU A 352 -59.35 -18.90 -32.59
N ARG A 353 -60.38 -18.59 -31.80
CA ARG A 353 -61.76 -18.50 -32.30
C ARG A 353 -61.87 -17.41 -33.34
N GLY A 354 -61.21 -16.30 -33.10
CA GLY A 354 -61.24 -15.22 -34.07
C GLY A 354 -60.63 -15.69 -35.39
N LEU A 355 -59.60 -16.52 -35.29
CA LEU A 355 -58.91 -17.04 -36.46
C LEU A 355 -59.43 -18.38 -36.93
N GLN A 356 -60.35 -18.97 -36.19
CA GLN A 356 -60.95 -20.23 -36.56
C GLN A 356 -61.32 -20.26 -38.04
N PRO A 357 -62.11 -19.31 -38.62
CA PRO A 357 -62.50 -19.33 -40.01
C PRO A 357 -61.32 -19.14 -40.95
N LYS A 358 -60.21 -18.59 -40.46
CA LYS A 358 -59.07 -18.39 -41.33
C LYS A 358 -58.47 -19.75 -41.56
N TYR A 359 -58.43 -20.53 -40.50
CA TYR A 359 -57.88 -21.84 -40.61
C TYR A 359 -58.79 -22.75 -41.36
N GLU A 360 -60.09 -22.58 -41.14
CA GLU A 360 -61.03 -23.46 -41.80
C GLU A 360 -60.90 -23.26 -43.29
N ILE A 361 -60.80 -22.01 -43.72
CA ILE A 361 -60.65 -21.69 -45.13
C ILE A 361 -59.29 -22.12 -45.66
N HIS A 362 -58.23 -21.83 -44.92
CA HIS A 362 -56.90 -22.19 -45.36
C HIS A 362 -56.78 -23.68 -45.67
N HIS A 363 -57.35 -24.49 -44.79
CA HIS A 363 -57.21 -25.93 -44.90
C HIS A 363 -58.44 -26.69 -45.43
N GLY A 364 -59.59 -26.02 -45.50
CA GLY A 364 -60.83 -26.63 -46.00
C GLY A 364 -61.44 -27.61 -44.99
N VAL A 365 -61.20 -27.37 -43.72
CA VAL A 365 -61.64 -28.29 -42.66
C VAL A 365 -62.50 -27.56 -41.64
N ARG A 366 -63.49 -28.21 -41.04
CA ARG A 366 -64.26 -27.51 -40.01
C ARG A 366 -63.54 -27.61 -38.66
N ILE A 367 -63.53 -26.55 -37.87
CA ILE A 367 -62.87 -26.66 -36.57
C ILE A 367 -63.86 -26.64 -35.39
N LEU A 368 -63.79 -27.66 -34.55
CA LEU A 368 -64.67 -27.76 -33.39
C LEU A 368 -64.27 -26.78 -32.30
N ASP A 369 -65.22 -26.23 -31.55
CA ASP A 369 -64.78 -25.27 -30.53
C ASP A 369 -63.83 -25.92 -29.52
N SER A 370 -64.05 -27.20 -29.22
CA SER A 370 -63.19 -27.89 -28.27
C SER A 370 -61.77 -28.02 -28.82
N ALA A 371 -61.64 -27.96 -30.14
CA ALA A 371 -60.36 -28.06 -30.78
C ALA A 371 -59.55 -26.83 -30.45
N LEU A 372 -60.23 -25.70 -30.49
CA LEU A 372 -59.58 -24.43 -30.24
C LEU A 372 -59.16 -24.37 -28.78
N VAL A 373 -60.04 -24.87 -27.93
CA VAL A 373 -59.75 -24.84 -26.51
C VAL A 373 -58.53 -25.68 -26.23
N THR A 374 -58.52 -26.87 -26.81
CA THR A 374 -57.45 -27.80 -26.63
C THR A 374 -56.13 -27.25 -27.10
N ALA A 375 -56.09 -26.65 -28.29
CA ALA A 375 -54.81 -26.18 -28.78
C ALA A 375 -54.18 -25.17 -27.86
N ALA A 376 -54.97 -24.23 -27.35
CA ALA A 376 -54.39 -23.22 -26.47
C ALA A 376 -53.85 -23.85 -25.20
N GLN A 377 -54.58 -24.80 -24.67
CA GLN A 377 -54.15 -25.45 -23.43
C GLN A 377 -52.88 -26.20 -23.69
N LEU A 378 -52.82 -26.85 -24.82
CA LEU A 378 -51.66 -27.58 -25.17
C LEU A 378 -50.49 -26.67 -25.39
N ALA A 379 -50.72 -25.50 -25.97
CA ALA A 379 -49.62 -24.59 -26.25
C ALA A 379 -48.88 -24.30 -25.00
N LYS A 380 -49.61 -24.04 -23.93
CA LYS A 380 -48.95 -23.82 -22.67
C LYS A 380 -48.10 -25.05 -22.35
N ARG A 381 -48.65 -26.23 -22.60
CA ARG A 381 -47.98 -27.48 -22.31
C ARG A 381 -47.01 -28.03 -23.39
N TYR A 382 -46.86 -27.43 -24.58
CA TYR A 382 -45.90 -28.05 -25.53
C TYR A 382 -44.93 -27.11 -26.23
N LEU A 383 -45.04 -25.80 -26.10
CA LEU A 383 -44.02 -25.01 -26.81
C LEU A 383 -43.52 -23.94 -25.86
N PRO A 384 -42.83 -24.38 -24.80
CA PRO A 384 -42.47 -23.62 -23.63
C PRO A 384 -41.69 -22.34 -23.88
N TYR A 385 -41.04 -22.26 -25.02
CA TYR A 385 -40.20 -21.14 -25.37
C TYR A 385 -40.82 -20.09 -26.27
N ARG A 386 -42.11 -20.26 -26.60
CA ARG A 386 -42.80 -19.34 -27.51
C ARG A 386 -44.17 -18.96 -26.93
N ARG A 387 -44.52 -17.68 -27.00
CA ARG A 387 -45.73 -17.21 -26.34
C ARG A 387 -47.01 -17.75 -27.00
N LEU A 388 -48.07 -17.82 -26.17
CA LEU A 388 -49.33 -18.50 -26.52
C LEU A 388 -50.09 -18.18 -27.80
N PRO A 389 -50.38 -16.94 -28.19
CA PRO A 389 -51.10 -16.68 -29.43
C PRO A 389 -50.46 -17.48 -30.53
N ASP A 390 -49.16 -17.28 -30.73
CA ASP A 390 -48.51 -18.01 -31.79
C ASP A 390 -48.40 -19.48 -31.55
N SER A 391 -47.96 -19.88 -30.38
CA SER A 391 -47.74 -21.29 -30.17
C SER A 391 -49.03 -22.06 -30.47
N ALA A 392 -50.17 -21.51 -30.02
CA ALA A 392 -51.45 -22.14 -30.24
C ALA A 392 -51.84 -22.07 -31.72
N LEU A 393 -51.64 -20.92 -32.35
CA LEU A 393 -52.01 -20.76 -33.75
C LEU A 393 -51.19 -21.66 -34.66
N ASP A 394 -49.92 -21.88 -34.31
CA ASP A 394 -49.04 -22.74 -35.09
C ASP A 394 -49.60 -24.14 -35.07
N LEU A 395 -49.84 -24.68 -33.88
CA LEU A 395 -50.42 -26.00 -33.80
C LEU A 395 -51.71 -26.11 -34.54
N VAL A 396 -52.57 -25.11 -34.43
CA VAL A 396 -53.84 -25.23 -35.11
C VAL A 396 -53.59 -25.32 -36.61
N ASP A 397 -52.68 -24.52 -37.16
CA ASP A 397 -52.45 -24.60 -38.60
C ASP A 397 -51.88 -25.97 -38.97
N ILE A 398 -51.04 -26.53 -38.11
CA ILE A 398 -50.41 -27.82 -38.37
C ILE A 398 -51.47 -28.91 -38.34
N SER A 399 -52.31 -28.86 -37.31
CA SER A 399 -53.35 -29.84 -37.07
C SER A 399 -54.35 -29.79 -38.21
N CYS A 400 -54.72 -28.58 -38.60
CA CYS A 400 -55.67 -28.37 -39.67
C CYS A 400 -55.10 -28.92 -40.95
N ALA A 401 -53.79 -28.70 -41.18
CA ALA A 401 -53.13 -29.21 -42.36
C ALA A 401 -53.18 -30.72 -42.37
N GLY A 402 -52.97 -31.35 -41.20
CA GLY A 402 -53.03 -32.80 -41.11
C GLY A 402 -54.42 -33.28 -41.51
N VAL A 403 -55.44 -32.55 -41.04
CA VAL A 403 -56.81 -32.89 -41.36
C VAL A 403 -57.05 -32.67 -42.85
N ALA A 404 -56.52 -31.58 -43.41
CA ALA A 404 -56.66 -31.30 -44.83
C ALA A 404 -56.07 -32.44 -45.62
N VAL A 405 -54.93 -32.98 -45.18
CA VAL A 405 -54.37 -34.10 -45.89
C VAL A 405 -55.36 -35.26 -45.87
N ALA A 406 -55.97 -35.52 -44.72
CA ALA A 406 -56.98 -36.59 -44.70
C ALA A 406 -58.11 -36.25 -45.69
N ARG A 407 -58.52 -34.98 -45.70
CA ARG A 407 -59.59 -34.47 -46.57
C ARG A 407 -59.27 -34.68 -48.03
N ASP A 408 -58.01 -34.46 -48.38
CA ASP A 408 -57.48 -34.55 -49.74
C ASP A 408 -57.26 -36.00 -50.16
N SER A 409 -57.42 -36.94 -49.24
CA SER A 409 -57.20 -38.35 -49.48
C SER A 409 -57.97 -39.17 -48.46
N GLN A 538 -64.17 -33.15 -43.62
CA GLN A 538 -63.36 -33.42 -42.43
C GLN A 538 -63.40 -32.27 -41.45
N ASN A 539 -62.79 -32.51 -40.29
CA ASN A 539 -62.73 -31.49 -39.27
C ASN A 539 -61.53 -31.61 -38.33
N VAL A 540 -61.38 -30.60 -37.48
CA VAL A 540 -60.31 -30.51 -36.52
C VAL A 540 -60.92 -30.68 -35.15
N VAL A 541 -60.39 -31.65 -34.44
CA VAL A 541 -60.95 -32.11 -33.19
C VAL A 541 -59.94 -32.16 -32.07
N ASP A 542 -60.36 -31.65 -30.93
CA ASP A 542 -59.58 -31.71 -29.70
C ASP A 542 -58.50 -32.80 -29.65
N SER A 543 -58.82 -33.96 -29.14
CA SER A 543 -57.80 -34.97 -29.00
C SER A 543 -57.52 -35.77 -30.26
N ASP A 544 -58.52 -35.96 -31.10
CA ASP A 544 -58.35 -36.79 -32.28
C ASP A 544 -57.37 -36.22 -33.30
N THR A 545 -57.26 -34.90 -33.35
CA THR A 545 -56.38 -34.30 -34.31
C THR A 545 -55.32 -33.52 -33.60
N ILE A 546 -55.77 -32.48 -32.91
CA ILE A 546 -54.85 -31.55 -32.29
C ILE A 546 -53.97 -32.12 -31.20
N SER A 547 -54.53 -32.86 -30.24
CA SER A 547 -53.64 -33.38 -29.19
C SER A 547 -52.62 -34.29 -29.81
N GLU A 548 -53.05 -35.18 -30.68
CA GLU A 548 -52.07 -36.04 -31.28
C GLU A 548 -51.11 -35.28 -32.15
N THR A 549 -51.58 -34.24 -32.84
CA THR A 549 -50.66 -33.49 -33.64
C THR A 549 -49.59 -32.91 -32.77
N ALA A 550 -49.99 -32.31 -31.66
CA ALA A 550 -49.03 -31.73 -30.75
C ALA A 550 -48.12 -32.80 -30.20
N ALA A 551 -48.69 -33.94 -29.85
CA ALA A 551 -47.90 -34.99 -29.26
C ALA A 551 -46.82 -35.39 -30.22
N ARG A 552 -47.19 -35.51 -31.49
CA ARG A 552 -46.33 -35.93 -32.57
C ARG A 552 -45.23 -34.95 -32.88
N LEU A 553 -45.27 -33.76 -32.31
CA LEU A 553 -44.21 -32.83 -32.58
C LEU A 553 -42.95 -33.30 -31.85
N THR A 554 -43.12 -34.03 -30.71
CA THR A 554 -41.97 -34.50 -29.94
C THR A 554 -42.03 -35.98 -29.50
N GLY A 555 -43.22 -36.59 -29.56
CA GLY A 555 -43.46 -37.95 -29.03
C GLY A 555 -44.77 -37.93 -28.22
N ILE A 556 -44.63 -37.95 -26.89
CA ILE A 556 -45.74 -37.81 -25.93
C ILE A 556 -46.93 -38.77 -25.81
N PRO A 557 -47.31 -39.50 -26.87
CA PRO A 557 -48.67 -40.09 -27.10
C PRO A 557 -49.77 -40.24 -26.02
N VAL A 558 -49.45 -40.31 -24.74
CA VAL A 558 -50.46 -40.45 -23.71
C VAL A 558 -50.44 -39.29 -22.73
N LYS A 559 -49.27 -38.66 -22.63
CA LYS A 559 -49.06 -37.57 -21.69
C LYS A 559 -49.77 -36.36 -22.23
N LYS A 560 -50.22 -35.47 -21.34
CA LYS A 560 -50.91 -34.21 -21.64
C LYS A 560 -52.37 -34.51 -21.96
N LEU A 561 -52.60 -35.43 -22.88
CA LEU A 561 -53.94 -35.90 -23.22
C LEU A 561 -54.62 -36.53 -22.02
N SER A 562 -53.94 -37.47 -21.37
CA SER A 562 -54.49 -38.12 -20.20
C SER A 562 -54.14 -37.37 -18.91
N GLU A 563 -53.35 -36.31 -19.01
CA GLU A 563 -52.93 -35.69 -17.75
C GLU A 563 -53.93 -34.72 -17.16
N SER A 564 -54.81 -35.30 -16.37
CA SER A 564 -55.84 -34.59 -15.65
C SER A 564 -55.38 -34.19 -14.24
N GLU A 565 -54.17 -34.62 -13.86
CA GLU A 565 -53.51 -34.35 -12.57
C GLU A 565 -54.17 -34.99 -11.33
N ASN A 566 -55.47 -34.79 -11.18
CA ASN A 566 -56.31 -35.34 -10.11
C ASN A 566 -55.87 -36.70 -9.55
N GLU A 567 -55.73 -37.69 -10.41
CA GLU A 567 -55.47 -39.04 -9.96
C GLU A 567 -54.01 -39.33 -9.69
N LYS A 568 -53.14 -38.35 -9.94
CA LYS A 568 -51.73 -38.51 -9.69
C LYS A 568 -51.58 -38.23 -8.22
N LEU A 569 -52.38 -37.27 -7.78
CA LEU A 569 -52.48 -36.95 -6.38
C LEU A 569 -53.20 -38.02 -5.61
N ILE A 570 -54.36 -38.42 -6.12
CA ILE A 570 -55.16 -39.45 -5.47
C ILE A 570 -54.59 -40.83 -5.74
N HIS A 571 -53.79 -40.95 -6.79
CA HIS A 571 -53.18 -42.21 -7.17
C HIS A 571 -51.79 -42.00 -7.76
N MET A 572 -51.52 -40.77 -8.19
CA MET A 572 -50.23 -40.42 -8.77
C MET A 572 -49.14 -40.38 -7.70
N GLU A 573 -49.55 -40.03 -6.48
CA GLU A 573 -48.62 -39.95 -5.36
C GLU A 573 -48.08 -41.33 -4.98
N ARG A 574 -48.93 -42.34 -5.11
CA ARG A 574 -48.54 -43.70 -4.79
C ARG A 574 -47.42 -44.19 -5.68
N ASP A 575 -47.28 -43.56 -6.85
CA ASP A 575 -46.26 -43.92 -7.78
C ASP A 575 -44.87 -43.49 -7.32
N LEU A 576 -44.74 -42.30 -6.78
CA LEU A 576 -43.46 -41.83 -6.30
C LEU A 576 -43.03 -42.70 -5.16
N SER A 577 -43.98 -43.13 -4.32
CA SER A 577 -43.68 -43.98 -3.18
C SER A 577 -43.37 -45.41 -3.59
N SER A 578 -43.47 -45.72 -4.87
CA SER A 578 -43.14 -47.02 -5.37
C SER A 578 -41.78 -46.91 -6.07
N GLU A 579 -41.58 -45.80 -6.79
CA GLU A 579 -40.35 -45.52 -7.51
C GLU A 579 -39.23 -45.12 -6.56
N VAL A 580 -39.60 -44.47 -5.47
CA VAL A 580 -38.71 -44.01 -4.44
C VAL A 580 -39.18 -44.73 -3.19
N VAL A 581 -38.29 -45.34 -2.45
CA VAL A 581 -38.78 -46.12 -1.32
C VAL A 581 -38.36 -45.58 0.02
N GLY A 582 -39.33 -45.51 0.92
CA GLY A 582 -39.13 -44.99 2.25
C GLY A 582 -39.30 -43.50 2.12
N GLN A 583 -39.13 -42.75 3.20
CA GLN A 583 -39.31 -41.32 3.12
C GLN A 583 -40.68 -40.98 2.56
N MET A 584 -41.68 -41.75 2.93
CA MET A 584 -43.00 -41.52 2.38
C MET A 584 -43.49 -40.12 2.70
N ASP A 585 -43.17 -39.61 3.88
CA ASP A 585 -43.63 -38.27 4.20
C ASP A 585 -42.92 -37.25 3.34
N ALA A 586 -41.69 -37.54 2.91
CA ALA A 586 -40.99 -36.60 2.06
C ALA A 586 -41.74 -36.53 0.77
N ILE A 587 -42.14 -37.69 0.31
CA ILE A 587 -42.85 -37.78 -0.93
C ILE A 587 -44.17 -37.06 -0.82
N LYS A 588 -44.88 -37.27 0.28
CA LYS A 588 -46.14 -36.61 0.46
C LYS A 588 -45.96 -35.12 0.51
N ALA A 589 -44.94 -34.65 1.21
CA ALA A 589 -44.73 -33.22 1.34
C ALA A 589 -44.51 -32.60 -0.01
N VAL A 590 -43.72 -33.28 -0.83
CA VAL A 590 -43.44 -32.77 -2.12
C VAL A 590 -44.68 -32.79 -2.97
N SER A 591 -45.36 -33.91 -2.95
CA SER A 591 -46.55 -34.08 -3.75
C SER A 591 -47.58 -33.04 -3.39
N ASN A 592 -47.70 -32.77 -2.10
CA ASN A 592 -48.70 -31.84 -1.64
C ASN A 592 -48.40 -30.48 -2.19
N ALA A 593 -47.20 -29.99 -1.96
CA ALA A 593 -46.84 -28.65 -2.40
C ALA A 593 -46.90 -28.51 -3.91
N VAL A 594 -46.49 -29.55 -4.63
CA VAL A 594 -46.56 -29.46 -6.07
C VAL A 594 -47.98 -29.24 -6.46
N ARG A 595 -48.84 -30.04 -5.88
CA ARG A 595 -50.21 -29.93 -6.18
C ARG A 595 -50.75 -28.58 -5.74
N LEU A 596 -50.35 -28.06 -4.62
CA LEU A 596 -50.83 -26.74 -4.26
C LEU A 596 -50.55 -25.69 -5.34
N SER A 597 -49.42 -25.81 -6.07
CA SER A 597 -49.17 -24.82 -7.11
C SER A 597 -50.16 -25.01 -8.26
N ARG A 598 -50.69 -26.21 -8.36
CA ARG A 598 -51.60 -26.48 -9.44
C ARG A 598 -52.87 -25.71 -9.21
N SER A 599 -53.48 -25.31 -10.32
CA SER A 599 -54.70 -24.52 -10.33
C SER A 599 -54.56 -23.16 -9.64
N GLY A 600 -53.33 -22.79 -9.25
CA GLY A 600 -53.11 -21.50 -8.63
C GLY A 600 -53.75 -21.46 -7.26
N LEU A 601 -53.94 -22.61 -6.63
CA LEU A 601 -54.60 -22.55 -5.35
C LEU A 601 -53.67 -21.84 -4.39
N ALA A 602 -52.39 -22.21 -4.44
CA ALA A 602 -51.38 -21.43 -3.77
C ALA A 602 -51.17 -20.27 -4.72
N ASN A 603 -50.77 -19.11 -4.25
CA ASN A 603 -50.63 -18.05 -5.24
C ASN A 603 -49.71 -18.47 -6.40
N PRO A 604 -50.21 -18.57 -7.65
CA PRO A 604 -49.54 -19.09 -8.84
C PRO A 604 -48.23 -18.41 -9.18
N ARG A 605 -47.93 -17.30 -8.55
CA ARG A 605 -46.68 -16.61 -8.78
C ARG A 605 -45.52 -17.49 -8.30
N GLN A 606 -45.83 -18.44 -7.41
CA GLN A 606 -44.81 -19.26 -6.81
C GLN A 606 -44.93 -20.76 -7.15
N PRO A 607 -43.85 -21.40 -7.69
CA PRO A 607 -43.76 -22.81 -7.99
C PRO A 607 -43.57 -23.55 -6.70
N ALA A 608 -43.84 -24.84 -6.67
CA ALA A 608 -43.49 -25.55 -5.44
C ALA A 608 -41.97 -25.44 -5.25
N SER A 609 -41.55 -25.38 -4.00
CA SER A 609 -40.15 -25.25 -3.70
C SER A 609 -39.74 -25.94 -2.46
N PHE A 610 -38.70 -26.74 -2.57
CA PHE A 610 -38.31 -27.51 -1.44
C PHE A 610 -36.87 -27.45 -1.09
N LEU A 611 -36.59 -27.71 0.17
CA LEU A 611 -35.22 -27.90 0.61
C LEU A 611 -35.02 -29.34 1.05
N PHE A 612 -34.20 -30.08 0.34
CA PHE A 612 -33.97 -31.48 0.60
C PHE A 612 -32.73 -31.73 1.45
N LEU A 613 -32.98 -32.11 2.69
CA LEU A 613 -31.92 -32.34 3.66
C LEU A 613 -31.85 -33.82 3.92
N GLY A 614 -30.67 -34.37 4.16
CA GLY A 614 -30.61 -35.80 4.46
C GLY A 614 -29.33 -36.45 3.99
N LEU A 615 -29.34 -37.78 3.95
CA LEU A 615 -28.13 -38.51 3.57
C LEU A 615 -27.86 -38.51 2.08
N SER A 616 -26.59 -38.51 1.70
CA SER A 616 -26.38 -38.66 0.29
C SER A 616 -26.77 -40.10 0.00
N GLY A 617 -27.24 -40.36 -1.21
CA GLY A 617 -27.60 -41.72 -1.58
C GLY A 617 -29.00 -42.07 -1.09
N SER A 618 -29.69 -41.07 -0.51
CA SER A 618 -31.02 -41.19 0.03
C SER A 618 -32.14 -41.13 -0.98
N GLY A 619 -31.84 -40.82 -2.23
CA GLY A 619 -32.90 -40.65 -3.19
C GLY A 619 -33.42 -39.23 -3.28
N LYS A 620 -32.86 -38.29 -2.53
CA LYS A 620 -33.39 -36.96 -2.68
C LYS A 620 -33.43 -36.46 -4.15
N THR A 621 -32.49 -36.88 -5.03
CA THR A 621 -32.59 -36.42 -6.40
C THR A 621 -33.34 -37.44 -7.22
N GLU A 622 -33.46 -38.64 -6.69
CA GLU A 622 -34.21 -39.62 -7.45
C GLU A 622 -35.62 -39.13 -7.41
N LEU A 623 -36.03 -38.60 -6.26
CA LEU A 623 -37.36 -38.09 -6.10
C LEU A 623 -37.52 -36.93 -7.03
N ALA A 624 -36.55 -36.03 -7.06
CA ALA A 624 -36.70 -34.91 -7.97
C ALA A 624 -36.92 -35.40 -9.40
N LYS A 625 -36.20 -36.44 -9.80
CA LYS A 625 -36.35 -36.95 -11.13
C LYS A 625 -37.62 -37.71 -11.32
N LYS A 626 -38.06 -38.45 -10.32
CA LYS A 626 -39.26 -39.26 -10.45
C LYS A 626 -40.46 -38.34 -10.47
N VAL A 627 -40.36 -37.22 -9.78
CA VAL A 627 -41.40 -36.24 -9.83
C VAL A 627 -41.46 -35.70 -11.22
N ALA A 628 -40.32 -35.31 -11.78
CA ALA A 628 -40.35 -34.81 -13.14
C ALA A 628 -40.90 -35.88 -14.07
N GLY A 629 -40.56 -37.11 -13.78
CA GLY A 629 -41.06 -38.22 -14.52
C GLY A 629 -42.58 -38.24 -14.49
N PHE A 630 -43.19 -38.35 -13.34
CA PHE A 630 -44.63 -38.45 -13.36
C PHE A 630 -45.33 -37.15 -13.71
N LEU A 631 -44.77 -36.07 -13.26
CA LEU A 631 -45.37 -34.77 -13.44
C LEU A 631 -45.25 -34.26 -14.86
N PHE A 632 -44.10 -34.44 -15.48
CA PHE A 632 -43.85 -33.92 -16.81
C PHE A 632 -43.60 -34.99 -17.86
N ASN A 633 -43.41 -36.24 -17.43
CA ASN A 633 -43.11 -37.38 -18.30
C ASN A 633 -41.71 -37.28 -18.84
N ASP A 634 -40.82 -36.75 -18.04
CA ASP A 634 -39.43 -36.70 -18.45
C ASP A 634 -38.48 -36.47 -17.29
N GLU A 635 -37.87 -37.56 -16.84
CA GLU A 635 -36.98 -37.56 -15.69
C GLU A 635 -35.74 -36.70 -15.93
N ASP A 636 -35.39 -36.47 -17.21
CA ASP A 636 -34.20 -35.71 -17.56
C ASP A 636 -34.51 -34.32 -18.10
N MET A 637 -35.77 -33.91 -17.96
CA MET A 637 -36.17 -32.57 -18.38
C MET A 637 -35.63 -31.57 -17.36
N MET A 638 -35.38 -32.07 -16.17
CA MET A 638 -34.93 -31.25 -15.05
C MET A 638 -33.59 -30.64 -15.34
N ILE A 639 -33.31 -29.53 -14.69
CA ILE A 639 -32.04 -28.89 -14.84
C ILE A 639 -31.26 -28.97 -13.55
N ARG A 640 -30.08 -29.54 -13.64
CA ARG A 640 -29.25 -29.72 -12.46
C ARG A 640 -28.29 -28.55 -12.32
N VAL A 641 -28.21 -28.00 -11.12
CA VAL A 641 -27.35 -26.86 -10.84
C VAL A 641 -26.23 -27.26 -9.88
N ASP A 642 -25.01 -27.37 -10.38
CA ASP A 642 -24.00 -27.85 -9.46
C ASP A 642 -23.45 -26.71 -8.64
N CYS A 643 -24.00 -26.56 -7.45
CA CYS A 643 -23.70 -25.41 -6.66
C CYS A 643 -22.34 -25.44 -6.04
N SER A 644 -21.68 -26.60 -6.05
CA SER A 644 -20.38 -26.66 -5.41
C SER A 644 -19.36 -25.90 -6.24
N GLU A 645 -19.70 -25.60 -7.50
CA GLU A 645 -18.83 -24.85 -8.38
C GLU A 645 -19.25 -23.40 -8.44
N LEU A 646 -20.34 -23.05 -7.78
CA LEU A 646 -20.84 -21.71 -7.91
C LEU A 646 -20.25 -20.75 -6.92
N SER A 647 -19.00 -20.41 -7.19
CA SER A 647 -18.18 -19.50 -6.40
C SER A 647 -18.11 -18.15 -7.12
N GLU A 648 -17.08 -17.36 -6.82
CA GLU A 648 -16.93 -15.98 -7.32
C GLU A 648 -17.15 -15.78 -8.83
N LYS A 649 -17.00 -16.83 -9.62
CA LYS A 649 -17.21 -16.73 -11.06
C LYS A 649 -18.61 -16.25 -11.42
N TYR A 650 -19.62 -16.67 -10.63
CA TYR A 650 -21.04 -16.42 -10.90
C TYR A 650 -21.34 -15.46 -12.06
N ALA A 651 -21.25 -15.99 -13.28
CA ALA A 651 -21.45 -15.22 -14.52
C ALA A 651 -22.22 -16.07 -15.49
N VAL A 652 -21.56 -16.65 -16.50
CA VAL A 652 -22.27 -17.55 -17.40
C VAL A 652 -22.76 -18.77 -16.62
N SER A 653 -22.07 -18.99 -15.48
CA SER A 653 -22.25 -20.00 -14.46
C SER A 653 -23.40 -19.69 -13.51
N LYS A 654 -24.00 -18.53 -13.69
CA LYS A 654 -25.11 -18.06 -12.90
C LYS A 654 -26.33 -18.08 -13.78
N LEU A 655 -27.47 -18.42 -13.21
CA LEU A 655 -28.68 -18.45 -14.04
C LEU A 655 -28.84 -17.21 -14.85
N LEU A 656 -28.65 -16.05 -14.22
CA LEU A 656 -28.79 -14.76 -14.87
C LEU A 656 -27.76 -14.51 -15.94
N GLY A 657 -26.66 -15.24 -15.90
CA GLY A 657 -25.64 -15.03 -16.87
C GLY A 657 -24.74 -13.88 -16.55
N THR A 658 -23.75 -13.75 -17.38
CA THR A 658 -22.82 -12.66 -17.33
C THR A 658 -23.65 -11.45 -17.63
N THR A 659 -23.46 -10.35 -16.92
CA THR A 659 -24.22 -9.16 -17.27
C THR A 659 -24.08 -9.00 -18.78
N ALA A 660 -25.19 -8.80 -19.48
CA ALA A 660 -25.09 -8.74 -20.91
C ALA A 660 -24.10 -7.72 -21.38
N GLY A 661 -23.38 -8.09 -22.44
CA GLY A 661 -22.37 -7.24 -23.07
C GLY A 661 -20.93 -7.51 -22.62
N TYR A 662 -20.74 -8.24 -21.54
CA TYR A 662 -19.40 -8.54 -21.04
C TYR A 662 -18.84 -9.86 -21.54
N VAL A 663 -17.51 -9.96 -21.57
CA VAL A 663 -16.85 -11.19 -22.04
C VAL A 663 -17.28 -12.39 -21.23
N GLY A 664 -17.67 -13.44 -21.96
CA GLY A 664 -18.24 -14.64 -21.40
C GLY A 664 -19.69 -14.53 -21.79
N TYR A 665 -19.95 -14.77 -23.08
CA TYR A 665 -21.26 -14.48 -23.66
C TYR A 665 -22.27 -15.60 -23.65
N ASP A 666 -22.05 -16.63 -22.84
CA ASP A 666 -23.08 -17.65 -22.65
C ASP A 666 -24.02 -17.06 -21.59
N GLU A 667 -24.73 -16.02 -21.97
CA GLU A 667 -25.47 -15.16 -21.05
C GLU A 667 -26.69 -15.85 -20.49
N GLY A 668 -26.45 -16.68 -19.49
CA GLY A 668 -27.47 -17.46 -18.81
C GLY A 668 -27.54 -18.85 -19.39
N GLY A 669 -26.49 -19.19 -20.16
CA GLY A 669 -26.37 -20.48 -20.80
C GLY A 669 -26.43 -21.60 -19.77
N PHE A 670 -25.89 -21.36 -18.59
CA PHE A 670 -25.94 -22.38 -17.58
C PHE A 670 -27.39 -22.73 -17.24
N LEU A 671 -28.25 -21.72 -16.94
CA LEU A 671 -29.64 -22.04 -16.59
C LEU A 671 -30.73 -21.27 -17.33
N THR A 672 -30.63 -19.94 -17.54
CA THR A 672 -31.79 -19.23 -18.10
C THR A 672 -32.19 -19.75 -19.44
N ASN A 673 -31.21 -19.92 -20.28
CA ASN A 673 -31.53 -20.34 -21.62
C ASN A 673 -32.13 -21.72 -21.58
N GLN A 674 -31.67 -22.53 -20.63
CA GLN A 674 -32.13 -23.89 -20.56
C GLN A 674 -33.57 -23.86 -20.09
N LEU A 675 -33.88 -22.95 -19.16
CA LEU A 675 -35.22 -22.75 -18.64
C LEU A 675 -36.17 -22.27 -19.68
N GLN A 676 -35.69 -21.46 -20.63
CA GLN A 676 -36.59 -21.03 -21.68
C GLN A 676 -37.12 -22.26 -22.40
N TYR A 677 -36.24 -23.22 -22.64
CA TYR A 677 -36.62 -24.47 -23.30
C TYR A 677 -37.19 -25.50 -22.33
N LYS A 678 -36.87 -25.35 -21.05
CA LYS A 678 -37.30 -26.28 -20.02
C LYS A 678 -37.96 -25.65 -18.79
N PRO A 679 -39.14 -25.02 -18.90
CA PRO A 679 -39.90 -24.44 -17.82
C PRO A 679 -40.88 -25.45 -17.23
N TYR A 680 -40.84 -26.68 -17.70
CA TYR A 680 -41.75 -27.69 -17.20
C TYR A 680 -40.94 -28.85 -16.71
N SER A 681 -40.17 -28.57 -15.69
CA SER A 681 -39.27 -29.54 -15.09
C SER A 681 -38.72 -29.03 -13.79
N VAL A 682 -38.04 -29.90 -13.06
CA VAL A 682 -37.41 -29.50 -11.82
C VAL A 682 -36.09 -28.78 -12.00
N LEU A 683 -35.90 -27.68 -11.30
CA LEU A 683 -34.62 -27.01 -11.26
C LEU A 683 -34.02 -27.45 -9.94
N LEU A 684 -32.82 -28.01 -9.94
CA LEU A 684 -32.32 -28.48 -8.66
C LEU A 684 -30.92 -28.04 -8.32
N PHE A 685 -30.77 -27.53 -7.10
CA PHE A 685 -29.50 -27.01 -6.58
C PHE A 685 -28.74 -28.02 -5.75
N ASP A 686 -27.66 -28.52 -6.33
CA ASP A 686 -26.87 -29.57 -5.67
C ASP A 686 -25.90 -28.97 -4.68
N GLU A 687 -26.10 -29.23 -3.39
CA GLU A 687 -25.28 -28.65 -2.32
C GLU A 687 -25.37 -27.14 -2.36
N VAL A 688 -26.60 -26.65 -2.25
CA VAL A 688 -26.91 -25.25 -2.35
C VAL A 688 -26.20 -24.42 -1.31
N GLU A 689 -25.83 -25.03 -0.19
CA GLU A 689 -25.13 -24.35 0.88
C GLU A 689 -23.78 -23.79 0.46
N LYS A 690 -23.21 -24.31 -0.64
CA LYS A 690 -21.95 -23.82 -1.14
C LYS A 690 -22.14 -22.80 -2.24
N ALA A 691 -23.39 -22.53 -2.61
CA ALA A 691 -23.63 -21.58 -3.68
C ALA A 691 -23.20 -20.20 -3.23
N HIS A 692 -22.64 -19.43 -4.13
CA HIS A 692 -22.25 -18.07 -3.81
C HIS A 692 -23.50 -17.32 -3.38
N PRO A 693 -23.44 -16.42 -2.40
CA PRO A 693 -24.54 -15.56 -2.00
C PRO A 693 -25.22 -14.89 -3.19
N ASP A 694 -24.49 -14.60 -4.27
CA ASP A 694 -25.10 -13.99 -5.43
C ASP A 694 -26.13 -14.93 -6.03
N VAL A 695 -25.84 -16.22 -5.97
CA VAL A 695 -26.70 -17.25 -6.51
C VAL A 695 -27.87 -17.40 -5.58
N LEU A 696 -27.57 -17.37 -4.29
CA LEU A 696 -28.60 -17.55 -3.29
C LEU A 696 -29.59 -16.39 -3.41
N THR A 697 -29.08 -15.21 -3.72
CA THR A 697 -29.92 -14.05 -3.91
C THR A 697 -30.85 -14.30 -5.07
N VAL A 698 -30.30 -14.78 -6.17
CA VAL A 698 -31.15 -15.06 -7.30
C VAL A 698 -32.18 -16.09 -6.93
N MET A 699 -31.76 -17.12 -6.21
CA MET A 699 -32.72 -18.12 -5.82
C MET A 699 -33.85 -17.46 -5.09
N LEU A 700 -33.56 -16.60 -4.11
CA LEU A 700 -34.63 -15.92 -3.39
C LEU A 700 -35.56 -15.19 -4.36
N GLN A 701 -34.97 -14.54 -5.37
CA GLN A 701 -35.73 -13.79 -6.36
C GLN A 701 -36.68 -14.69 -7.14
N MET A 702 -36.33 -15.95 -7.30
CA MET A 702 -37.16 -16.86 -8.05
C MET A 702 -38.00 -17.74 -7.12
N LEU A 703 -37.61 -17.80 -5.84
CA LEU A 703 -38.17 -18.64 -4.80
C LEU A 703 -39.64 -18.39 -4.58
N ASP A 704 -40.03 -17.15 -4.83
CA ASP A 704 -41.40 -16.67 -4.76
C ASP A 704 -41.42 -15.63 -5.81
N ASP A 705 -42.60 -15.16 -6.18
CA ASP A 705 -42.68 -14.16 -7.23
C ASP A 705 -41.76 -14.60 -8.35
N GLY A 706 -41.97 -15.79 -8.90
CA GLY A 706 -40.99 -16.42 -9.79
C GLY A 706 -40.86 -15.83 -11.18
N ARG A 707 -40.73 -14.52 -11.28
CA ARG A 707 -40.56 -13.82 -12.52
C ARG A 707 -39.09 -13.90 -12.87
N ILE A 708 -38.68 -15.12 -13.23
CA ILE A 708 -37.29 -15.42 -13.44
C ILE A 708 -36.79 -14.55 -14.52
N THR A 709 -35.80 -13.72 -14.21
CA THR A 709 -35.28 -12.76 -15.16
C THR A 709 -33.77 -12.81 -15.20
N SER A 710 -33.24 -12.79 -16.41
CA SER A 710 -31.80 -12.86 -16.61
C SER A 710 -31.14 -11.51 -16.82
N GLY A 711 -29.81 -11.55 -16.88
CA GLY A 711 -28.96 -10.38 -17.13
C GLY A 711 -28.97 -9.99 -18.60
N GLN A 712 -29.77 -10.72 -19.40
CA GLN A 712 -29.95 -10.49 -20.82
C GLN A 712 -31.03 -9.44 -21.00
N GLY A 713 -31.81 -9.23 -19.95
CA GLY A 713 -32.92 -8.32 -20.05
C GLY A 713 -34.22 -9.04 -20.41
N LYS A 714 -34.27 -10.37 -20.22
CA LYS A 714 -35.52 -11.08 -20.53
C LYS A 714 -36.00 -11.90 -19.36
N THR A 715 -37.31 -12.11 -19.34
CA THR A 715 -37.97 -12.86 -18.31
C THR A 715 -38.52 -14.18 -18.84
N ILE A 716 -38.27 -15.25 -18.10
CA ILE A 716 -38.75 -16.59 -18.39
C ILE A 716 -40.07 -16.76 -17.68
N ASP A 717 -40.11 -16.27 -16.46
CA ASP A 717 -41.30 -16.34 -15.60
C ASP A 717 -41.77 -17.76 -15.41
N CYS A 718 -40.87 -18.68 -15.14
CA CYS A 718 -41.34 -20.03 -15.01
C CYS A 718 -41.85 -20.42 -13.65
N SER A 719 -43.06 -19.99 -13.35
CA SER A 719 -43.72 -20.29 -12.09
C SER A 719 -44.15 -21.76 -12.01
N ASN A 720 -43.95 -22.49 -13.11
CA ASN A 720 -44.28 -23.90 -13.16
C ASN A 720 -43.06 -24.77 -12.91
N CYS A 721 -41.91 -24.16 -12.62
CA CYS A 721 -40.72 -24.94 -12.37
C CYS A 721 -40.52 -25.22 -10.92
N ILE A 722 -40.69 -26.46 -10.56
CA ILE A 722 -40.50 -26.86 -9.20
C ILE A 722 -39.06 -26.71 -8.92
N VAL A 723 -38.73 -26.09 -7.82
CA VAL A 723 -37.33 -25.95 -7.56
C VAL A 723 -36.97 -26.64 -6.27
N ILE A 724 -35.89 -27.36 -6.33
CA ILE A 724 -35.40 -28.07 -5.20
C ILE A 724 -34.00 -27.69 -4.85
N MET A 725 -33.81 -27.34 -3.63
CA MET A 725 -32.49 -27.05 -3.20
C MET A 725 -32.11 -28.22 -2.37
N THR A 726 -30.89 -28.68 -2.49
CA THR A 726 -30.47 -29.79 -1.65
C THR A 726 -29.37 -29.32 -0.75
N SER A 727 -29.26 -29.94 0.41
CA SER A 727 -28.19 -29.56 1.30
C SER A 727 -27.77 -30.63 2.29
N ASN A 728 -26.48 -30.64 2.62
CA ASN A 728 -25.93 -31.52 3.64
C ASN A 728 -25.77 -30.78 4.94
N LEU A 729 -26.28 -29.56 4.99
CA LEU A 729 -26.18 -28.70 6.14
C LEU A 729 -26.67 -29.32 7.43
N GLY A 730 -27.87 -29.90 7.41
CA GLY A 730 -28.43 -30.53 8.59
C GLY A 730 -28.04 -32.01 8.69
N ALA A 731 -27.09 -32.46 7.85
CA ALA A 731 -26.71 -33.87 7.84
C ALA A 731 -26.19 -34.30 9.20
N GLU A 732 -25.54 -33.39 9.93
CA GLU A 732 -25.01 -33.74 11.24
C GLU A 732 -26.12 -34.23 12.19
N PHE A 733 -27.38 -33.92 11.90
CA PHE A 733 -28.45 -34.38 12.75
C PHE A 733 -29.08 -35.64 12.16
N ILE A 734 -29.13 -35.78 10.83
CA ILE A 734 -29.68 -37.05 10.31
C ILE A 734 -28.74 -38.18 10.71
N ASN A 735 -27.47 -37.83 10.86
CA ASN A 735 -26.41 -38.73 11.25
C ASN A 735 -26.56 -39.22 12.68
N SER A 736 -27.48 -38.61 13.45
CA SER A 736 -27.78 -38.98 14.82
C SER A 736 -28.46 -40.33 14.91
N GLN A 737 -29.01 -40.78 13.77
CA GLN A 737 -29.72 -42.03 13.67
C GLN A 737 -31.00 -42.05 14.50
N GLN A 738 -31.53 -40.88 14.89
CA GLN A 738 -32.74 -40.87 15.72
C GLN A 738 -34.00 -41.15 14.93
N GLY A 739 -34.11 -42.44 14.61
CA GLY A 739 -35.14 -43.08 13.82
C GLY A 739 -34.65 -43.11 12.39
N SER A 740 -34.99 -44.15 11.62
CA SER A 740 -34.55 -44.09 10.23
C SER A 740 -35.33 -42.93 9.64
N LYS A 741 -36.55 -42.81 10.14
CA LYS A 741 -37.42 -41.68 9.89
C LYS A 741 -37.06 -40.71 10.96
N ILE A 742 -36.55 -39.55 10.60
CA ILE A 742 -36.10 -38.68 11.66
C ILE A 742 -37.25 -38.20 12.50
N GLN A 743 -37.06 -38.36 13.79
CA GLN A 743 -38.04 -38.00 14.77
C GLN A 743 -38.01 -36.54 15.16
N GLU A 744 -38.99 -36.16 15.96
CA GLU A 744 -39.14 -34.78 16.39
C GLU A 744 -37.88 -34.40 17.11
N SER A 745 -37.61 -33.10 17.23
CA SER A 745 -36.42 -32.56 17.87
C SER A 745 -35.22 -32.74 16.95
N THR A 746 -34.93 -33.96 16.54
CA THR A 746 -33.82 -34.18 15.64
C THR A 746 -34.11 -33.47 14.33
N LYS A 747 -35.34 -33.63 13.81
CA LYS A 747 -35.71 -32.93 12.58
C LYS A 747 -35.70 -31.43 12.78
N ASN A 748 -35.86 -31.02 14.02
CA ASN A 748 -35.92 -29.61 14.30
C ASN A 748 -34.50 -29.10 14.29
N LEU A 749 -33.56 -29.93 14.73
CA LEU A 749 -32.16 -29.58 14.70
C LEU A 749 -31.70 -29.50 13.25
N VAL A 750 -32.26 -30.37 12.40
CA VAL A 750 -31.95 -30.32 10.98
C VAL A 750 -32.39 -28.96 10.45
N MET A 751 -33.62 -28.57 10.78
CA MET A 751 -34.13 -27.27 10.38
C MET A 751 -33.35 -26.15 11.05
N GLY A 752 -32.86 -26.40 12.26
CA GLY A 752 -32.06 -25.45 13.01
C GLY A 752 -30.84 -25.06 12.19
N ALA A 753 -30.12 -26.07 11.70
CA ALA A 753 -28.93 -25.82 10.91
C ALA A 753 -29.27 -24.92 9.74
N VAL A 754 -30.44 -25.16 9.16
CA VAL A 754 -30.92 -24.37 8.04
C VAL A 754 -31.12 -22.92 8.49
N ARG A 755 -31.73 -22.74 9.66
CA ARG A 755 -31.97 -21.39 10.18
C ARG A 755 -30.68 -20.64 10.36
N GLN A 756 -29.65 -21.37 10.78
CA GLN A 756 -28.37 -20.72 11.04
C GLN A 756 -27.61 -20.36 9.78
N HIS A 757 -27.79 -21.13 8.70
CA HIS A 757 -27.03 -20.86 7.48
C HIS A 757 -27.74 -19.89 6.54
N PHE A 758 -29.04 -20.03 6.36
CA PHE A 758 -29.72 -19.22 5.37
C PHE A 758 -30.48 -18.06 5.95
N ARG A 759 -30.61 -17.00 5.16
CA ARG A 759 -31.38 -15.86 5.59
C ARG A 759 -32.84 -16.27 5.73
N PRO A 760 -33.54 -15.80 6.78
CA PRO A 760 -34.94 -16.06 7.03
C PRO A 760 -35.85 -15.84 5.83
N GLU A 761 -35.53 -14.89 4.96
CA GLU A 761 -36.38 -14.62 3.80
C GLU A 761 -36.44 -15.80 2.85
N PHE A 762 -35.32 -16.48 2.73
CA PHE A 762 -35.20 -17.66 1.90
C PHE A 762 -36.07 -18.69 2.54
N LEU A 763 -35.82 -18.86 3.80
CA LEU A 763 -36.47 -19.89 4.53
C LEU A 763 -37.96 -19.63 4.63
N ASN A 764 -38.36 -18.36 4.58
CA ASN A 764 -39.74 -18.00 4.72
C ASN A 764 -40.50 -18.15 3.44
N ARG A 765 -39.82 -18.55 2.36
CA ARG A 765 -40.49 -18.70 1.08
C ARG A 765 -40.46 -20.12 0.55
N ILE A 766 -39.58 -20.96 1.09
CA ILE A 766 -39.52 -22.36 0.63
C ILE A 766 -40.83 -23.01 1.05
N SER A 767 -41.51 -23.73 0.12
CA SER A 767 -42.82 -24.28 0.47
C SER A 767 -42.69 -25.39 1.51
N SER A 768 -41.56 -26.09 1.52
CA SER A 768 -41.33 -27.07 2.58
C SER A 768 -39.86 -27.51 2.68
N ILE A 769 -39.44 -27.76 3.90
CA ILE A 769 -38.15 -28.40 4.12
C ILE A 769 -38.49 -29.86 4.23
N VAL A 770 -37.82 -30.65 3.45
CA VAL A 770 -38.11 -32.05 3.35
C VAL A 770 -36.90 -32.87 3.77
N ILE A 771 -37.11 -33.90 4.60
CA ILE A 771 -35.98 -34.69 5.06
C ILE A 771 -35.90 -36.11 4.49
N PHE A 772 -34.77 -36.39 3.90
CA PHE A 772 -34.49 -37.64 3.26
C PHE A 772 -33.89 -38.61 4.24
N ASN A 773 -34.84 -39.22 4.90
CA ASN A 773 -34.72 -40.17 5.98
C ASN A 773 -33.84 -41.35 5.59
N LYS A 774 -33.20 -41.94 6.58
CA LYS A 774 -32.32 -43.05 6.30
C LYS A 774 -33.11 -44.14 5.65
N LEU A 775 -32.60 -44.69 4.54
CA LEU A 775 -33.35 -45.71 3.85
C LEU A 775 -33.50 -46.98 4.69
N SER A 776 -32.43 -47.38 5.40
CA SER A 776 -32.46 -48.60 6.20
C SER A 776 -32.80 -49.85 5.41
N ARG A 777 -32.67 -50.99 6.09
CA ARG A 777 -33.01 -52.28 5.52
C ARG A 777 -34.45 -52.26 5.12
N LYS A 778 -35.23 -51.53 5.91
CA LYS A 778 -36.66 -51.42 5.73
C LYS A 778 -37.02 -50.89 4.35
N ALA A 779 -36.08 -50.25 3.67
CA ALA A 779 -36.29 -49.78 2.33
C ALA A 779 -35.44 -50.57 1.35
N ILE A 780 -34.15 -50.70 1.65
CA ILE A 780 -33.24 -51.25 0.67
C ILE A 780 -33.44 -52.71 0.40
N HIS A 781 -34.09 -53.43 1.32
CA HIS A 781 -34.33 -54.83 1.08
C HIS A 781 -35.22 -55.01 -0.14
N LYS A 782 -35.97 -53.96 -0.52
CA LYS A 782 -36.79 -54.04 -1.70
C LYS A 782 -36.29 -53.05 -2.73
N ILE A 783 -35.56 -52.02 -2.32
CA ILE A 783 -35.05 -51.10 -3.32
C ILE A 783 -34.17 -51.84 -4.24
N VAL A 784 -33.34 -52.72 -3.70
CA VAL A 784 -32.51 -53.49 -4.58
C VAL A 784 -33.35 -54.13 -5.69
N ASP A 785 -34.58 -54.58 -5.38
CA ASP A 785 -35.43 -55.16 -6.39
C ASP A 785 -35.97 -54.10 -7.31
N ILE A 786 -36.21 -52.93 -6.76
CA ILE A 786 -36.75 -51.86 -7.57
C ILE A 786 -35.72 -51.49 -8.61
N ARG A 787 -34.48 -51.42 -8.18
CA ARG A 787 -33.38 -51.07 -9.05
C ARG A 787 -33.13 -52.17 -10.05
N LEU A 788 -33.11 -53.40 -9.60
CA LEU A 788 -32.84 -54.45 -10.52
C LEU A 788 -33.94 -54.56 -11.56
N LYS A 789 -35.18 -54.28 -11.16
CA LYS A 789 -36.27 -54.34 -12.11
C LYS A 789 -36.18 -53.22 -13.12
N GLU A 790 -35.93 -51.97 -12.68
CA GLU A 790 -35.89 -50.95 -13.73
C GLU A 790 -34.72 -51.22 -14.67
N ILE A 791 -33.69 -51.90 -14.16
CA ILE A 791 -32.60 -52.29 -15.03
C ILE A 791 -33.06 -53.34 -16.00
N GLU A 792 -33.76 -54.37 -15.52
CA GLU A 792 -34.23 -55.44 -16.40
C GLU A 792 -34.97 -54.88 -17.58
N GLU A 793 -35.86 -53.96 -17.28
CA GLU A 793 -36.75 -53.33 -18.24
C GLU A 793 -36.01 -52.52 -19.31
N ARG A 794 -34.74 -52.20 -19.06
CA ARG A 794 -33.95 -51.45 -19.99
C ARG A 794 -32.62 -52.16 -20.28
N PHE A 795 -32.44 -53.36 -19.69
CA PHE A 795 -31.20 -54.10 -19.77
C PHE A 795 -30.72 -54.37 -21.19
N GLU A 796 -31.59 -54.96 -21.98
CA GLU A 796 -31.27 -55.24 -23.38
C GLU A 796 -32.43 -54.81 -24.22
N GLN A 797 -33.08 -53.74 -23.79
CA GLN A 797 -34.26 -53.18 -24.46
C GLN A 797 -35.36 -54.23 -24.55
N ASN A 798 -35.31 -55.17 -23.63
CA ASN A 798 -36.19 -56.33 -23.50
C ASN A 798 -36.14 -57.33 -24.68
N ASP A 799 -35.04 -57.38 -25.45
CA ASP A 799 -34.98 -58.44 -26.46
C ASP A 799 -34.79 -59.77 -25.76
N LYS A 800 -34.01 -59.74 -24.69
CA LYS A 800 -33.76 -60.87 -23.80
C LYS A 800 -33.89 -60.33 -22.39
N HIS A 801 -34.20 -61.18 -21.45
CA HIS A 801 -34.29 -60.65 -20.07
C HIS A 801 -33.83 -61.65 -19.04
N TYR A 802 -33.56 -61.16 -17.85
CA TYR A 802 -33.14 -62.01 -16.75
C TYR A 802 -34.25 -62.32 -15.75
N LYS A 803 -34.09 -63.40 -14.97
CA LYS A 803 -35.02 -63.65 -13.87
C LYS A 803 -34.38 -63.02 -12.66
N LEU A 804 -33.10 -63.36 -12.46
CA LEU A 804 -32.26 -62.83 -11.42
C LEU A 804 -32.85 -63.00 -10.04
N ASN A 805 -33.38 -64.18 -9.76
CA ASN A 805 -33.92 -64.38 -8.44
C ASN A 805 -32.78 -64.59 -7.47
N LEU A 806 -32.41 -63.52 -6.82
CA LEU A 806 -31.30 -63.45 -5.87
C LEU A 806 -31.69 -63.90 -4.47
N THR A 807 -32.88 -64.51 -4.39
CA THR A 807 -33.47 -65.01 -3.17
C THR A 807 -33.33 -63.98 -2.11
N GLN A 808 -32.58 -64.32 -1.09
CA GLN A 808 -32.38 -63.40 -0.02
C GLN A 808 -30.90 -63.20 0.01
N GLU A 809 -30.21 -64.21 -0.47
CA GLU A 809 -28.76 -64.22 -0.30
C GLU A 809 -28.04 -63.14 -1.05
N ALA A 810 -28.29 -62.98 -2.35
CA ALA A 810 -27.50 -61.96 -2.98
C ALA A 810 -28.20 -60.64 -2.80
N LYS A 811 -29.49 -60.69 -2.52
CA LYS A 811 -30.14 -59.41 -2.31
C LYS A 811 -29.51 -58.77 -1.07
N ASP A 812 -29.34 -59.58 -0.02
CA ASP A 812 -28.72 -59.08 1.19
C ASP A 812 -27.26 -58.79 0.96
N PHE A 813 -26.60 -59.61 0.17
CA PHE A 813 -25.19 -59.37 -0.10
C PHE A 813 -25.03 -57.98 -0.66
N LEU A 814 -25.76 -57.68 -1.70
CA LEU A 814 -25.60 -56.39 -2.30
C LEU A 814 -26.05 -55.30 -1.37
N ALA A 815 -27.19 -55.50 -0.72
CA ALA A 815 -27.72 -54.43 0.12
C ALA A 815 -26.80 -54.14 1.29
N LYS A 816 -26.32 -55.17 1.96
CA LYS A 816 -25.48 -55.00 3.14
C LYS A 816 -24.11 -54.48 2.82
N TYR A 817 -23.51 -54.95 1.73
CA TYR A 817 -22.17 -54.47 1.38
C TYR A 817 -22.23 -53.19 0.56
N GLY A 818 -23.38 -52.95 -0.06
CA GLY A 818 -23.61 -51.81 -0.92
C GLY A 818 -24.07 -50.62 -0.15
N TYR A 819 -25.26 -50.71 0.42
CA TYR A 819 -25.81 -49.60 1.14
C TYR A 819 -24.93 -49.08 2.24
N SER A 820 -24.74 -47.80 2.22
CA SER A 820 -23.96 -47.07 3.18
C SER A 820 -24.82 -46.16 4.00
N ASP A 821 -24.40 -45.87 5.21
CA ASP A 821 -25.13 -44.93 6.01
C ASP A 821 -24.67 -43.49 5.78
N ASP A 822 -23.68 -43.29 4.89
CA ASP A 822 -23.25 -41.95 4.51
C ASP A 822 -23.62 -41.70 3.05
N MET A 823 -23.24 -42.68 2.19
CA MET A 823 -23.46 -42.64 0.74
C MET A 823 -24.71 -43.36 0.26
N GLY A 824 -25.51 -43.86 1.18
CA GLY A 824 -26.77 -44.51 0.87
C GLY A 824 -26.63 -45.60 -0.17
N ALA A 825 -27.50 -45.55 -1.16
CA ALA A 825 -27.51 -46.55 -2.21
C ALA A 825 -26.53 -46.26 -3.33
N ARG A 826 -25.84 -45.13 -3.31
CA ARG A 826 -24.95 -44.88 -4.44
C ARG A 826 -24.01 -46.07 -4.69
N PRO A 827 -23.26 -46.57 -3.68
CA PRO A 827 -22.39 -47.72 -3.83
C PRO A 827 -23.16 -48.98 -4.15
N LEU A 828 -24.43 -49.02 -3.81
CA LEU A 828 -25.23 -50.18 -4.11
C LEU A 828 -25.38 -50.26 -5.61
N ASN A 829 -25.68 -49.12 -6.23
CA ASN A 829 -25.85 -49.09 -7.67
C ASN A 829 -24.56 -49.49 -8.32
N ARG A 830 -23.44 -49.04 -7.75
CA ARG A 830 -22.16 -49.37 -8.31
C ARG A 830 -21.96 -50.88 -8.20
N LEU A 831 -22.38 -51.47 -7.07
CA LEU A 831 -22.22 -52.91 -6.99
C LEU A 831 -23.08 -53.57 -8.02
N ILE A 832 -24.28 -53.09 -8.23
CA ILE A 832 -25.08 -53.78 -9.22
C ILE A 832 -24.39 -53.73 -10.57
N GLN A 833 -23.85 -52.57 -10.94
CA GLN A 833 -23.16 -52.53 -12.21
C GLN A 833 -22.02 -53.54 -12.30
N ASN A 834 -21.30 -53.73 -11.21
CA ASN A 834 -20.14 -54.59 -11.30
C ASN A 834 -20.38 -56.05 -10.94
N GLU A 835 -21.17 -56.27 -9.90
CA GLU A 835 -21.49 -57.57 -9.37
C GLU A 835 -22.45 -58.28 -10.29
N ILE A 836 -23.32 -57.51 -10.91
CA ILE A 836 -24.30 -58.09 -11.78
C ILE A 836 -24.12 -57.71 -13.22
N LEU A 837 -24.15 -56.45 -13.55
CA LEU A 837 -24.21 -56.20 -14.98
C LEU A 837 -22.92 -56.56 -15.70
N ASN A 838 -21.78 -56.24 -15.11
CA ASN A 838 -20.55 -56.58 -15.76
C ASN A 838 -20.34 -58.08 -15.68
N LYS A 839 -20.78 -58.68 -14.58
CA LYS A 839 -20.58 -60.11 -14.41
C LYS A 839 -21.42 -60.88 -15.41
N LEU A 840 -22.64 -60.42 -15.62
CA LEU A 840 -23.50 -61.08 -16.57
C LEU A 840 -22.83 -60.93 -17.93
N ALA A 841 -22.29 -59.75 -18.22
CA ALA A 841 -21.62 -59.56 -19.49
C ALA A 841 -20.46 -60.54 -19.63
N LEU A 842 -19.72 -60.78 -18.56
CA LEU A 842 -18.61 -61.70 -18.68
C LEU A 842 -19.10 -63.09 -19.07
N ARG A 843 -20.28 -63.46 -18.59
CA ARG A 843 -20.83 -64.74 -18.98
C ARG A 843 -21.39 -64.71 -20.41
N ILE A 844 -22.04 -63.61 -20.83
CA ILE A 844 -22.64 -63.61 -22.17
C ILE A 844 -21.58 -63.70 -23.24
N LEU A 845 -20.38 -63.23 -22.92
CA LEU A 845 -19.26 -63.26 -23.83
C LEU A 845 -18.75 -64.68 -24.08
N LYS A 846 -19.32 -65.66 -23.38
CA LYS A 846 -19.01 -67.06 -23.61
C LYS A 846 -19.87 -67.59 -24.77
N ASN A 847 -20.86 -66.77 -25.17
CA ASN A 847 -21.81 -67.08 -26.24
C ASN A 847 -22.61 -68.35 -25.99
N GLU A 848 -23.07 -68.52 -24.75
CA GLU A 848 -23.85 -69.69 -24.36
C GLU A 848 -25.25 -69.42 -23.79
N ILE A 849 -25.89 -68.30 -24.13
CA ILE A 849 -27.26 -68.02 -23.62
C ILE A 849 -28.35 -68.03 -24.66
N LYS A 850 -29.49 -68.60 -24.31
CA LYS A 850 -30.64 -68.54 -25.18
C LYS A 850 -31.57 -67.45 -24.65
N ASP A 851 -31.90 -67.53 -23.34
CA ASP A 851 -32.71 -66.47 -22.70
C ASP A 851 -32.72 -66.66 -21.18
N LYS A 852 -33.44 -65.80 -20.50
CA LYS A 852 -33.59 -65.81 -19.05
C LYS A 852 -32.27 -65.58 -18.38
N GLU A 853 -32.11 -66.14 -17.19
CA GLU A 853 -30.96 -65.92 -16.30
C GLU A 853 -31.26 -66.54 -14.96
N THR A 854 -30.75 -67.74 -14.73
CA THR A 854 -30.94 -68.41 -13.45
C THR A 854 -29.95 -67.90 -12.42
N VAL A 855 -30.26 -68.18 -11.15
CA VAL A 855 -29.43 -67.80 -10.02
C VAL A 855 -28.96 -68.92 -9.12
N ASN A 856 -27.71 -68.78 -8.77
CA ASN A 856 -26.96 -69.59 -7.84
C ASN A 856 -25.89 -68.66 -7.34
N VAL A 857 -26.06 -68.10 -6.17
CA VAL A 857 -25.11 -67.11 -5.71
C VAL A 857 -23.86 -67.87 -5.27
N VAL A 858 -22.75 -67.68 -5.96
CA VAL A 858 -21.64 -68.53 -5.62
C VAL A 858 -20.81 -67.96 -4.51
N LEU A 859 -21.04 -68.49 -3.32
CA LEU A 859 -20.42 -67.97 -2.11
C LEU A 859 -18.97 -68.41 -1.91
N GLU A 872 -11.17 -58.81 0.07
CA GLU A 872 -11.82 -59.17 1.33
C GLU A 872 -13.35 -59.03 1.34
N ALA A 873 -13.85 -57.84 1.66
CA ALA A 873 -15.29 -57.64 1.69
C ALA A 873 -15.81 -58.00 0.32
N GLU A 874 -16.87 -58.80 0.30
CA GLU A 874 -17.52 -59.31 -0.89
C GLU A 874 -16.66 -60.23 -1.76
N GLU A 875 -15.75 -60.98 -1.17
CA GLU A 875 -14.98 -61.95 -1.95
C GLU A 875 -15.90 -62.84 -2.82
N CYS A 876 -17.11 -63.15 -2.34
CA CYS A 876 -18.09 -63.89 -3.14
C CYS A 876 -18.32 -63.29 -4.51
N LEU A 877 -18.52 -61.97 -4.55
CA LEU A 877 -18.89 -61.20 -5.74
C LEU A 877 -20.19 -61.63 -6.40
N GLU A 878 -21.10 -62.16 -5.59
CA GLU A 878 -22.41 -62.69 -5.97
C GLU A 878 -22.31 -63.90 -6.88
N VAL A 879 -21.76 -63.68 -8.07
CA VAL A 879 -21.49 -64.66 -9.10
C VAL A 879 -22.66 -65.54 -9.44
N LEU A 880 -23.18 -65.37 -10.64
CA LEU A 880 -24.30 -66.17 -11.05
C LEU A 880 -23.77 -67.27 -11.97
N PRO A 881 -24.36 -68.49 -11.95
CA PRO A 881 -23.90 -69.71 -12.60
C PRO A 881 -23.99 -69.77 -14.11
N ASN A 882 -23.06 -70.49 -14.71
CA ASN A 882 -23.08 -70.74 -16.14
C ASN A 882 -23.97 -71.94 -16.49
N TYR B 166 -21.80 26.10 -44.37
CA TYR B 166 -22.62 26.98 -43.55
C TYR B 166 -23.20 26.23 -42.35
N LEU B 167 -23.17 26.86 -41.20
CA LEU B 167 -23.65 26.24 -39.96
C LEU B 167 -25.11 25.87 -39.94
N SER B 168 -25.89 26.53 -40.77
CA SER B 168 -27.30 26.24 -40.82
C SER B 168 -27.56 24.84 -41.37
N LYS B 169 -26.56 24.26 -42.04
CA LYS B 169 -26.69 22.95 -42.66
C LYS B 169 -27.06 21.86 -41.68
N TYR B 170 -26.75 22.04 -40.42
CA TYR B 170 -27.07 21.03 -39.46
C TYR B 170 -27.29 21.55 -38.08
N ALA B 171 -27.90 22.73 -37.99
CA ALA B 171 -28.11 23.29 -36.65
C ALA B 171 -29.20 24.38 -36.65
N ILE B 172 -29.67 24.83 -35.45
CA ILE B 172 -30.83 25.75 -35.41
C ILE B 172 -30.72 27.12 -34.73
N ASP B 173 -31.17 28.14 -35.46
CA ASP B 173 -31.18 29.49 -34.95
C ASP B 173 -32.36 29.68 -34.05
N MET B 174 -32.08 29.50 -32.79
CA MET B 174 -33.12 29.50 -31.81
C MET B 174 -33.70 30.85 -31.62
N THR B 175 -32.86 31.87 -31.75
CA THR B 175 -33.36 33.22 -31.58
C THR B 175 -34.31 33.54 -32.69
N GLU B 176 -33.99 33.15 -33.91
CA GLU B 176 -34.93 33.44 -34.94
C GLU B 176 -36.19 32.65 -34.69
N GLN B 177 -36.07 31.41 -34.24
CA GLN B 177 -37.29 30.72 -33.95
C GLN B 177 -38.08 31.56 -32.97
N ALA B 178 -37.42 32.06 -31.93
CA ALA B 178 -38.11 32.89 -30.95
C ALA B 178 -38.72 34.12 -31.61
N ARG B 179 -38.06 34.71 -32.61
CA ARG B 179 -38.61 35.89 -33.29
C ARG B 179 -39.92 35.56 -33.99
N GLN B 180 -40.07 34.32 -34.39
CA GLN B 180 -41.25 33.85 -35.08
C GLN B 180 -42.24 33.20 -34.13
N GLY B 181 -41.96 33.23 -32.84
CA GLY B 181 -42.79 32.49 -31.91
C GLY B 181 -42.56 31.03 -32.23
N LYS B 182 -43.62 30.27 -32.45
CA LYS B 182 -43.45 28.85 -32.75
C LYS B 182 -42.59 28.17 -31.70
N LEU B 183 -42.76 28.60 -30.46
CA LEU B 183 -41.98 28.12 -29.35
C LEU B 183 -42.70 28.41 -28.05
N ASP B 184 -42.84 27.41 -27.19
CA ASP B 184 -43.53 27.65 -25.94
C ASP B 184 -42.85 28.77 -25.19
N PRO B 185 -43.58 29.72 -24.60
CA PRO B 185 -43.05 30.79 -23.81
C PRO B 185 -42.54 30.17 -22.55
N VAL B 186 -41.52 30.75 -21.94
CA VAL B 186 -40.99 30.18 -20.72
C VAL B 186 -41.20 31.06 -19.50
N ILE B 187 -41.75 30.50 -18.43
CA ILE B 187 -41.98 31.28 -17.22
C ILE B 187 -41.45 30.55 -16.00
N GLY B 188 -41.25 31.27 -14.91
CA GLY B 188 -40.87 30.65 -13.63
C GLY B 188 -39.37 30.42 -13.50
N ARG B 189 -38.63 30.82 -14.53
CA ARG B 189 -37.20 30.66 -14.59
C ARG B 189 -36.52 31.97 -14.82
N GLU B 190 -37.18 33.04 -14.45
CA GLU B 190 -36.64 34.36 -14.72
C GLU B 190 -35.28 34.54 -14.09
N GLU B 191 -35.08 33.99 -12.91
CA GLU B 191 -33.82 34.18 -12.26
C GLU B 191 -32.73 33.38 -12.94
N GLU B 192 -33.10 32.23 -13.47
CA GLU B 192 -32.13 31.39 -14.11
C GLU B 192 -31.64 32.07 -15.35
N ILE B 193 -32.56 32.63 -16.11
CA ILE B 193 -32.15 33.25 -17.33
C ILE B 193 -31.42 34.55 -17.03
N ARG B 194 -31.79 35.24 -15.97
CA ARG B 194 -31.04 36.43 -15.67
C ARG B 194 -29.64 36.07 -15.28
N SER B 195 -29.50 34.98 -14.54
CA SER B 195 -28.20 34.54 -14.13
C SER B 195 -27.40 34.15 -15.34
N THR B 196 -28.05 33.49 -16.26
CA THR B 196 -27.38 33.04 -17.45
C THR B 196 -26.84 34.22 -18.19
N ILE B 197 -27.69 35.21 -18.33
CA ILE B 197 -27.34 36.42 -19.02
C ILE B 197 -26.22 37.11 -18.32
N ARG B 198 -26.28 37.19 -17.00
CA ARG B 198 -25.20 37.83 -16.29
C ARG B 198 -23.91 37.12 -16.57
N VAL B 199 -23.95 35.79 -16.60
CA VAL B 199 -22.75 35.08 -16.89
C VAL B 199 -22.28 35.36 -18.28
N LEU B 200 -23.17 35.37 -19.22
CA LEU B 200 -22.80 35.63 -20.59
C LEU B 200 -22.17 37.00 -20.73
N ALA B 201 -22.64 37.95 -19.94
CA ALA B 201 -22.16 39.31 -19.99
C ALA B 201 -20.74 39.45 -19.42
N ARG B 202 -20.25 38.45 -18.71
CA ARG B 202 -18.95 38.52 -18.05
C ARG B 202 -17.79 38.75 -18.98
N ARG B 203 -16.80 39.48 -18.48
CA ARG B 203 -15.58 39.74 -19.21
C ARG B 203 -14.83 38.46 -19.40
N ILE B 204 -14.73 37.66 -18.35
CA ILE B 204 -13.96 36.44 -18.43
C ILE B 204 -14.71 35.26 -17.85
N LYS B 205 -14.38 34.06 -18.32
CA LYS B 205 -14.99 32.83 -17.79
C LYS B 205 -16.50 32.99 -17.89
N SER B 206 -16.92 33.53 -19.02
CA SER B 206 -18.29 33.90 -19.29
C SER B 206 -19.22 32.86 -19.83
N ASN B 207 -18.83 31.60 -19.89
CA ASN B 207 -19.76 30.66 -20.45
C ASN B 207 -20.69 30.19 -19.31
N PRO B 208 -21.96 29.86 -19.55
CA PRO B 208 -22.82 29.39 -18.45
C PRO B 208 -22.85 27.91 -18.12
N CYS B 209 -23.72 27.13 -18.80
CA CYS B 209 -23.97 25.72 -18.48
C CYS B 209 -24.92 25.48 -17.31
N LEU B 210 -26.15 25.14 -17.61
CA LEU B 210 -27.13 24.90 -16.58
C LEU B 210 -26.87 23.55 -15.99
N ILE B 211 -27.00 23.39 -14.69
CA ILE B 211 -26.80 22.08 -14.10
C ILE B 211 -28.01 21.53 -13.38
N GLY B 212 -28.45 20.35 -13.77
CA GLY B 212 -29.61 19.79 -13.10
C GLY B 212 -29.87 18.35 -13.42
N GLU B 213 -31.07 18.09 -13.89
CA GLU B 213 -31.52 16.78 -14.25
C GLU B 213 -32.16 16.87 -15.63
N PRO B 214 -32.14 15.84 -16.45
CA PRO B 214 -32.76 15.96 -17.73
C PRO B 214 -34.23 16.14 -17.49
N GLY B 215 -34.87 16.96 -18.32
CA GLY B 215 -36.31 17.23 -18.25
C GLY B 215 -36.61 18.39 -17.29
N ILE B 216 -35.59 18.85 -16.59
CA ILE B 216 -35.73 19.92 -15.63
C ILE B 216 -36.21 21.24 -16.20
N GLY B 217 -36.02 21.46 -17.49
CA GLY B 217 -36.34 22.71 -18.11
C GLY B 217 -35.08 23.37 -18.59
N LYS B 218 -34.00 22.62 -18.61
CA LYS B 218 -32.74 23.20 -19.05
C LYS B 218 -32.84 23.87 -20.41
N THR B 219 -33.68 23.35 -21.29
CA THR B 219 -33.77 23.93 -22.59
C THR B 219 -34.58 25.17 -22.48
N ALA B 220 -35.65 25.07 -21.72
CA ALA B 220 -36.60 26.16 -21.59
C ALA B 220 -35.90 27.36 -21.03
N ILE B 221 -34.98 27.12 -20.13
CA ILE B 221 -34.26 28.22 -19.56
C ILE B 221 -33.51 28.89 -20.69
N ILE B 222 -32.85 28.10 -21.50
CA ILE B 222 -32.14 28.71 -22.59
C ILE B 222 -33.11 29.46 -23.50
N GLU B 223 -34.23 28.87 -23.79
CA GLU B 223 -35.20 29.52 -24.63
C GLU B 223 -35.66 30.82 -23.99
N GLY B 224 -35.78 30.83 -22.69
CA GLY B 224 -36.17 32.04 -22.00
C GLY B 224 -35.15 33.12 -22.31
N VAL B 225 -33.89 32.73 -22.43
CA VAL B 225 -32.89 33.70 -22.76
C VAL B 225 -33.14 34.22 -24.15
N ALA B 226 -33.48 33.34 -25.07
CA ALA B 226 -33.75 33.83 -26.42
C ALA B 226 -34.85 34.86 -26.35
N GLN B 227 -35.84 34.62 -25.51
CA GLN B 227 -36.91 35.56 -25.40
C GLN B 227 -36.36 36.89 -24.91
N ARG B 228 -35.43 36.84 -23.97
CA ARG B 228 -34.88 38.07 -23.44
C ARG B 228 -34.13 38.81 -24.53
N ILE B 229 -33.49 38.07 -25.44
CA ILE B 229 -32.77 38.75 -26.49
C ILE B 229 -33.72 39.48 -27.39
N ILE B 230 -34.77 38.80 -27.82
CA ILE B 230 -35.69 39.44 -28.75
C ILE B 230 -36.49 40.55 -28.07
N ASP B 231 -36.58 40.51 -26.74
CA ASP B 231 -37.24 41.54 -25.97
C ASP B 231 -36.29 42.64 -25.48
N ASP B 232 -35.01 42.55 -25.84
CA ASP B 232 -33.96 43.49 -25.38
C ASP B 232 -33.84 43.63 -23.86
N ASP B 233 -33.94 42.54 -23.12
CA ASP B 233 -33.74 42.58 -21.66
C ASP B 233 -32.29 42.21 -21.36
N VAL B 234 -31.61 41.91 -22.43
CA VAL B 234 -30.25 41.51 -22.54
C VAL B 234 -29.33 42.73 -22.51
N PRO B 235 -28.17 42.69 -21.85
CA PRO B 235 -27.25 43.78 -21.79
C PRO B 235 -26.70 44.02 -23.16
N THR B 236 -26.28 45.24 -23.39
CA THR B 236 -25.87 45.64 -24.72
C THR B 236 -24.72 44.86 -25.29
N ILE B 237 -23.84 44.36 -24.48
CA ILE B 237 -22.78 43.54 -25.03
C ILE B 237 -23.35 42.26 -25.62
N LEU B 238 -24.49 41.83 -25.09
CA LEU B 238 -25.17 40.65 -25.53
C LEU B 238 -26.35 40.98 -26.43
N GLN B 239 -26.78 42.23 -26.53
CA GLN B 239 -27.92 42.53 -27.39
C GLN B 239 -27.57 42.26 -28.85
N GLY B 240 -26.29 42.26 -29.16
CA GLY B 240 -25.80 41.98 -30.49
C GLY B 240 -25.62 40.46 -30.71
N ALA B 241 -26.13 39.67 -29.76
CA ALA B 241 -26.05 38.23 -29.80
C ALA B 241 -27.31 37.56 -30.26
N LYS B 242 -27.14 36.33 -30.67
CA LYS B 242 -28.23 35.43 -31.01
C LYS B 242 -27.89 34.04 -30.51
N LEU B 243 -28.88 33.25 -30.15
CA LEU B 243 -28.63 31.90 -29.67
C LEU B 243 -28.82 30.91 -30.79
N PHE B 244 -27.96 29.93 -30.80
CA PHE B 244 -28.03 28.95 -31.83
C PHE B 244 -27.72 27.57 -31.27
N SER B 245 -28.62 26.63 -31.47
CA SER B 245 -28.42 25.32 -30.92
C SER B 245 -27.66 24.47 -31.87
N LEU B 246 -26.94 23.50 -31.35
CA LEU B 246 -26.30 22.55 -32.24
C LEU B 246 -25.96 21.26 -31.59
N ASP B 247 -26.63 20.17 -31.97
CA ASP B 247 -26.24 18.94 -31.32
C ASP B 247 -26.69 17.71 -32.07
N LEU B 248 -26.18 16.57 -31.62
CA LEU B 248 -26.48 15.20 -32.01
C LEU B 248 -26.59 14.93 -33.50
N ALA B 249 -27.52 15.56 -34.18
CA ALA B 249 -27.55 15.36 -35.61
C ALA B 249 -26.29 15.98 -36.16
N ALA B 250 -26.00 17.14 -35.60
CA ALA B 250 -24.85 17.92 -35.97
C ALA B 250 -23.59 17.15 -35.70
N LEU B 251 -23.61 16.39 -34.62
CA LEU B 251 -22.46 15.63 -34.19
C LEU B 251 -22.31 14.33 -34.95
N THR B 252 -23.38 13.54 -34.96
CA THR B 252 -23.32 12.20 -35.49
C THR B 252 -24.08 11.92 -36.77
N ALA B 253 -25.17 12.64 -37.07
CA ALA B 253 -25.90 12.24 -38.28
C ALA B 253 -25.00 12.42 -39.48
N GLY B 254 -24.27 13.52 -39.45
CA GLY B 254 -23.37 13.87 -40.53
C GLY B 254 -21.91 13.44 -40.31
N ALA B 255 -21.67 12.55 -39.35
CA ALA B 255 -20.29 12.13 -39.07
C ALA B 255 -20.14 10.66 -39.39
N LYS B 256 -19.33 10.39 -40.40
CA LYS B 256 -19.17 9.03 -40.89
C LYS B 256 -17.76 8.51 -40.62
N TYR B 257 -16.80 9.44 -40.59
CA TYR B 257 -15.39 9.09 -40.43
C TYR B 257 -14.72 9.88 -39.32
N LYS B 258 -13.60 9.35 -38.81
CA LYS B 258 -12.84 10.05 -37.79
C LYS B 258 -12.48 11.45 -38.25
N GLY B 259 -12.76 12.42 -37.39
CA GLY B 259 -12.48 13.83 -37.66
C GLY B 259 -13.71 14.60 -38.12
N ASP B 260 -14.77 13.91 -38.52
CA ASP B 260 -15.97 14.61 -38.96
C ASP B 260 -16.56 15.47 -37.85
N PHE B 261 -16.41 15.03 -36.60
CA PHE B 261 -16.94 15.81 -35.51
C PHE B 261 -16.30 17.19 -35.57
N GLU B 262 -14.98 17.18 -35.49
CA GLU B 262 -14.21 18.40 -35.48
C GLU B 262 -14.47 19.27 -36.66
N GLU B 263 -14.57 18.68 -37.85
CA GLU B 263 -14.77 19.50 -39.01
C GLU B 263 -16.10 20.20 -38.96
N ARG B 264 -17.13 19.47 -38.53
CA ARG B 264 -18.44 20.07 -38.49
C ARG B 264 -18.48 21.19 -37.47
N PHE B 265 -17.87 20.98 -36.30
CA PHE B 265 -17.89 22.02 -35.29
C PHE B 265 -17.03 23.17 -35.66
N LYS B 266 -15.84 22.89 -36.09
CA LYS B 266 -14.91 23.93 -36.42
C LYS B 266 -15.50 24.80 -37.48
N GLY B 267 -16.13 24.20 -38.48
CA GLY B 267 -16.75 24.96 -39.54
C GLY B 267 -17.67 25.99 -38.92
N VAL B 268 -18.58 25.52 -38.08
CA VAL B 268 -19.54 26.40 -37.44
C VAL B 268 -18.90 27.44 -36.59
N LEU B 269 -17.95 27.01 -35.81
CA LEU B 269 -17.31 27.91 -34.91
C LEU B 269 -16.62 29.00 -35.67
N LYS B 270 -16.03 28.67 -36.81
CA LYS B 270 -15.35 29.70 -37.55
C LYS B 270 -16.34 30.65 -38.17
N GLU B 271 -17.44 30.12 -38.71
CA GLU B 271 -18.42 31.02 -39.30
C GLU B 271 -18.89 32.02 -38.25
N ILE B 272 -19.12 31.55 -37.04
CA ILE B 272 -19.54 32.44 -35.98
C ILE B 272 -18.47 33.43 -35.59
N GLU B 273 -17.25 32.92 -35.43
CA GLU B 273 -16.11 33.72 -35.00
C GLU B 273 -15.90 34.88 -35.95
N GLU B 274 -16.12 34.62 -37.24
CA GLU B 274 -15.86 35.61 -38.25
C GLU B 274 -16.94 36.67 -38.36
N SER B 275 -16.99 37.55 -37.37
CA SER B 275 -17.86 38.75 -37.31
C SER B 275 -19.37 38.54 -37.19
N LYS B 276 -19.90 37.62 -37.97
CA LYS B 276 -21.32 37.36 -38.08
C LYS B 276 -22.05 37.06 -36.79
N THR B 277 -22.34 38.13 -36.03
CA THR B 277 -23.18 38.13 -34.82
C THR B 277 -22.59 37.38 -33.64
N LEU B 278 -22.79 37.89 -32.43
CA LEU B 278 -22.28 37.16 -31.29
C LEU B 278 -23.16 35.96 -31.06
N ILE B 279 -22.88 34.92 -31.79
CA ILE B 279 -23.70 33.76 -31.63
C ILE B 279 -23.27 33.02 -30.41
N VAL B 280 -24.24 32.68 -29.61
CA VAL B 280 -23.97 31.90 -28.45
C VAL B 280 -24.43 30.51 -28.81
N LEU B 281 -23.47 29.64 -28.94
CA LEU B 281 -23.68 28.30 -29.41
C LEU B 281 -24.09 27.45 -28.27
N PHE B 282 -24.99 26.51 -28.45
CA PHE B 282 -25.14 25.68 -27.28
C PHE B 282 -25.41 24.23 -27.43
N ILE B 283 -24.94 23.57 -26.38
CA ILE B 283 -24.97 22.15 -26.23
C ILE B 283 -25.82 21.75 -25.06
N ASP B 284 -26.88 21.04 -25.32
CA ASP B 284 -27.78 20.68 -24.25
C ASP B 284 -27.38 19.36 -23.59
N GLU B 285 -26.40 18.72 -24.19
CA GLU B 285 -25.91 17.44 -23.76
C GLU B 285 -24.41 17.53 -23.60
N ILE B 286 -23.97 18.39 -22.69
CA ILE B 286 -22.55 18.71 -22.61
C ILE B 286 -21.63 17.54 -22.49
N HIS B 287 -22.00 16.47 -21.81
CA HIS B 287 -21.09 15.34 -21.71
C HIS B 287 -20.73 14.72 -23.05
N MET B 288 -21.43 15.07 -24.12
CA MET B 288 -21.06 14.54 -25.41
C MET B 288 -19.73 15.11 -25.80
N LEU B 289 -19.44 16.30 -25.29
CA LEU B 289 -18.18 16.92 -25.58
C LEU B 289 -17.28 16.14 -24.69
N MET B 290 -16.11 15.76 -25.15
CA MET B 290 -15.19 14.89 -24.41
C MET B 290 -15.59 13.43 -24.55
N GLY B 291 -16.68 13.16 -25.27
CA GLY B 291 -17.05 11.80 -25.56
C GLY B 291 -17.07 10.98 -24.29
N ASN B 292 -16.35 9.87 -24.35
CA ASN B 292 -16.24 8.95 -23.24
C ASN B 292 -14.84 8.97 -22.64
N GLY B 293 -14.07 10.01 -22.92
CA GLY B 293 -12.71 10.09 -22.40
C GLY B 293 -11.75 10.94 -23.24
N LYS B 294 -12.14 12.17 -23.50
CA LYS B 294 -11.33 13.16 -24.22
C LYS B 294 -10.95 12.73 -25.63
N ASP B 295 -9.64 12.62 -25.92
CA ASP B 295 -9.14 12.30 -27.27
C ASP B 295 -9.72 13.32 -28.24
N ASP B 296 -9.83 14.55 -27.75
CA ASP B 296 -10.42 15.68 -28.43
C ASP B 296 -11.74 15.35 -29.11
N ALA B 297 -12.64 14.67 -28.42
CA ALA B 297 -13.96 14.42 -28.98
C ALA B 297 -14.73 15.73 -28.96
N ALA B 298 -14.40 16.60 -29.93
CA ALA B 298 -14.89 17.96 -30.02
C ALA B 298 -14.72 18.59 -28.67
N ASN B 299 -13.52 18.48 -28.13
CA ASN B 299 -13.35 18.92 -26.77
C ASN B 299 -12.28 19.94 -26.68
N ILE B 300 -11.04 19.57 -27.02
CA ILE B 300 -9.88 20.47 -26.96
C ILE B 300 -10.14 21.57 -27.93
N LEU B 301 -10.80 21.17 -28.99
CA LEU B 301 -11.23 22.09 -29.99
C LEU B 301 -11.83 23.35 -29.37
N LYS B 302 -12.70 23.23 -28.36
CA LYS B 302 -13.32 24.45 -27.93
C LYS B 302 -12.41 25.38 -27.10
N PRO B 303 -11.73 24.95 -26.02
CA PRO B 303 -10.80 25.78 -25.29
C PRO B 303 -9.88 26.45 -26.25
N ALA B 304 -9.42 25.73 -27.28
CA ALA B 304 -8.55 26.37 -28.24
C ALA B 304 -9.29 27.51 -28.92
N LEU B 305 -10.54 27.26 -29.27
CA LEU B 305 -11.34 28.25 -29.95
C LEU B 305 -12.02 29.19 -28.98
N SER B 306 -11.82 29.03 -27.69
CA SER B 306 -12.42 29.94 -26.74
C SER B 306 -11.76 31.30 -26.88
N ARG B 307 -10.62 31.36 -27.57
CA ARG B 307 -9.97 32.64 -27.76
C ARG B 307 -10.67 33.48 -28.82
N GLY B 308 -11.61 32.87 -29.53
CA GLY B 308 -12.43 33.53 -30.53
C GLY B 308 -13.78 33.86 -29.89
N GLN B 309 -13.81 33.76 -28.55
CA GLN B 309 -14.99 33.95 -27.75
C GLN B 309 -15.89 32.77 -27.99
N LEU B 310 -16.64 32.81 -29.10
CA LEU B 310 -17.50 31.67 -29.40
C LEU B 310 -18.24 31.24 -28.15
N LYS B 311 -18.94 32.19 -27.58
CA LYS B 311 -19.61 32.04 -26.32
C LYS B 311 -20.55 30.84 -26.34
N VAL B 312 -20.50 30.02 -25.28
CA VAL B 312 -21.32 28.80 -25.16
C VAL B 312 -22.20 28.66 -23.93
N ILE B 313 -23.43 28.26 -24.19
CA ILE B 313 -24.38 27.97 -23.14
C ILE B 313 -24.75 26.55 -23.37
N GLY B 314 -25.61 26.04 -22.55
CA GLY B 314 -25.94 24.67 -22.71
C GLY B 314 -26.25 24.14 -21.36
N ALA B 315 -26.25 22.83 -21.25
CA ALA B 315 -26.61 22.22 -20.00
C ALA B 315 -26.06 20.84 -19.83
N THR B 316 -26.04 20.48 -18.57
CA THR B 316 -25.56 19.22 -18.10
C THR B 316 -26.35 18.76 -16.90
N THR B 317 -26.45 17.48 -16.69
CA THR B 317 -26.97 17.06 -15.43
C THR B 317 -25.87 17.20 -14.43
N ASN B 318 -26.18 17.19 -13.14
CA ASN B 318 -25.09 17.25 -12.17
C ASN B 318 -24.24 15.99 -12.19
N ASN B 319 -24.83 14.93 -12.68
CA ASN B 319 -24.17 13.66 -12.70
C ASN B 319 -23.13 13.66 -13.77
N GLU B 320 -23.56 14.02 -14.97
CA GLU B 320 -22.63 14.00 -16.07
C GLU B 320 -21.66 15.15 -15.85
N TYR B 321 -22.13 16.23 -15.20
CA TYR B 321 -21.28 17.35 -14.92
C TYR B 321 -20.09 16.86 -14.18
N ARG B 322 -20.33 16.16 -13.10
CA ARG B 322 -19.16 15.75 -12.37
C ARG B 322 -18.34 14.77 -13.17
N SER B 323 -19.02 13.86 -13.85
CA SER B 323 -18.35 12.81 -14.60
C SER B 323 -17.39 13.35 -15.65
N ILE B 324 -17.76 14.44 -16.29
CA ILE B 324 -17.00 15.06 -17.34
C ILE B 324 -16.23 16.28 -16.90
N VAL B 325 -16.89 17.20 -16.25
CA VAL B 325 -16.26 18.44 -15.89
C VAL B 325 -15.12 18.28 -14.92
N GLU B 326 -15.26 17.42 -13.92
CA GLU B 326 -14.18 17.26 -12.97
C GLU B 326 -12.94 16.74 -13.70
N LYS B 327 -13.15 15.91 -14.70
CA LYS B 327 -12.07 15.33 -15.49
C LYS B 327 -11.49 16.36 -16.47
N ASP B 328 -12.36 17.24 -16.99
CA ASP B 328 -11.96 18.25 -17.96
C ASP B 328 -11.09 19.31 -17.30
N GLY B 329 -11.56 19.87 -16.18
CA GLY B 329 -10.81 20.88 -15.46
C GLY B 329 -10.91 22.28 -16.09
N ALA B 330 -10.50 22.38 -17.34
CA ALA B 330 -10.53 23.65 -18.05
C ALA B 330 -11.92 24.24 -18.04
N PHE B 331 -12.93 23.39 -18.17
CA PHE B 331 -14.30 23.83 -18.13
C PHE B 331 -14.55 24.75 -16.95
N GLU B 332 -14.02 24.39 -15.80
CA GLU B 332 -14.30 25.07 -14.55
C GLU B 332 -13.76 26.48 -14.55
N ARG B 333 -12.82 26.77 -15.44
CA ARG B 333 -12.25 28.10 -15.56
C ARG B 333 -12.69 28.75 -16.86
N ARG B 334 -13.70 28.20 -17.51
CA ARG B 334 -14.20 28.75 -18.76
C ARG B 334 -15.67 29.11 -18.59
N PHE B 335 -16.35 28.29 -17.81
CA PHE B 335 -17.75 28.41 -17.50
C PHE B 335 -18.03 28.73 -16.06
N GLN B 336 -19.06 29.52 -15.88
CA GLN B 336 -19.64 29.79 -14.60
C GLN B 336 -20.92 29.06 -14.54
N LYS B 337 -20.87 27.90 -13.95
CA LYS B 337 -22.00 27.02 -13.93
C LYS B 337 -23.14 27.61 -13.16
N ILE B 338 -24.35 27.26 -13.59
CA ILE B 338 -25.57 27.66 -12.91
C ILE B 338 -26.44 26.49 -12.58
N GLU B 339 -26.64 26.25 -11.32
CA GLU B 339 -27.47 25.15 -10.91
C GLU B 339 -28.94 25.48 -11.05
N VAL B 340 -29.73 24.50 -11.44
CA VAL B 340 -31.16 24.70 -11.52
C VAL B 340 -31.84 23.60 -10.74
N ALA B 341 -33.12 23.77 -10.42
CA ALA B 341 -33.85 22.77 -9.65
C ALA B 341 -35.32 22.77 -9.95
N GLU B 342 -36.02 21.74 -9.52
CA GLU B 342 -37.44 21.69 -9.78
C GLU B 342 -38.10 22.86 -9.05
N PRO B 343 -39.09 23.50 -9.67
CA PRO B 343 -39.90 24.57 -9.16
C PRO B 343 -40.88 23.98 -8.20
N SER B 344 -41.60 24.82 -7.51
CA SER B 344 -42.66 24.32 -6.68
C SER B 344 -43.80 23.82 -7.51
N VAL B 345 -44.70 23.13 -6.85
CA VAL B 345 -45.88 22.66 -7.51
C VAL B 345 -46.69 23.82 -8.02
N ARG B 346 -46.88 24.86 -7.21
CA ARG B 346 -47.68 25.98 -7.69
C ARG B 346 -47.05 26.60 -8.91
N GLN B 347 -45.73 26.72 -8.91
CA GLN B 347 -45.07 27.28 -10.05
C GLN B 347 -45.28 26.39 -11.24
N THR B 348 -45.23 25.10 -11.01
CA THR B 348 -45.43 24.20 -12.09
C THR B 348 -46.81 24.39 -12.62
N VAL B 349 -47.77 24.57 -11.74
CA VAL B 349 -49.13 24.74 -12.20
C VAL B 349 -49.21 25.97 -13.05
N ALA B 350 -48.55 27.03 -12.64
CA ALA B 350 -48.57 28.23 -13.45
C ALA B 350 -48.04 27.90 -14.83
N ILE B 351 -47.02 27.06 -14.89
CA ILE B 351 -46.50 26.64 -16.17
C ILE B 351 -47.54 25.88 -16.90
N LEU B 352 -48.22 25.00 -16.21
CA LEU B 352 -49.22 24.22 -16.87
C LEU B 352 -50.27 25.14 -17.42
N ARG B 353 -50.63 26.21 -16.68
CA ARG B 353 -51.62 27.15 -17.15
C ARG B 353 -51.10 27.84 -18.38
N GLY B 354 -49.83 28.17 -18.39
CA GLY B 354 -49.26 28.81 -19.55
C GLY B 354 -49.38 27.90 -20.77
N LEU B 355 -49.24 26.62 -20.56
CA LEU B 355 -49.28 25.67 -21.63
C LEU B 355 -50.66 25.09 -21.84
N GLN B 356 -51.55 25.34 -20.91
CA GLN B 356 -52.91 24.85 -20.99
C GLN B 356 -53.52 24.97 -22.38
N PRO B 357 -53.52 26.15 -23.04
CA PRO B 357 -54.15 26.34 -24.32
C PRO B 357 -53.48 25.54 -25.41
N LYS B 358 -52.28 25.06 -25.18
CA LYS B 358 -51.58 24.33 -26.21
C LYS B 358 -52.24 23.00 -26.39
N TYR B 359 -52.86 22.52 -25.33
CA TYR B 359 -53.48 21.22 -25.33
C TYR B 359 -54.94 21.41 -25.62
N GLU B 360 -55.48 22.49 -25.11
CA GLU B 360 -56.87 22.72 -25.38
C GLU B 360 -57.01 22.88 -26.87
N ILE B 361 -56.05 23.51 -27.51
CA ILE B 361 -56.07 23.63 -28.94
C ILE B 361 -55.67 22.33 -29.62
N HIS B 362 -54.54 21.72 -29.21
CA HIS B 362 -54.09 20.51 -29.87
C HIS B 362 -55.08 19.36 -29.80
N HIS B 363 -55.56 19.06 -28.60
CA HIS B 363 -56.47 17.96 -28.40
C HIS B 363 -57.92 18.37 -28.55
N GLY B 364 -58.23 19.62 -28.22
CA GLY B 364 -59.61 20.10 -28.25
C GLY B 364 -60.28 19.85 -26.91
N VAL B 365 -59.50 19.29 -26.01
CA VAL B 365 -59.95 18.93 -24.69
C VAL B 365 -59.76 20.06 -23.71
N ARG B 366 -60.85 20.52 -23.13
CA ARG B 366 -60.78 21.64 -22.22
C ARG B 366 -60.14 21.17 -20.95
N ILE B 367 -59.33 21.98 -20.31
CA ILE B 367 -58.73 21.52 -19.09
C ILE B 367 -59.23 22.30 -17.91
N LEU B 368 -59.76 21.62 -16.91
CA LEU B 368 -60.25 22.37 -15.78
C LEU B 368 -59.07 22.99 -15.04
N ASP B 369 -59.24 24.21 -14.58
CA ASP B 369 -58.16 24.86 -13.81
C ASP B 369 -57.60 23.93 -12.75
N SER B 370 -58.49 23.34 -11.99
CA SER B 370 -58.13 22.42 -10.95
C SER B 370 -57.44 21.19 -11.53
N ALA B 371 -57.71 20.86 -12.78
CA ALA B 371 -57.06 19.72 -13.37
C ALA B 371 -55.59 20.03 -13.46
N LEU B 372 -55.28 21.26 -13.83
CA LEU B 372 -53.90 21.63 -13.96
C LEU B 372 -53.29 21.58 -12.58
N VAL B 373 -54.07 22.00 -11.61
CA VAL B 373 -53.57 22.02 -10.27
C VAL B 373 -53.21 20.66 -9.78
N THR B 374 -54.09 19.72 -9.98
CA THR B 374 -53.74 18.45 -9.42
C THR B 374 -52.79 17.74 -10.30
N ALA B 375 -52.71 18.06 -11.58
CA ALA B 375 -51.75 17.33 -12.37
C ALA B 375 -50.40 17.50 -11.77
N ALA B 376 -50.06 18.73 -11.40
CA ALA B 376 -48.74 18.93 -10.82
C ALA B 376 -48.62 18.19 -9.49
N GLN B 377 -49.69 18.20 -8.71
CA GLN B 377 -49.61 17.54 -7.42
C GLN B 377 -49.40 16.06 -7.62
N LEU B 378 -50.11 15.54 -8.58
CA LEU B 378 -50.09 14.17 -8.93
C LEU B 378 -48.74 13.81 -9.45
N ALA B 379 -48.12 14.70 -10.20
CA ALA B 379 -46.82 14.37 -10.71
C ALA B 379 -45.91 14.05 -9.56
N LYS B 380 -45.98 14.83 -8.49
CA LYS B 380 -45.10 14.50 -7.40
C LYS B 380 -45.60 13.29 -6.64
N ARG B 381 -46.90 13.19 -6.46
CA ARG B 381 -47.45 12.09 -5.70
C ARG B 381 -47.37 10.77 -6.44
N TYR B 382 -47.16 10.83 -7.73
CA TYR B 382 -47.22 9.65 -8.55
C TYR B 382 -45.99 9.28 -9.35
N LEU B 383 -45.38 10.24 -10.03
CA LEU B 383 -44.38 9.92 -11.03
C LEU B 383 -42.97 9.90 -10.47
N PRO B 384 -42.64 8.82 -9.79
CA PRO B 384 -41.50 8.68 -8.89
C PRO B 384 -40.29 9.53 -9.26
N TYR B 385 -39.52 9.06 -10.24
CA TYR B 385 -38.25 9.64 -10.65
C TYR B 385 -38.38 10.62 -11.79
N ARG B 386 -39.59 11.04 -12.08
CA ARG B 386 -39.78 11.91 -13.19
C ARG B 386 -39.61 13.36 -12.75
N ARG B 387 -39.31 14.26 -13.68
CA ARG B 387 -39.17 15.66 -13.30
C ARG B 387 -40.50 16.30 -13.14
N LEU B 388 -40.70 17.13 -12.15
CA LEU B 388 -41.97 17.82 -12.08
C LEU B 388 -42.22 18.62 -13.36
N PRO B 389 -41.26 19.45 -13.82
CA PRO B 389 -41.36 20.08 -15.09
C PRO B 389 -41.49 18.96 -16.03
N ASP B 390 -42.20 19.12 -17.11
CA ASP B 390 -42.35 18.07 -18.11
C ASP B 390 -43.29 16.96 -17.65
N SER B 391 -43.06 16.34 -16.50
CA SER B 391 -43.94 15.25 -16.11
C SER B 391 -45.32 15.76 -15.90
N ALA B 392 -45.43 16.93 -15.29
CA ALA B 392 -46.75 17.45 -15.09
C ALA B 392 -47.44 17.58 -16.46
N LEU B 393 -46.67 17.91 -17.49
CA LEU B 393 -47.23 17.99 -18.81
C LEU B 393 -47.52 16.61 -19.31
N ASP B 394 -46.72 15.62 -18.92
CA ASP B 394 -47.04 14.29 -19.36
C ASP B 394 -48.43 13.99 -18.87
N LEU B 395 -48.70 14.36 -17.64
CA LEU B 395 -50.01 14.09 -17.14
C LEU B 395 -51.06 14.86 -17.89
N VAL B 396 -50.80 16.13 -18.18
CA VAL B 396 -51.80 16.91 -18.90
C VAL B 396 -52.06 16.39 -20.28
N ASP B 397 -51.00 16.18 -21.03
CA ASP B 397 -51.12 15.78 -22.41
C ASP B 397 -51.67 14.38 -22.52
N ILE B 398 -51.21 13.48 -21.66
CA ILE B 398 -51.68 12.13 -21.73
C ILE B 398 -53.14 12.11 -21.34
N SER B 399 -53.49 12.84 -20.28
CA SER B 399 -54.86 12.87 -19.83
C SER B 399 -55.74 13.45 -20.91
N CYS B 400 -55.25 14.49 -21.58
CA CYS B 400 -56.03 15.08 -22.65
C CYS B 400 -56.18 14.06 -23.73
N ALA B 401 -55.11 13.31 -24.04
CA ALA B 401 -55.20 12.29 -25.08
C ALA B 401 -56.25 11.29 -24.68
N GLY B 402 -56.30 10.93 -23.41
CA GLY B 402 -57.29 9.99 -22.94
C GLY B 402 -58.67 10.47 -23.29
N VAL B 403 -58.95 11.70 -22.91
CA VAL B 403 -60.25 12.30 -23.14
C VAL B 403 -60.51 12.41 -24.62
N ALA B 404 -59.52 12.84 -25.37
CA ALA B 404 -59.68 13.02 -26.79
C ALA B 404 -60.05 11.72 -27.45
N VAL B 405 -59.46 10.62 -27.01
CA VAL B 405 -59.80 9.39 -27.65
C VAL B 405 -61.24 9.07 -27.30
N ALA B 406 -61.55 9.16 -26.01
CA ALA B 406 -62.88 8.80 -25.55
C ALA B 406 -64.00 9.64 -26.15
N ARG B 407 -63.80 10.94 -26.26
CA ARG B 407 -64.88 11.79 -26.76
C ARG B 407 -65.18 11.54 -28.22
N ASP B 408 -64.24 10.93 -28.95
CA ASP B 408 -64.43 10.68 -30.37
C ASP B 408 -64.71 9.20 -30.62
N SER B 409 -65.04 8.44 -29.57
CA SER B 409 -65.32 7.03 -29.71
C SER B 409 -66.76 6.71 -29.27
N GLN B 538 -64.59 15.88 -23.97
CA GLN B 538 -64.95 17.22 -23.54
C GLN B 538 -63.83 17.94 -22.84
N ASN B 539 -63.42 17.37 -21.72
CA ASN B 539 -62.43 17.98 -20.87
C ASN B 539 -61.66 17.05 -19.96
N VAL B 540 -60.65 17.62 -19.30
CA VAL B 540 -59.84 16.94 -18.30
C VAL B 540 -60.36 17.44 -16.97
N VAL B 541 -60.82 16.51 -16.16
CA VAL B 541 -61.53 16.90 -14.97
C VAL B 541 -60.75 16.76 -13.68
N ASP B 542 -60.77 17.88 -12.96
CA ASP B 542 -60.15 18.20 -11.65
C ASP B 542 -58.96 17.37 -11.18
N SER B 543 -59.15 16.08 -11.09
CA SER B 543 -58.13 15.15 -10.71
C SER B 543 -58.59 13.84 -11.24
N ASP B 544 -59.87 13.75 -11.48
CA ASP B 544 -60.48 12.49 -11.84
C ASP B 544 -59.92 11.87 -13.07
N THR B 545 -59.96 12.60 -14.16
CA THR B 545 -59.55 11.95 -15.37
C THR B 545 -58.06 11.79 -15.37
N ILE B 546 -57.40 12.70 -14.70
CA ILE B 546 -55.96 12.67 -14.71
C ILE B 546 -55.50 11.50 -13.92
N SER B 547 -56.04 11.40 -12.74
CA SER B 547 -55.62 10.42 -11.82
C SER B 547 -55.96 9.07 -12.31
N GLU B 548 -57.13 8.87 -12.89
CA GLU B 548 -57.33 7.51 -13.34
C GLU B 548 -56.36 7.20 -14.45
N THR B 549 -56.13 8.19 -15.31
CA THR B 549 -55.25 8.00 -16.42
C THR B 549 -53.87 7.68 -15.92
N ALA B 550 -53.44 8.33 -14.87
CA ALA B 550 -52.13 8.10 -14.34
C ALA B 550 -52.07 6.89 -13.45
N ALA B 551 -52.97 6.81 -12.49
CA ALA B 551 -52.96 5.81 -11.44
C ALA B 551 -52.98 4.43 -12.03
N ARG B 552 -53.68 4.25 -13.12
CA ARG B 552 -53.74 2.96 -13.76
C ARG B 552 -52.34 2.40 -14.07
N LEU B 553 -51.31 3.24 -14.14
CA LEU B 553 -49.98 2.82 -14.47
C LEU B 553 -49.33 2.02 -13.34
N THR B 554 -49.84 2.17 -12.12
CA THR B 554 -49.35 1.45 -10.95
C THR B 554 -50.52 0.77 -10.24
N GLY B 555 -51.74 1.13 -10.63
CA GLY B 555 -52.94 0.62 -10.02
C GLY B 555 -53.48 1.56 -8.95
N ILE B 556 -53.70 1.02 -7.76
CA ILE B 556 -54.28 1.70 -6.59
C ILE B 556 -55.28 2.85 -6.87
N PRO B 557 -56.03 2.81 -7.97
CA PRO B 557 -56.85 3.91 -8.46
C PRO B 557 -57.40 4.80 -7.37
N VAL B 558 -58.43 4.32 -6.70
CA VAL B 558 -59.11 5.09 -5.70
C VAL B 558 -58.23 5.54 -4.57
N LYS B 559 -57.27 4.73 -4.20
CA LYS B 559 -56.47 5.11 -3.07
C LYS B 559 -55.72 6.38 -3.40
N LYS B 560 -55.29 6.50 -4.65
CA LYS B 560 -54.59 7.71 -5.05
C LYS B 560 -55.66 8.79 -5.18
N LEU B 561 -56.81 8.43 -5.77
CA LEU B 561 -57.92 9.37 -5.96
C LEU B 561 -58.73 9.54 -4.70
N SER B 562 -58.09 10.04 -3.68
CA SER B 562 -58.73 10.21 -2.40
C SER B 562 -58.17 11.39 -1.63
N GLU B 563 -58.57 11.45 -0.37
CA GLU B 563 -58.23 12.48 0.58
C GLU B 563 -56.74 12.71 0.69
N SER B 564 -56.34 13.98 0.68
CA SER B 564 -54.95 14.35 0.77
C SER B 564 -54.39 14.12 2.16
N GLU B 565 -54.19 12.85 2.47
CA GLU B 565 -53.64 12.35 3.73
C GLU B 565 -54.56 12.55 4.91
N ASN B 566 -54.91 13.79 5.21
CA ASN B 566 -55.85 14.16 6.29
C ASN B 566 -56.52 12.98 6.99
N GLU B 567 -57.60 12.47 6.40
CA GLU B 567 -58.34 11.38 7.04
C GLU B 567 -57.50 10.16 7.25
N LYS B 568 -56.59 9.87 6.34
CA LYS B 568 -55.80 8.69 6.53
C LYS B 568 -54.96 8.90 7.75
N LEU B 569 -54.45 10.11 7.89
CA LEU B 569 -53.61 10.44 9.01
C LEU B 569 -54.40 10.41 10.30
N ILE B 570 -55.64 10.86 10.26
CA ILE B 570 -56.49 10.88 11.44
C ILE B 570 -56.81 9.46 11.92
N HIS B 571 -57.26 8.62 10.99
CA HIS B 571 -57.60 7.25 11.32
C HIS B 571 -56.48 6.29 10.90
N MET B 572 -55.25 6.75 11.03
CA MET B 572 -54.09 5.93 10.66
C MET B 572 -53.98 4.70 11.55
N GLU B 573 -53.92 4.93 12.86
CA GLU B 573 -53.82 3.84 13.82
C GLU B 573 -55.08 2.98 13.83
N ARG B 574 -56.23 3.64 13.84
CA ARG B 574 -57.51 2.94 13.84
C ARG B 574 -57.61 1.95 12.68
N ASP B 575 -57.23 2.41 11.49
CA ASP B 575 -57.27 1.59 10.32
C ASP B 575 -56.11 0.60 10.29
N LEU B 576 -54.93 1.03 10.72
CA LEU B 576 -53.79 0.14 10.76
C LEU B 576 -54.01 -1.00 11.69
N SER B 577 -54.74 -0.77 12.79
CA SER B 577 -54.97 -1.83 13.76
C SER B 577 -55.74 -3.00 13.15
N SER B 578 -56.39 -2.79 12.00
CA SER B 578 -57.13 -3.85 11.36
C SER B 578 -56.21 -4.77 10.57
N GLU B 579 -54.98 -4.32 10.31
CA GLU B 579 -54.01 -5.11 9.58
C GLU B 579 -52.84 -5.48 10.46
N VAL B 580 -52.55 -4.62 11.39
CA VAL B 580 -51.47 -4.84 12.30
C VAL B 580 -52.12 -4.97 13.63
N VAL B 581 -52.03 -6.12 14.22
CA VAL B 581 -52.78 -6.34 15.42
C VAL B 581 -51.96 -6.19 16.67
N GLY B 582 -52.48 -5.41 17.60
CA GLY B 582 -51.75 -5.20 18.83
C GLY B 582 -50.65 -4.22 18.56
N GLN B 583 -49.77 -4.05 19.52
CA GLN B 583 -48.68 -3.10 19.41
C GLN B 583 -49.28 -1.72 19.15
N MET B 584 -50.36 -1.38 19.85
CA MET B 584 -51.03 -0.09 19.60
C MET B 584 -50.07 1.05 19.74
N ASP B 585 -49.19 0.96 20.71
CA ASP B 585 -48.26 2.04 20.93
C ASP B 585 -47.33 2.21 19.75
N ALA B 586 -46.95 1.11 19.11
CA ALA B 586 -46.05 1.22 17.99
C ALA B 586 -46.77 1.92 16.88
N ILE B 587 -48.01 1.55 16.72
CA ILE B 587 -48.80 2.10 15.66
C ILE B 587 -48.96 3.59 15.88
N LYS B 588 -49.24 3.97 17.12
CA LYS B 588 -49.40 5.36 17.46
C LYS B 588 -48.12 6.13 17.18
N ALA B 589 -46.99 5.52 17.53
CA ALA B 589 -45.73 6.19 17.32
C ALA B 589 -45.53 6.48 15.86
N VAL B 590 -45.89 5.51 15.04
CA VAL B 590 -45.74 5.69 13.63
C VAL B 590 -46.68 6.71 13.13
N SER B 591 -47.91 6.64 13.58
CA SER B 591 -48.90 7.56 13.11
C SER B 591 -48.41 8.95 13.38
N ASN B 592 -47.86 9.16 14.56
CA ASN B 592 -47.41 10.47 14.90
C ASN B 592 -46.26 10.90 14.03
N ALA B 593 -45.25 10.07 13.86
CA ALA B 593 -44.12 10.51 13.06
C ALA B 593 -44.53 10.77 11.65
N VAL B 594 -45.43 9.95 11.14
CA VAL B 594 -45.88 10.14 9.79
C VAL B 594 -46.55 11.46 9.70
N ARG B 595 -47.44 11.74 10.63
CA ARG B 595 -48.14 12.99 10.59
C ARG B 595 -47.12 14.11 10.62
N LEU B 596 -46.05 13.92 11.37
CA LEU B 596 -45.06 14.94 11.41
C LEU B 596 -44.27 15.03 10.12
N SER B 597 -44.08 13.92 9.43
CA SER B 597 -43.34 14.06 8.18
C SER B 597 -44.20 14.84 7.22
N ARG B 598 -45.50 14.76 7.42
CA ARG B 598 -46.46 15.42 6.59
C ARG B 598 -46.60 16.87 7.01
N SER B 599 -47.16 17.69 6.12
CA SER B 599 -47.44 19.10 6.39
C SER B 599 -46.24 19.96 6.79
N GLY B 600 -45.03 19.43 6.62
CA GLY B 600 -43.83 20.17 6.94
C GLY B 600 -43.64 20.31 8.43
N LEU B 601 -44.37 19.52 9.22
CA LEU B 601 -44.31 19.63 10.66
C LEU B 601 -42.96 19.21 11.22
N ALA B 602 -42.42 18.16 10.65
CA ALA B 602 -41.08 17.71 10.96
C ALA B 602 -40.14 18.62 10.22
N ASN B 603 -38.90 18.69 10.63
CA ASN B 603 -38.03 19.52 9.84
C ASN B 603 -37.94 18.95 8.41
N PRO B 604 -38.39 19.68 7.37
CA PRO B 604 -38.50 19.24 5.98
C PRO B 604 -37.19 18.78 5.36
N ARG B 605 -36.08 18.99 6.04
CA ARG B 605 -34.77 18.57 5.56
C ARG B 605 -34.60 17.06 5.54
N GLN B 606 -35.55 16.33 6.13
CA GLN B 606 -35.39 14.89 6.20
C GLN B 606 -36.65 14.06 6.39
N PRO B 607 -36.56 12.75 6.15
CA PRO B 607 -37.55 11.72 6.46
C PRO B 607 -37.67 11.43 7.93
N ALA B 608 -38.79 10.82 8.30
CA ALA B 608 -39.05 10.28 9.64
C ALA B 608 -38.41 8.91 9.78
N SER B 609 -38.11 8.50 11.02
CA SER B 609 -37.61 7.15 11.19
C SER B 609 -37.85 6.53 12.56
N PHE B 610 -37.86 5.20 12.54
CA PHE B 610 -38.04 4.44 13.76
C PHE B 610 -37.10 3.33 13.98
N LEU B 611 -36.86 3.04 15.23
CA LEU B 611 -36.13 1.85 15.57
C LEU B 611 -37.09 0.88 16.21
N PHE B 612 -37.35 -0.21 15.53
CA PHE B 612 -38.29 -1.19 15.99
C PHE B 612 -37.61 -2.33 16.67
N LEU B 613 -37.77 -2.35 17.96
CA LEU B 613 -37.12 -3.31 18.78
C LEU B 613 -38.07 -4.33 19.27
N GLY B 614 -37.62 -5.55 19.32
CA GLY B 614 -38.47 -6.59 19.84
C GLY B 614 -38.22 -7.90 19.17
N LEU B 615 -39.06 -8.86 19.49
CA LEU B 615 -38.92 -10.20 19.01
C LEU B 615 -39.30 -10.32 17.54
N SER B 616 -38.53 -11.08 16.78
CA SER B 616 -39.02 -11.35 15.43
C SER B 616 -40.37 -12.03 15.56
N GLY B 617 -41.29 -11.68 14.69
CA GLY B 617 -42.60 -12.27 14.72
C GLY B 617 -43.56 -11.40 15.50
N SER B 618 -43.04 -10.31 16.09
CA SER B 618 -43.83 -9.35 16.84
C SER B 618 -44.51 -8.32 15.93
N GLY B 619 -44.14 -8.31 14.65
CA GLY B 619 -44.74 -7.37 13.70
C GLY B 619 -43.96 -6.11 13.42
N LYS B 620 -42.66 -6.12 13.65
CA LYS B 620 -41.87 -4.94 13.38
C LYS B 620 -41.93 -4.63 11.88
N THR B 621 -41.73 -5.67 11.08
CA THR B 621 -41.74 -5.53 9.64
C THR B 621 -43.15 -5.45 9.16
N GLU B 622 -44.01 -6.29 9.74
CA GLU B 622 -45.41 -6.26 9.34
C GLU B 622 -45.93 -4.85 9.42
N LEU B 623 -45.66 -4.17 10.54
CA LEU B 623 -46.13 -2.82 10.67
C LEU B 623 -45.52 -1.99 9.59
N ALA B 624 -44.21 -2.07 9.44
CA ALA B 624 -43.55 -1.26 8.45
C ALA B 624 -44.13 -1.49 7.06
N LYS B 625 -44.49 -2.72 6.73
CA LYS B 625 -45.07 -2.96 5.44
C LYS B 625 -46.47 -2.42 5.38
N LYS B 626 -47.23 -2.55 6.45
CA LYS B 626 -48.60 -2.09 6.38
C LYS B 626 -48.64 -0.60 6.29
N VAL B 627 -47.69 0.07 6.90
CA VAL B 627 -47.72 1.49 6.77
C VAL B 627 -47.22 1.85 5.39
N ALA B 628 -46.31 1.07 4.78
CA ALA B 628 -45.95 1.37 3.40
C ALA B 628 -47.23 1.28 2.58
N GLY B 629 -48.06 0.33 2.99
CA GLY B 629 -49.35 0.18 2.39
C GLY B 629 -50.09 1.50 2.48
N PHE B 630 -50.39 1.95 3.69
CA PHE B 630 -51.16 3.20 3.83
C PHE B 630 -50.50 4.43 3.27
N LEU B 631 -49.22 4.55 3.46
CA LEU B 631 -48.49 5.71 3.06
C LEU B 631 -48.38 5.85 1.57
N PHE B 632 -48.13 4.75 0.91
CA PHE B 632 -47.85 4.78 -0.49
C PHE B 632 -48.85 4.00 -1.30
N ASN B 633 -49.86 3.48 -0.61
CA ASN B 633 -50.92 2.67 -1.19
C ASN B 633 -50.32 1.41 -1.78
N ASP B 634 -49.19 0.99 -1.21
CA ASP B 634 -48.47 -0.15 -1.75
C ASP B 634 -47.39 -0.69 -0.81
N GLU B 635 -47.63 -1.86 -0.26
CA GLU B 635 -46.72 -2.46 0.70
C GLU B 635 -45.38 -2.84 0.07
N ASP B 636 -45.38 -3.08 -1.25
CA ASP B 636 -44.20 -3.53 -1.95
C ASP B 636 -43.21 -2.42 -2.16
N MET B 637 -43.58 -1.23 -1.76
CA MET B 637 -42.69 -0.13 -1.89
C MET B 637 -41.46 -0.29 -1.00
N MET B 638 -41.57 -1.11 0.05
CA MET B 638 -40.46 -1.23 0.98
C MET B 638 -39.12 -1.63 0.37
N ILE B 639 -38.08 -0.96 0.84
CA ILE B 639 -36.71 -1.26 0.46
C ILE B 639 -36.04 -2.02 1.59
N ARG B 640 -35.77 -3.29 1.35
CA ARG B 640 -35.26 -4.14 2.41
C ARG B 640 -33.76 -4.19 2.41
N VAL B 641 -33.13 -3.82 3.53
CA VAL B 641 -31.69 -3.78 3.58
C VAL B 641 -31.07 -4.76 4.60
N ASP B 642 -30.17 -5.62 4.13
CA ASP B 642 -29.47 -6.59 4.99
C ASP B 642 -28.32 -5.97 5.74
N CYS B 643 -28.46 -5.78 7.05
CA CYS B 643 -27.41 -5.08 7.78
C CYS B 643 -26.26 -5.94 8.20
N SER B 644 -26.43 -7.25 8.10
CA SER B 644 -25.41 -8.14 8.61
C SER B 644 -24.34 -8.39 7.57
N GLU B 645 -24.69 -8.19 6.31
CA GLU B 645 -23.74 -8.46 5.23
C GLU B 645 -22.71 -7.35 5.07
N LEU B 646 -21.90 -7.17 6.11
CA LEU B 646 -20.92 -6.11 6.19
C LEU B 646 -19.54 -6.44 6.67
N SER B 647 -18.63 -5.60 6.22
CA SER B 647 -17.24 -5.57 6.58
C SER B 647 -16.80 -4.14 6.34
N GLU B 648 -15.56 -3.83 6.68
CA GLU B 648 -15.03 -2.49 6.45
C GLU B 648 -14.86 -2.17 4.96
N LYS B 649 -15.05 -3.17 4.09
CA LYS B 649 -14.89 -2.95 2.67
C LYS B 649 -16.22 -2.68 2.02
N TYR B 650 -17.26 -2.59 2.84
CA TYR B 650 -18.57 -2.32 2.30
C TYR B 650 -18.43 -1.08 1.47
N ALA B 651 -19.18 -0.98 0.43
CA ALA B 651 -19.11 0.19 -0.42
C ALA B 651 -20.31 0.19 -1.28
N VAL B 652 -20.22 -0.44 -2.44
CA VAL B 652 -21.37 -0.56 -3.33
C VAL B 652 -22.42 -1.40 -2.65
N SER B 653 -22.00 -2.14 -1.66
CA SER B 653 -22.87 -2.94 -0.85
C SER B 653 -23.88 -2.10 -0.05
N LYS B 654 -23.58 -0.80 0.17
CA LYS B 654 -24.47 0.09 0.91
C LYS B 654 -24.60 1.37 0.10
N LEU B 655 -25.84 1.73 -0.17
CA LEU B 655 -26.09 2.85 -1.06
C LEU B 655 -25.26 2.58 -2.28
N LEU B 656 -24.54 3.58 -2.74
CA LEU B 656 -23.67 3.49 -3.89
C LEU B 656 -22.27 3.85 -3.51
N GLY B 657 -21.80 3.40 -2.34
CA GLY B 657 -20.44 3.71 -1.98
C GLY B 657 -19.53 3.05 -3.01
N THR B 658 -18.31 3.55 -3.17
CA THR B 658 -17.40 2.93 -4.13
C THR B 658 -15.98 2.77 -3.61
N THR B 659 -15.24 1.88 -4.27
CA THR B 659 -13.82 1.62 -4.06
C THR B 659 -13.16 1.60 -5.41
N ALA B 660 -11.84 1.52 -5.46
CA ALA B 660 -11.26 1.34 -6.77
C ALA B 660 -11.85 0.03 -7.31
N GLY B 661 -12.15 -0.02 -8.60
CA GLY B 661 -12.68 -1.25 -9.19
C GLY B 661 -14.19 -1.48 -9.01
N TYR B 662 -14.90 -0.49 -8.44
CA TYR B 662 -16.34 -0.57 -8.16
C TYR B 662 -17.27 -0.78 -9.35
N VAL B 663 -16.81 -0.41 -10.53
CA VAL B 663 -17.64 -0.42 -11.70
C VAL B 663 -18.28 -1.78 -12.01
N GLY B 664 -19.59 -1.75 -12.28
CA GLY B 664 -20.36 -2.95 -12.54
C GLY B 664 -21.81 -2.57 -12.74
N TYR B 665 -22.03 -1.28 -13.03
CA TYR B 665 -23.35 -0.70 -13.33
C TYR B 665 -24.27 -0.64 -12.13
N ASP B 666 -24.71 -1.78 -11.64
CA ASP B 666 -25.53 -1.74 -10.44
C ASP B 666 -24.64 -1.68 -9.24
N GLU B 667 -24.01 -0.54 -9.08
CA GLU B 667 -22.97 -0.36 -8.10
C GLU B 667 -23.57 0.11 -6.79
N GLY B 668 -24.59 -0.63 -6.31
CA GLY B 668 -25.31 -0.30 -5.09
C GLY B 668 -26.75 0.26 -5.25
N GLY B 669 -27.37 -0.07 -6.40
CA GLY B 669 -28.73 0.31 -6.69
C GLY B 669 -29.69 -0.34 -5.71
N PHE B 670 -29.19 -1.34 -5.00
CA PHE B 670 -29.90 -2.06 -3.98
C PHE B 670 -30.62 -1.09 -3.08
N LEU B 671 -29.93 -0.03 -2.66
CA LEU B 671 -30.61 0.95 -1.85
C LEU B 671 -31.00 2.16 -2.69
N THR B 672 -30.10 2.59 -3.54
CA THR B 672 -30.35 3.84 -4.21
C THR B 672 -31.18 3.84 -5.44
N ASN B 673 -31.21 2.76 -6.17
CA ASN B 673 -32.02 2.80 -7.36
C ASN B 673 -33.37 2.52 -6.86
N GLN B 674 -33.47 1.71 -5.81
CA GLN B 674 -34.82 1.53 -5.34
C GLN B 674 -35.33 2.87 -4.88
N LEU B 675 -34.54 3.65 -4.14
CA LEU B 675 -35.03 4.96 -3.73
C LEU B 675 -35.29 5.86 -4.92
N GLN B 676 -34.44 5.80 -5.94
CA GLN B 676 -34.65 6.63 -7.10
C GLN B 676 -36.00 6.32 -7.71
N TYR B 677 -36.27 5.05 -7.83
CA TYR B 677 -37.48 4.59 -8.45
C TYR B 677 -38.64 4.58 -7.49
N LYS B 678 -38.35 4.64 -6.20
CA LYS B 678 -39.36 4.64 -5.17
C LYS B 678 -39.05 5.70 -4.10
N PRO B 679 -39.06 7.00 -4.43
CA PRO B 679 -38.77 8.11 -3.57
C PRO B 679 -39.88 8.32 -2.54
N TYR B 680 -41.00 7.68 -2.77
CA TYR B 680 -42.16 7.71 -1.91
C TYR B 680 -42.31 6.34 -1.35
N SER B 681 -41.53 6.07 -0.32
CA SER B 681 -41.46 4.72 0.19
C SER B 681 -41.04 4.61 1.65
N VAL B 682 -40.77 3.38 2.02
CA VAL B 682 -40.31 2.94 3.31
C VAL B 682 -39.02 2.16 3.09
N LEU B 683 -38.03 2.45 3.88
CA LEU B 683 -36.79 1.71 3.75
C LEU B 683 -36.57 1.08 5.09
N LEU B 684 -36.13 -0.17 5.09
CA LEU B 684 -35.98 -0.84 6.34
C LEU B 684 -34.66 -1.57 6.52
N PHE B 685 -34.04 -1.37 7.67
CA PHE B 685 -32.77 -1.99 8.02
C PHE B 685 -32.92 -3.24 8.88
N ASP B 686 -32.62 -4.37 8.26
CA ASP B 686 -32.77 -5.70 8.85
C ASP B 686 -31.71 -5.99 9.88
N GLU B 687 -32.10 -5.99 11.16
CA GLU B 687 -31.18 -6.16 12.27
C GLU B 687 -30.11 -5.12 12.18
N VAL B 688 -30.54 -3.90 12.32
CA VAL B 688 -29.69 -2.75 12.20
C VAL B 688 -28.52 -2.84 13.18
N GLU B 689 -28.71 -3.57 14.28
CA GLU B 689 -27.67 -3.76 15.28
C GLU B 689 -26.44 -4.46 14.70
N LYS B 690 -26.63 -5.18 13.59
CA LYS B 690 -25.53 -5.91 13.00
C LYS B 690 -24.78 -5.05 12.03
N ALA B 691 -25.26 -3.83 11.81
CA ALA B 691 -24.61 -2.96 10.86
C ALA B 691 -23.23 -2.58 11.35
N HIS B 692 -22.31 -2.50 10.42
CA HIS B 692 -20.98 -2.04 10.71
C HIS B 692 -21.14 -0.58 11.11
N PRO B 693 -20.45 -0.07 12.14
CA PRO B 693 -20.47 1.33 12.53
C PRO B 693 -20.27 2.30 11.39
N ASP B 694 -19.49 1.93 10.37
CA ASP B 694 -19.30 2.88 9.28
C ASP B 694 -20.58 3.00 8.51
N VAL B 695 -21.34 1.94 8.48
CA VAL B 695 -22.57 1.93 7.77
C VAL B 695 -23.58 2.68 8.59
N LEU B 696 -23.53 2.50 9.92
CA LEU B 696 -24.46 3.26 10.74
C LEU B 696 -24.23 4.74 10.43
N THR B 697 -22.98 5.13 10.22
CA THR B 697 -22.68 6.49 9.81
C THR B 697 -23.27 6.77 8.43
N VAL B 698 -23.14 5.85 7.50
CA VAL B 698 -23.71 6.06 6.17
C VAL B 698 -25.19 6.37 6.27
N MET B 699 -25.87 5.66 7.16
CA MET B 699 -27.30 5.80 7.36
C MET B 699 -27.64 7.19 7.83
N LEU B 700 -26.67 7.96 8.28
CA LEU B 700 -26.89 9.31 8.69
C LEU B 700 -27.55 10.08 7.57
N GLN B 701 -27.26 9.73 6.31
CA GLN B 701 -27.84 10.43 5.14
C GLN B 701 -29.36 10.26 5.09
N MET B 702 -29.88 9.28 5.81
CA MET B 702 -31.30 9.08 5.90
C MET B 702 -31.78 9.64 7.24
N LEU B 703 -30.95 9.49 8.27
CA LEU B 703 -31.35 9.91 9.61
C LEU B 703 -31.60 11.39 9.70
N ASP B 704 -30.82 12.15 8.97
CA ASP B 704 -31.02 13.58 8.88
C ASP B 704 -30.44 14.00 7.58
N ASP B 705 -30.49 15.28 7.23
CA ASP B 705 -29.87 15.70 5.99
C ASP B 705 -30.17 14.75 4.88
N GLY B 706 -31.42 14.69 4.44
CA GLY B 706 -31.85 13.69 3.48
C GLY B 706 -31.01 13.54 2.19
N ARG B 707 -30.06 14.43 1.95
CA ARG B 707 -29.22 14.36 0.77
C ARG B 707 -28.47 13.03 0.75
N ILE B 708 -28.45 12.37 -0.40
CA ILE B 708 -27.77 11.09 -0.49
C ILE B 708 -26.76 11.06 -1.59
N THR B 709 -25.53 10.87 -1.21
CA THR B 709 -24.40 10.87 -2.11
C THR B 709 -24.18 9.54 -2.79
N SER B 710 -23.30 9.49 -3.78
CA SER B 710 -22.94 8.24 -4.41
C SER B 710 -21.56 8.32 -4.99
N GLY B 711 -20.92 7.19 -5.15
CA GLY B 711 -19.62 7.15 -5.80
C GLY B 711 -19.75 7.06 -7.31
N GLN B 712 -20.98 7.28 -7.81
CA GLN B 712 -21.26 7.27 -9.20
C GLN B 712 -21.32 8.69 -9.66
N GLY B 713 -21.21 9.62 -8.72
CA GLY B 713 -21.29 11.03 -9.07
C GLY B 713 -22.72 11.55 -9.10
N LYS B 714 -23.67 10.83 -8.51
CA LYS B 714 -25.05 11.27 -8.52
C LYS B 714 -25.60 11.26 -7.13
N THR B 715 -26.72 11.91 -6.94
CA THR B 715 -27.34 11.85 -5.63
C THR B 715 -28.75 11.33 -5.76
N ILE B 716 -29.28 10.89 -4.62
CA ILE B 716 -30.66 10.43 -4.53
C ILE B 716 -31.50 11.45 -3.80
N ASP B 717 -31.05 11.87 -2.62
CA ASP B 717 -31.70 12.88 -1.82
C ASP B 717 -33.10 12.50 -1.37
N CYS B 718 -33.18 11.74 -0.30
CA CYS B 718 -34.46 11.25 0.15
C CYS B 718 -35.31 12.32 0.78
N SER B 719 -36.60 12.06 0.85
CA SER B 719 -37.54 12.96 1.47
C SER B 719 -38.63 12.12 2.10
N ASN B 720 -39.68 11.80 1.36
CA ASN B 720 -40.75 10.97 1.90
C ASN B 720 -40.34 9.51 1.79
N CYS B 721 -39.32 9.16 2.55
CA CYS B 721 -38.69 7.85 2.57
C CYS B 721 -38.54 7.42 4.01
N ILE B 722 -39.61 6.91 4.59
CA ILE B 722 -39.59 6.66 6.03
C ILE B 722 -38.73 5.49 6.33
N VAL B 723 -37.87 5.63 7.33
CA VAL B 723 -36.97 4.53 7.57
C VAL B 723 -37.20 3.82 8.88
N ILE B 724 -37.24 2.52 8.81
CA ILE B 724 -37.34 1.70 9.98
C ILE B 724 -36.12 0.85 10.17
N MET B 725 -35.54 0.95 11.31
CA MET B 725 -34.41 0.16 11.65
C MET B 725 -34.97 -0.91 12.54
N THR B 726 -34.56 -2.16 12.38
CA THR B 726 -35.11 -3.21 13.23
C THR B 726 -34.07 -3.93 14.02
N SER B 727 -34.44 -4.48 15.17
CA SER B 727 -33.50 -5.30 15.92
C SER B 727 -34.07 -6.16 17.05
N ASN B 728 -33.43 -7.33 17.25
CA ASN B 728 -33.67 -8.25 18.37
C ASN B 728 -32.69 -8.00 19.52
N LEU B 729 -32.02 -6.86 19.50
CA LEU B 729 -31.07 -6.47 20.53
C LEU B 729 -31.62 -6.58 21.95
N GLY B 730 -32.91 -6.30 22.11
CA GLY B 730 -33.55 -6.37 23.42
C GLY B 730 -34.45 -7.60 23.58
N ALA B 731 -34.29 -8.60 22.71
CA ALA B 731 -35.18 -9.76 22.75
C ALA B 731 -35.22 -10.43 24.10
N GLU B 732 -34.09 -10.52 24.77
CA GLU B 732 -34.04 -11.15 26.07
C GLU B 732 -34.78 -10.39 27.15
N PHE B 733 -35.19 -9.17 26.84
CA PHE B 733 -35.90 -8.37 27.79
C PHE B 733 -37.36 -8.53 27.45
N ILE B 734 -37.67 -8.65 26.17
CA ILE B 734 -39.06 -8.81 25.79
C ILE B 734 -39.52 -10.16 26.26
N ASN B 735 -38.59 -11.11 26.27
CA ASN B 735 -38.80 -12.45 26.77
C ASN B 735 -39.10 -12.46 28.28
N SER B 736 -39.06 -11.29 28.95
CA SER B 736 -39.51 -11.17 30.31
C SER B 736 -41.01 -11.39 30.34
N GLN B 737 -41.64 -11.14 29.19
CA GLN B 737 -43.06 -11.28 28.97
C GLN B 737 -43.87 -10.54 30.01
N GLN B 738 -43.40 -9.38 30.42
CA GLN B 738 -44.13 -8.64 31.42
C GLN B 738 -45.29 -7.86 30.86
N GLY B 739 -46.34 -8.63 30.53
CA GLY B 739 -47.60 -8.15 29.99
C GLY B 739 -47.63 -8.16 28.46
N SER B 740 -48.85 -8.06 27.90
CA SER B 740 -49.08 -7.96 26.45
C SER B 740 -48.76 -6.54 25.96
N LYS B 741 -48.52 -5.71 26.95
CA LYS B 741 -48.11 -4.33 26.87
C LYS B 741 -46.91 -4.31 27.78
N ILE B 742 -45.73 -4.49 27.22
CA ILE B 742 -44.54 -4.70 28.02
C ILE B 742 -44.25 -3.56 28.94
N GLN B 743 -44.03 -3.92 30.19
CA GLN B 743 -43.76 -2.97 31.26
C GLN B 743 -42.51 -2.16 30.96
N GLU B 744 -42.48 -0.94 31.49
CA GLU B 744 -41.40 -0.01 31.25
C GLU B 744 -40.02 -0.45 31.73
N SER B 745 -39.92 -1.20 32.82
CA SER B 745 -38.58 -1.59 33.25
C SER B 745 -37.95 -2.53 32.24
N THR B 746 -38.79 -3.33 31.59
CA THR B 746 -38.28 -4.21 30.56
C THR B 746 -37.78 -3.35 29.43
N LYS B 747 -38.57 -2.34 29.09
CA LYS B 747 -38.18 -1.46 28.01
C LYS B 747 -36.90 -0.74 28.37
N ASN B 748 -36.72 -0.40 29.64
CA ASN B 748 -35.52 0.29 30.03
C ASN B 748 -34.31 -0.59 29.77
N LEU B 749 -34.45 -1.89 29.97
CA LEU B 749 -33.34 -2.78 29.71
C LEU B 749 -33.03 -2.77 28.23
N VAL B 750 -34.07 -2.71 27.42
CA VAL B 750 -33.91 -2.69 25.98
C VAL B 750 -33.22 -1.43 25.54
N MET B 751 -33.69 -0.30 26.03
CA MET B 751 -33.15 0.98 25.65
C MET B 751 -31.72 1.10 26.11
N GLY B 752 -31.43 0.47 27.23
CA GLY B 752 -30.08 0.44 27.74
C GLY B 752 -29.23 -0.21 26.68
N ALA B 753 -29.60 -1.41 26.25
CA ALA B 753 -28.83 -2.13 25.25
C ALA B 753 -28.68 -1.31 23.99
N VAL B 754 -29.72 -0.59 23.62
CA VAL B 754 -29.64 0.23 22.43
C VAL B 754 -28.59 1.29 22.59
N ARG B 755 -28.64 1.99 23.69
CA ARG B 755 -27.68 3.03 23.94
C ARG B 755 -26.27 2.48 24.04
N GLN B 756 -26.12 1.29 24.61
CA GLN B 756 -24.80 0.69 24.71
C GLN B 756 -24.25 0.31 23.35
N HIS B 757 -25.13 -0.18 22.51
CA HIS B 757 -24.74 -0.71 21.23
C HIS B 757 -24.50 0.33 20.14
N PHE B 758 -25.39 1.30 20.01
CA PHE B 758 -25.27 2.23 18.90
C PHE B 758 -24.73 3.56 19.36
N ARG B 759 -24.07 4.26 18.48
CA ARG B 759 -23.64 5.58 18.86
C ARG B 759 -24.86 6.46 19.17
N PRO B 760 -24.87 7.21 20.27
CA PRO B 760 -25.92 8.13 20.63
C PRO B 760 -26.29 9.07 19.51
N GLU B 761 -25.33 9.45 18.69
CA GLU B 761 -25.62 10.36 17.60
C GLU B 761 -26.59 9.75 16.63
N PHE B 762 -26.44 8.46 16.42
CA PHE B 762 -27.27 7.70 15.51
C PHE B 762 -28.66 7.70 16.08
N LEU B 763 -28.71 7.29 17.33
CA LEU B 763 -29.94 7.08 18.02
C LEU B 763 -30.74 8.35 18.18
N ASN B 764 -30.04 9.43 18.41
CA ASN B 764 -30.69 10.69 18.60
C ASN B 764 -31.49 11.15 17.40
N ARG B 765 -31.16 10.68 16.22
CA ARG B 765 -31.87 11.19 15.07
C ARG B 765 -33.19 10.50 14.85
N ILE B 766 -33.43 9.44 15.57
CA ILE B 766 -34.61 8.62 15.35
C ILE B 766 -35.87 9.33 15.85
N SER B 767 -36.95 9.30 15.05
CA SER B 767 -38.18 9.97 15.45
C SER B 767 -38.64 9.34 16.74
N SER B 768 -38.58 8.02 16.77
CA SER B 768 -38.88 7.30 17.99
C SER B 768 -38.30 5.90 17.99
N ILE B 769 -37.91 5.49 19.17
CA ILE B 769 -37.50 4.13 19.34
C ILE B 769 -38.72 3.46 19.91
N VAL B 770 -39.14 2.43 19.24
CA VAL B 770 -40.36 1.74 19.54
C VAL B 770 -40.11 0.30 19.90
N ILE B 771 -40.70 -0.12 20.99
CA ILE B 771 -40.51 -1.47 21.46
C ILE B 771 -41.80 -2.25 21.33
N PHE B 772 -41.69 -3.39 20.68
CA PHE B 772 -42.79 -4.28 20.39
C PHE B 772 -43.00 -5.28 21.51
N ASN B 773 -44.27 -5.54 21.76
CA ASN B 773 -44.75 -6.43 22.78
C ASN B 773 -44.91 -7.85 22.31
N LYS B 774 -44.99 -8.77 23.24
CA LYS B 774 -45.38 -10.12 22.87
C LYS B 774 -46.83 -10.08 22.39
N LEU B 775 -47.10 -10.67 21.23
CA LEU B 775 -48.46 -10.67 20.64
C LEU B 775 -49.49 -11.47 21.42
N SER B 776 -49.07 -12.64 21.88
CA SER B 776 -49.95 -13.51 22.64
C SER B 776 -51.23 -13.83 21.90
N ARG B 777 -52.14 -14.47 22.63
CA ARG B 777 -53.40 -14.94 22.11
C ARG B 777 -54.28 -13.81 21.65
N LYS B 778 -54.25 -12.70 22.36
CA LYS B 778 -55.13 -11.61 22.00
C LYS B 778 -54.83 -11.11 20.60
N ALA B 779 -53.55 -11.05 20.23
CA ALA B 779 -53.30 -10.56 18.89
C ALA B 779 -53.60 -11.60 17.85
N ILE B 780 -53.18 -12.83 18.09
CA ILE B 780 -53.35 -13.81 17.04
C ILE B 780 -54.81 -14.15 16.83
N HIS B 781 -55.63 -13.84 17.83
CA HIS B 781 -57.06 -13.98 17.76
C HIS B 781 -57.62 -13.21 16.56
N LYS B 782 -56.90 -12.18 16.09
CA LYS B 782 -57.33 -11.43 14.94
C LYS B 782 -56.41 -11.70 13.74
N ILE B 783 -55.14 -12.00 14.01
CA ILE B 783 -54.19 -12.18 12.92
C ILE B 783 -54.61 -13.32 12.04
N VAL B 784 -55.07 -14.38 12.67
CA VAL B 784 -55.50 -15.51 11.88
C VAL B 784 -56.57 -15.12 10.89
N ASP B 785 -57.57 -14.39 11.34
CA ASP B 785 -58.65 -14.01 10.47
C ASP B 785 -58.17 -13.14 9.35
N ILE B 786 -57.20 -12.31 9.63
CA ILE B 786 -56.69 -11.49 8.57
C ILE B 786 -56.14 -12.37 7.49
N ARG B 787 -55.35 -13.34 7.89
CA ARG B 787 -54.75 -14.18 6.89
C ARG B 787 -55.78 -15.03 6.19
N LEU B 788 -56.81 -15.47 6.90
CA LEU B 788 -57.77 -16.33 6.23
C LEU B 788 -58.46 -15.57 5.12
N LYS B 789 -58.78 -14.32 5.40
CA LYS B 789 -59.47 -13.52 4.42
C LYS B 789 -58.54 -13.26 3.27
N GLU B 790 -57.30 -12.93 3.62
CA GLU B 790 -56.30 -12.62 2.62
C GLU B 790 -56.15 -13.74 1.65
N ILE B 791 -56.10 -14.95 2.15
CA ILE B 791 -55.91 -16.09 1.29
C ILE B 791 -56.99 -16.23 0.26
N GLU B 792 -58.26 -16.11 0.64
CA GLU B 792 -59.25 -16.25 -0.42
C GLU B 792 -59.19 -15.03 -1.33
N GLU B 793 -58.95 -13.87 -0.78
CA GLU B 793 -58.94 -12.70 -1.64
C GLU B 793 -57.79 -12.77 -2.65
N ARG B 794 -56.69 -13.40 -2.24
CA ARG B 794 -55.51 -13.54 -3.07
C ARG B 794 -55.51 -14.86 -3.83
N PHE B 795 -56.63 -15.56 -3.79
CA PHE B 795 -56.80 -16.85 -4.45
C PHE B 795 -57.11 -16.60 -5.88
N GLU B 796 -56.12 -16.08 -6.60
CA GLU B 796 -56.24 -15.60 -7.96
C GLU B 796 -57.34 -14.53 -8.01
N GLN B 797 -58.60 -14.98 -7.93
CA GLN B 797 -59.76 -14.12 -7.85
C GLN B 797 -60.79 -14.59 -6.83
N ASN B 798 -61.80 -15.27 -7.35
CA ASN B 798 -62.98 -15.72 -6.63
C ASN B 798 -63.31 -17.12 -7.07
N ASP B 799 -62.36 -18.00 -6.96
CA ASP B 799 -62.54 -19.30 -7.53
C ASP B 799 -63.27 -20.30 -6.66
N LYS B 800 -63.18 -20.21 -5.33
CA LYS B 800 -63.89 -21.22 -4.53
C LYS B 800 -64.77 -20.61 -3.47
N HIS B 801 -64.27 -19.60 -2.79
CA HIS B 801 -64.90 -19.04 -1.61
C HIS B 801 -64.91 -20.06 -0.50
N TYR B 802 -64.63 -19.57 0.68
CA TYR B 802 -64.57 -20.41 1.86
C TYR B 802 -65.38 -19.76 2.93
N LYS B 803 -66.00 -20.55 3.78
CA LYS B 803 -66.70 -19.96 4.90
C LYS B 803 -65.71 -19.42 5.91
N LEU B 804 -64.56 -20.08 6.03
CA LEU B 804 -63.50 -19.72 6.99
C LEU B 804 -64.02 -19.70 8.43
N ASN B 805 -65.08 -20.47 8.68
CA ASN B 805 -65.78 -20.54 9.96
C ASN B 805 -65.10 -21.47 10.94
N LEU B 806 -63.87 -21.10 11.29
CA LEU B 806 -63.01 -21.88 12.15
C LEU B 806 -63.51 -22.03 13.57
N THR B 807 -64.25 -21.04 14.04
CA THR B 807 -64.73 -21.00 15.40
C THR B 807 -63.51 -20.95 16.29
N GLN B 808 -63.74 -20.71 17.55
CA GLN B 808 -62.61 -20.57 18.45
C GLN B 808 -61.71 -21.79 18.39
N GLU B 809 -62.29 -22.99 18.27
CA GLU B 809 -61.43 -24.16 18.32
C GLU B 809 -60.42 -24.24 17.19
N ALA B 810 -60.82 -24.03 15.94
CA ALA B 810 -59.80 -24.18 14.94
C ALA B 810 -58.86 -22.99 15.01
N LYS B 811 -59.35 -21.84 15.49
CA LYS B 811 -58.42 -20.73 15.59
C LYS B 811 -57.38 -21.06 16.66
N ASP B 812 -57.81 -21.72 17.74
CA ASP B 812 -56.89 -22.10 18.79
C ASP B 812 -55.93 -23.14 18.28
N PHE B 813 -56.41 -24.05 17.43
CA PHE B 813 -55.52 -25.03 16.85
C PHE B 813 -54.42 -24.30 16.12
N LEU B 814 -54.82 -23.35 15.29
CA LEU B 814 -53.83 -22.65 14.53
C LEU B 814 -52.87 -21.95 15.45
N ALA B 815 -53.38 -21.37 16.51
CA ALA B 815 -52.49 -20.72 17.44
C ALA B 815 -51.53 -21.69 18.06
N LYS B 816 -52.03 -22.82 18.49
CA LYS B 816 -51.24 -23.80 19.18
C LYS B 816 -50.07 -24.29 18.37
N TYR B 817 -50.29 -24.45 17.07
CA TYR B 817 -49.21 -24.95 16.25
C TYR B 817 -48.66 -23.89 15.31
N GLY B 818 -49.08 -22.64 15.47
CA GLY B 818 -48.68 -21.59 14.53
C GLY B 818 -48.19 -20.31 15.20
N TYR B 819 -48.42 -20.17 16.49
CA TYR B 819 -47.89 -19.04 17.20
C TYR B 819 -46.81 -19.52 18.13
N SER B 820 -45.70 -18.81 18.17
CA SER B 820 -44.62 -19.16 19.07
C SER B 820 -43.93 -17.95 19.57
N ASP B 821 -43.58 -17.94 20.81
CA ASP B 821 -42.86 -16.79 21.31
C ASP B 821 -41.49 -16.60 20.65
N ASP B 822 -40.97 -17.63 19.98
CA ASP B 822 -39.68 -17.50 19.31
C ASP B 822 -39.78 -17.11 17.85
N MET B 823 -41.00 -17.04 17.31
CA MET B 823 -41.20 -16.66 15.91
C MET B 823 -42.47 -15.87 15.80
N GLY B 824 -43.05 -15.65 16.96
CA GLY B 824 -44.26 -14.89 17.10
C GLY B 824 -45.37 -15.46 16.27
N ALA B 825 -45.98 -14.60 15.47
CA ALA B 825 -47.07 -15.00 14.61
C ALA B 825 -46.58 -15.54 13.27
N ARG B 826 -45.30 -15.46 12.99
CA ARG B 826 -44.80 -15.91 11.71
C ARG B 826 -45.24 -17.34 11.30
N PRO B 827 -45.06 -18.36 12.16
CA PRO B 827 -45.42 -19.73 11.87
C PRO B 827 -46.92 -19.85 11.58
N LEU B 828 -47.76 -18.86 11.94
CA LEU B 828 -49.18 -19.00 11.64
C LEU B 828 -49.34 -19.04 10.15
N ASN B 829 -48.51 -18.29 9.45
CA ASN B 829 -48.64 -18.30 8.02
C ASN B 829 -48.29 -19.67 7.53
N ARG B 830 -47.13 -20.13 7.93
CA ARG B 830 -46.73 -21.44 7.46
C ARG B 830 -47.73 -22.51 7.85
N LEU B 831 -48.25 -22.44 9.06
CA LEU B 831 -49.20 -23.42 9.50
C LEU B 831 -50.44 -23.38 8.64
N ILE B 832 -50.97 -22.20 8.40
CA ILE B 832 -52.15 -22.11 7.58
C ILE B 832 -51.84 -22.75 6.24
N GLN B 833 -50.66 -22.48 5.68
CA GLN B 833 -50.30 -23.19 4.47
C GLN B 833 -50.34 -24.70 4.70
N ASN B 834 -49.72 -25.14 5.78
CA ASN B 834 -49.62 -26.55 6.05
C ASN B 834 -50.94 -27.24 6.32
N GLU B 835 -51.90 -26.50 6.84
CA GLU B 835 -53.20 -27.05 7.15
C GLU B 835 -54.25 -26.72 6.14
N ILE B 836 -54.49 -25.44 5.97
CA ILE B 836 -55.60 -24.98 5.19
C ILE B 836 -55.30 -25.14 3.74
N LEU B 837 -54.11 -24.75 3.32
CA LEU B 837 -53.87 -24.89 1.91
C LEU B 837 -53.59 -26.32 1.60
N ASN B 838 -52.71 -26.97 2.35
CA ASN B 838 -52.48 -28.35 2.02
C ASN B 838 -53.74 -29.16 2.01
N LYS B 839 -54.54 -29.10 3.05
CA LYS B 839 -55.61 -30.05 3.02
C LYS B 839 -56.72 -29.65 2.05
N LEU B 840 -57.07 -28.37 1.99
CA LEU B 840 -58.18 -28.03 1.13
C LEU B 840 -57.76 -27.99 -0.31
N ALA B 841 -56.56 -27.49 -0.58
CA ALA B 841 -56.15 -27.42 -1.95
C ALA B 841 -56.08 -28.79 -2.50
N LEU B 842 -55.58 -29.74 -1.73
CA LEU B 842 -55.47 -31.03 -2.32
C LEU B 842 -56.86 -31.56 -2.63
N ARG B 843 -57.84 -31.32 -1.77
CA ARG B 843 -59.16 -31.80 -2.09
C ARG B 843 -59.69 -31.10 -3.35
N ILE B 844 -59.36 -29.84 -3.51
CA ILE B 844 -59.80 -29.15 -4.70
C ILE B 844 -59.19 -29.78 -5.93
N LEU B 845 -57.91 -30.03 -5.84
CA LEU B 845 -57.12 -30.59 -6.90
C LEU B 845 -57.51 -32.01 -7.26
N LYS B 846 -58.08 -32.72 -6.29
CA LYS B 846 -58.59 -34.07 -6.47
C LYS B 846 -60.00 -34.04 -7.05
N ASN B 847 -60.52 -32.82 -7.28
CA ASN B 847 -61.86 -32.53 -7.75
C ASN B 847 -62.91 -32.97 -6.73
N GLU B 848 -62.50 -32.95 -5.47
CA GLU B 848 -63.39 -33.23 -4.37
C GLU B 848 -64.10 -31.95 -3.97
N ILE B 849 -63.41 -30.82 -4.14
CA ILE B 849 -64.04 -29.55 -3.85
C ILE B 849 -64.27 -28.71 -5.10
N LYS B 850 -65.52 -28.74 -5.55
CA LYS B 850 -65.98 -28.05 -6.74
C LYS B 850 -66.15 -26.56 -6.49
N ASP B 851 -66.71 -26.22 -5.34
CA ASP B 851 -67.00 -24.83 -4.98
C ASP B 851 -67.30 -24.71 -3.48
N LYS B 852 -67.24 -23.48 -2.96
CA LYS B 852 -67.52 -23.15 -1.55
C LYS B 852 -66.68 -24.03 -0.62
N GLU B 853 -66.97 -24.03 0.70
CA GLU B 853 -66.25 -24.84 1.70
C GLU B 853 -66.52 -24.49 3.17
N THR B 854 -67.04 -25.45 3.93
CA THR B 854 -67.21 -25.22 5.37
C THR B 854 -65.85 -25.48 6.00
N VAL B 855 -65.30 -24.54 6.79
CA VAL B 855 -63.92 -24.69 7.25
C VAL B 855 -63.73 -24.78 8.78
N ASN B 856 -63.13 -25.88 9.28
CA ASN B 856 -62.87 -26.09 10.71
C ASN B 856 -61.89 -27.27 10.89
N VAL B 857 -61.68 -27.73 12.14
CA VAL B 857 -60.80 -28.87 12.48
C VAL B 857 -61.54 -29.89 13.30
N VAL B 858 -60.93 -31.05 13.48
CA VAL B 858 -61.53 -32.12 14.29
C VAL B 858 -60.57 -32.66 15.32
N LEU B 859 -61.02 -32.90 16.55
CA LEU B 859 -60.09 -33.45 17.54
C LEU B 859 -59.69 -34.89 17.25
N GLU B 872 -50.23 -39.00 15.94
CA GLU B 872 -49.85 -38.17 17.08
C GLU B 872 -50.50 -36.78 17.08
N ALA B 873 -49.67 -35.76 17.04
CA ALA B 873 -50.11 -34.39 17.06
C ALA B 873 -50.58 -33.93 15.69
N GLU B 874 -51.50 -32.99 15.69
CA GLU B 874 -51.95 -32.32 14.48
C GLU B 874 -52.60 -33.28 13.51
N GLU B 875 -53.27 -34.28 14.04
CA GLU B 875 -54.02 -35.20 13.21
C GLU B 875 -55.29 -34.45 12.85
N CYS B 876 -55.55 -33.45 13.70
CA CYS B 876 -56.66 -32.52 13.63
C CYS B 876 -56.64 -31.61 12.43
N LEU B 877 -55.51 -31.54 11.71
CA LEU B 877 -55.42 -30.63 10.58
C LEU B 877 -56.59 -30.84 9.64
N GLU B 878 -57.36 -29.77 9.44
CA GLU B 878 -58.57 -29.74 8.62
C GLU B 878 -59.64 -30.78 8.99
N VAL B 879 -59.40 -32.03 8.62
CA VAL B 879 -60.35 -33.12 8.73
C VAL B 879 -61.79 -32.72 8.30
N LEU B 880 -61.95 -32.20 7.07
CA LEU B 880 -63.25 -31.73 6.58
C LEU B 880 -63.81 -32.51 5.40
N PRO B 881 -65.14 -32.54 5.24
CA PRO B 881 -65.80 -33.08 4.08
C PRO B 881 -65.54 -32.12 2.94
N ASN B 882 -65.45 -32.66 1.76
CA ASN B 882 -65.25 -31.89 0.54
C ASN B 882 -66.59 -31.47 -0.07
N TYR C 166 4.93 22.50 -37.68
CA TYR C 166 3.82 23.43 -37.64
C TYR C 166 3.43 23.77 -36.21
N LEU C 167 4.41 24.01 -35.35
CA LEU C 167 4.10 24.37 -33.97
C LEU C 167 3.37 25.68 -33.90
N SER C 168 3.58 26.51 -34.92
CA SER C 168 2.98 27.81 -35.00
C SER C 168 1.46 27.76 -35.08
N LYS C 169 0.91 26.57 -35.31
CA LYS C 169 -0.53 26.41 -35.36
C LYS C 169 -1.12 26.31 -33.97
N TYR C 170 -0.28 26.09 -32.97
CA TYR C 170 -0.74 25.94 -31.60
C TYR C 170 -0.02 26.84 -30.64
N ALA C 171 1.27 26.93 -30.79
CA ALA C 171 2.03 27.69 -29.84
C ALA C 171 1.65 29.14 -29.93
N ILE C 172 1.57 29.81 -28.80
CA ILE C 172 1.22 31.23 -28.90
C ILE C 172 2.38 32.10 -28.52
N ASP C 173 2.81 32.92 -29.46
CA ASP C 173 3.94 33.76 -29.18
C ASP C 173 3.47 34.88 -28.31
N MET C 174 3.60 34.68 -27.02
CA MET C 174 3.11 35.60 -26.06
C MET C 174 3.91 36.86 -26.10
N THR C 175 5.16 36.72 -26.47
CA THR C 175 6.00 37.90 -26.59
C THR C 175 5.37 38.78 -27.64
N GLU C 176 4.99 38.19 -28.75
CA GLU C 176 4.39 39.01 -29.77
C GLU C 176 3.08 39.57 -29.29
N GLN C 177 2.27 38.76 -28.63
CA GLN C 177 1.01 39.32 -28.20
C GLN C 177 1.28 40.51 -27.32
N ALA C 178 2.23 40.37 -26.42
CA ALA C 178 2.60 41.48 -25.55
C ALA C 178 3.05 42.68 -26.37
N ARG C 179 3.74 42.45 -27.49
CA ARG C 179 4.14 43.58 -28.32
C ARG C 179 2.92 44.29 -28.83
N GLN C 180 1.84 43.54 -28.99
CA GLN C 180 0.57 44.05 -29.46
C GLN C 180 -0.35 44.43 -28.29
N GLY C 181 0.14 44.34 -27.08
CA GLY C 181 -0.68 44.53 -25.91
C GLY C 181 -1.69 43.39 -25.89
N LYS C 182 -2.98 43.72 -25.84
CA LYS C 182 -4.01 42.69 -25.83
C LYS C 182 -3.85 41.71 -24.66
N LEU C 183 -3.29 42.21 -23.56
CA LEU C 183 -3.09 41.46 -22.33
C LEU C 183 -3.42 42.29 -21.13
N ASP C 184 -3.94 41.66 -20.11
CA ASP C 184 -4.17 42.37 -18.88
C ASP C 184 -2.82 42.75 -18.29
N PRO C 185 -2.71 43.87 -17.56
CA PRO C 185 -1.49 44.30 -16.90
C PRO C 185 -1.18 43.36 -15.78
N VAL C 186 0.08 43.30 -15.38
CA VAL C 186 0.47 42.42 -14.29
C VAL C 186 0.79 43.19 -13.05
N ILE C 187 0.08 42.91 -11.99
CA ILE C 187 0.26 43.65 -10.74
C ILE C 187 0.66 42.82 -9.51
N GLY C 188 1.73 43.23 -8.79
CA GLY C 188 2.06 42.58 -7.51
C GLY C 188 2.98 41.36 -7.55
N ARG C 189 3.49 41.03 -8.73
CA ARG C 189 4.36 39.89 -8.88
C ARG C 189 5.74 40.27 -9.35
N GLU C 190 6.13 41.48 -9.07
CA GLU C 190 7.39 41.95 -9.60
C GLU C 190 8.56 41.08 -9.20
N GLU C 191 8.53 40.59 -7.97
CA GLU C 191 9.61 39.73 -7.58
C GLU C 191 9.51 38.39 -8.25
N GLU C 192 8.31 37.87 -8.40
CA GLU C 192 8.19 36.57 -9.00
C GLU C 192 8.72 36.62 -10.41
N ILE C 193 8.50 37.75 -11.04
CA ILE C 193 8.97 37.95 -12.37
C ILE C 193 10.47 37.95 -12.35
N ARG C 194 11.04 38.71 -11.44
CA ARG C 194 12.48 38.75 -11.34
C ARG C 194 13.04 37.37 -11.05
N SER C 195 12.34 36.61 -10.23
CA SER C 195 12.78 35.28 -9.90
C SER C 195 12.73 34.41 -11.11
N THR C 196 11.71 34.57 -11.89
CA THR C 196 11.58 33.75 -13.05
C THR C 196 12.71 34.04 -13.99
N ILE C 197 12.97 35.32 -14.15
CA ILE C 197 14.01 35.75 -15.03
C ILE C 197 15.30 35.19 -14.49
N ARG C 198 15.47 35.29 -13.19
CA ARG C 198 16.66 34.81 -12.54
C ARG C 198 16.87 33.39 -12.91
N VAL C 199 15.83 32.59 -12.79
CA VAL C 199 16.04 31.22 -13.11
C VAL C 199 16.39 31.07 -14.55
N LEU C 200 15.69 31.75 -15.40
CA LEU C 200 15.98 31.61 -16.79
C LEU C 200 17.42 32.03 -17.07
N ALA C 201 17.93 32.98 -16.31
CA ALA C 201 19.28 33.49 -16.49
C ALA C 201 20.35 32.49 -16.04
N ARG C 202 19.97 31.53 -15.21
CA ARG C 202 20.92 30.54 -14.70
C ARG C 202 21.54 29.82 -15.88
N ARG C 203 22.79 29.35 -15.78
CA ARG C 203 23.38 28.77 -16.98
C ARG C 203 23.05 27.31 -17.00
N ILE C 204 22.88 26.73 -15.83
CA ILE C 204 22.57 25.33 -15.80
C ILE C 204 21.13 25.12 -15.43
N LYS C 205 20.78 25.55 -14.25
CA LYS C 205 19.46 25.23 -13.76
C LYS C 205 18.50 26.31 -14.17
N SER C 206 18.06 26.29 -15.43
CA SER C 206 17.28 27.42 -15.93
C SER C 206 15.91 27.14 -16.53
N ASN C 207 15.12 26.31 -15.87
CA ASN C 207 13.79 25.96 -16.33
C ASN C 207 12.84 26.08 -15.15
N PRO C 208 12.39 27.25 -14.80
CA PRO C 208 11.61 27.45 -13.63
C PRO C 208 10.24 26.86 -13.70
N CYS C 209 9.59 26.74 -12.57
CA CYS C 209 8.17 26.45 -12.59
C CYS C 209 7.41 27.35 -11.64
N LEU C 210 6.21 27.72 -11.98
CA LEU C 210 5.44 28.52 -11.04
C LEU C 210 4.60 27.59 -10.25
N ILE C 211 4.98 27.40 -9.01
CA ILE C 211 4.34 26.41 -8.20
C ILE C 211 3.47 26.97 -7.10
N GLY C 212 2.20 26.58 -7.14
CA GLY C 212 1.20 27.10 -6.23
C GLY C 212 -0.17 27.04 -6.88
N GLU C 213 -1.14 27.64 -6.24
CA GLU C 213 -2.54 27.59 -6.66
C GLU C 213 -2.82 28.31 -8.00
N PRO C 214 -3.88 27.92 -8.71
CA PRO C 214 -4.41 28.55 -9.91
C PRO C 214 -5.14 29.83 -9.53
N GLY C 215 -5.37 30.72 -10.48
CA GLY C 215 -6.17 31.91 -10.19
C GLY C 215 -5.40 32.99 -9.45
N ILE C 216 -4.07 32.85 -9.39
CA ILE C 216 -3.26 33.81 -8.66
C ILE C 216 -2.20 34.49 -9.52
N GLY C 217 -2.40 34.57 -10.82
CA GLY C 217 -1.46 35.29 -11.66
C GLY C 217 -0.26 34.53 -12.20
N LYS C 218 -0.25 33.21 -12.19
CA LYS C 218 0.91 32.54 -12.72
C LYS C 218 1.09 32.90 -14.17
N THR C 219 -0.02 33.00 -14.87
CA THR C 219 0.08 33.32 -16.26
C THR C 219 0.60 34.71 -16.34
N ALA C 220 0.06 35.56 -15.48
CA ALA C 220 0.41 36.94 -15.45
C ALA C 220 1.90 37.08 -15.22
N ILE C 221 2.47 36.21 -14.39
CA ILE C 221 3.88 36.27 -14.15
C ILE C 221 4.61 35.97 -15.42
N ILE C 222 4.20 34.94 -16.11
CA ILE C 222 4.89 34.61 -17.33
C ILE C 222 4.77 35.76 -18.29
N GLU C 223 3.59 36.29 -18.39
CA GLU C 223 3.37 37.41 -19.26
C GLU C 223 4.15 38.61 -18.76
N GLY C 224 4.32 38.73 -17.47
CA GLY C 224 5.07 39.80 -16.88
C GLY C 224 6.49 39.70 -17.37
N VAL C 225 6.98 38.48 -17.46
CA VAL C 225 8.32 38.29 -17.94
C VAL C 225 8.34 38.73 -19.35
N ALA C 226 7.35 38.31 -20.12
CA ALA C 226 7.34 38.74 -21.47
C ALA C 226 7.32 40.23 -21.50
N GLN C 227 6.55 40.86 -20.63
CA GLN C 227 6.45 42.27 -20.69
C GLN C 227 7.79 42.89 -20.44
N ARG C 228 8.57 42.33 -19.54
CA ARG C 228 9.85 42.94 -19.35
C ARG C 228 10.74 42.69 -20.57
N ILE C 229 10.54 41.56 -21.26
CA ILE C 229 11.35 41.32 -22.45
C ILE C 229 11.01 42.37 -23.48
N ILE C 230 9.73 42.57 -23.61
CA ILE C 230 9.07 43.51 -24.48
C ILE C 230 9.53 44.92 -24.29
N ASP C 231 9.75 45.30 -23.04
CA ASP C 231 10.20 46.62 -22.72
C ASP C 231 11.72 46.75 -22.48
N ASP C 232 12.49 45.73 -22.89
CA ASP C 232 13.96 45.74 -22.69
C ASP C 232 14.40 45.88 -21.24
N ASP C 233 13.61 45.34 -20.31
CA ASP C 233 13.89 45.38 -18.87
C ASP C 233 14.37 44.01 -18.40
N VAL C 234 14.97 43.29 -19.33
CA VAL C 234 15.47 41.95 -19.12
C VAL C 234 16.91 41.86 -19.60
N PRO C 235 17.81 41.21 -18.87
CA PRO C 235 19.19 41.00 -19.26
C PRO C 235 19.25 40.36 -20.63
N THR C 236 20.24 40.77 -21.43
CA THR C 236 20.42 40.33 -22.82
C THR C 236 20.21 38.86 -23.08
N ILE C 237 20.66 38.03 -22.18
CA ILE C 237 20.57 36.60 -22.29
C ILE C 237 19.14 36.19 -22.56
N LEU C 238 18.23 36.89 -21.92
CA LEU C 238 16.83 36.64 -22.02
C LEU C 238 16.10 37.76 -22.75
N GLN C 239 16.73 38.91 -22.86
CA GLN C 239 16.13 40.11 -23.42
C GLN C 239 15.64 39.91 -24.82
N GLY C 240 16.37 39.12 -25.59
CA GLY C 240 15.95 38.90 -26.97
C GLY C 240 15.01 37.71 -27.12
N ALA C 241 14.60 37.11 -26.02
CA ALA C 241 13.81 35.89 -26.09
C ALA C 241 12.39 36.04 -26.60
N LYS C 242 11.92 34.96 -27.21
CA LYS C 242 10.52 34.85 -27.61
C LYS C 242 9.83 33.78 -26.80
N LEU C 243 8.74 34.15 -26.12
CA LEU C 243 7.99 33.26 -25.25
C LEU C 243 6.76 32.67 -25.88
N PHE C 244 6.67 31.34 -25.84
CA PHE C 244 5.57 30.62 -26.44
C PHE C 244 4.73 29.75 -25.54
N SER C 245 3.43 29.98 -25.59
CA SER C 245 2.55 29.12 -24.82
C SER C 245 2.47 27.80 -25.50
N LEU C 246 2.64 26.72 -24.77
CA LEU C 246 2.47 25.40 -25.33
C LEU C 246 1.09 24.92 -24.94
N ASP C 247 0.59 23.87 -25.57
CA ASP C 247 -0.73 23.37 -25.22
C ASP C 247 -0.94 21.91 -25.53
N LEU C 248 -1.90 21.35 -24.82
CA LEU C 248 -2.37 20.00 -25.02
C LEU C 248 -2.74 19.79 -26.46
N ALA C 249 -3.38 20.81 -27.01
CA ALA C 249 -3.83 20.79 -28.37
C ALA C 249 -2.71 20.50 -29.35
N ALA C 250 -1.51 20.98 -29.06
CA ALA C 250 -0.42 20.77 -30.00
C ALA C 250 -0.08 19.30 -30.17
N LEU C 251 -0.19 18.53 -29.08
CA LEU C 251 0.16 17.11 -29.07
C LEU C 251 -1.02 16.17 -29.14
N THR C 252 -2.19 16.66 -28.80
CA THR C 252 -3.36 15.79 -28.77
C THR C 252 -4.29 16.11 -29.91
N ALA C 253 -4.89 17.30 -29.87
CA ALA C 253 -5.81 17.69 -30.91
C ALA C 253 -5.12 17.72 -32.27
N GLY C 254 -3.85 18.14 -32.26
CA GLY C 254 -2.99 18.25 -33.43
C GLY C 254 -2.30 16.94 -33.80
N ALA C 255 -2.66 15.86 -33.14
CA ALA C 255 -2.07 14.55 -33.37
C ALA C 255 -3.15 13.53 -33.68
N LYS C 256 -3.94 13.22 -32.67
CA LYS C 256 -5.01 12.22 -32.70
C LYS C 256 -4.57 10.78 -32.98
N TYR C 257 -3.27 10.51 -32.84
CA TYR C 257 -2.74 9.15 -32.94
C TYR C 257 -1.71 8.98 -31.85
N LYS C 258 -1.57 7.78 -31.33
CA LYS C 258 -0.66 7.53 -30.21
C LYS C 258 0.74 8.11 -30.36
N GLY C 259 1.37 7.92 -31.51
CA GLY C 259 2.73 8.42 -31.69
C GLY C 259 2.81 9.82 -32.27
N ASP C 260 1.67 10.43 -32.57
CA ASP C 260 1.76 11.73 -33.19
C ASP C 260 2.00 12.79 -32.12
N PHE C 261 1.85 12.39 -30.87
CA PHE C 261 2.18 13.29 -29.77
C PHE C 261 3.67 13.52 -29.86
N GLU C 262 4.39 12.44 -30.17
CA GLU C 262 5.83 12.50 -30.23
C GLU C 262 6.22 13.38 -31.38
N GLU C 263 5.54 13.18 -32.50
CA GLU C 263 5.91 13.93 -33.69
C GLU C 263 5.62 15.39 -33.52
N ARG C 264 4.52 15.69 -32.87
CA ARG C 264 4.21 17.09 -32.70
C ARG C 264 5.23 17.73 -31.79
N PHE C 265 5.63 17.02 -30.75
CA PHE C 265 6.58 17.61 -29.85
C PHE C 265 7.94 17.71 -30.49
N LYS C 266 8.34 16.68 -31.22
CA LYS C 266 9.63 16.73 -31.88
C LYS C 266 9.62 17.87 -32.87
N GLY C 267 8.47 18.11 -33.50
CA GLY C 267 8.33 19.23 -34.40
C GLY C 267 8.73 20.47 -33.65
N VAL C 268 8.16 20.66 -32.48
CA VAL C 268 8.49 21.81 -31.68
C VAL C 268 9.96 21.85 -31.35
N LEU C 269 10.48 20.74 -30.90
CA LEU C 269 11.86 20.76 -30.50
C LEU C 269 12.77 21.12 -31.63
N LYS C 270 12.49 20.63 -32.81
CA LYS C 270 13.33 20.95 -33.94
C LYS C 270 13.17 22.40 -34.33
N GLU C 271 11.94 22.83 -34.53
CA GLU C 271 11.73 24.19 -34.99
C GLU C 271 12.28 25.18 -34.00
N ILE C 272 12.13 24.88 -32.74
CA ILE C 272 12.60 25.79 -31.74
C ILE C 272 14.10 25.71 -31.55
N GLU C 273 14.64 24.51 -31.41
CA GLU C 273 16.07 24.37 -31.17
C GLU C 273 16.89 24.99 -32.28
N GLU C 274 16.41 24.86 -33.50
CA GLU C 274 17.15 25.35 -34.65
C GLU C 274 16.94 26.81 -35.00
N SER C 275 16.16 27.59 -34.24
CA SER C 275 15.96 28.95 -34.74
C SER C 275 15.80 30.07 -33.73
N LYS C 276 16.04 31.28 -34.24
CA LYS C 276 15.85 32.54 -33.54
C LYS C 276 16.59 32.65 -32.24
N THR C 277 17.76 32.04 -32.14
CA THR C 277 18.54 32.14 -30.91
C THR C 277 17.76 31.88 -29.60
N LEU C 278 17.17 32.91 -29.05
CA LEU C 278 16.53 32.85 -27.76
C LEU C 278 15.02 32.60 -27.75
N ILE C 279 14.67 31.39 -27.37
CA ILE C 279 13.28 31.00 -27.28
C ILE C 279 12.97 30.35 -25.96
N VAL C 280 11.89 30.78 -25.35
CA VAL C 280 11.43 30.20 -24.11
C VAL C 280 10.04 29.65 -24.34
N LEU C 281 9.83 28.46 -23.90
CA LEU C 281 8.54 27.84 -24.09
C LEU C 281 7.85 27.75 -22.76
N PHE C 282 6.54 27.60 -22.72
CA PHE C 282 6.01 27.33 -21.41
C PHE C 282 4.78 26.48 -21.31
N ILE C 283 4.67 25.81 -20.18
CA ILE C 283 3.55 24.96 -19.89
C ILE C 283 2.90 25.39 -18.60
N ASP C 284 1.68 25.83 -18.69
CA ASP C 284 1.03 26.31 -17.48
C ASP C 284 0.46 25.15 -16.65
N GLU C 285 0.54 23.99 -17.24
CA GLU C 285 0.03 22.74 -16.73
C GLU C 285 1.14 21.72 -16.77
N ILE C 286 2.23 21.90 -16.04
CA ILE C 286 3.34 20.97 -16.23
C ILE C 286 2.94 19.52 -15.93
N HIS C 287 1.99 19.33 -15.05
CA HIS C 287 1.47 18.00 -14.73
C HIS C 287 0.87 17.29 -15.94
N MET C 288 0.41 18.10 -16.91
CA MET C 288 -0.18 17.66 -18.15
C MET C 288 0.79 16.88 -18.95
N LEU C 289 2.06 17.26 -18.82
CA LEU C 289 3.08 16.63 -19.59
C LEU C 289 3.15 15.35 -18.88
N MET C 290 3.66 14.32 -19.48
CA MET C 290 3.72 13.03 -18.79
C MET C 290 2.31 12.44 -18.79
N GLY C 291 1.45 13.00 -17.96
CA GLY C 291 0.09 12.55 -17.83
C GLY C 291 0.10 11.19 -17.16
N ASN C 292 -1.06 10.58 -17.05
CA ASN C 292 -1.06 9.27 -16.43
C ASN C 292 -0.43 8.30 -17.40
N GLY C 293 0.53 7.52 -16.91
CA GLY C 293 1.23 6.57 -17.75
C GLY C 293 2.52 7.16 -18.36
N LYS C 294 2.71 8.47 -18.22
CA LYS C 294 3.89 9.20 -18.72
C LYS C 294 3.99 9.28 -20.26
N ASP C 295 3.99 8.12 -20.93
CA ASP C 295 3.99 7.98 -22.39
C ASP C 295 4.90 8.91 -23.15
N ASP C 296 6.01 9.32 -22.57
CA ASP C 296 6.83 10.35 -23.20
C ASP C 296 5.99 11.44 -23.81
N ALA C 297 4.99 11.89 -23.07
CA ALA C 297 4.19 13.00 -23.52
C ALA C 297 5.00 14.24 -23.29
N ALA C 298 5.96 14.45 -24.21
CA ALA C 298 6.97 15.53 -24.19
C ALA C 298 8.04 15.32 -23.12
N ASN C 299 7.64 14.76 -22.00
CA ASN C 299 8.45 14.69 -20.81
C ASN C 299 9.77 13.99 -20.91
N ILE C 300 9.99 13.10 -21.87
CA ILE C 300 11.33 12.55 -22.00
C ILE C 300 12.05 13.26 -23.11
N LEU C 301 11.34 13.52 -24.19
CA LEU C 301 11.95 14.21 -25.30
C LEU C 301 12.53 15.54 -24.86
N LYS C 302 11.88 16.22 -23.95
CA LYS C 302 12.45 17.47 -23.56
C LYS C 302 13.80 17.24 -22.85
N PRO C 303 13.91 16.39 -21.81
CA PRO C 303 15.17 16.03 -21.21
C PRO C 303 16.18 15.59 -22.21
N ALA C 304 15.75 14.90 -23.27
CA ALA C 304 16.69 14.43 -24.28
C ALA C 304 17.46 15.59 -24.87
N LEU C 305 16.79 16.71 -25.07
CA LEU C 305 17.46 17.87 -25.63
C LEU C 305 17.60 18.99 -24.63
N SER C 306 17.36 18.72 -23.35
CA SER C 306 17.39 19.77 -22.35
C SER C 306 18.70 20.50 -22.20
N ARG C 307 19.82 19.92 -22.62
CA ARG C 307 21.05 20.68 -22.54
C ARG C 307 21.11 21.70 -23.66
N GLY C 308 20.35 21.48 -24.74
CA GLY C 308 20.36 22.32 -25.93
C GLY C 308 19.48 23.56 -25.77
N GLN C 309 19.76 24.35 -24.75
CA GLN C 309 18.92 25.50 -24.43
C GLN C 309 17.47 25.07 -24.34
N LEU C 310 16.62 25.54 -25.26
CA LEU C 310 15.21 25.19 -25.16
C LEU C 310 14.67 25.50 -23.77
N LYS C 311 14.93 26.71 -23.30
CA LYS C 311 14.49 27.05 -21.97
C LYS C 311 13.00 26.96 -21.87
N VAL C 312 12.52 26.47 -20.74
CA VAL C 312 11.10 26.35 -20.57
C VAL C 312 10.66 26.57 -19.14
N ILE C 313 9.52 27.20 -19.00
CA ILE C 313 8.93 27.37 -17.68
C ILE C 313 7.67 26.56 -17.56
N GLY C 314 7.51 25.89 -16.44
CA GLY C 314 6.30 25.09 -16.21
C GLY C 314 5.49 25.67 -15.05
N ALA C 315 4.44 24.98 -14.65
CA ALA C 315 3.63 25.44 -13.54
C ALA C 315 2.62 24.40 -13.09
N THR C 316 2.29 24.42 -11.81
CA THR C 316 1.25 23.56 -11.25
C THR C 316 0.93 23.84 -9.79
N THR C 317 -0.23 23.36 -9.37
CA THR C 317 -0.58 23.37 -7.97
C THR C 317 0.52 22.66 -7.22
N ASN C 318 1.02 23.29 -6.18
CA ASN C 318 2.11 22.75 -5.37
C ASN C 318 1.90 21.31 -4.97
N ASN C 319 0.67 20.97 -4.63
CA ASN C 319 0.39 19.62 -4.22
C ASN C 319 0.70 18.64 -5.35
N GLU C 320 0.37 19.04 -6.56
CA GLU C 320 0.67 18.19 -7.69
C GLU C 320 2.13 18.25 -7.96
N TYR C 321 2.73 19.41 -7.81
CA TYR C 321 4.13 19.53 -8.11
C TYR C 321 4.88 18.51 -7.33
N ARG C 322 4.63 18.49 -6.04
CA ARG C 322 5.28 17.53 -5.20
C ARG C 322 5.12 16.15 -5.79
N SER C 323 3.89 15.81 -6.15
CA SER C 323 3.66 14.50 -6.71
C SER C 323 4.48 14.31 -7.97
N ILE C 324 4.58 15.33 -8.79
CA ILE C 324 5.31 15.21 -10.04
C ILE C 324 6.76 14.91 -9.76
N VAL C 325 7.33 15.61 -8.79
CA VAL C 325 8.72 15.37 -8.47
C VAL C 325 8.90 13.93 -8.09
N GLU C 326 8.05 13.45 -7.22
CA GLU C 326 8.15 12.10 -6.75
C GLU C 326 7.90 11.08 -7.88
N LYS C 327 6.96 11.39 -8.76
CA LYS C 327 6.61 10.52 -9.88
C LYS C 327 7.68 10.43 -10.95
N ASP C 328 8.29 11.57 -11.28
CA ASP C 328 9.26 11.65 -12.36
C ASP C 328 10.70 11.68 -11.92
N GLY C 329 11.04 12.54 -10.97
CA GLY C 329 12.42 12.66 -10.52
C GLY C 329 13.34 13.43 -11.48
N ALA C 330 13.49 12.93 -12.69
CA ALA C 330 14.43 13.50 -13.64
C ALA C 330 14.24 14.98 -13.96
N PHE C 331 13.02 15.43 -14.16
CA PHE C 331 12.83 16.85 -14.47
C PHE C 331 13.33 17.72 -13.31
N GLU C 332 13.40 17.18 -12.10
CA GLU C 332 13.84 17.89 -10.92
C GLU C 332 15.25 18.41 -11.14
N ARG C 333 16.00 17.71 -11.97
CA ARG C 333 17.37 18.05 -12.24
C ARG C 333 17.47 19.13 -13.30
N ARG C 334 16.32 19.57 -13.79
CA ARG C 334 16.27 20.55 -14.83
C ARG C 334 15.43 21.73 -14.42
N PHE C 335 14.41 21.47 -13.59
CA PHE C 335 13.48 22.52 -13.21
C PHE C 335 13.61 23.08 -11.82
N GLN C 336 13.37 24.38 -11.74
CA GLN C 336 13.47 25.13 -10.49
C GLN C 336 12.14 25.63 -10.01
N LYS C 337 11.58 24.95 -9.06
CA LYS C 337 10.29 25.42 -8.63
C LYS C 337 10.44 26.80 -8.06
N ILE C 338 9.49 27.64 -8.34
CA ILE C 338 9.39 28.94 -7.76
C ILE C 338 8.14 28.98 -6.97
N GLU C 339 8.27 29.24 -5.70
CA GLU C 339 7.09 29.25 -4.91
C GLU C 339 6.34 30.52 -5.16
N VAL C 340 5.07 30.40 -5.44
CA VAL C 340 4.28 31.58 -5.64
C VAL C 340 3.14 31.46 -4.66
N ALA C 341 2.45 32.53 -4.35
CA ALA C 341 1.39 32.37 -3.39
C ALA C 341 0.29 33.38 -3.56
N GLU C 342 -0.85 33.03 -3.04
CA GLU C 342 -1.99 33.90 -3.06
C GLU C 342 -1.56 35.21 -2.41
N PRO C 343 -1.84 36.36 -3.03
CA PRO C 343 -1.49 37.68 -2.57
C PRO C 343 -2.30 38.08 -1.37
N SER C 344 -1.86 39.11 -0.70
CA SER C 344 -2.63 39.61 0.43
C SER C 344 -3.84 40.32 -0.07
N VAL C 345 -4.73 40.63 0.85
CA VAL C 345 -5.91 41.37 0.51
C VAL C 345 -5.56 42.72 -0.02
N ARG C 346 -4.65 43.41 0.63
CA ARG C 346 -4.31 44.72 0.12
C ARG C 346 -3.69 44.60 -1.24
N GLN C 347 -2.86 43.57 -1.45
CA GLN C 347 -2.27 43.41 -2.75
C GLN C 347 -3.35 43.14 -3.73
N THR C 348 -4.32 42.36 -3.32
CA THR C 348 -5.40 42.06 -4.20
C THR C 348 -6.12 43.29 -4.57
N VAL C 349 -6.39 44.17 -3.63
CA VAL C 349 -7.11 45.34 -4.02
C VAL C 349 -6.30 46.11 -5.03
N ALA C 350 -5.00 46.22 -4.82
CA ALA C 350 -4.19 46.92 -5.79
C ALA C 350 -4.34 46.27 -7.16
N ILE C 351 -4.41 44.95 -7.18
CA ILE C 351 -4.57 44.24 -8.41
C ILE C 351 -5.89 44.58 -9.00
N LEU C 352 -6.92 44.59 -8.17
CA LEU C 352 -8.23 44.84 -8.65
C LEU C 352 -8.26 46.20 -9.28
N ARG C 353 -7.59 47.16 -8.66
CA ARG C 353 -7.53 48.50 -9.17
C ARG C 353 -6.86 48.50 -10.53
N GLY C 354 -5.79 47.71 -10.65
CA GLY C 354 -5.07 47.62 -11.91
C GLY C 354 -5.94 47.06 -13.01
N LEU C 355 -6.82 46.15 -12.64
CA LEU C 355 -7.69 45.53 -13.61
C LEU C 355 -9.04 46.20 -13.70
N GLN C 356 -9.34 47.05 -12.74
CA GLN C 356 -10.58 47.77 -12.70
C GLN C 356 -11.00 48.34 -14.04
N PRO C 357 -10.16 49.08 -14.78
CA PRO C 357 -10.53 49.64 -16.04
C PRO C 357 -10.95 48.62 -17.05
N LYS C 358 -10.51 47.38 -16.92
CA LYS C 358 -10.90 46.44 -17.93
C LYS C 358 -12.36 46.10 -17.73
N TYR C 359 -12.78 46.15 -16.48
CA TYR C 359 -14.16 45.84 -16.17
C TYR C 359 -14.99 47.04 -16.45
N GLU C 360 -14.46 48.20 -16.11
CA GLU C 360 -15.17 49.45 -16.32
C GLU C 360 -15.58 49.45 -17.78
N ILE C 361 -14.60 49.19 -18.63
CA ILE C 361 -14.77 49.17 -20.06
C ILE C 361 -15.65 48.06 -20.54
N HIS C 362 -15.39 46.85 -20.09
CA HIS C 362 -16.15 45.72 -20.56
C HIS C 362 -17.62 45.89 -20.29
N HIS C 363 -17.95 46.25 -19.07
CA HIS C 363 -19.33 46.35 -18.67
C HIS C 363 -19.93 47.73 -18.83
N GLY C 364 -19.12 48.77 -18.84
CA GLY C 364 -19.64 50.13 -18.91
C GLY C 364 -20.24 50.53 -17.60
N VAL C 365 -19.67 50.00 -16.54
CA VAL C 365 -20.17 50.20 -15.19
C VAL C 365 -19.10 50.83 -14.34
N ARG C 366 -19.44 51.89 -13.62
CA ARG C 366 -18.40 52.50 -12.80
C ARG C 366 -18.12 51.59 -11.62
N ILE C 367 -16.93 51.57 -11.12
CA ILE C 367 -16.69 50.77 -9.93
C ILE C 367 -16.22 51.63 -8.78
N LEU C 368 -16.85 51.51 -7.61
CA LEU C 368 -16.40 52.30 -6.48
C LEU C 368 -15.10 51.73 -5.94
N ASP C 369 -14.15 52.57 -5.53
CA ASP C 369 -12.92 51.96 -5.00
C ASP C 369 -13.23 51.08 -3.79
N SER C 370 -14.19 51.50 -2.98
CA SER C 370 -14.54 50.71 -1.81
C SER C 370 -15.11 49.38 -2.25
N ALA C 371 -15.64 49.34 -3.45
CA ALA C 371 -16.21 48.13 -3.91
C ALA C 371 -15.12 47.15 -4.12
N LEU C 372 -14.02 47.61 -4.68
CA LEU C 372 -12.94 46.70 -4.95
C LEU C 372 -12.44 46.15 -3.64
N VAL C 373 -12.42 47.03 -2.65
CA VAL C 373 -11.99 46.61 -1.35
C VAL C 373 -12.90 45.56 -0.82
N THR C 374 -14.18 45.79 -0.92
CA THR C 374 -15.05 44.80 -0.38
C THR C 374 -14.99 43.54 -1.18
N ALA C 375 -14.70 43.59 -2.46
CA ALA C 375 -14.65 42.33 -3.18
C ALA C 375 -13.60 41.45 -2.54
N ALA C 376 -12.45 42.03 -2.27
CA ALA C 376 -11.38 41.24 -1.70
C ALA C 376 -11.78 40.75 -0.31
N GLN C 377 -12.41 41.62 0.45
CA GLN C 377 -12.78 41.25 1.79
C GLN C 377 -13.74 40.12 1.75
N LEU C 378 -14.64 40.19 0.80
CA LEU C 378 -15.62 39.19 0.68
C LEU C 378 -15.03 37.90 0.24
N ALA C 379 -14.11 37.95 -0.69
CA ALA C 379 -13.59 36.67 -1.13
C ALA C 379 -13.05 35.88 0.05
N LYS C 380 -12.41 36.58 0.97
CA LYS C 380 -11.86 35.97 2.15
C LYS C 380 -12.83 35.29 3.11
N ARG C 381 -14.13 35.51 3.02
CA ARG C 381 -15.02 34.81 3.94
C ARG C 381 -16.14 34.17 3.17
N TYR C 382 -16.29 34.61 1.95
CA TYR C 382 -17.40 34.23 1.12
C TYR C 382 -17.08 33.23 0.04
N LEU C 383 -15.85 33.25 -0.47
CA LEU C 383 -15.52 32.30 -1.51
C LEU C 383 -14.27 31.63 -1.07
N PRO C 384 -14.29 31.08 0.13
CA PRO C 384 -13.12 30.72 0.90
C PRO C 384 -12.19 29.70 0.30
N TYR C 385 -12.60 29.01 -0.74
CA TYR C 385 -11.75 27.98 -1.32
C TYR C 385 -11.28 28.36 -2.70
N ARG C 386 -11.73 29.50 -3.18
CA ARG C 386 -11.32 29.96 -4.47
C ARG C 386 -10.15 30.88 -4.20
N ARG C 387 -9.23 31.06 -5.14
CA ARG C 387 -8.14 31.96 -4.80
C ARG C 387 -8.51 33.40 -4.89
N LEU C 388 -8.07 34.16 -3.91
CA LEU C 388 -8.41 35.55 -3.71
C LEU C 388 -8.36 36.47 -4.92
N PRO C 389 -7.34 36.51 -5.74
CA PRO C 389 -7.33 37.47 -6.78
C PRO C 389 -8.37 37.14 -7.82
N ASP C 390 -8.32 36.00 -8.47
CA ASP C 390 -9.44 35.82 -9.36
C ASP C 390 -10.76 35.81 -8.67
N SER C 391 -10.82 35.35 -7.46
CA SER C 391 -12.11 35.29 -6.84
C SER C 391 -12.66 36.67 -6.67
N ALA C 392 -11.82 37.59 -6.26
CA ALA C 392 -12.30 38.92 -6.10
C ALA C 392 -12.71 39.42 -7.47
N LEU C 393 -11.92 39.08 -8.48
CA LEU C 393 -12.27 39.52 -9.81
C LEU C 393 -13.56 38.89 -10.24
N ASP C 394 -13.84 37.67 -9.79
CA ASP C 394 -15.06 37.00 -10.15
C ASP C 394 -16.18 37.81 -9.56
N LEU C 395 -15.99 38.24 -8.32
CA LEU C 395 -17.03 39.02 -7.71
C LEU C 395 -17.23 40.27 -8.50
N VAL C 396 -16.16 40.88 -8.93
CA VAL C 396 -16.27 42.10 -9.68
C VAL C 396 -16.98 41.89 -10.96
N ASP C 397 -16.58 40.89 -11.69
CA ASP C 397 -17.09 40.64 -13.00
C ASP C 397 -18.56 40.38 -12.87
N ILE C 398 -18.91 39.50 -11.94
CA ILE C 398 -20.29 39.13 -11.74
C ILE C 398 -21.10 40.31 -11.29
N SER C 399 -20.58 41.06 -10.35
CA SER C 399 -21.29 42.19 -9.83
C SER C 399 -21.57 43.18 -10.93
N CYS C 400 -20.57 43.40 -11.75
CA CYS C 400 -20.70 44.33 -12.83
C CYS C 400 -21.75 43.84 -13.77
N ALA C 401 -21.73 42.54 -14.05
CA ALA C 401 -22.71 42.00 -14.95
C ALA C 401 -24.08 42.24 -14.40
N GLY C 402 -24.23 42.09 -13.10
CA GLY C 402 -25.51 42.30 -12.47
C GLY C 402 -26.00 43.69 -12.77
N VAL C 403 -25.14 44.65 -12.53
CA VAL C 403 -25.52 46.01 -12.74
C VAL C 403 -25.83 46.24 -14.20
N ALA C 404 -24.98 45.74 -15.08
CA ALA C 404 -25.16 45.94 -16.50
C ALA C 404 -26.48 45.35 -16.98
N VAL C 405 -26.84 44.20 -16.45
CA VAL C 405 -28.07 43.59 -16.84
C VAL C 405 -29.22 44.46 -16.42
N ALA C 406 -29.20 44.94 -15.19
CA ALA C 406 -30.28 45.79 -14.78
C ALA C 406 -30.32 47.05 -15.63
N ARG C 407 -29.15 47.64 -15.83
CA ARG C 407 -28.97 48.87 -16.57
C ARG C 407 -29.56 48.89 -17.95
N ASP C 408 -29.32 47.83 -18.70
CA ASP C 408 -29.73 47.81 -20.09
C ASP C 408 -31.10 47.22 -20.32
N SER C 409 -31.84 47.03 -19.24
CA SER C 409 -33.16 46.44 -19.31
C SER C 409 -34.14 47.33 -18.56
N LYS C 410 -34.05 47.29 -17.25
CA LYS C 410 -34.84 48.04 -16.28
C LYS C 410 -36.38 47.90 -16.38
N PRO C 411 -36.96 46.71 -16.62
CA PRO C 411 -38.38 46.51 -16.75
C PRO C 411 -39.12 46.62 -15.44
N GLU C 412 -38.46 46.46 -14.31
CA GLU C 412 -39.24 46.50 -13.10
C GLU C 412 -39.92 47.85 -12.94
N GLU C 413 -39.16 48.93 -13.08
CA GLU C 413 -39.80 50.22 -12.95
C GLU C 413 -40.52 50.59 -14.23
N LEU C 414 -39.90 50.32 -15.36
CA LEU C 414 -40.49 50.81 -16.58
C LEU C 414 -41.76 50.07 -16.97
N ASP C 415 -41.76 48.74 -16.86
CA ASP C 415 -42.93 48.02 -17.27
C ASP C 415 -44.00 48.14 -16.21
N SER C 416 -43.61 48.14 -14.91
CA SER C 416 -44.64 48.25 -13.90
C SER C 416 -45.37 49.55 -14.07
N LYS C 417 -44.65 50.66 -14.24
CA LYS C 417 -45.37 51.90 -14.35
C LYS C 417 -46.23 51.99 -15.61
N GLU C 418 -45.81 51.41 -16.75
CA GLU C 418 -46.74 51.49 -17.88
C GLU C 418 -48.02 50.72 -17.56
N ARG C 419 -47.87 49.60 -16.85
CA ARG C 419 -49.02 48.80 -16.45
C ARG C 419 -49.89 49.58 -15.46
N GLN C 420 -49.26 50.36 -14.57
CA GLN C 420 -50.01 51.17 -13.60
C GLN C 420 -50.87 52.21 -14.32
N LEU C 421 -50.35 52.78 -15.41
CA LEU C 421 -51.13 53.72 -16.19
C LEU C 421 -52.35 53.02 -16.75
N GLN C 422 -52.15 51.84 -17.33
CA GLN C 422 -53.28 51.16 -17.91
C GLN C 422 -54.34 50.87 -16.83
N LEU C 423 -53.91 50.49 -15.63
CA LEU C 423 -54.85 50.20 -14.56
C LEU C 423 -55.61 51.44 -14.07
N ILE C 424 -54.93 52.59 -13.93
CA ILE C 424 -55.63 53.78 -13.47
C ILE C 424 -56.60 54.25 -14.54
N GLN C 425 -56.27 54.04 -15.82
CA GLN C 425 -57.19 54.43 -16.87
C GLN C 425 -58.48 53.62 -16.78
N VAL C 426 -58.36 52.33 -16.42
CA VAL C 426 -59.56 51.52 -16.25
C VAL C 426 -60.40 52.04 -15.09
N GLU C 427 -59.74 52.31 -13.94
CA GLU C 427 -60.46 52.82 -12.77
C GLU C 427 -61.19 54.12 -13.09
N ILE C 428 -60.51 55.04 -13.78
CA ILE C 428 -61.11 56.32 -14.12
C ILE C 428 -62.32 56.14 -14.99
N LYS C 429 -62.24 55.32 -16.02
CA LYS C 429 -63.39 55.11 -16.88
C LYS C 429 -64.54 54.47 -16.10
N ALA C 430 -64.22 53.53 -15.21
CA ALA C 430 -65.26 52.90 -14.42
C ALA C 430 -65.98 53.92 -13.54
N LEU C 431 -65.21 54.83 -12.94
CA LEU C 431 -65.77 55.85 -12.08
C LEU C 431 -66.54 56.92 -12.84
N GLU C 432 -66.09 57.24 -14.05
CA GLU C 432 -66.71 58.26 -14.89
C GLU C 432 -68.10 57.83 -15.39
N ARG C 433 -68.27 56.54 -15.69
CA ARG C 433 -69.57 56.06 -16.18
C ARG C 433 -70.15 54.88 -15.38
N ASP C 434 -70.81 55.22 -14.28
CA ASP C 434 -71.44 54.31 -13.32
C ASP C 434 -72.52 55.05 -12.54
N GLU C 435 -73.25 54.32 -11.70
CA GLU C 435 -74.34 54.90 -10.90
C GLU C 435 -73.87 56.00 -9.96
N ASP C 436 -72.64 55.90 -9.48
CA ASP C 436 -72.09 56.86 -8.53
C ASP C 436 -71.35 58.01 -9.22
N ALA C 437 -71.30 58.01 -10.56
CA ALA C 437 -70.53 59.02 -11.30
C ALA C 437 -70.97 60.45 -11.01
N ASP C 438 -72.27 60.64 -10.73
CA ASP C 438 -72.82 61.96 -10.46
C ASP C 438 -73.04 62.23 -8.97
N SER C 439 -72.48 61.39 -8.10
CA SER C 439 -72.67 61.54 -6.66
C SER C 439 -71.49 62.16 -5.93
N THR C 440 -71.63 62.21 -4.61
CA THR C 440 -70.62 62.62 -3.67
C THR C 440 -69.75 61.40 -3.41
N THR C 441 -70.42 60.25 -3.37
CA THR C 441 -69.71 59.01 -3.11
C THR C 441 -68.70 58.84 -4.24
N LYS C 442 -67.42 58.69 -3.88
CA LYS C 442 -66.31 58.58 -4.84
C LYS C 442 -66.14 59.82 -5.75
N ASP C 443 -66.40 61.02 -5.21
CA ASP C 443 -66.17 62.28 -5.97
C ASP C 443 -64.69 62.66 -6.05
N ARG C 444 -63.83 61.75 -5.55
CA ARG C 444 -62.39 61.88 -5.56
C ARG C 444 -61.80 61.45 -6.90
N LEU C 445 -62.67 61.11 -7.86
CA LEU C 445 -62.23 60.76 -9.22
C LEU C 445 -61.15 61.69 -9.79
N LYS C 446 -61.27 63.00 -9.57
CA LYS C 446 -60.29 63.92 -10.13
C LYS C 446 -58.84 63.58 -9.69
N LEU C 447 -58.68 62.91 -8.56
CA LEU C 447 -57.35 62.58 -8.06
C LEU C 447 -56.81 61.40 -8.85
N ALA C 448 -57.71 60.53 -9.32
CA ALA C 448 -57.31 59.39 -10.12
C ALA C 448 -56.78 59.94 -11.42
N ARG C 449 -57.45 60.98 -11.91
CA ARG C 449 -57.06 61.64 -13.14
C ARG C 449 -55.70 62.33 -12.97
N GLN C 450 -55.41 62.87 -11.77
CA GLN C 450 -54.09 63.46 -11.55
C GLN C 450 -53.03 62.36 -11.68
N LYS C 451 -53.33 61.16 -11.16
CA LYS C 451 -52.39 60.04 -11.27
C LYS C 451 -52.21 59.64 -12.73
N GLU C 452 -53.32 59.52 -13.47
CA GLU C 452 -53.22 59.16 -14.88
C GLU C 452 -52.37 60.13 -15.64
N ALA C 453 -52.65 61.42 -15.46
CA ALA C 453 -51.90 62.46 -16.15
C ALA C 453 -50.44 62.41 -15.78
N SER C 454 -50.14 62.19 -14.49
CA SER C 454 -48.77 62.14 -14.05
C SER C 454 -48.04 61.02 -14.75
N LEU C 455 -48.68 59.84 -14.84
CA LEU C 455 -48.07 58.70 -15.51
C LEU C 455 -47.98 58.91 -17.01
N GLN C 456 -48.99 59.54 -17.60
CA GLN C 456 -48.95 59.75 -19.04
C GLN C 456 -47.73 60.61 -19.40
N GLU C 457 -47.41 61.60 -18.56
CA GLU C 457 -46.24 62.42 -18.79
C GLU C 457 -44.93 61.77 -18.32
N GLU C 458 -44.97 61.04 -17.19
CA GLU C 458 -43.79 60.40 -16.58
C GLU C 458 -43.17 59.22 -17.34
N LEU C 459 -44.00 58.33 -17.84
CA LEU C 459 -43.49 57.07 -18.37
C LEU C 459 -42.47 57.13 -19.48
N GLU C 460 -42.69 57.95 -20.50
CA GLU C 460 -41.66 57.94 -21.51
C GLU C 460 -40.39 58.57 -20.94
N PRO C 461 -40.46 59.67 -20.15
CA PRO C 461 -39.31 60.20 -19.47
C PRO C 461 -38.64 59.19 -18.56
N LEU C 462 -39.33 58.19 -18.06
CA LEU C 462 -38.57 57.23 -17.27
C LEU C 462 -37.69 56.45 -18.21
N ARG C 463 -38.24 56.07 -19.36
CA ARG C 463 -37.45 55.30 -20.30
C ARG C 463 -36.31 56.14 -20.84
N GLN C 464 -36.62 57.39 -21.15
CA GLN C 464 -35.63 58.28 -21.72
C GLN C 464 -34.63 58.75 -20.71
N ARG C 465 -35.08 59.14 -19.52
CA ARG C 465 -34.19 59.62 -18.48
C ARG C 465 -33.23 58.53 -18.10
N TYR C 466 -33.72 57.31 -17.93
CA TYR C 466 -32.81 56.25 -17.57
C TYR C 466 -31.84 56.03 -18.70
N ASN C 467 -32.31 56.12 -19.94
CA ASN C 467 -31.39 56.01 -21.04
C ASN C 467 -30.44 57.23 -21.06
N GLU C 468 -30.87 58.41 -20.60
CA GLU C 468 -29.97 59.57 -20.55
C GLU C 468 -28.86 59.29 -19.56
N GLU C 469 -29.24 58.67 -18.43
CA GLU C 469 -28.26 58.36 -17.42
C GLU C 469 -27.28 57.40 -18.03
N LYS C 470 -27.84 56.40 -18.73
CA LYS C 470 -27.07 55.38 -19.41
C LYS C 470 -26.13 56.01 -20.39
N HIS C 471 -26.63 56.93 -21.19
CA HIS C 471 -25.79 57.55 -22.19
C HIS C 471 -24.67 58.28 -21.51
N GLY C 472 -24.94 58.95 -20.38
CA GLY C 472 -23.86 59.63 -19.69
C GLY C 472 -22.80 58.61 -19.27
N HIS C 473 -23.24 57.43 -18.85
CA HIS C 473 -22.35 56.36 -18.43
C HIS C 473 -21.67 55.71 -19.63
N GLU C 474 -22.34 55.66 -20.78
CA GLU C 474 -21.74 55.08 -21.96
C GLU C 474 -20.63 55.99 -22.42
N GLU C 475 -20.90 57.29 -22.46
CA GLU C 475 -19.91 58.23 -22.91
C GLU C 475 -18.76 58.23 -21.93
N LEU C 476 -19.08 58.17 -20.63
CA LEU C 476 -18.09 58.15 -19.60
C LEU C 476 -17.23 56.92 -19.78
N THR C 477 -17.87 55.78 -20.01
CA THR C 477 -17.14 54.55 -20.22
C THR C 477 -16.25 54.66 -21.41
N GLN C 478 -16.76 55.20 -22.51
CA GLN C 478 -15.95 55.29 -23.69
C GLN C 478 -14.80 56.25 -23.46
N ALA C 479 -14.99 57.29 -22.66
CA ALA C 479 -13.91 58.21 -22.35
C ALA C 479 -12.80 57.50 -21.57
N LYS C 480 -13.20 56.63 -20.64
CA LYS C 480 -12.25 55.86 -19.85
C LYS C 480 -11.57 54.82 -20.75
N LYS C 481 -12.35 54.24 -21.67
CA LYS C 481 -11.85 53.26 -22.62
C LYS C 481 -10.82 53.94 -23.50
N LYS C 482 -11.19 55.13 -23.96
CA LYS C 482 -10.33 55.95 -24.80
C LYS C 482 -9.03 56.14 -24.10
N LEU C 483 -9.04 56.45 -22.82
CA LEU C 483 -7.77 56.63 -22.14
C LEU C 483 -6.98 55.36 -22.18
N ASP C 484 -7.58 54.24 -21.81
CA ASP C 484 -6.82 53.01 -21.78
C ASP C 484 -6.19 52.81 -23.15
N GLU C 485 -6.97 53.01 -24.21
CA GLU C 485 -6.46 52.82 -25.56
C GLU C 485 -5.37 53.83 -25.92
N LEU C 486 -5.53 55.08 -25.52
CA LEU C 486 -4.56 56.10 -25.85
C LEU C 486 -3.26 55.76 -25.18
N GLU C 487 -3.31 55.30 -23.94
CA GLU C 487 -2.12 54.91 -23.23
C GLU C 487 -1.56 53.60 -23.76
N ASN C 488 -2.40 52.67 -24.16
CA ASN C 488 -1.83 51.43 -24.66
C ASN C 488 -0.97 51.76 -25.87
N LYS C 489 -1.45 52.69 -26.70
CA LYS C 489 -0.69 53.05 -27.87
C LYS C 489 0.45 54.03 -27.54
N ALA C 490 0.23 54.98 -26.62
CA ALA C 490 1.27 55.94 -26.27
C ALA C 490 2.41 55.23 -25.62
N LEU C 491 2.10 54.30 -24.75
CA LEU C 491 3.10 53.58 -24.02
C LEU C 491 3.80 52.66 -24.98
N ASP C 492 3.08 52.13 -25.97
CA ASP C 492 3.76 51.33 -26.96
C ASP C 492 4.69 52.23 -27.75
N ALA C 493 4.26 53.47 -28.02
CA ALA C 493 5.12 54.37 -28.74
C ALA C 493 6.38 54.60 -27.92
N GLU C 494 6.23 54.78 -26.62
CA GLU C 494 7.39 55.00 -25.76
C GLU C 494 8.27 53.75 -25.78
N ARG C 495 7.64 52.58 -25.76
CA ARG C 495 8.35 51.30 -25.79
C ARG C 495 9.23 51.18 -27.02
N ARG C 496 8.70 51.63 -28.15
CA ARG C 496 9.37 51.58 -29.43
C ARG C 496 10.31 52.78 -29.62
N TYR C 497 10.44 53.58 -28.56
CA TYR C 497 11.25 54.79 -28.49
C TYR C 497 10.74 55.90 -29.39
N ASP C 498 9.47 55.82 -29.75
CA ASP C 498 8.85 56.86 -30.54
C ASP C 498 8.34 57.92 -29.63
N THR C 499 9.29 58.75 -29.22
CA THR C 499 9.00 59.80 -28.28
C THR C 499 8.23 60.94 -28.94
N ALA C 500 8.19 60.97 -30.27
CA ALA C 500 7.42 62.00 -30.96
C ALA C 500 5.93 61.68 -30.76
N THR C 501 5.56 60.43 -31.01
CA THR C 501 4.17 60.06 -30.78
C THR C 501 3.87 60.16 -29.30
N ALA C 502 4.78 59.71 -28.46
CA ALA C 502 4.46 59.86 -27.05
C ALA C 502 4.25 61.35 -26.71
N ALA C 503 5.12 62.23 -27.23
CA ALA C 503 4.99 63.65 -26.96
C ALA C 503 3.65 64.18 -27.42
N ASP C 504 3.14 63.68 -28.54
CA ASP C 504 1.85 64.12 -29.03
C ASP C 504 0.69 63.35 -28.40
N LEU C 505 0.66 62.05 -28.58
CA LEU C 505 -0.41 61.18 -28.13
C LEU C 505 -0.50 61.08 -26.63
N ARG C 506 0.63 60.82 -25.97
CA ARG C 506 0.57 60.70 -24.49
C ARG C 506 0.06 62.03 -23.99
N TYR C 507 0.64 63.08 -24.54
CA TYR C 507 0.13 64.39 -24.22
C TYR C 507 -1.32 64.61 -24.49
N PHE C 508 -1.81 64.30 -25.68
CA PHE C 508 -3.19 64.59 -25.96
C PHE C 508 -4.07 63.88 -25.01
N ALA C 509 -3.69 62.66 -24.68
CA ALA C 509 -4.49 61.89 -23.76
C ALA C 509 -4.67 62.63 -22.47
N ILE C 510 -3.67 63.37 -22.01
CA ILE C 510 -3.83 63.99 -20.72
C ILE C 510 -5.05 64.95 -20.59
N PRO C 511 -5.16 66.12 -21.26
CA PRO C 511 -6.35 66.94 -21.12
C PRO C 511 -7.53 66.33 -21.84
N ASP C 512 -7.29 65.47 -22.82
CA ASP C 512 -8.42 64.91 -23.52
C ASP C 512 -9.23 64.09 -22.57
N ILE C 513 -8.61 63.11 -21.96
CA ILE C 513 -9.35 62.28 -21.08
C ILE C 513 -9.64 63.00 -19.79
N LYS C 514 -8.74 63.83 -19.29
CA LYS C 514 -9.09 64.43 -18.03
C LYS C 514 -10.28 65.37 -18.16
N LYS C 515 -10.32 66.17 -19.22
CA LYS C 515 -11.45 67.08 -19.37
C LYS C 515 -12.68 66.30 -19.81
N GLN C 516 -12.50 65.31 -20.69
CA GLN C 516 -13.64 64.55 -21.17
C GLN C 516 -14.25 63.76 -20.03
N ILE C 517 -13.43 62.99 -19.33
CA ILE C 517 -13.95 62.16 -18.28
C ILE C 517 -14.52 63.00 -17.18
N GLU C 518 -13.82 64.05 -16.76
CA GLU C 518 -14.33 64.88 -15.69
C GLU C 518 -15.72 65.41 -16.02
N LYS C 519 -15.91 65.90 -17.25
CA LYS C 519 -17.23 66.43 -17.53
C LYS C 519 -18.25 65.33 -17.73
N LEU C 520 -17.83 64.17 -18.21
CA LEU C 520 -18.78 63.09 -18.33
C LEU C 520 -19.17 62.61 -16.94
N GLU C 521 -18.25 62.70 -15.97
CA GLU C 521 -18.61 62.38 -14.60
C GLU C 521 -19.60 63.47 -14.12
N ASP C 522 -19.39 64.73 -14.51
CA ASP C 522 -20.32 65.79 -14.13
C ASP C 522 -21.71 65.56 -14.74
N GLN C 523 -21.83 64.80 -15.84
CA GLN C 523 -23.16 64.47 -16.39
C GLN C 523 -23.94 63.59 -15.42
N VAL C 524 -23.21 62.76 -14.65
CA VAL C 524 -23.80 61.86 -13.68
C VAL C 524 -24.32 62.76 -12.59
N ALA C 525 -23.52 63.80 -12.37
CA ALA C 525 -23.75 64.96 -11.52
C ALA C 525 -24.08 64.66 -10.08
N GLU C 526 -25.03 65.41 -9.56
CA GLU C 526 -25.45 65.38 -8.19
C GLU C 526 -26.78 66.07 -8.03
N GLU C 527 -27.41 65.81 -6.91
CA GLU C 527 -28.60 66.50 -6.48
C GLU C 527 -28.28 67.14 -5.15
N GLU C 528 -29.13 68.03 -4.67
CA GLU C 528 -28.86 68.67 -3.39
C GLU C 528 -28.71 67.66 -2.23
N ARG C 529 -29.41 66.54 -2.33
CA ARG C 529 -29.38 65.52 -1.29
C ARG C 529 -28.46 64.31 -1.57
N ARG C 530 -27.73 64.30 -2.69
CA ARG C 530 -26.85 63.14 -2.97
C ARG C 530 -25.85 63.35 -4.10
N ALA C 531 -24.67 62.73 -3.97
CA ALA C 531 -23.75 62.72 -5.10
C ALA C 531 -24.29 61.72 -6.11
N GLY C 532 -24.23 62.04 -7.39
CA GLY C 532 -24.72 61.14 -8.39
C GLY C 532 -26.19 61.41 -8.64
N ALA C 533 -26.51 62.25 -9.62
CA ALA C 533 -27.90 62.54 -9.87
C ALA C 533 -28.54 61.32 -10.48
N ASN C 534 -27.76 60.61 -11.28
CA ASN C 534 -28.29 59.43 -11.92
C ASN C 534 -28.84 58.46 -10.85
N SER C 535 -30.10 58.07 -11.01
CA SER C 535 -30.81 57.22 -10.06
C SER C 535 -30.62 55.73 -10.28
N MET C 536 -30.15 55.34 -11.47
CA MET C 536 -29.95 53.93 -11.78
C MET C 536 -28.59 53.46 -11.30
N ILE C 537 -27.81 54.36 -10.70
CA ILE C 537 -26.49 54.11 -10.11
C ILE C 537 -25.41 53.77 -11.15
N GLN C 538 -25.63 52.67 -11.85
CA GLN C 538 -24.79 52.19 -12.92
C GLN C 538 -23.34 52.14 -12.53
N ASN C 539 -23.14 51.63 -11.35
CA ASN C 539 -21.83 51.44 -10.85
C ASN C 539 -21.89 50.27 -9.92
N VAL C 540 -20.75 49.81 -9.50
CA VAL C 540 -20.73 48.75 -8.55
C VAL C 540 -20.58 49.30 -7.18
N VAL C 541 -21.62 49.13 -6.39
CA VAL C 541 -21.58 49.68 -5.08
C VAL C 541 -21.16 48.62 -4.13
N ASP C 542 -20.08 48.86 -3.45
CA ASP C 542 -19.54 47.93 -2.49
C ASP C 542 -20.53 46.91 -1.95
N SER C 543 -21.23 47.24 -0.90
CA SER C 543 -22.10 46.31 -0.29
C SER C 543 -23.45 46.17 -0.96
N ASP C 544 -23.90 47.23 -1.60
CA ASP C 544 -25.23 47.16 -2.18
C ASP C 544 -25.22 46.30 -3.43
N THR C 545 -24.05 46.17 -4.03
CA THR C 545 -23.90 45.40 -5.22
C THR C 545 -23.05 44.20 -4.93
N ILE C 546 -21.85 44.40 -4.44
CA ILE C 546 -20.99 43.24 -4.39
C ILE C 546 -21.33 42.38 -3.25
N SER C 547 -21.47 42.97 -2.08
CA SER C 547 -21.77 42.10 -0.96
C SER C 547 -23.09 41.46 -1.25
N GLU C 548 -24.02 42.25 -1.76
CA GLU C 548 -25.28 41.66 -2.16
C GLU C 548 -25.05 40.51 -3.11
N THR C 549 -24.14 40.65 -4.06
CA THR C 549 -23.90 39.56 -4.96
C THR C 549 -23.40 38.37 -4.19
N ALA C 550 -22.45 38.59 -3.30
CA ALA C 550 -21.91 37.48 -2.55
C ALA C 550 -23.05 36.81 -1.83
N ALA C 551 -23.95 37.60 -1.28
CA ALA C 551 -25.07 37.01 -0.60
C ALA C 551 -25.84 36.18 -1.58
N ARG C 552 -25.99 36.64 -2.80
CA ARG C 552 -26.71 35.86 -3.78
C ARG C 552 -25.95 34.56 -4.06
N LEU C 553 -24.65 34.58 -3.83
CA LEU C 553 -23.82 33.42 -4.02
C LEU C 553 -23.62 32.59 -2.73
N THR C 554 -23.91 33.17 -1.55
CA THR C 554 -23.61 32.50 -0.29
C THR C 554 -24.73 32.41 0.78
N GLY C 555 -25.77 33.23 0.67
CA GLY C 555 -26.87 33.26 1.65
C GLY C 555 -26.82 34.35 2.71
N ILE C 556 -27.84 34.33 3.58
CA ILE C 556 -28.08 35.26 4.68
C ILE C 556 -27.68 36.72 4.51
N PRO C 557 -28.19 37.38 3.49
CA PRO C 557 -27.85 38.73 3.12
C PRO C 557 -27.58 39.68 4.26
N VAL C 558 -28.54 39.95 5.10
CA VAL C 558 -28.29 41.01 6.07
C VAL C 558 -27.17 40.77 7.02
N LYS C 559 -27.07 39.58 7.60
CA LYS C 559 -25.99 39.40 8.56
C LYS C 559 -24.68 39.45 7.83
N LYS C 560 -24.68 39.01 6.59
CA LYS C 560 -23.43 39.00 5.87
C LYS C 560 -23.08 40.44 5.48
N LEU C 561 -24.08 41.21 5.08
CA LEU C 561 -23.96 42.60 4.65
C LEU C 561 -23.49 43.46 5.79
N SER C 562 -23.92 43.12 6.98
CA SER C 562 -23.63 43.87 8.17
C SER C 562 -22.30 43.51 8.81
N GLU C 563 -21.58 42.52 8.29
CA GLU C 563 -20.36 42.10 8.96
C GLU C 563 -19.39 43.27 9.12
N SER C 564 -18.79 43.37 10.32
CA SER C 564 -17.85 44.43 10.61
C SER C 564 -16.74 44.01 11.54
N GLU C 565 -16.63 42.70 11.82
CA GLU C 565 -15.70 42.12 12.79
C GLU C 565 -15.98 42.55 14.22
N ASN C 566 -15.86 43.83 14.44
CA ASN C 566 -15.93 44.41 15.72
C ASN C 566 -17.30 44.42 16.30
N GLU C 567 -18.34 44.67 15.52
CA GLU C 567 -19.62 44.70 16.21
C GLU C 567 -19.91 43.33 16.76
N LYS C 568 -19.51 42.30 16.02
CA LYS C 568 -19.73 40.99 16.54
C LYS C 568 -18.95 40.78 17.78
N LEU C 569 -17.69 41.13 17.75
CA LEU C 569 -16.87 40.86 18.89
C LEU C 569 -17.33 41.62 20.12
N ILE C 570 -17.87 42.81 19.91
CA ILE C 570 -18.34 43.67 20.99
C ILE C 570 -19.51 43.08 21.69
N HIS C 571 -20.46 42.55 20.95
CA HIS C 571 -21.63 42.00 21.58
C HIS C 571 -21.63 40.49 21.61
N MET C 572 -20.56 39.88 21.14
CA MET C 572 -20.50 38.44 21.04
C MET C 572 -20.99 37.69 22.24
N GLU C 573 -20.47 37.96 23.41
CA GLU C 573 -20.93 37.19 24.54
C GLU C 573 -22.39 37.45 24.87
N ARG C 574 -22.88 38.63 24.52
CA ARG C 574 -24.25 38.96 24.82
C ARG C 574 -25.10 38.07 23.95
N ASP C 575 -24.77 38.11 22.68
CA ASP C 575 -25.55 37.41 21.72
C ASP C 575 -25.47 35.92 21.99
N LEU C 576 -24.28 35.47 22.33
CA LEU C 576 -24.12 34.08 22.61
C LEU C 576 -24.89 33.69 23.84
N SER C 577 -24.96 34.58 24.85
CA SER C 577 -25.70 34.22 26.06
C SER C 577 -27.18 34.14 25.78
N SER C 578 -27.64 34.76 24.71
CA SER C 578 -29.03 34.61 24.36
C SER C 578 -29.24 33.21 23.81
N GLU C 579 -28.27 32.76 23.03
CA GLU C 579 -28.37 31.45 22.40
C GLU C 579 -28.09 30.30 23.37
N VAL C 580 -27.15 30.53 24.26
CA VAL C 580 -26.71 29.56 25.22
C VAL C 580 -26.92 30.11 26.59
N VAL C 581 -27.56 29.35 27.45
CA VAL C 581 -27.90 29.89 28.74
C VAL C 581 -26.95 29.50 29.84
N GLY C 582 -26.47 30.49 30.56
CA GLY C 582 -25.54 30.23 31.64
C GLY C 582 -24.22 29.92 31.00
N GLN C 583 -23.26 29.49 31.81
CA GLN C 583 -21.93 29.18 31.30
C GLN C 583 -21.38 30.41 30.59
N MET C 584 -21.71 31.58 31.11
CA MET C 584 -21.31 32.83 30.50
C MET C 584 -19.82 32.95 30.50
N ASP C 585 -19.18 32.29 31.44
CA ASP C 585 -17.76 32.35 31.51
C ASP C 585 -17.16 31.56 30.37
N ALA C 586 -17.84 30.50 29.94
CA ALA C 586 -17.32 29.75 28.83
C ALA C 586 -17.38 30.65 27.65
N ILE C 587 -18.49 31.35 27.56
CA ILE C 587 -18.71 32.21 26.44
C ILE C 587 -17.68 33.31 26.42
N LYS C 588 -17.48 33.94 27.55
CA LYS C 588 -16.51 35.01 27.59
C LYS C 588 -15.13 34.49 27.30
N ALA C 589 -14.79 33.31 27.80
CA ALA C 589 -13.47 32.80 27.56
C ALA C 589 -13.24 32.65 26.10
N VAL C 590 -14.24 32.11 25.45
CA VAL C 590 -14.12 31.91 24.05
C VAL C 590 -14.04 33.21 23.35
N SER C 591 -14.91 34.11 23.71
CA SER C 591 -14.96 35.37 23.05
C SER C 591 -13.63 36.06 23.16
N ASN C 592 -13.02 35.98 24.30
CA ASN C 592 -11.77 36.66 24.50
C ASN C 592 -10.70 36.07 23.61
N ALA C 593 -10.59 34.76 23.59
CA ALA C 593 -9.57 34.15 22.76
C ALA C 593 -9.85 34.46 21.31
N VAL C 594 -11.12 34.48 20.95
CA VAL C 594 -11.49 34.79 19.61
C VAL C 594 -11.09 36.19 19.31
N ARG C 595 -11.30 37.09 20.25
CA ARG C 595 -10.91 38.46 20.02
C ARG C 595 -9.42 38.52 19.76
N LEU C 596 -8.62 37.70 20.45
CA LEU C 596 -7.18 37.70 20.20
C LEU C 596 -6.84 37.18 18.82
N SER C 597 -7.60 36.18 18.38
CA SER C 597 -7.37 35.63 17.05
C SER C 597 -7.69 36.74 16.07
N ARG C 598 -8.73 37.45 16.41
CA ARG C 598 -9.18 38.54 15.64
C ARG C 598 -8.24 39.66 15.97
N SER C 599 -8.24 40.69 15.15
CA SER C 599 -7.29 41.77 15.36
C SER C 599 -5.79 41.36 15.32
N GLY C 600 -5.45 40.08 15.12
CA GLY C 600 -4.06 39.70 14.95
C GLY C 600 -3.27 39.87 16.23
N LEU C 601 -3.91 39.74 17.38
CA LEU C 601 -3.15 39.96 18.58
C LEU C 601 -2.42 38.70 18.92
N ALA C 602 -3.07 37.59 18.62
CA ALA C 602 -2.55 36.27 18.80
C ALA C 602 -1.52 35.99 17.72
N ASN C 603 -0.65 35.05 17.96
CA ASN C 603 0.25 34.68 16.90
C ASN C 603 -0.52 33.90 15.83
N PRO C 604 -0.64 34.41 14.59
CA PRO C 604 -1.47 33.88 13.50
C PRO C 604 -1.20 32.43 13.12
N ARG C 605 -0.13 31.84 13.62
CA ARG C 605 0.16 30.44 13.31
C ARG C 605 -0.88 29.50 13.90
N GLN C 606 -1.62 30.01 14.88
CA GLN C 606 -2.57 29.20 15.59
C GLN C 606 -3.85 29.93 15.97
N PRO C 607 -5.03 29.40 15.62
CA PRO C 607 -6.32 29.93 15.95
C PRO C 607 -6.64 29.67 17.38
N ALA C 608 -7.55 30.45 17.93
CA ALA C 608 -8.05 30.08 19.23
C ALA C 608 -8.59 28.67 19.18
N SER C 609 -8.46 28.00 20.30
CA SER C 609 -8.92 26.64 20.42
C SER C 609 -9.29 26.36 21.83
N PHE C 610 -10.28 25.52 22.01
CA PHE C 610 -10.76 25.32 23.36
C PHE C 610 -11.03 23.90 23.72
N LEU C 611 -10.90 23.59 24.99
CA LEU C 611 -11.34 22.30 25.49
C LEU C 611 -12.54 22.46 26.37
N PHE C 612 -13.65 21.96 25.89
CA PHE C 612 -14.93 22.08 26.55
C PHE C 612 -15.24 20.91 27.43
N LEU C 613 -15.28 21.18 28.72
CA LEU C 613 -15.49 20.15 29.70
C LEU C 613 -16.86 20.25 30.34
N GLY C 614 -17.49 19.10 30.49
CA GLY C 614 -18.83 19.08 31.08
C GLY C 614 -19.58 17.82 30.66
N LEU C 615 -20.89 17.81 30.89
CA LEU C 615 -21.75 16.66 30.61
C LEU C 615 -22.55 16.75 29.32
N SER C 616 -23.04 15.61 28.85
CA SER C 616 -23.89 15.64 27.67
C SER C 616 -25.12 16.48 27.95
N GLY C 617 -25.49 17.32 27.00
CA GLY C 617 -26.69 18.14 27.13
C GLY C 617 -26.39 19.46 27.80
N SER C 618 -25.11 19.67 28.11
CA SER C 618 -24.62 20.88 28.75
C SER C 618 -24.43 22.03 27.80
N GLY C 619 -24.46 21.78 26.51
CA GLY C 619 -24.22 22.86 25.59
C GLY C 619 -22.79 22.94 25.09
N LYS C 620 -21.89 22.09 25.55
CA LYS C 620 -20.52 22.17 25.00
C LYS C 620 -20.56 22.33 23.47
N THR C 621 -21.14 21.36 22.78
CA THR C 621 -21.21 21.39 21.34
C THR C 621 -22.16 22.47 20.87
N GLU C 622 -23.32 22.57 21.51
CA GLU C 622 -24.32 23.55 21.12
C GLU C 622 -23.62 24.89 20.98
N LEU C 623 -22.89 25.25 22.02
CA LEU C 623 -22.20 26.51 22.03
C LEU C 623 -21.26 26.56 20.89
N ALA C 624 -20.45 25.54 20.73
CA ALA C 624 -19.52 25.62 19.64
C ALA C 624 -20.27 25.88 18.33
N LYS C 625 -21.42 25.25 18.15
CA LYS C 625 -22.15 25.52 16.94
C LYS C 625 -22.66 26.93 16.96
N LYS C 626 -23.08 27.42 18.10
CA LYS C 626 -23.65 28.75 18.17
C LYS C 626 -22.58 29.76 17.92
N VAL C 627 -21.36 29.44 18.29
CA VAL C 627 -20.27 30.31 18.06
C VAL C 627 -20.03 30.34 16.59
N ALA C 628 -20.03 29.19 15.94
CA ALA C 628 -19.86 29.17 14.51
C ALA C 628 -20.99 29.95 13.86
N GLY C 629 -22.17 29.80 14.45
CA GLY C 629 -23.31 30.51 14.00
C GLY C 629 -22.94 31.95 14.01
N PHE C 630 -22.63 32.43 15.18
CA PHE C 630 -22.29 33.78 15.40
C PHE C 630 -21.15 34.31 14.54
N LEU C 631 -20.05 33.59 14.48
CA LEU C 631 -18.89 34.08 13.77
C LEU C 631 -18.97 34.02 12.28
N PHE C 632 -19.62 33.01 11.76
CA PHE C 632 -19.62 32.82 10.33
C PHE C 632 -20.99 33.03 9.75
N ASN C 633 -21.95 33.30 10.64
CA ASN C 633 -23.36 33.42 10.29
C ASN C 633 -23.81 32.10 9.73
N ASP C 634 -23.30 31.00 10.30
CA ASP C 634 -23.67 29.65 9.88
C ASP C 634 -23.24 28.55 10.84
N GLU C 635 -24.18 28.01 11.57
CA GLU C 635 -23.89 27.01 12.60
C GLU C 635 -23.36 25.71 12.00
N ASP C 636 -23.70 25.46 10.75
CA ASP C 636 -23.38 24.21 10.13
C ASP C 636 -22.07 24.26 9.40
N MET C 637 -21.31 25.29 9.73
CA MET C 637 -19.96 25.33 9.27
C MET C 637 -19.16 24.29 10.03
N MET C 638 -19.64 23.89 11.20
CA MET C 638 -18.85 22.98 12.02
C MET C 638 -18.48 21.67 11.36
N ILE C 639 -17.23 21.32 11.56
CA ILE C 639 -16.69 20.08 11.10
C ILE C 639 -16.55 19.17 12.30
N ARG C 640 -17.18 18.01 12.28
CA ARG C 640 -17.14 17.16 13.45
C ARG C 640 -16.07 16.10 13.29
N VAL C 641 -15.47 15.70 14.40
CA VAL C 641 -14.52 14.60 14.39
C VAL C 641 -14.92 13.49 15.36
N ASP C 642 -15.16 12.30 14.81
CA ASP C 642 -15.61 11.14 15.58
C ASP C 642 -14.49 10.52 16.35
N CYS C 643 -14.03 11.21 17.37
CA CYS C 643 -12.79 10.88 18.03
C CYS C 643 -12.64 9.46 18.47
N SER C 644 -13.68 8.82 18.92
CA SER C 644 -13.55 7.44 19.36
C SER C 644 -13.13 6.48 18.24
N GLU C 645 -13.26 6.93 16.99
CA GLU C 645 -12.90 6.11 15.85
C GLU C 645 -11.48 6.40 15.41
N LEU C 646 -10.82 7.30 16.10
CA LEU C 646 -9.46 7.66 15.74
C LEU C 646 -8.52 6.65 16.36
N SER C 647 -8.58 5.44 15.84
CA SER C 647 -7.85 4.28 16.29
C SER C 647 -6.43 4.31 15.79
N GLU C 648 -5.67 3.33 16.18
CA GLU C 648 -4.30 3.15 15.71
C GLU C 648 -4.20 2.91 14.19
N LYS C 649 -5.33 2.68 13.53
CA LYS C 649 -5.40 2.46 12.10
C LYS C 649 -5.60 3.78 11.37
N TYR C 650 -5.74 4.84 12.14
CA TYR C 650 -6.01 6.16 11.66
C TYR C 650 -5.29 6.63 10.43
N ALA C 651 -6.09 7.03 9.45
CA ALA C 651 -5.62 7.64 8.23
C ALA C 651 -6.74 7.86 7.26
N VAL C 652 -7.27 6.75 6.75
CA VAL C 652 -8.13 6.70 5.56
C VAL C 652 -9.32 7.67 5.46
N SER C 653 -10.20 7.63 6.45
CA SER C 653 -11.39 8.47 6.43
C SER C 653 -11.18 9.66 7.31
N LYS C 654 -9.95 9.83 7.72
CA LYS C 654 -9.61 10.83 8.66
C LYS C 654 -8.85 11.91 7.95
N LEU C 655 -8.51 13.00 8.61
CA LEU C 655 -7.84 14.06 7.90
C LEU C 655 -6.61 13.58 7.19
N LEU C 656 -5.76 12.83 7.88
CA LEU C 656 -4.55 12.41 7.21
C LEU C 656 -4.86 11.77 5.86
N GLY C 657 -5.82 10.87 5.81
CA GLY C 657 -6.14 10.24 4.56
C GLY C 657 -5.19 9.08 4.33
N THR C 658 -5.55 8.15 3.46
CA THR C 658 -4.66 7.06 3.16
C THR C 658 -3.38 7.63 2.59
N THR C 659 -2.25 7.14 3.03
CA THR C 659 -0.99 7.62 2.49
C THR C 659 -0.90 7.41 0.97
N ALA C 660 -0.44 8.41 0.24
CA ALA C 660 -0.34 8.22 -1.21
C ALA C 660 0.55 7.02 -1.47
N GLY C 661 0.24 6.26 -2.51
CA GLY C 661 1.00 5.07 -2.85
C GLY C 661 0.20 3.82 -2.49
N TYR C 662 -0.79 4.00 -1.64
CA TYR C 662 -1.68 2.94 -1.24
C TYR C 662 -2.99 3.25 -1.93
N VAL C 663 -3.92 2.32 -2.00
CA VAL C 663 -5.17 2.66 -2.69
C VAL C 663 -5.87 3.79 -1.96
N GLY C 664 -6.22 4.82 -2.72
CA GLY C 664 -6.89 6.01 -2.20
C GLY C 664 -6.02 7.25 -2.38
N TYR C 665 -6.59 8.23 -3.08
CA TYR C 665 -5.93 9.49 -3.40
C TYR C 665 -6.90 10.56 -3.01
N ASP C 666 -8.14 10.19 -3.18
CA ASP C 666 -9.30 10.99 -2.85
C ASP C 666 -9.65 10.72 -1.38
N GLU C 667 -8.67 11.03 -0.54
CA GLU C 667 -8.69 10.69 0.87
C GLU C 667 -8.95 11.81 1.85
N GLY C 668 -9.48 11.47 3.02
CA GLY C 668 -9.67 12.45 4.07
C GLY C 668 -10.65 13.56 3.69
N GLY C 669 -11.54 13.30 2.72
CA GLY C 669 -12.45 14.35 2.30
C GLY C 669 -13.25 14.88 3.48
N PHE C 670 -13.54 13.96 4.40
CA PHE C 670 -14.24 14.24 5.62
C PHE C 670 -13.66 15.45 6.30
N LEU C 671 -12.33 15.52 6.42
CA LEU C 671 -11.76 16.66 7.08
C LEU C 671 -10.93 17.52 6.15
N THR C 672 -10.08 16.94 5.33
CA THR C 672 -9.21 17.80 4.55
C THR C 672 -9.98 18.62 3.59
N ASN C 673 -10.97 18.00 2.98
CA ASN C 673 -11.69 18.76 1.99
C ASN C 673 -12.74 19.58 2.64
N GLN C 674 -13.45 19.01 3.59
CA GLN C 674 -14.46 19.82 4.20
C GLN C 674 -13.82 21.10 4.74
N LEU C 675 -12.67 20.97 5.40
CA LEU C 675 -11.98 22.14 5.92
C LEU C 675 -11.54 23.05 4.79
N GLN C 676 -11.11 22.47 3.68
CA GLN C 676 -10.74 23.26 2.53
C GLN C 676 -11.90 24.12 2.12
N TYR C 677 -13.10 23.53 2.14
CA TYR C 677 -14.30 24.23 1.76
C TYR C 677 -14.82 25.14 2.85
N LYS C 678 -14.46 24.85 4.10
CA LYS C 678 -14.93 25.66 5.21
C LYS C 678 -13.80 26.14 6.14
N PRO C 679 -12.74 26.83 5.67
CA PRO C 679 -11.67 27.34 6.50
C PRO C 679 -12.18 28.23 7.61
N TYR C 680 -13.29 28.89 7.36
CA TYR C 680 -13.85 29.82 8.33
C TYR C 680 -14.91 29.12 9.06
N SER C 681 -14.46 28.28 9.93
CA SER C 681 -15.28 27.42 10.70
C SER C 681 -14.61 27.03 11.98
N VAL C 682 -15.19 26.02 12.57
CA VAL C 682 -14.70 25.39 13.74
C VAL C 682 -14.63 23.91 13.49
N LEU C 683 -13.56 23.33 13.93
CA LEU C 683 -13.33 21.92 13.86
C LEU C 683 -13.56 21.43 15.25
N LEU C 684 -14.40 20.44 15.39
CA LEU C 684 -14.71 19.99 16.70
C LEU C 684 -14.53 18.50 16.91
N PHE C 685 -13.91 18.20 18.04
CA PHE C 685 -13.59 16.86 18.45
C PHE C 685 -14.55 16.30 19.50
N ASP C 686 -15.32 15.30 19.08
CA ASP C 686 -16.35 14.68 19.90
C ASP C 686 -15.73 13.69 20.86
N GLU C 687 -15.65 14.02 22.15
CA GLU C 687 -14.99 13.15 23.14
C GLU C 687 -13.54 12.91 22.75
N VAL C 688 -12.78 13.98 22.70
CA VAL C 688 -11.40 13.93 22.24
C VAL C 688 -10.53 12.97 23.05
N GLU C 689 -10.88 12.75 24.32
CA GLU C 689 -10.10 11.85 25.17
C GLU C 689 -10.18 10.40 24.72
N LYS C 690 -11.11 10.09 23.81
CA LYS C 690 -11.21 8.74 23.33
C LYS C 690 -10.38 8.55 22.08
N ALA C 691 -9.75 9.61 21.60
CA ALA C 691 -8.91 9.50 20.43
C ALA C 691 -7.69 8.71 20.79
N HIS C 692 -7.18 7.92 19.86
CA HIS C 692 -5.96 7.20 20.12
C HIS C 692 -4.81 8.19 20.30
N PRO C 693 -3.90 8.00 21.25
CA PRO C 693 -2.70 8.79 21.44
C PRO C 693 -1.88 9.04 20.19
N ASP C 694 -1.83 8.08 19.26
CA ASP C 694 -1.02 8.39 18.10
C ASP C 694 -1.71 9.49 17.35
N VAL C 695 -3.01 9.39 17.31
CA VAL C 695 -3.78 10.37 16.60
C VAL C 695 -3.75 11.67 17.33
N LEU C 696 -3.77 11.61 18.64
CA LEU C 696 -3.72 12.85 19.37
C LEU C 696 -2.46 13.61 18.99
N THR C 697 -1.34 12.92 18.79
CA THR C 697 -0.16 13.68 18.39
C THR C 697 -0.32 14.21 16.97
N VAL C 698 -1.07 13.50 16.14
CA VAL C 698 -1.28 14.00 14.81
C VAL C 698 -2.07 15.27 14.89
N MET C 699 -3.19 15.21 15.58
CA MET C 699 -3.99 16.41 15.63
C MET C 699 -3.25 17.47 16.37
N LEU C 700 -2.39 17.10 17.28
CA LEU C 700 -1.69 18.11 18.03
C LEU C 700 -0.84 18.91 17.13
N GLN C 701 -0.07 18.25 16.29
CA GLN C 701 0.76 19.02 15.41
C GLN C 701 -0.10 19.87 14.52
N MET C 702 -1.28 19.39 14.22
CA MET C 702 -2.19 20.13 13.40
C MET C 702 -3.11 21.07 14.21
N LEU C 703 -3.09 20.96 15.55
CA LEU C 703 -3.91 21.75 16.45
C LEU C 703 -3.37 23.14 16.41
N ASP C 704 -2.07 23.23 16.51
CA ASP C 704 -1.45 24.53 16.36
C ASP C 704 -0.76 24.36 15.07
N ASP C 705 0.06 25.30 14.65
CA ASP C 705 0.72 25.09 13.38
C ASP C 705 -0.32 24.70 12.36
N GLY C 706 -1.31 25.55 12.18
CA GLY C 706 -2.45 25.23 11.33
C GLY C 706 -2.11 24.80 9.90
N ARG C 707 -0.86 24.89 9.48
CA ARG C 707 -0.44 24.51 8.14
C ARG C 707 -0.43 23.00 7.94
N ILE C 708 -1.60 22.43 7.95
CA ILE C 708 -1.86 21.03 7.87
C ILE C 708 -1.60 20.43 6.54
N THR C 709 -0.93 19.30 6.53
CA THR C 709 -0.66 18.54 5.32
C THR C 709 -1.12 17.11 5.50
N SER C 710 -1.78 16.58 4.48
CA SER C 710 -2.33 15.23 4.48
C SER C 710 -1.29 14.17 4.16
N GLY C 711 -1.71 12.92 4.27
CA GLY C 711 -0.92 11.73 3.98
C GLY C 711 -0.68 11.55 2.48
N GLN C 712 -1.32 12.39 1.67
CA GLN C 712 -1.10 12.36 0.25
C GLN C 712 0.01 13.31 -0.09
N GLY C 713 0.53 13.99 0.93
CA GLY C 713 1.57 14.97 0.78
C GLY C 713 0.95 16.31 0.39
N LYS C 714 -0.37 16.33 0.32
CA LYS C 714 -1.11 17.49 -0.09
C LYS C 714 -1.31 18.45 1.05
N THR C 715 -0.91 19.69 0.87
CA THR C 715 -1.08 20.66 1.93
C THR C 715 -2.50 21.16 1.93
N ILE C 716 -3.06 21.19 3.12
CA ILE C 716 -4.41 21.61 3.40
C ILE C 716 -4.39 23.09 3.74
N ASP C 717 -3.49 23.44 4.64
CA ASP C 717 -3.24 24.81 5.10
C ASP C 717 -4.38 25.48 5.85
N CYS C 718 -4.38 25.40 7.17
CA CYS C 718 -5.39 26.02 7.97
C CYS C 718 -4.77 27.05 8.86
N SER C 719 -5.55 27.96 9.37
CA SER C 719 -5.02 28.91 10.32
C SER C 719 -6.18 29.31 11.17
N ASN C 720 -7.04 30.05 10.56
CA ASN C 720 -8.29 30.53 11.07
C ASN C 720 -9.20 29.59 11.82
N CYS C 721 -9.30 28.35 11.38
CA CYS C 721 -10.29 27.46 11.94
C CYS C 721 -10.18 27.33 13.43
N ILE C 722 -11.28 27.56 14.10
CA ILE C 722 -11.30 27.46 15.54
C ILE C 722 -11.30 26.02 15.87
N VAL C 723 -10.53 25.61 16.86
CA VAL C 723 -10.62 24.19 17.15
C VAL C 723 -11.13 23.93 18.53
N ILE C 724 -12.20 23.16 18.63
CA ILE C 724 -12.78 22.84 19.90
C ILE C 724 -12.82 21.37 20.19
N MET C 725 -12.33 21.04 21.33
CA MET C 725 -12.33 19.69 21.77
C MET C 725 -13.38 19.58 22.82
N THR C 726 -14.11 18.50 22.82
CA THR C 726 -15.06 18.29 23.89
C THR C 726 -14.62 17.11 24.68
N SER C 727 -14.95 17.11 25.96
CA SER C 727 -14.59 15.99 26.79
C SER C 727 -15.48 15.77 28.00
N ASN C 728 -15.68 14.49 28.31
CA ASN C 728 -16.44 14.06 29.46
C ASN C 728 -15.46 13.52 30.48
N LEU C 729 -14.19 13.75 30.23
CA LEU C 729 -13.15 13.24 31.08
C LEU C 729 -13.35 13.64 32.53
N GLY C 730 -13.70 14.89 32.75
CA GLY C 730 -13.91 15.43 34.09
C GLY C 730 -15.36 15.29 34.55
N ALA C 731 -16.13 14.44 33.88
CA ALA C 731 -17.55 14.28 34.18
C ALA C 731 -17.76 13.94 35.64
N GLU C 732 -16.87 13.17 36.22
CA GLU C 732 -17.06 12.78 37.57
C GLU C 732 -17.00 13.93 38.53
N PHE C 733 -16.27 14.96 38.15
CA PHE C 733 -16.11 16.07 39.04
C PHE C 733 -17.36 16.93 38.92
N ILE C 734 -17.78 17.19 37.69
CA ILE C 734 -19.02 17.95 37.53
C ILE C 734 -20.22 17.19 38.12
N ASN C 735 -20.13 15.85 38.15
CA ASN C 735 -21.15 15.01 38.72
C ASN C 735 -21.31 15.20 40.22
N SER C 736 -20.39 15.96 40.84
CA SER C 736 -20.50 16.27 42.24
C SER C 736 -21.74 17.11 42.49
N GLN C 737 -22.20 17.80 41.44
CA GLN C 737 -23.34 18.67 41.50
C GLN C 737 -23.23 19.69 42.60
N GLN C 738 -22.02 20.17 42.88
CA GLN C 738 -21.93 21.15 43.94
C GLN C 738 -22.30 22.54 43.47
N GLY C 739 -23.59 22.72 43.25
CA GLY C 739 -24.16 23.94 42.72
C GLY C 739 -23.99 23.93 41.21
N SER C 740 -24.37 25.03 40.57
CA SER C 740 -24.22 25.14 39.12
C SER C 740 -22.79 25.50 38.77
N LYS C 741 -22.38 26.64 39.27
CA LYS C 741 -21.06 27.20 39.10
C LYS C 741 -20.01 26.20 39.51
N ILE C 742 -19.01 26.01 38.66
CA ILE C 742 -17.97 25.06 38.97
C ILE C 742 -17.13 25.53 40.13
N GLN C 743 -16.93 24.66 41.08
CA GLN C 743 -16.20 24.97 42.28
C GLN C 743 -14.74 24.64 42.25
N GLU C 744 -14.02 25.25 43.18
CA GLU C 744 -12.61 24.98 43.35
C GLU C 744 -12.54 23.53 43.70
N SER C 745 -11.39 22.89 43.51
CA SER C 745 -11.20 21.48 43.79
C SER C 745 -11.90 20.67 42.71
N THR C 746 -13.19 20.83 42.55
CA THR C 746 -13.89 20.14 41.49
C THR C 746 -13.16 20.39 40.19
N LYS C 747 -12.92 21.67 39.90
CA LYS C 747 -12.21 22.04 38.70
C LYS C 747 -10.79 21.53 38.70
N ASN C 748 -10.22 21.32 39.85
CA ASN C 748 -8.84 20.94 39.89
C ASN C 748 -8.74 19.47 39.59
N LEU C 749 -9.75 18.74 40.00
CA LEU C 749 -9.80 17.32 39.73
C LEU C 749 -9.89 17.13 38.25
N VAL C 750 -10.64 18.03 37.61
CA VAL C 750 -10.78 17.99 36.18
C VAL C 750 -9.44 18.22 35.54
N MET C 751 -8.77 19.26 35.99
CA MET C 751 -7.47 19.59 35.44
C MET C 751 -6.56 18.41 35.58
N GLY C 752 -6.61 17.78 36.73
CA GLY C 752 -5.80 16.62 36.99
C GLY C 752 -6.06 15.58 35.92
N ALA C 753 -7.32 15.20 35.75
CA ALA C 753 -7.65 14.17 34.79
C ALA C 753 -7.16 14.55 33.40
N VAL C 754 -7.31 15.82 33.06
CA VAL C 754 -6.88 16.25 31.77
C VAL C 754 -5.39 16.08 31.62
N ARG C 755 -4.64 16.48 32.62
CA ARG C 755 -3.20 16.36 32.59
C ARG C 755 -2.76 14.92 32.50
N GLN C 756 -3.52 14.01 33.11
CA GLN C 756 -3.17 12.61 33.02
C GLN C 756 -3.35 12.09 31.60
N HIS C 757 -4.43 12.49 30.97
CA HIS C 757 -4.78 12.01 29.64
C HIS C 757 -4.05 12.64 28.50
N PHE C 758 -3.73 13.91 28.64
CA PHE C 758 -3.07 14.58 27.55
C PHE C 758 -1.75 15.10 28.00
N ARG C 759 -0.75 14.97 27.16
CA ARG C 759 0.54 15.48 27.53
C ARG C 759 0.38 16.97 27.67
N PRO C 760 0.98 17.62 28.66
CA PRO C 760 0.97 19.06 28.79
C PRO C 760 1.30 19.72 27.47
N GLU C 761 2.15 19.11 26.68
CA GLU C 761 2.45 19.68 25.38
C GLU C 761 1.19 19.93 24.58
N PHE C 762 0.26 18.99 24.67
CA PHE C 762 -1.00 19.06 23.97
C PHE C 762 -1.77 20.21 24.54
N LEU C 763 -1.85 20.18 25.85
CA LEU C 763 -2.68 21.09 26.58
C LEU C 763 -2.22 22.52 26.45
N ASN C 764 -0.93 22.69 26.34
CA ASN C 764 -0.30 23.98 26.22
C ASN C 764 -0.71 24.67 24.95
N ARG C 765 -1.15 23.91 23.96
CA ARG C 765 -1.53 24.50 22.72
C ARG C 765 -2.98 24.92 22.73
N ILE C 766 -3.74 24.55 23.75
CA ILE C 766 -5.14 24.88 23.76
C ILE C 766 -5.23 26.31 24.21
N SER C 767 -5.96 27.19 23.50
CA SER C 767 -5.94 28.56 23.99
C SER C 767 -6.59 28.63 25.36
N SER C 768 -7.59 27.80 25.60
CA SER C 768 -8.18 27.76 26.92
C SER C 768 -8.93 26.49 27.19
N ILE C 769 -8.83 26.04 28.41
CA ILE C 769 -9.61 24.92 28.84
C ILE C 769 -10.76 25.50 29.59
N VAL C 770 -11.94 25.14 29.17
CA VAL C 770 -13.16 25.72 29.66
C VAL C 770 -14.07 24.70 30.30
N ILE C 771 -14.48 24.96 31.52
CA ILE C 771 -15.38 24.03 32.16
C ILE C 771 -16.74 24.66 32.23
N PHE C 772 -17.70 23.97 31.70
CA PHE C 772 -19.06 24.44 31.65
C PHE C 772 -19.71 24.23 32.99
N ASN C 773 -20.61 25.11 33.37
CA ASN C 773 -21.27 24.90 34.64
C ASN C 773 -22.35 23.88 34.43
N LYS C 774 -22.98 23.46 35.52
CA LYS C 774 -24.12 22.58 35.32
C LYS C 774 -25.27 23.51 35.02
N LEU C 775 -26.00 23.27 33.95
CA LEU C 775 -27.06 24.21 33.60
C LEU C 775 -28.11 24.30 34.68
N SER C 776 -28.43 23.15 35.23
CA SER C 776 -29.39 23.06 36.29
C SER C 776 -30.71 23.70 35.89
N ARG C 777 -31.58 23.77 36.89
CA ARG C 777 -32.91 24.27 36.70
C ARG C 777 -32.93 25.74 36.35
N LYS C 778 -32.03 26.50 36.93
CA LYS C 778 -32.04 27.91 36.67
C LYS C 778 -31.84 28.21 35.20
N ALA C 779 -30.96 27.45 34.54
CA ALA C 779 -30.76 27.72 33.15
C ALA C 779 -31.89 27.23 32.32
N ILE C 780 -32.39 26.04 32.61
CA ILE C 780 -33.40 25.50 31.74
C ILE C 780 -34.70 26.24 31.83
N HIS C 781 -34.90 27.00 32.91
CA HIS C 781 -36.07 27.84 33.05
C HIS C 781 -36.15 28.80 31.89
N LYS C 782 -35.00 29.08 31.31
CA LYS C 782 -34.86 30.00 30.24
C LYS C 782 -34.71 29.20 28.95
N ILE C 783 -33.95 28.12 29.03
CA ILE C 783 -33.65 27.38 27.81
C ILE C 783 -34.87 26.84 27.18
N VAL C 784 -35.79 26.29 27.94
CA VAL C 784 -36.94 25.73 27.28
C VAL C 784 -37.79 26.78 26.64
N ASP C 785 -37.77 27.98 27.19
CA ASP C 785 -38.59 29.02 26.65
C ASP C 785 -37.95 29.45 25.36
N ILE C 786 -36.64 29.55 25.40
CA ILE C 786 -35.87 29.97 24.28
C ILE C 786 -35.93 29.00 23.16
N ARG C 787 -35.71 27.74 23.45
CA ARG C 787 -35.73 26.78 22.40
C ARG C 787 -37.08 26.68 21.84
N LEU C 788 -38.11 26.73 22.65
CA LEU C 788 -39.40 26.61 22.05
C LEU C 788 -39.61 27.70 21.04
N LYS C 789 -39.25 28.92 21.41
CA LYS C 789 -39.44 30.00 20.48
C LYS C 789 -38.59 29.81 19.27
N GLU C 790 -37.34 29.43 19.47
CA GLU C 790 -36.50 29.26 18.30
C GLU C 790 -37.08 28.17 17.43
N ILE C 791 -37.62 27.13 18.04
CA ILE C 791 -38.17 26.06 17.26
C ILE C 791 -39.25 26.61 16.40
N GLU C 792 -40.16 27.39 16.94
CA GLU C 792 -41.15 27.95 16.04
C GLU C 792 -40.56 28.73 14.91
N GLU C 793 -39.65 29.62 15.27
CA GLU C 793 -39.10 30.56 14.32
C GLU C 793 -38.32 29.90 13.21
N ARG C 794 -37.60 28.84 13.53
CA ARG C 794 -36.82 28.20 12.50
C ARG C 794 -37.72 27.25 11.76
N PHE C 795 -38.67 26.67 12.49
CA PHE C 795 -39.59 25.73 11.91
C PHE C 795 -40.36 26.32 10.77
N GLU C 796 -41.02 27.43 11.02
CA GLU C 796 -41.78 28.04 9.95
C GLU C 796 -41.77 29.50 9.97
N GLN C 797 -42.22 29.98 8.85
CA GLN C 797 -42.28 31.35 8.56
C GLN C 797 -43.68 31.91 8.75
N ASN C 798 -44.39 32.20 7.67
CA ASN C 798 -45.64 32.94 7.84
C ASN C 798 -46.93 32.20 7.55
N ASP C 799 -47.04 30.96 7.97
CA ASP C 799 -48.32 30.30 7.83
C ASP C 799 -48.67 29.66 9.15
N LYS C 800 -47.72 29.70 10.07
CA LYS C 800 -47.89 29.13 11.38
C LYS C 800 -47.43 30.16 12.37
N HIS C 801 -48.31 30.56 13.25
CA HIS C 801 -48.02 31.65 14.15
C HIS C 801 -48.38 31.27 15.56
N TYR C 802 -47.39 30.96 16.38
CA TYR C 802 -47.69 30.38 17.67
C TYR C 802 -47.66 31.33 18.85
N LYS C 803 -48.41 30.98 19.90
CA LYS C 803 -48.35 31.68 21.16
C LYS C 803 -47.21 31.12 21.97
N LEU C 804 -47.02 29.81 21.85
CA LEU C 804 -45.98 29.08 22.56
C LEU C 804 -46.02 29.27 24.06
N ASN C 805 -47.16 29.61 24.60
CA ASN C 805 -47.19 29.82 26.01
C ASN C 805 -47.29 28.49 26.71
N LEU C 806 -46.15 28.01 27.13
CA LEU C 806 -46.01 26.76 27.85
C LEU C 806 -46.77 26.77 29.16
N THR C 807 -47.00 27.96 29.67
CA THR C 807 -47.59 28.19 30.95
C THR C 807 -46.58 27.67 31.90
N GLN C 808 -46.72 27.99 33.16
CA GLN C 808 -45.71 27.51 34.06
C GLN C 808 -45.70 25.99 34.06
N GLU C 809 -46.87 25.39 33.91
CA GLU C 809 -46.94 23.96 33.99
C GLU C 809 -46.14 23.24 32.93
N ALA C 810 -46.19 23.63 31.66
CA ALA C 810 -45.39 22.85 30.76
C ALA C 810 -43.94 23.19 31.00
N LYS C 811 -43.65 24.42 31.41
CA LYS C 811 -42.25 24.71 31.63
C LYS C 811 -41.72 23.79 32.71
N ASP C 812 -42.54 23.56 33.72
CA ASP C 812 -42.16 22.72 34.81
C ASP C 812 -42.06 21.30 34.35
N PHE C 813 -42.95 20.87 33.48
CA PHE C 813 -42.91 19.49 33.03
C PHE C 813 -41.62 19.25 32.32
N LEU C 814 -41.26 20.21 31.51
CA LEU C 814 -40.06 20.04 30.76
C LEU C 814 -38.90 19.98 31.69
N ALA C 815 -38.87 20.86 32.66
CA ALA C 815 -37.78 20.86 33.61
C ALA C 815 -37.76 19.62 34.50
N LYS C 816 -38.94 19.14 34.85
CA LYS C 816 -39.10 18.03 35.77
C LYS C 816 -38.86 16.67 35.18
N TYR C 817 -39.40 16.45 33.99
CA TYR C 817 -39.30 15.15 33.37
C TYR C 817 -38.33 15.17 32.23
N GLY C 818 -38.26 16.29 31.53
CA GLY C 818 -37.39 16.40 30.36
C GLY C 818 -35.97 16.52 30.80
N TYR C 819 -35.66 17.63 31.42
CA TYR C 819 -34.30 17.86 31.82
C TYR C 819 -33.74 16.75 32.65
N SER C 820 -32.55 16.35 32.29
CA SER C 820 -31.87 15.30 33.00
C SER C 820 -30.60 15.79 33.58
N ASP C 821 -30.27 15.31 34.75
CA ASP C 821 -29.00 15.71 35.30
C ASP C 821 -27.84 14.99 34.65
N ASP C 822 -28.13 13.96 33.84
CA ASP C 822 -27.10 13.21 33.13
C ASP C 822 -27.05 13.62 31.68
N MET C 823 -28.23 13.74 31.08
CA MET C 823 -28.38 14.08 29.66
C MET C 823 -28.68 15.54 29.40
N GLY C 824 -28.79 16.33 30.47
CA GLY C 824 -29.01 17.75 30.37
C GLY C 824 -30.26 18.11 29.61
N ALA C 825 -30.08 19.02 28.65
CA ALA C 825 -31.17 19.50 27.83
C ALA C 825 -31.46 18.59 26.67
N ARG C 826 -30.62 17.59 26.45
CA ARG C 826 -30.81 16.72 25.32
C ARG C 826 -32.25 16.22 25.28
N PRO C 827 -32.80 15.66 26.38
CA PRO C 827 -34.16 15.24 26.43
C PRO C 827 -35.13 16.40 26.45
N LEU C 828 -34.70 17.59 26.83
CA LEU C 828 -35.67 18.67 26.80
C LEU C 828 -36.02 18.92 25.39
N ASN C 829 -35.02 18.91 24.55
CA ASN C 829 -35.25 19.19 23.17
C ASN C 829 -36.19 18.15 22.63
N ARG C 830 -35.82 16.89 22.79
CA ARG C 830 -36.66 15.84 22.28
C ARG C 830 -38.07 15.91 22.79
N LEU C 831 -38.22 16.10 24.08
CA LEU C 831 -39.51 16.16 24.70
C LEU C 831 -40.35 17.29 24.17
N ILE C 832 -39.77 18.47 24.08
CA ILE C 832 -40.52 19.60 23.60
C ILE C 832 -41.00 19.29 22.22
N GLN C 833 -40.10 18.80 21.41
CA GLN C 833 -40.45 18.54 20.06
C GLN C 833 -41.52 17.50 19.99
N ASN C 834 -41.39 16.44 20.74
CA ASN C 834 -42.37 15.41 20.63
C ASN C 834 -43.72 15.86 21.03
N GLU C 835 -43.82 16.45 22.20
CA GLU C 835 -45.14 16.77 22.66
C GLU C 835 -45.76 17.90 21.89
N ILE C 836 -44.98 18.88 21.49
CA ILE C 836 -45.62 19.95 20.79
C ILE C 836 -45.99 19.51 19.41
N LEU C 837 -45.10 18.80 18.75
CA LEU C 837 -45.40 18.38 17.42
C LEU C 837 -46.57 17.43 17.39
N ASN C 838 -46.68 16.57 18.38
CA ASN C 838 -47.79 15.64 18.37
C ASN C 838 -49.12 16.37 18.53
N LYS C 839 -49.15 17.38 19.39
CA LYS C 839 -50.40 18.11 19.61
C LYS C 839 -50.69 18.95 18.39
N LEU C 840 -49.65 19.49 17.82
CA LEU C 840 -49.77 20.30 16.65
C LEU C 840 -50.36 19.49 15.52
N ALA C 841 -49.76 18.35 15.25
CA ALA C 841 -50.23 17.53 14.17
C ALA C 841 -51.68 17.15 14.39
N LEU C 842 -52.03 16.80 15.61
CA LEU C 842 -53.39 16.39 15.83
C LEU C 842 -54.37 17.48 15.51
N ARG C 843 -54.14 18.67 16.02
CA ARG C 843 -55.14 19.66 15.73
C ARG C 843 -55.11 20.02 14.27
N ILE C 844 -53.95 19.93 13.64
CA ILE C 844 -53.94 20.22 12.23
C ILE C 844 -54.82 19.26 11.54
N LEU C 845 -54.75 18.01 11.93
CA LEU C 845 -55.61 17.04 11.34
C LEU C 845 -57.07 17.33 11.62
N LYS C 846 -57.39 17.94 12.77
CA LYS C 846 -58.78 18.27 13.00
C LYS C 846 -59.24 19.17 11.86
N ASN C 847 -58.32 20.02 11.40
CA ASN C 847 -58.57 20.92 10.28
C ASN C 847 -59.69 21.92 10.54
N GLU C 848 -59.89 22.19 11.83
CA GLU C 848 -60.77 23.22 12.35
C GLU C 848 -59.82 24.36 12.73
N ILE C 849 -58.56 24.09 12.40
CA ILE C 849 -57.36 24.82 12.67
C ILE C 849 -56.85 25.56 11.42
N LYS C 850 -56.87 26.90 11.43
CA LYS C 850 -56.53 27.64 10.21
C LYS C 850 -55.36 28.63 10.27
N ASP C 851 -55.24 29.36 11.39
CA ASP C 851 -54.20 30.39 11.55
C ASP C 851 -54.16 30.85 13.00
N LYS C 852 -53.16 31.67 13.36
CA LYS C 852 -52.91 32.22 14.72
C LYS C 852 -52.66 31.08 15.70
N GLU C 853 -52.99 31.23 17.01
CA GLU C 853 -52.72 30.17 18.01
C GLU C 853 -53.31 30.42 19.41
N THR C 854 -53.62 29.31 20.09
CA THR C 854 -54.02 29.23 21.50
C THR C 854 -53.33 28.00 22.11
N VAL C 855 -52.70 28.15 23.25
CA VAL C 855 -52.04 27.00 23.87
C VAL C 855 -52.52 26.82 25.29
N ASN C 856 -52.31 25.64 25.87
CA ASN C 856 -52.67 25.40 27.27
C ASN C 856 -52.10 24.08 27.78
N VAL C 857 -52.39 23.76 29.04
CA VAL C 857 -51.99 22.51 29.69
C VAL C 857 -53.13 21.81 30.48
N VAL C 858 -53.29 20.50 30.28
CA VAL C 858 -54.26 19.70 31.02
C VAL C 858 -53.55 18.72 31.95
N LEU C 859 -53.90 18.74 33.20
CA LEU C 859 -53.18 17.91 34.14
C LEU C 859 -53.70 16.49 34.24
N GLU C 872 -46.66 7.79 33.10
CA GLU C 872 -45.92 8.07 34.33
C GLU C 872 -45.15 9.39 34.25
N ALA C 873 -43.90 9.36 33.79
CA ALA C 873 -43.20 10.61 33.62
C ALA C 873 -44.02 11.36 32.61
N GLU C 874 -44.22 12.64 32.81
CA GLU C 874 -45.07 13.39 31.90
C GLU C 874 -46.45 12.79 31.76
N GLU C 875 -47.00 12.16 32.78
CA GLU C 875 -48.37 11.64 32.66
C GLU C 875 -49.32 12.74 32.17
N CYS C 876 -49.10 14.00 32.58
CA CYS C 876 -49.94 15.11 32.12
C CYS C 876 -49.90 15.24 30.60
N LEU C 877 -48.74 14.99 30.00
CA LEU C 877 -48.49 15.09 28.57
C LEU C 877 -48.84 16.45 27.98
N GLU C 878 -48.70 17.49 28.81
CA GLU C 878 -49.02 18.87 28.44
C GLU C 878 -50.46 19.04 28.03
N VAL C 879 -50.80 18.54 26.86
CA VAL C 879 -52.13 18.59 26.27
C VAL C 879 -52.65 19.99 26.04
N LEU C 880 -52.48 20.42 24.82
CA LEU C 880 -52.88 21.72 24.37
C LEU C 880 -54.25 21.54 23.68
N PRO C 881 -55.09 22.58 23.56
CA PRO C 881 -56.39 22.58 22.89
C PRO C 881 -56.29 22.16 21.44
N ASN C 882 -57.38 21.64 20.86
CA ASN C 882 -57.32 21.19 19.47
C ASN C 882 -58.35 21.79 18.49
N TYR D 166 23.57 2.95 -35.52
CA TYR D 166 22.34 3.37 -34.89
C TYR D 166 22.59 3.74 -33.44
N LEU D 167 23.77 3.40 -32.95
CA LEU D 167 24.14 3.79 -31.60
C LEU D 167 23.89 5.26 -31.33
N SER D 168 24.14 6.15 -32.29
CA SER D 168 23.94 7.58 -32.06
C SER D 168 22.49 7.95 -31.74
N LYS D 169 21.55 7.08 -32.10
CA LYS D 169 20.16 7.24 -31.78
C LYS D 169 19.97 6.75 -30.37
N TYR D 170 20.76 5.77 -30.04
CA TYR D 170 20.62 5.09 -28.79
C TYR D 170 21.45 5.71 -27.67
N ALA D 171 22.51 6.45 -27.97
CA ALA D 171 23.36 6.99 -26.91
C ALA D 171 24.19 8.19 -27.33
N ILE D 172 24.64 8.96 -26.35
CA ILE D 172 25.48 10.14 -26.59
C ILE D 172 26.97 9.90 -26.46
N ASP D 173 27.73 10.22 -27.49
CA ASP D 173 29.15 9.95 -27.44
C ASP D 173 29.84 10.95 -26.56
N MET D 174 29.95 10.59 -25.30
CA MET D 174 30.48 11.47 -24.27
C MET D 174 31.89 11.83 -24.62
N THR D 175 32.61 10.84 -25.11
CA THR D 175 33.98 11.05 -25.48
C THR D 175 34.07 12.07 -26.60
N GLU D 176 33.24 11.94 -27.61
CA GLU D 176 33.37 12.92 -28.66
C GLU D 176 32.96 14.26 -28.11
N GLN D 177 31.96 14.29 -27.25
CA GLN D 177 31.60 15.58 -26.75
C GLN D 177 32.81 16.16 -26.07
N ALA D 178 33.55 15.36 -25.33
CA ALA D 178 34.75 15.89 -24.72
C ALA D 178 35.68 16.42 -25.80
N ARG D 179 35.77 15.76 -26.96
CA ARG D 179 36.61 16.30 -28.03
C ARG D 179 36.10 17.66 -28.46
N GLN D 180 34.80 17.84 -28.37
CA GLN D 180 34.10 19.05 -28.74
C GLN D 180 33.89 19.97 -27.54
N GLY D 181 34.43 19.60 -26.40
CA GLY D 181 34.19 20.34 -25.18
C GLY D 181 32.73 20.23 -24.80
N LYS D 182 32.14 21.33 -24.36
CA LYS D 182 30.75 21.42 -23.88
C LYS D 182 30.50 20.60 -22.60
N LEU D 183 31.54 19.97 -22.08
CA LEU D 183 31.46 19.22 -20.86
C LEU D 183 32.34 19.93 -19.87
N ASP D 184 31.77 20.69 -18.97
CA ASP D 184 32.60 21.48 -18.10
C ASP D 184 33.51 20.53 -17.32
N PRO D 185 34.82 20.76 -17.27
CA PRO D 185 35.75 19.92 -16.57
C PRO D 185 35.57 20.10 -15.10
N VAL D 186 35.81 19.06 -14.34
CA VAL D 186 35.79 19.21 -12.89
C VAL D 186 37.06 18.62 -12.38
N ILE D 187 37.35 18.90 -11.15
CA ILE D 187 38.53 18.39 -10.50
C ILE D 187 38.17 17.77 -9.19
N GLY D 188 39.14 17.13 -8.54
CA GLY D 188 38.94 16.59 -7.19
C GLY D 188 38.41 15.18 -7.17
N ARG D 189 38.32 14.58 -8.33
CA ARG D 189 37.83 13.23 -8.46
C ARG D 189 38.82 12.35 -9.15
N GLU D 190 40.07 12.74 -9.14
CA GLU D 190 41.08 12.00 -9.86
C GLU D 190 41.17 10.57 -9.40
N GLU D 191 40.98 10.33 -8.12
CA GLU D 191 41.08 8.99 -7.63
C GLU D 191 39.88 8.18 -8.06
N GLU D 192 38.72 8.82 -8.11
CA GLU D 192 37.52 8.11 -8.48
C GLU D 192 37.69 7.66 -9.90
N ILE D 193 38.27 8.53 -10.68
CA ILE D 193 38.52 8.26 -12.07
C ILE D 193 39.56 7.18 -12.23
N ARG D 194 40.67 7.27 -11.50
CA ARG D 194 41.64 6.21 -11.65
C ARG D 194 41.03 4.91 -11.25
N SER D 195 40.19 4.94 -10.24
CA SER D 195 39.55 3.74 -9.79
C SER D 195 38.59 3.25 -10.83
N THR D 196 37.86 4.15 -11.46
CA THR D 196 36.91 3.75 -12.45
C THR D 196 37.66 2.99 -13.51
N ILE D 197 38.77 3.57 -13.91
CA ILE D 197 39.61 3.00 -14.91
C ILE D 197 40.15 1.70 -14.46
N ARG D 198 40.61 1.63 -13.22
CA ARG D 198 41.17 0.43 -12.69
C ARG D 198 40.14 -0.67 -12.83
N VAL D 199 38.91 -0.36 -12.50
CA VAL D 199 37.89 -1.36 -12.59
C VAL D 199 37.63 -1.72 -14.01
N LEU D 200 37.57 -0.75 -14.88
CA LEU D 200 37.34 -1.09 -16.25
C LEU D 200 38.45 -1.99 -16.76
N ALA D 201 39.68 -1.76 -16.29
CA ALA D 201 40.81 -2.58 -16.66
C ALA D 201 40.64 -3.98 -16.11
N ARG D 202 40.06 -4.10 -14.91
CA ARG D 202 39.89 -5.41 -14.29
C ARG D 202 39.20 -6.27 -15.30
N ARG D 203 39.63 -7.52 -15.39
CA ARG D 203 39.00 -8.35 -16.39
C ARG D 203 37.91 -9.22 -15.84
N ILE D 204 37.77 -9.24 -14.53
CA ILE D 204 36.72 -10.06 -13.98
C ILE D 204 35.59 -9.17 -13.53
N LYS D 205 35.78 -8.43 -12.45
CA LYS D 205 34.76 -7.49 -12.05
C LYS D 205 35.05 -6.19 -12.73
N SER D 206 34.75 -6.20 -14.01
CA SER D 206 35.15 -5.19 -14.98
C SER D 206 34.31 -3.94 -15.02
N ASN D 207 33.19 -3.92 -14.32
CA ASN D 207 32.31 -2.78 -14.49
C ASN D 207 32.15 -1.95 -13.23
N PRO D 208 32.62 -0.73 -13.16
CA PRO D 208 32.51 0.09 -11.99
C PRO D 208 31.14 0.68 -11.81
N CYS D 209 30.81 1.01 -10.57
CA CYS D 209 29.67 1.87 -10.32
C CYS D 209 29.99 3.01 -9.40
N LEU D 210 29.50 4.19 -9.71
CA LEU D 210 29.73 5.31 -8.82
C LEU D 210 28.59 5.47 -7.90
N ILE D 211 28.83 5.17 -6.65
CA ILE D 211 27.76 5.16 -5.70
C ILE D 211 27.87 6.27 -4.67
N GLY D 212 26.81 7.03 -4.50
CA GLY D 212 26.85 8.13 -3.54
C GLY D 212 25.51 8.78 -3.20
N GLU D 213 25.37 10.02 -3.64
CA GLU D 213 24.22 10.85 -3.39
C GLU D 213 23.78 11.54 -4.68
N PRO D 214 22.55 12.01 -4.80
CA PRO D 214 22.18 12.82 -5.91
C PRO D 214 23.07 14.02 -5.85
N GLY D 215 23.70 14.38 -6.94
CA GLY D 215 24.56 15.54 -6.90
C GLY D 215 25.91 15.19 -6.31
N ILE D 216 26.19 13.94 -6.04
CA ILE D 216 27.45 13.63 -5.43
C ILE D 216 28.68 13.92 -6.29
N GLY D 217 28.54 13.88 -7.62
CA GLY D 217 29.70 14.06 -8.44
C GLY D 217 29.78 12.98 -9.51
N LYS D 218 28.96 11.97 -9.39
CA LYS D 218 29.01 10.87 -10.33
C LYS D 218 28.96 11.23 -11.80
N THR D 219 28.31 12.29 -12.16
CA THR D 219 28.18 12.50 -13.57
C THR D 219 29.45 13.01 -14.14
N ALA D 220 29.92 14.07 -13.53
CA ALA D 220 31.13 14.71 -13.94
C ALA D 220 32.29 13.77 -13.81
N ILE D 221 32.24 12.87 -12.82
CA ILE D 221 33.33 11.94 -12.68
C ILE D 221 33.46 11.16 -13.94
N ILE D 222 32.35 10.67 -14.44
CA ILE D 222 32.47 9.91 -15.62
C ILE D 222 32.85 10.75 -16.79
N GLU D 223 32.32 11.94 -16.88
CA GLU D 223 32.75 12.74 -18.00
C GLU D 223 34.28 12.91 -17.88
N GLY D 224 34.79 13.03 -16.66
CA GLY D 224 36.21 13.13 -16.42
C GLY D 224 36.89 11.86 -16.94
N VAL D 225 36.24 10.72 -16.77
CA VAL D 225 36.83 9.50 -17.28
C VAL D 225 36.93 9.62 -18.77
N ALA D 226 35.90 10.12 -19.40
CA ALA D 226 35.97 10.27 -20.82
C ALA D 226 37.15 11.16 -21.17
N GLN D 227 37.38 12.20 -20.37
CA GLN D 227 38.50 13.07 -20.65
C GLN D 227 39.79 12.25 -20.58
N ARG D 228 39.85 11.28 -19.70
CA ARG D 228 41.07 10.50 -19.67
C ARG D 228 41.20 9.76 -20.99
N ILE D 229 40.09 9.38 -21.58
CA ILE D 229 40.21 8.69 -22.86
C ILE D 229 40.77 9.68 -23.86
N ILE D 230 40.22 10.88 -23.85
CA ILE D 230 40.57 11.94 -24.79
C ILE D 230 42.04 12.21 -24.83
N ASP D 231 42.64 12.25 -23.66
CA ASP D 231 44.02 12.59 -23.55
C ASP D 231 44.93 11.39 -23.43
N ASP D 232 44.41 10.19 -23.71
CA ASP D 232 45.21 8.98 -23.63
C ASP D 232 45.82 8.73 -22.25
N ASP D 233 45.03 8.91 -21.19
CA ASP D 233 45.46 8.63 -19.81
C ASP D 233 44.86 7.32 -19.34
N VAL D 234 44.41 6.57 -20.31
CA VAL D 234 43.76 5.32 -20.12
C VAL D 234 44.63 4.16 -20.64
N PRO D 235 44.88 3.11 -19.83
CA PRO D 235 45.70 1.95 -20.18
C PRO D 235 45.28 1.36 -21.48
N THR D 236 46.24 0.79 -22.19
CA THR D 236 46.05 0.21 -23.53
C THR D 236 44.80 -0.63 -23.67
N ILE D 237 44.39 -1.26 -22.59
CA ILE D 237 43.23 -2.13 -22.56
C ILE D 237 41.99 -1.34 -22.92
N LEU D 238 41.93 -0.17 -22.35
CA LEU D 238 40.83 0.74 -22.46
C LEU D 238 41.16 1.96 -23.28
N GLN D 239 42.42 2.13 -23.62
CA GLN D 239 42.88 3.33 -24.28
C GLN D 239 42.06 3.71 -25.48
N GLY D 240 41.78 2.74 -26.33
CA GLY D 240 41.06 3.02 -27.55
C GLY D 240 39.56 2.98 -27.37
N ALA D 241 39.11 2.85 -26.14
CA ALA D 241 37.68 2.75 -25.86
C ALA D 241 37.01 4.08 -26.10
N LYS D 242 35.70 4.03 -26.28
CA LYS D 242 34.89 5.23 -26.42
C LYS D 242 33.73 5.18 -25.46
N LEU D 243 33.38 6.30 -24.85
CA LEU D 243 32.30 6.30 -23.89
C LEU D 243 31.02 6.98 -24.32
N PHE D 244 29.92 6.27 -24.13
CA PHE D 244 28.59 6.77 -24.43
C PHE D 244 27.63 6.84 -23.26
N SER D 245 26.80 7.87 -23.25
CA SER D 245 25.74 8.02 -22.25
C SER D 245 24.47 7.46 -22.78
N LEU D 246 23.99 6.42 -22.15
CA LEU D 246 22.81 5.77 -22.66
C LEU D 246 21.74 5.72 -21.62
N ASP D 247 20.75 6.58 -21.72
CA ASP D 247 19.77 6.52 -20.67
C ASP D 247 18.44 7.15 -21.05
N LEU D 248 17.49 6.94 -20.17
CA LEU D 248 16.12 7.43 -20.19
C LEU D 248 15.46 7.41 -21.57
N ALA D 249 15.84 8.30 -22.46
CA ALA D 249 15.22 8.33 -23.78
C ALA D 249 15.54 7.05 -24.51
N ALA D 250 16.75 6.61 -24.25
CA ALA D 250 17.31 5.43 -24.84
C ALA D 250 16.69 4.20 -24.28
N LEU D 251 15.98 4.34 -23.17
CA LEU D 251 15.45 3.21 -22.48
C LEU D 251 13.93 3.12 -22.62
N THR D 252 13.27 4.25 -22.46
CA THR D 252 11.83 4.29 -22.45
C THR D 252 11.20 5.23 -23.45
N ALA D 253 11.89 6.30 -23.88
CA ALA D 253 11.17 7.21 -24.80
C ALA D 253 10.79 6.48 -26.05
N GLY D 254 11.66 5.60 -26.49
CA GLY D 254 11.35 4.84 -27.69
C GLY D 254 10.24 3.79 -27.49
N ALA D 255 9.81 3.56 -26.26
CA ALA D 255 8.78 2.56 -26.05
C ALA D 255 7.48 3.03 -26.65
N LYS D 256 6.82 2.12 -27.33
CA LYS D 256 5.53 2.37 -27.95
C LYS D 256 4.66 1.24 -27.52
N TYR D 257 5.38 0.20 -27.21
CA TYR D 257 4.98 -1.11 -26.81
C TYR D 257 6.25 -1.73 -26.30
N LYS D 258 6.11 -2.76 -25.48
CA LYS D 258 7.23 -3.53 -25.00
C LYS D 258 7.93 -4.07 -26.22
N GLY D 259 9.24 -3.87 -26.33
CA GLY D 259 9.97 -4.30 -27.50
C GLY D 259 10.98 -3.24 -27.92
N ASP D 260 10.64 -1.94 -27.83
CA ASP D 260 11.66 -0.98 -28.28
C ASP D 260 12.88 -1.07 -27.42
N PHE D 261 12.67 -1.06 -26.11
CA PHE D 261 13.80 -1.16 -25.21
C PHE D 261 14.66 -2.33 -25.56
N GLU D 262 14.02 -3.46 -25.73
CA GLU D 262 14.72 -4.70 -25.88
C GLU D 262 15.50 -4.73 -27.16
N GLU D 263 14.90 -4.34 -28.27
CA GLU D 263 15.64 -4.40 -29.50
C GLU D 263 16.69 -3.33 -29.54
N ARG D 264 16.37 -2.15 -29.01
CA ARG D 264 17.27 -1.02 -29.02
C ARG D 264 18.50 -1.41 -28.22
N PHE D 265 18.26 -1.99 -27.05
CA PHE D 265 19.29 -2.47 -26.17
C PHE D 265 20.17 -3.47 -26.85
N LYS D 266 19.58 -4.48 -27.46
CA LYS D 266 20.41 -5.48 -28.10
C LYS D 266 21.19 -4.87 -29.24
N GLY D 267 20.57 -3.94 -29.96
CA GLY D 267 21.19 -3.27 -31.09
C GLY D 267 22.47 -2.65 -30.59
N VAL D 268 22.35 -1.90 -29.52
CA VAL D 268 23.51 -1.27 -28.97
C VAL D 268 24.56 -2.23 -28.60
N LEU D 269 24.19 -3.29 -27.94
CA LEU D 269 25.21 -4.17 -27.48
C LEU D 269 25.97 -4.76 -28.66
N LYS D 270 25.25 -5.06 -29.73
CA LYS D 270 25.95 -5.62 -30.86
C LYS D 270 26.91 -4.61 -31.47
N GLU D 271 26.48 -3.35 -31.57
CA GLU D 271 27.35 -2.36 -32.18
C GLU D 271 28.56 -2.02 -31.31
N ILE D 272 28.40 -2.00 -30.00
CA ILE D 272 29.53 -1.65 -29.14
C ILE D 272 30.52 -2.79 -29.03
N GLU D 273 30.02 -4.01 -29.26
CA GLU D 273 30.83 -5.19 -29.20
C GLU D 273 31.67 -5.44 -30.43
N GLU D 274 31.03 -5.45 -31.59
CA GLU D 274 31.79 -5.84 -32.76
C GLU D 274 32.49 -4.68 -33.44
N SER D 275 33.74 -4.93 -33.83
CA SER D 275 34.59 -4.03 -34.64
C SER D 275 34.95 -2.68 -34.03
N LYS D 276 33.94 -1.90 -33.69
CA LYS D 276 34.12 -0.55 -33.21
C LYS D 276 34.62 -0.46 -31.80
N THR D 277 35.90 -0.82 -31.65
CA THR D 277 36.62 -0.81 -30.39
C THR D 277 35.75 -1.29 -29.23
N LEU D 278 36.16 -0.95 -28.02
CA LEU D 278 35.39 -1.22 -26.84
C LEU D 278 34.47 -0.06 -26.55
N ILE D 279 33.29 -0.05 -27.10
CA ILE D 279 32.48 1.07 -26.70
C ILE D 279 31.91 0.77 -25.34
N VAL D 280 32.10 1.72 -24.46
CA VAL D 280 31.69 1.63 -23.08
C VAL D 280 30.44 2.41 -22.88
N LEU D 281 29.50 1.84 -22.17
CA LEU D 281 28.28 2.54 -21.89
C LEU D 281 28.32 3.14 -20.52
N PHE D 282 27.66 4.24 -20.36
CA PHE D 282 27.51 4.80 -19.05
C PHE D 282 26.07 4.92 -18.73
N ILE D 283 25.71 4.31 -17.61
CA ILE D 283 24.38 4.40 -17.11
C ILE D 283 24.40 5.43 -16.03
N ASP D 284 23.71 6.50 -16.28
CA ASP D 284 23.73 7.61 -15.38
C ASP D 284 22.82 7.30 -14.20
N GLU D 285 21.72 6.62 -14.49
CA GLU D 285 20.78 6.25 -13.47
C GLU D 285 20.57 4.75 -13.40
N ILE D 286 21.27 4.09 -12.50
CA ILE D 286 21.03 2.65 -12.38
C ILE D 286 19.59 2.40 -12.04
N HIS D 287 18.95 3.33 -11.36
CA HIS D 287 17.53 3.23 -11.05
C HIS D 287 16.72 2.80 -12.26
N MET D 288 17.05 3.35 -13.41
CA MET D 288 16.32 3.07 -14.64
C MET D 288 16.54 1.64 -15.10
N LEU D 289 17.61 1.03 -14.64
CA LEU D 289 17.89 -0.34 -14.98
C LEU D 289 17.08 -1.06 -13.97
N MET D 290 16.64 -2.24 -14.30
CA MET D 290 15.83 -3.04 -13.38
C MET D 290 14.47 -2.38 -13.17
N GLY D 291 14.45 -1.30 -12.42
CA GLY D 291 13.22 -0.60 -12.16
C GLY D 291 12.31 -1.40 -11.25
N ASN D 292 11.06 -1.00 -11.19
CA ASN D 292 10.14 -1.60 -10.26
C ASN D 292 9.57 -2.90 -10.78
N GLY D 293 10.30 -3.97 -10.47
CA GLY D 293 9.97 -5.31 -10.92
C GLY D 293 11.03 -5.93 -11.83
N LYS D 294 12.17 -5.25 -11.97
CA LYS D 294 13.32 -5.72 -12.78
C LYS D 294 13.09 -5.73 -14.30
N ASP D 295 12.04 -6.41 -14.74
CA ASP D 295 11.58 -6.46 -16.14
C ASP D 295 12.68 -6.56 -17.20
N ASP D 296 13.76 -7.30 -16.93
CA ASP D 296 14.92 -7.34 -17.82
C ASP D 296 15.24 -6.02 -18.43
N ALA D 297 15.16 -4.96 -17.66
CA ALA D 297 15.56 -3.68 -18.14
C ALA D 297 17.07 -3.66 -18.09
N ALA D 298 17.65 -4.35 -19.08
CA ALA D 298 19.06 -4.62 -19.32
C ALA D 298 19.64 -5.63 -18.37
N ASN D 299 19.32 -5.46 -17.11
CA ASN D 299 19.94 -6.16 -16.01
C ASN D 299 20.05 -7.67 -16.11
N ILE D 300 19.30 -8.33 -16.98
CA ILE D 300 19.47 -9.75 -17.02
C ILE D 300 20.28 -10.08 -18.26
N LEU D 301 19.82 -9.61 -19.40
CA LEU D 301 20.61 -9.95 -20.58
C LEU D 301 21.95 -9.29 -20.56
N LYS D 302 22.03 -8.05 -20.16
CA LYS D 302 23.29 -7.39 -20.15
C LYS D 302 24.42 -8.26 -19.58
N PRO D 303 24.36 -8.72 -18.32
CA PRO D 303 25.41 -9.54 -17.78
C PRO D 303 25.48 -10.87 -18.48
N ALA D 304 24.38 -11.36 -19.05
CA ALA D 304 24.42 -12.63 -19.78
C ALA D 304 25.32 -12.48 -20.98
N LEU D 305 25.26 -11.29 -21.53
CA LEU D 305 25.94 -10.86 -22.70
C LEU D 305 27.33 -10.33 -22.38
N SER D 306 27.74 -10.35 -21.11
CA SER D 306 29.04 -9.81 -20.71
C SER D 306 30.19 -10.52 -21.36
N ARG D 307 29.94 -11.67 -21.96
CA ARG D 307 30.94 -12.41 -22.70
C ARG D 307 31.51 -11.57 -23.86
N GLY D 308 30.75 -10.55 -24.29
CA GLY D 308 31.12 -9.64 -25.37
C GLY D 308 31.77 -8.37 -24.80
N GLN D 309 32.18 -8.45 -23.54
CA GLN D 309 32.77 -7.35 -22.77
C GLN D 309 31.67 -6.35 -22.49
N LEU D 310 31.30 -5.61 -23.52
CA LEU D 310 30.20 -4.67 -23.41
C LEU D 310 30.40 -3.85 -22.15
N LYS D 311 31.58 -3.27 -22.00
CA LYS D 311 31.89 -2.59 -20.77
C LYS D 311 30.91 -1.49 -20.48
N VAL D 312 30.62 -1.34 -19.21
CA VAL D 312 29.67 -0.34 -18.78
C VAL D 312 30.01 0.20 -17.41
N ILE D 313 29.71 1.46 -17.24
CA ILE D 313 29.90 2.11 -15.99
C ILE D 313 28.53 2.43 -15.44
N GLY D 314 28.27 2.10 -14.19
CA GLY D 314 26.97 2.47 -13.66
C GLY D 314 27.13 3.50 -12.56
N ALA D 315 26.01 3.92 -11.99
CA ALA D 315 26.02 4.85 -10.89
C ALA D 315 24.64 5.02 -10.27
N THR D 316 24.62 5.19 -8.97
CA THR D 316 23.42 5.49 -8.20
C THR D 316 23.77 5.97 -6.80
N THR D 317 22.77 6.02 -5.95
CA THR D 317 22.96 6.43 -4.59
C THR D 317 23.35 5.26 -3.72
N ASN D 318 23.89 5.55 -2.56
CA ASN D 318 24.25 4.52 -1.61
C ASN D 318 23.05 3.73 -1.20
N ASN D 319 21.92 4.40 -1.11
CA ASN D 319 20.78 3.69 -0.62
C ASN D 319 20.22 2.83 -1.69
N GLU D 320 20.07 3.39 -2.87
CA GLU D 320 19.50 2.59 -3.92
C GLU D 320 20.42 1.43 -4.21
N TYR D 321 21.71 1.70 -4.18
CA TYR D 321 22.70 0.69 -4.45
C TYR D 321 22.48 -0.49 -3.58
N ARG D 322 22.35 -0.26 -2.29
CA ARG D 322 22.13 -1.40 -1.45
C ARG D 322 20.89 -2.17 -1.86
N SER D 323 19.80 -1.47 -2.17
CA SER D 323 18.61 -2.23 -2.48
C SER D 323 18.73 -2.99 -3.78
N ILE D 324 19.49 -2.48 -4.73
CA ILE D 324 19.60 -3.23 -5.96
C ILE D 324 20.50 -4.42 -5.78
N VAL D 325 21.51 -4.31 -4.94
CA VAL D 325 22.39 -5.43 -4.74
C VAL D 325 21.67 -6.56 -4.07
N GLU D 326 20.92 -6.21 -3.03
CA GLU D 326 20.17 -7.16 -2.24
C GLU D 326 19.14 -7.89 -3.08
N LYS D 327 18.48 -7.19 -3.99
CA LYS D 327 17.52 -7.80 -4.89
C LYS D 327 18.19 -8.66 -5.97
N ASP D 328 19.40 -8.26 -6.36
CA ASP D 328 20.15 -8.84 -7.46
C ASP D 328 21.04 -10.04 -7.19
N GLY D 329 22.24 -9.80 -6.66
CA GLY D 329 23.21 -10.87 -6.49
C GLY D 329 23.83 -11.35 -7.84
N ALA D 330 23.75 -10.52 -8.87
CA ALA D 330 24.21 -10.83 -10.21
C ALA D 330 25.13 -9.75 -10.77
N PHE D 331 24.63 -8.52 -10.97
CA PHE D 331 25.53 -7.47 -11.48
C PHE D 331 26.61 -7.29 -10.44
N GLU D 332 26.22 -7.59 -9.22
CA GLU D 332 27.14 -7.54 -8.11
C GLU D 332 28.42 -8.32 -8.40
N ARG D 333 28.28 -9.42 -9.11
CA ARG D 333 29.37 -10.32 -9.37
C ARG D 333 30.27 -9.88 -10.52
N ARG D 334 29.88 -8.85 -11.24
CA ARG D 334 30.65 -8.34 -12.38
C ARG D 334 31.08 -6.91 -12.15
N PHE D 335 30.46 -6.30 -11.17
CA PHE D 335 30.71 -4.91 -10.86
C PHE D 335 31.53 -4.63 -9.63
N GLN D 336 32.19 -3.48 -9.65
CA GLN D 336 32.97 -2.99 -8.54
C GLN D 336 32.46 -1.67 -8.03
N LYS D 337 31.98 -1.67 -6.82
CA LYS D 337 31.49 -0.45 -6.24
C LYS D 337 32.61 0.53 -5.98
N ILE D 338 32.39 1.78 -6.36
CA ILE D 338 33.28 2.85 -6.02
C ILE D 338 32.47 3.86 -5.22
N GLU D 339 32.87 4.10 -4.00
CA GLU D 339 32.11 5.02 -3.19
C GLU D 339 32.53 6.41 -3.53
N VAL D 340 31.58 7.31 -3.59
CA VAL D 340 31.93 8.67 -3.88
C VAL D 340 31.64 9.56 -2.71
N ALA D 341 32.68 10.16 -2.17
CA ALA D 341 32.55 11.06 -1.03
C ALA D 341 32.16 12.44 -1.46
N GLU D 342 31.41 13.16 -0.65
CA GLU D 342 31.13 14.55 -0.94
C GLU D 342 32.46 15.26 -0.78
N PRO D 343 32.85 16.18 -1.66
CA PRO D 343 34.08 16.91 -1.57
C PRO D 343 33.99 17.81 -0.37
N SER D 344 35.12 18.13 0.20
CA SER D 344 35.12 19.03 1.33
C SER D 344 34.81 20.41 0.87
N VAL D 345 34.53 21.29 1.81
CA VAL D 345 34.26 22.65 1.42
C VAL D 345 35.47 23.17 0.67
N ARG D 346 36.66 22.94 1.20
CA ARG D 346 37.85 23.37 0.50
C ARG D 346 37.93 22.82 -0.92
N GLN D 347 37.68 21.54 -1.07
CA GLN D 347 37.76 20.96 -2.39
C GLN D 347 36.74 21.59 -3.28
N THR D 348 35.59 21.82 -2.72
CA THR D 348 34.51 22.38 -3.46
C THR D 348 34.92 23.73 -3.96
N VAL D 349 35.55 24.51 -3.12
CA VAL D 349 35.95 25.82 -3.56
C VAL D 349 36.90 25.71 -4.71
N ALA D 350 37.85 24.80 -4.62
CA ALA D 350 38.77 24.66 -5.72
C ALA D 350 38.00 24.38 -6.99
N ILE D 351 36.99 23.57 -6.86
CA ILE D 351 36.15 23.25 -7.98
C ILE D 351 35.42 24.48 -8.44
N LEU D 352 34.92 25.27 -7.51
CA LEU D 352 34.18 26.43 -7.89
C LEU D 352 35.07 27.31 -8.69
N ARG D 353 36.32 27.42 -8.28
CA ARG D 353 37.26 28.24 -8.99
C ARG D 353 37.44 27.68 -10.38
N GLY D 354 37.51 26.37 -10.48
CA GLY D 354 37.67 25.77 -11.78
C GLY D 354 36.50 26.13 -12.69
N LEU D 355 35.31 26.18 -12.13
CA LEU D 355 34.15 26.50 -12.94
C LEU D 355 33.77 27.93 -12.92
N GLN D 356 34.39 28.71 -12.06
CA GLN D 356 34.02 30.08 -12.01
C GLN D 356 33.91 30.72 -13.36
N PRO D 357 34.91 30.63 -14.26
CA PRO D 357 34.83 31.21 -15.56
C PRO D 357 33.57 30.81 -16.28
N LYS D 358 33.05 29.61 -16.06
CA LYS D 358 31.89 29.23 -16.82
C LYS D 358 30.71 30.05 -16.44
N TYR D 359 30.70 30.44 -15.19
CA TYR D 359 29.60 31.23 -14.74
C TYR D 359 29.81 32.64 -15.15
N GLU D 360 31.04 33.09 -15.01
CA GLU D 360 31.28 34.47 -15.31
C GLU D 360 30.97 34.71 -16.76
N ILE D 361 31.34 33.74 -17.58
CA ILE D 361 31.10 33.77 -19.00
C ILE D 361 29.66 33.79 -19.32
N HIS D 362 28.91 32.86 -18.76
CA HIS D 362 27.52 32.85 -19.09
C HIS D 362 26.81 34.09 -18.68
N HIS D 363 26.99 34.46 -17.43
CA HIS D 363 26.25 35.54 -16.86
C HIS D 363 26.73 36.93 -17.23
N GLY D 364 28.01 37.09 -17.54
CA GLY D 364 28.51 38.43 -17.79
C GLY D 364 28.71 39.13 -16.45
N VAL D 365 29.05 38.28 -15.49
CA VAL D 365 29.25 38.62 -14.09
C VAL D 365 30.53 38.11 -13.51
N ARG D 366 31.50 38.98 -13.32
CA ARG D 366 32.74 38.55 -12.73
C ARG D 366 32.49 38.40 -11.26
N ILE D 367 33.15 37.46 -10.60
CA ILE D 367 32.92 37.34 -9.18
C ILE D 367 34.18 37.32 -8.33
N LEU D 368 34.15 38.12 -7.30
CA LEU D 368 35.26 38.19 -6.37
C LEU D 368 35.56 36.80 -5.84
N ASP D 369 36.82 36.36 -5.89
CA ASP D 369 37.18 34.99 -5.45
C ASP D 369 36.66 34.55 -4.11
N SER D 370 36.68 35.44 -3.16
CA SER D 370 36.21 35.11 -1.83
C SER D 370 34.76 34.65 -1.84
N ALA D 371 34.05 34.99 -2.90
CA ALA D 371 32.68 34.57 -3.04
C ALA D 371 32.59 33.11 -3.08
N LEU D 372 33.56 32.50 -3.73
CA LEU D 372 33.48 31.09 -3.99
C LEU D 372 33.80 30.42 -2.70
N VAL D 373 34.68 31.07 -1.98
CA VAL D 373 35.07 30.53 -0.73
C VAL D 373 33.84 30.50 0.15
N THR D 374 33.17 31.62 0.19
CA THR D 374 32.00 31.70 1.01
C THR D 374 30.86 30.90 0.46
N ALA D 375 30.77 30.72 -0.84
CA ALA D 375 29.65 29.98 -1.35
C ALA D 375 29.68 28.58 -0.84
N ALA D 376 30.84 27.96 -0.91
CA ALA D 376 30.90 26.59 -0.47
C ALA D 376 30.57 26.51 1.01
N GLN D 377 31.04 27.48 1.77
CA GLN D 377 30.76 27.45 3.19
C GLN D 377 29.29 27.58 3.45
N LEU D 378 28.67 28.49 2.74
CA LEU D 378 27.28 28.78 2.89
C LEU D 378 26.43 27.65 2.43
N ALA D 379 26.85 26.99 1.38
CA ALA D 379 26.06 25.90 0.87
C ALA D 379 26.02 24.78 1.85
N LYS D 380 27.18 24.42 2.39
CA LYS D 380 27.19 23.30 3.29
C LYS D 380 26.37 23.66 4.50
N ARG D 381 26.57 24.88 4.96
CA ARG D 381 25.93 25.36 6.14
C ARG D 381 24.42 25.53 6.03
N TYR D 382 23.92 26.04 4.92
CA TYR D 382 22.51 26.35 4.86
C TYR D 382 21.66 25.63 3.83
N LEU D 383 22.23 24.79 2.96
CA LEU D 383 21.40 24.15 1.95
C LEU D 383 21.35 22.67 2.20
N PRO D 384 20.71 22.32 3.30
CA PRO D 384 20.81 21.05 3.98
C PRO D 384 21.16 19.83 3.15
N TYR D 385 20.21 19.42 2.34
CA TYR D 385 20.29 18.18 1.60
C TYR D 385 20.93 18.29 0.24
N ARG D 386 21.46 19.44 -0.08
CA ARG D 386 22.02 19.57 -1.40
C ARG D 386 23.51 19.26 -1.26
N ARG D 387 24.10 18.60 -2.25
CA ARG D 387 25.51 18.25 -2.12
C ARG D 387 26.43 19.35 -2.55
N LEU D 388 27.59 19.46 -1.93
CA LEU D 388 28.49 20.56 -2.28
C LEU D 388 28.92 20.79 -3.71
N PRO D 389 29.42 19.81 -4.46
CA PRO D 389 29.96 20.09 -5.78
C PRO D 389 28.91 20.72 -6.67
N ASP D 390 27.63 20.52 -6.35
CA ASP D 390 26.56 21.07 -7.14
C ASP D 390 25.83 22.20 -6.41
N SER D 391 25.65 22.06 -5.12
CA SER D 391 24.88 23.04 -4.40
C SER D 391 25.65 24.30 -4.23
N ALA D 392 26.97 24.18 -4.17
CA ALA D 392 27.75 25.37 -4.07
C ALA D 392 27.55 26.09 -5.37
N LEU D 393 27.50 25.31 -6.44
CA LEU D 393 27.29 25.90 -7.72
C LEU D 393 25.92 26.46 -7.74
N ASP D 394 24.96 25.79 -7.12
CA ASP D 394 23.64 26.36 -7.11
C ASP D 394 23.74 27.74 -6.49
N LEU D 395 24.49 27.90 -5.42
CA LEU D 395 24.57 29.26 -4.94
C LEU D 395 25.21 30.13 -5.97
N VAL D 396 26.22 29.61 -6.65
CA VAL D 396 26.85 30.42 -7.63
C VAL D 396 25.90 30.75 -8.75
N ASP D 397 25.34 29.74 -9.37
CA ASP D 397 24.45 29.86 -10.51
C ASP D 397 23.31 30.79 -10.12
N ILE D 398 22.74 30.57 -8.95
CA ILE D 398 21.64 31.41 -8.53
C ILE D 398 22.06 32.81 -8.27
N SER D 399 23.13 32.98 -7.52
CA SER D 399 23.55 34.31 -7.20
C SER D 399 24.11 34.98 -8.41
N CYS D 400 24.64 34.21 -9.35
CA CYS D 400 25.16 34.83 -10.54
C CYS D 400 24.00 35.38 -11.24
N ALA D 401 22.96 34.58 -11.31
CA ALA D 401 21.74 34.99 -11.93
C ALA D 401 21.19 36.17 -11.16
N GLY D 402 21.30 36.11 -9.84
CA GLY D 402 20.82 37.19 -9.02
C GLY D 402 21.41 38.46 -9.53
N VAL D 403 22.71 38.47 -9.66
CA VAL D 403 23.39 39.63 -10.14
C VAL D 403 23.01 39.93 -11.56
N ALA D 404 22.94 38.90 -12.39
CA ALA D 404 22.60 39.10 -13.78
C ALA D 404 21.26 39.78 -13.91
N VAL D 405 20.34 39.47 -13.02
CA VAL D 405 19.05 40.10 -13.02
C VAL D 405 19.16 41.47 -12.45
N ALA D 406 19.82 41.56 -11.31
CA ALA D 406 19.93 42.82 -10.62
C ALA D 406 20.55 43.87 -11.49
N ARG D 407 21.54 43.51 -12.27
CA ARG D 407 22.17 44.47 -13.12
C ARG D 407 21.20 44.94 -14.19
N ASP D 408 20.21 44.13 -14.52
CA ASP D 408 19.27 44.52 -15.53
C ASP D 408 19.96 45.08 -16.77
N SER D 409 19.78 46.38 -17.01
CA SER D 409 20.31 47.03 -18.17
C SER D 409 21.80 47.29 -18.06
N LYS D 410 22.59 46.28 -18.38
CA LYS D 410 24.06 46.35 -18.30
C LYS D 410 24.35 46.36 -16.77
N PRO D 411 25.38 47.03 -16.16
CA PRO D 411 25.69 46.82 -14.75
C PRO D 411 24.63 47.42 -13.81
N GLU D 412 24.73 47.09 -12.53
CA GLU D 412 23.87 47.73 -11.57
C GLU D 412 24.34 49.17 -11.51
N GLU D 413 23.58 50.02 -10.83
CA GLU D 413 23.79 51.48 -10.75
C GLU D 413 23.17 52.09 -12.01
N LEU D 414 23.65 51.62 -13.15
CA LEU D 414 23.19 52.11 -14.43
C LEU D 414 21.71 51.87 -14.56
N ASP D 415 21.27 50.62 -14.38
CA ASP D 415 19.85 50.31 -14.60
C ASP D 415 18.91 51.34 -13.99
N SER D 416 19.09 51.59 -12.70
CA SER D 416 18.24 52.45 -11.92
C SER D 416 18.28 53.86 -12.43
N LYS D 417 19.47 54.32 -12.78
CA LYS D 417 19.61 55.65 -13.31
C LYS D 417 19.00 55.72 -14.72
N GLU D 418 19.06 54.62 -15.48
CA GLU D 418 18.46 54.61 -16.82
C GLU D 418 16.96 54.65 -16.64
N ARG D 419 16.44 53.96 -15.63
CA ARG D 419 15.02 54.00 -15.38
C ARG D 419 14.61 55.42 -15.02
N GLN D 420 15.43 56.12 -14.24
CA GLN D 420 15.09 57.52 -13.95
C GLN D 420 15.09 58.29 -15.24
N LEU D 421 16.14 58.06 -16.06
CA LEU D 421 16.29 58.76 -17.31
C LEU D 421 15.07 58.56 -18.19
N GLN D 422 14.63 57.32 -18.37
CA GLN D 422 13.51 57.05 -19.23
C GLN D 422 12.19 57.62 -18.69
N LEU D 423 12.00 57.58 -17.38
CA LEU D 423 10.76 58.15 -16.84
C LEU D 423 10.77 59.65 -17.10
N ILE D 424 11.94 60.25 -16.93
CA ILE D 424 12.17 61.66 -17.17
C ILE D 424 12.02 61.99 -18.65
N GLN D 425 12.62 61.17 -19.51
CA GLN D 425 12.57 61.41 -20.94
C GLN D 425 11.13 61.49 -21.40
N VAL D 426 10.31 60.54 -20.94
CA VAL D 426 8.92 60.56 -21.31
C VAL D 426 8.21 61.78 -20.76
N GLU D 427 8.44 62.09 -19.49
CA GLU D 427 7.79 63.23 -18.88
C GLU D 427 8.13 64.48 -19.69
N ILE D 428 9.39 64.66 -20.03
CA ILE D 428 9.84 65.82 -20.77
C ILE D 428 9.14 65.96 -22.08
N LYS D 429 9.07 64.87 -22.83
CA LYS D 429 8.44 64.92 -24.13
C LYS D 429 6.94 65.21 -24.01
N ALA D 430 6.29 64.63 -22.99
CA ALA D 430 4.88 64.91 -22.77
C ALA D 430 4.70 66.39 -22.39
N LEU D 431 5.64 66.93 -21.60
CA LEU D 431 5.59 68.31 -21.16
C LEU D 431 5.88 69.27 -22.31
N GLU D 432 6.76 68.84 -23.21
CA GLU D 432 7.20 69.62 -24.37
C GLU D 432 6.05 69.99 -25.27
N ARG D 433 5.17 69.04 -25.51
CA ARG D 433 4.03 69.29 -26.35
C ARG D 433 2.76 69.19 -25.54
N ASP D 434 2.23 70.35 -25.13
CA ASP D 434 1.08 70.42 -24.24
C ASP D 434 0.37 71.77 -24.35
N GLU D 435 -0.82 71.87 -23.75
CA GLU D 435 -1.63 73.09 -23.81
C GLU D 435 -0.91 74.26 -23.18
N ASP D 436 -0.18 73.93 -22.12
CA ASP D 436 0.58 74.87 -21.34
C ASP D 436 2.08 74.55 -21.36
N ALA D 437 2.57 73.98 -22.47
CA ALA D 437 3.99 73.62 -22.59
C ALA D 437 4.92 74.80 -22.37
N ASP D 438 4.46 75.99 -22.70
CA ASP D 438 5.26 77.21 -22.58
C ASP D 438 5.22 77.82 -21.18
N SER D 439 4.35 77.30 -20.31
CA SER D 439 4.24 77.79 -18.94
C SER D 439 5.34 77.17 -18.14
N THR D 440 5.79 77.83 -17.07
CA THR D 440 6.81 77.24 -16.19
C THR D 440 6.28 75.97 -15.49
N THR D 441 4.96 75.76 -15.60
CA THR D 441 4.26 74.58 -15.09
C THR D 441 4.77 73.31 -15.80
N LYS D 442 5.03 73.44 -17.10
CA LYS D 442 5.44 72.33 -17.94
C LYS D 442 6.87 72.53 -18.48
N ASP D 443 7.28 73.80 -18.65
CA ASP D 443 8.58 74.17 -19.23
C ASP D 443 9.73 73.76 -18.32
N ARG D 444 9.38 73.35 -17.10
CA ARG D 444 10.28 72.77 -16.13
C ARG D 444 10.98 71.52 -16.71
N LEU D 445 10.46 71.03 -17.84
CA LEU D 445 11.00 69.93 -18.60
C LEU D 445 12.46 70.21 -18.98
N LYS D 446 12.85 71.50 -19.02
CA LYS D 446 14.22 71.84 -19.36
C LYS D 446 15.16 71.40 -18.24
N LEU D 447 14.69 71.46 -17.00
CA LEU D 447 15.52 71.09 -15.88
C LEU D 447 15.50 69.59 -15.78
N ALA D 448 14.34 69.03 -16.10
CA ALA D 448 14.20 67.59 -16.13
C ALA D 448 15.19 67.06 -17.16
N ARG D 449 15.33 67.78 -18.28
CA ARG D 449 16.26 67.46 -19.35
C ARG D 449 17.69 67.55 -18.86
N GLN D 450 18.00 68.53 -18.00
CA GLN D 450 19.35 68.59 -17.46
C GLN D 450 19.60 67.31 -16.65
N LYS D 451 18.57 66.82 -15.95
CA LYS D 451 18.69 65.58 -15.19
C LYS D 451 18.83 64.40 -16.15
N GLU D 452 18.03 64.37 -17.21
CA GLU D 452 18.09 63.30 -18.20
C GLU D 452 19.51 63.21 -18.74
N ALA D 453 20.05 64.36 -19.15
CA ALA D 453 21.39 64.47 -19.70
C ALA D 453 22.45 64.12 -18.66
N SER D 454 22.28 64.57 -17.43
CA SER D 454 23.27 64.29 -16.42
C SER D 454 23.29 62.79 -16.19
N LEU D 455 22.12 62.18 -16.15
CA LEU D 455 22.06 60.75 -15.97
C LEU D 455 22.71 60.12 -17.16
N GLN D 456 22.43 60.60 -18.37
CA GLN D 456 23.01 60.04 -19.56
C GLN D 456 24.53 60.08 -19.48
N GLU D 457 25.07 61.17 -18.98
CA GLU D 457 26.51 61.30 -18.83
C GLU D 457 27.10 60.32 -17.82
N GLU D 458 26.32 59.87 -16.84
CA GLU D 458 26.85 58.86 -15.92
C GLU D 458 26.61 57.46 -16.50
N LEU D 459 25.44 57.30 -17.10
CA LEU D 459 24.97 56.04 -17.64
C LEU D 459 25.84 55.59 -18.77
N GLU D 460 26.24 56.52 -19.61
CA GLU D 460 27.11 56.16 -20.71
C GLU D 460 28.40 55.53 -20.21
N PRO D 461 29.24 56.17 -19.39
CA PRO D 461 30.40 55.56 -18.79
C PRO D 461 30.10 54.24 -18.12
N LEU D 462 28.95 54.10 -17.48
CA LEU D 462 28.69 52.81 -16.87
C LEU D 462 28.48 51.76 -17.94
N ARG D 463 27.77 52.13 -18.98
CA ARG D 463 27.49 51.25 -20.09
C ARG D 463 28.76 50.91 -20.83
N GLN D 464 29.54 51.92 -21.13
CA GLN D 464 30.75 51.80 -21.89
C GLN D 464 31.79 51.01 -21.15
N ARG D 465 31.90 51.23 -19.85
CA ARG D 465 32.85 50.46 -19.09
C ARG D 465 32.41 49.03 -19.10
N TYR D 466 31.11 48.82 -18.91
CA TYR D 466 30.59 47.48 -18.86
C TYR D 466 30.78 46.79 -20.17
N ASN D 467 30.43 47.49 -21.24
CA ASN D 467 30.43 46.93 -22.57
C ASN D 467 31.83 46.70 -23.10
N GLU D 468 32.75 47.64 -22.91
CA GLU D 468 34.08 47.42 -23.43
C GLU D 468 34.72 46.32 -22.62
N GLU D 469 34.51 46.34 -21.31
CA GLU D 469 35.04 45.29 -20.49
C GLU D 469 34.37 43.98 -20.88
N LYS D 470 33.06 44.02 -21.17
CA LYS D 470 32.31 42.86 -21.58
C LYS D 470 32.93 42.29 -22.81
N HIS D 471 33.30 43.17 -23.72
CA HIS D 471 33.93 42.75 -24.94
C HIS D 471 35.18 42.00 -24.52
N GLY D 472 36.01 42.62 -23.69
CA GLY D 472 37.22 41.95 -23.23
C GLY D 472 36.89 40.63 -22.54
N HIS D 473 35.80 40.59 -21.80
CA HIS D 473 35.34 39.43 -21.06
C HIS D 473 35.06 38.32 -22.06
N GLU D 474 34.33 38.66 -23.13
CA GLU D 474 34.02 37.70 -24.18
C GLU D 474 35.28 37.30 -24.91
N GLU D 475 36.18 38.24 -25.13
CA GLU D 475 37.41 37.87 -25.79
C GLU D 475 38.19 36.90 -24.90
N LEU D 476 38.17 37.11 -23.58
CA LEU D 476 38.82 36.20 -22.65
C LEU D 476 38.13 34.86 -22.66
N THR D 477 36.81 34.89 -22.77
CA THR D 477 36.03 33.68 -22.82
C THR D 477 36.49 32.83 -23.96
N GLN D 478 36.49 33.43 -25.12
CA GLN D 478 36.84 32.71 -26.31
C GLN D 478 38.30 32.36 -26.33
N ALA D 479 39.16 33.27 -25.90
CA ALA D 479 40.57 33.02 -25.96
C ALA D 479 40.91 31.84 -25.11
N LYS D 480 40.31 31.75 -23.94
CA LYS D 480 40.63 30.63 -23.08
C LYS D 480 40.12 29.34 -23.70
N LYS D 481 38.93 29.37 -24.29
CA LYS D 481 38.43 28.17 -24.93
C LYS D 481 39.38 27.75 -26.03
N LYS D 482 39.79 28.71 -26.85
CA LYS D 482 40.67 28.46 -27.96
C LYS D 482 42.02 27.97 -27.47
N LEU D 483 42.46 28.46 -26.33
CA LEU D 483 43.75 28.03 -25.81
C LEU D 483 43.65 26.54 -25.55
N ASP D 484 42.56 26.14 -24.88
CA ASP D 484 42.39 24.74 -24.57
C ASP D 484 42.31 23.91 -25.83
N GLU D 485 41.62 24.41 -26.85
CA GLU D 485 41.49 23.64 -28.08
C GLU D 485 42.83 23.42 -28.74
N LEU D 486 43.68 24.44 -28.73
CA LEU D 486 44.99 24.29 -29.33
C LEU D 486 45.81 23.29 -28.57
N GLU D 487 45.74 23.35 -27.24
CA GLU D 487 46.52 22.42 -26.45
C GLU D 487 45.99 21.01 -26.59
N ASN D 488 44.68 20.86 -26.69
CA ASN D 488 44.10 19.55 -26.81
C ASN D 488 44.60 18.90 -28.08
N LYS D 489 44.52 19.64 -29.17
CA LYS D 489 44.96 19.11 -30.44
C LYS D 489 46.47 18.91 -30.45
N ALA D 490 47.22 19.82 -29.81
CA ALA D 490 48.66 19.68 -29.75
C ALA D 490 49.03 18.43 -28.97
N LEU D 491 48.27 18.13 -27.92
CA LEU D 491 48.54 16.93 -27.13
C LEU D 491 48.28 15.71 -27.99
N ASP D 492 47.18 15.72 -28.75
CA ASP D 492 46.89 14.59 -29.61
C ASP D 492 48.11 14.38 -30.49
N ALA D 493 48.64 15.49 -30.99
CA ALA D 493 49.79 15.42 -31.83
C ALA D 493 51.01 14.87 -31.08
N GLU D 494 51.31 15.34 -29.88
CA GLU D 494 52.49 14.80 -29.19
C GLU D 494 52.36 13.36 -28.75
N ARG D 495 51.19 12.92 -28.32
CA ARG D 495 51.09 11.53 -27.88
C ARG D 495 51.34 10.58 -29.05
N ARG D 496 51.02 11.04 -30.26
CA ARG D 496 51.26 10.31 -31.51
C ARG D 496 52.70 10.52 -32.02
N TYR D 497 53.45 11.36 -31.31
CA TYR D 497 54.81 11.81 -31.61
C TYR D 497 54.85 12.73 -32.84
N ASP D 498 53.70 13.27 -33.20
CA ASP D 498 53.59 14.18 -34.33
C ASP D 498 53.96 15.58 -33.92
N THR D 499 55.25 15.81 -33.87
CA THR D 499 55.77 17.10 -33.45
C THR D 499 55.44 18.18 -34.47
N ALA D 500 55.18 17.81 -35.73
CA ALA D 500 54.84 18.82 -36.73
C ALA D 500 53.47 19.42 -36.40
N THR D 501 52.47 18.57 -36.15
CA THR D 501 51.15 19.11 -35.80
C THR D 501 51.21 19.82 -34.48
N ALA D 502 51.90 19.24 -33.50
CA ALA D 502 51.96 19.91 -32.23
C ALA D 502 52.57 21.28 -32.40
N ALA D 503 53.63 21.37 -33.21
CA ALA D 503 54.28 22.63 -33.48
C ALA D 503 53.33 23.61 -34.16
N ASP D 504 52.55 23.17 -35.13
CA ASP D 504 51.62 24.08 -35.79
C ASP D 504 50.63 24.69 -34.79
N LEU D 505 50.31 23.93 -33.77
CA LEU D 505 49.38 24.33 -32.73
C LEU D 505 50.05 24.98 -31.52
N ARG D 506 51.38 25.14 -31.57
CA ARG D 506 52.18 25.71 -30.47
C ARG D 506 53.04 26.91 -30.88
N TYR D 507 53.49 26.93 -32.10
CA TYR D 507 54.27 28.05 -32.61
C TYR D 507 53.23 28.99 -33.18
N PHE D 508 53.20 30.21 -32.67
CA PHE D 508 52.23 31.25 -32.98
C PHE D 508 50.88 30.87 -32.40
N ALA D 509 50.34 29.74 -32.84
CA ALA D 509 49.14 29.22 -32.23
C ALA D 509 49.52 28.90 -30.80
N ILE D 510 48.85 29.52 -29.84
CA ILE D 510 49.11 29.49 -28.39
C ILE D 510 49.78 30.79 -27.93
N PRO D 511 50.97 31.23 -28.41
CA PRO D 511 51.48 32.55 -28.10
C PRO D 511 50.47 33.62 -28.43
N ASP D 512 49.64 33.38 -29.45
CA ASP D 512 48.65 34.36 -29.83
C ASP D 512 47.56 34.42 -28.79
N ILE D 513 46.99 33.28 -28.45
CA ILE D 513 45.92 33.25 -27.49
C ILE D 513 46.41 33.68 -26.12
N LYS D 514 47.60 33.22 -25.72
CA LYS D 514 48.09 33.58 -24.41
C LYS D 514 48.30 35.08 -24.31
N LYS D 515 48.82 35.70 -25.36
CA LYS D 515 49.05 37.13 -25.31
C LYS D 515 47.74 37.88 -25.38
N GLN D 516 46.75 37.35 -26.09
CA GLN D 516 45.48 38.02 -26.10
C GLN D 516 44.97 38.05 -24.70
N ILE D 517 45.09 36.93 -24.00
CA ILE D 517 44.59 36.87 -22.65
C ILE D 517 45.29 37.84 -21.75
N GLU D 518 46.61 37.88 -21.80
CA GLU D 518 47.30 38.81 -20.92
C GLU D 518 46.90 40.25 -21.21
N LYS D 519 46.77 40.61 -22.49
CA LYS D 519 46.43 41.98 -22.81
C LYS D 519 45.03 42.30 -22.37
N LEU D 520 44.13 41.38 -22.58
CA LEU D 520 42.75 41.60 -22.24
C LEU D 520 42.58 41.71 -20.75
N GLU D 521 43.25 40.86 -19.99
CA GLU D 521 43.08 40.96 -18.55
C GLU D 521 43.60 42.30 -18.05
N ASP D 522 44.70 42.80 -18.63
CA ASP D 522 45.22 44.09 -18.21
C ASP D 522 44.27 45.23 -18.55
N GLN D 523 43.59 45.14 -19.70
CA GLN D 523 42.64 46.16 -20.12
C GLN D 523 41.43 46.21 -19.20
N VAL D 524 41.00 45.01 -18.79
CA VAL D 524 39.92 44.86 -17.84
C VAL D 524 40.34 45.46 -16.51
N ALA D 525 41.53 45.05 -16.08
CA ALA D 525 42.17 45.46 -14.84
C ALA D 525 41.31 45.07 -13.65
N GLU D 526 41.93 44.97 -12.49
CA GLU D 526 41.20 44.65 -11.26
C GLU D 526 41.63 45.57 -10.12
N GLU D 527 40.75 45.72 -9.13
CA GLU D 527 40.98 46.54 -7.94
C GLU D 527 40.76 45.71 -6.69
N GLU D 528 41.31 46.15 -5.55
CA GLU D 528 41.09 45.43 -4.30
C GLU D 528 39.60 45.33 -3.96
N ARG D 529 38.82 46.32 -4.41
CA ARG D 529 37.38 46.36 -4.17
C ARG D 529 36.61 45.38 -5.06
N ARG D 530 37.21 44.98 -6.18
CA ARG D 530 36.46 44.21 -7.16
C ARG D 530 37.26 43.49 -8.25
N ALA D 531 36.79 42.29 -8.61
CA ALA D 531 37.38 41.51 -9.70
C ALA D 531 36.90 42.01 -11.06
N GLY D 532 37.27 43.23 -11.36
CA GLY D 532 36.91 43.98 -12.56
C GLY D 532 36.88 45.46 -12.20
N ALA D 533 37.94 46.17 -12.57
CA ALA D 533 38.18 47.59 -12.27
C ALA D 533 37.27 48.54 -13.00
N ASN D 534 36.57 48.03 -14.00
CA ASN D 534 35.73 48.86 -14.81
C ASN D 534 34.23 48.70 -14.41
N SER D 535 33.51 47.67 -14.89
CA SER D 535 32.11 47.47 -14.46
C SER D 535 31.54 46.02 -14.46
N MET D 536 32.14 45.05 -15.17
CA MET D 536 31.61 43.65 -15.39
C MET D 536 31.55 42.72 -14.21
N ILE D 537 31.42 43.27 -13.06
CA ILE D 537 31.34 42.62 -11.80
C ILE D 537 30.05 42.98 -11.19
N GLN D 538 29.51 44.10 -11.67
CA GLN D 538 28.24 44.64 -11.22
C GLN D 538 28.24 44.77 -9.72
N ASN D 539 29.40 45.02 -9.15
CA ASN D 539 29.59 45.11 -7.73
C ASN D 539 29.15 43.83 -6.98
N VAL D 540 29.25 42.64 -7.58
CA VAL D 540 28.92 41.43 -6.81
C VAL D 540 29.87 41.38 -5.63
N VAL D 541 29.36 40.99 -4.48
CA VAL D 541 30.16 40.95 -3.28
C VAL D 541 30.03 39.63 -2.64
N ASP D 542 31.15 38.98 -2.48
CA ASP D 542 31.21 37.67 -1.90
C ASP D 542 30.05 37.28 -1.02
N SER D 543 30.17 37.51 0.26
CA SER D 543 29.17 37.08 1.15
C SER D 543 27.95 37.96 1.11
N ASP D 544 28.06 39.20 0.67
CA ASP D 544 26.83 39.95 0.79
C ASP D 544 25.84 39.50 -0.25
N THR D 545 26.29 39.28 -1.44
CA THR D 545 25.37 38.91 -2.47
C THR D 545 25.03 37.44 -2.36
N ILE D 546 25.95 36.64 -1.85
CA ILE D 546 25.60 35.27 -1.70
C ILE D 546 24.65 35.13 -0.55
N SER D 547 24.92 35.82 0.53
CA SER D 547 24.07 35.71 1.69
C SER D 547 22.70 36.13 1.34
N GLU D 548 22.55 37.19 0.57
CA GLU D 548 21.21 37.58 0.25
C GLU D 548 20.58 36.52 -0.61
N THR D 549 21.37 35.88 -1.44
CA THR D 549 20.81 34.80 -2.21
C THR D 549 20.32 33.75 -1.23
N ALA D 550 21.15 33.40 -0.28
CA ALA D 550 20.78 32.42 0.70
C ALA D 550 19.57 32.90 1.47
N ALA D 551 19.50 34.18 1.73
CA ALA D 551 18.37 34.66 2.47
C ALA D 551 17.13 34.42 1.65
N ARG D 552 17.21 34.64 0.37
CA ARG D 552 16.04 34.37 -0.45
C ARG D 552 15.70 32.88 -0.43
N LEU D 553 16.72 32.03 -0.31
CA LEU D 553 16.55 30.59 -0.27
C LEU D 553 16.23 30.02 1.11
N THR D 554 16.77 30.63 2.16
CA THR D 554 16.68 30.09 3.51
C THR D 554 16.13 31.08 4.55
N GLY D 555 16.13 32.36 4.21
CA GLY D 555 15.66 33.44 5.09
C GLY D 555 16.68 33.99 6.08
N ILE D 556 16.18 34.74 7.06
CA ILE D 556 16.96 35.42 8.09
C ILE D 556 18.12 36.31 7.64
N PRO D 557 17.90 37.18 6.68
CA PRO D 557 18.91 38.03 6.07
C PRO D 557 20.03 38.51 6.98
N VAL D 558 19.69 39.32 7.96
CA VAL D 558 20.72 39.97 8.72
C VAL D 558 21.57 39.06 9.54
N LYS D 559 20.98 38.10 10.22
CA LYS D 559 21.81 37.26 11.04
C LYS D 559 22.61 36.34 10.14
N LYS D 560 22.12 36.09 8.94
CA LYS D 560 22.91 35.28 8.04
C LYS D 560 24.09 36.14 7.61
N LEU D 561 23.87 37.44 7.45
CA LEU D 561 25.02 38.26 7.10
C LEU D 561 25.97 38.28 8.27
N SER D 562 25.41 38.49 9.45
CA SER D 562 26.18 38.58 10.67
C SER D 562 26.35 37.21 11.29
N GLU D 563 27.02 36.34 10.56
CA GLU D 563 27.12 34.96 10.99
C GLU D 563 28.45 34.53 11.58
N SER D 564 29.32 35.48 11.90
CA SER D 564 30.64 35.07 12.38
C SER D 564 30.59 34.02 13.45
N GLU D 565 31.34 32.98 13.20
CA GLU D 565 31.47 31.87 14.09
C GLU D 565 31.98 32.29 15.39
N ASN D 566 32.77 33.35 15.38
CA ASN D 566 33.46 33.70 16.57
C ASN D 566 32.70 34.74 17.28
N GLU D 567 32.01 35.60 16.55
CA GLU D 567 31.24 36.54 17.33
C GLU D 567 30.34 35.69 18.21
N LYS D 568 29.80 34.62 17.63
CA LYS D 568 29.01 33.71 18.41
C LYS D 568 29.80 33.01 19.48
N LEU D 569 30.83 32.30 19.13
CA LEU D 569 31.54 31.52 20.12
C LEU D 569 32.10 32.39 21.25
N ILE D 570 32.52 33.59 20.92
CA ILE D 570 33.08 34.51 21.88
C ILE D 570 32.04 35.00 22.87
N HIS D 571 30.89 35.42 22.38
CA HIS D 571 29.90 35.95 23.28
C HIS D 571 28.84 34.96 23.62
N MET D 572 28.92 33.79 23.04
CA MET D 572 27.96 32.73 23.22
C MET D 572 27.23 32.76 24.52
N GLU D 573 27.92 32.46 25.60
CA GLU D 573 27.24 32.41 26.87
C GLU D 573 26.61 33.73 27.28
N ARG D 574 27.15 34.84 26.81
CA ARG D 574 26.58 36.13 27.18
C ARG D 574 25.29 36.29 26.45
N ASP D 575 25.37 36.09 25.16
CA ASP D 575 24.23 36.31 24.33
C ASP D 575 23.14 35.36 24.75
N LEU D 576 23.52 34.15 25.07
CA LEU D 576 22.54 33.20 25.50
C LEU D 576 21.95 33.66 26.81
N SER D 577 22.77 34.20 27.71
CA SER D 577 22.25 34.63 28.99
C SER D 577 21.34 35.84 28.85
N SER D 578 21.45 36.57 27.75
CA SER D 578 20.60 37.72 27.58
C SER D 578 19.18 37.28 27.21
N GLU D 579 19.06 36.04 26.76
CA GLU D 579 17.78 35.48 26.38
C GLU D 579 17.28 34.59 27.50
N VAL D 580 18.21 33.89 28.12
CA VAL D 580 17.87 32.95 29.16
C VAL D 580 18.49 33.34 30.46
N VAL D 581 17.67 33.37 31.46
CA VAL D 581 18.08 33.78 32.79
C VAL D 581 17.97 32.68 33.82
N GLY D 582 18.98 32.54 34.66
CA GLY D 582 18.90 31.55 35.70
C GLY D 582 20.19 30.83 35.88
N GLN D 583 20.22 29.57 35.51
CA GLN D 583 21.42 28.81 35.70
C GLN D 583 22.37 29.12 34.57
N MET D 584 22.99 30.26 34.70
CA MET D 584 23.90 30.74 33.69
C MET D 584 25.09 29.84 33.65
N ASP D 585 25.31 29.15 34.75
CA ASP D 585 26.37 28.19 34.84
C ASP D 585 26.16 27.13 33.79
N ALA D 586 24.90 26.78 33.58
CA ALA D 586 24.56 25.78 32.61
C ALA D 586 24.84 26.31 31.30
N ILE D 587 24.48 27.56 31.13
CA ILE D 587 24.67 28.14 29.84
C ILE D 587 26.14 28.08 29.57
N LYS D 588 26.96 28.41 30.54
CA LYS D 588 28.37 28.36 30.31
C LYS D 588 28.82 26.94 30.02
N ALA D 589 28.29 25.98 30.74
CA ALA D 589 28.72 24.61 30.53
C ALA D 589 28.40 24.15 29.13
N VAL D 590 27.20 24.47 28.70
CA VAL D 590 26.75 24.08 27.40
C VAL D 590 27.56 24.80 26.38
N SER D 591 27.74 26.08 26.62
CA SER D 591 28.45 26.88 25.70
C SER D 591 29.80 26.30 25.48
N ASN D 592 30.45 25.90 26.54
CA ASN D 592 31.75 25.35 26.42
C ASN D 592 31.75 24.09 25.63
N ALA D 593 30.76 23.25 25.87
CA ALA D 593 30.73 22.02 25.15
C ALA D 593 30.56 22.30 23.67
N VAL D 594 29.72 23.28 23.36
CA VAL D 594 29.50 23.62 21.99
C VAL D 594 30.78 24.14 21.41
N ARG D 595 31.46 24.97 22.18
CA ARG D 595 32.70 25.49 21.69
C ARG D 595 33.65 24.36 21.41
N LEU D 596 33.71 23.33 22.25
CA LEU D 596 34.64 22.27 21.99
C LEU D 596 34.31 21.61 20.69
N SER D 597 33.02 21.45 20.46
CA SER D 597 32.56 20.78 19.28
C SER D 597 32.90 21.59 18.06
N ARG D 598 32.54 22.86 18.09
CA ARG D 598 32.74 23.70 16.94
C ARG D 598 34.20 23.91 16.66
N SER D 599 34.99 23.92 17.72
CA SER D 599 36.41 24.13 17.61
C SER D 599 37.15 22.93 17.09
N GLY D 600 36.51 21.78 17.07
CA GLY D 600 37.20 20.58 16.66
C GLY D 600 38.13 20.07 17.75
N LEU D 601 38.08 20.66 18.93
CA LEU D 601 38.95 20.21 19.99
C LEU D 601 38.45 18.86 20.42
N ALA D 602 37.13 18.76 20.50
CA ALA D 602 36.45 17.53 20.85
C ALA D 602 36.61 16.54 19.72
N ASN D 603 36.54 15.26 20.02
CA ASN D 603 36.58 14.31 18.94
C ASN D 603 35.47 14.68 17.95
N PRO D 604 35.81 15.09 16.71
CA PRO D 604 34.90 15.63 15.72
C PRO D 604 33.71 14.76 15.36
N ARG D 605 33.73 13.51 15.78
CA ARG D 605 32.62 12.63 15.48
C ARG D 605 31.45 12.80 16.43
N GLN D 606 31.71 13.44 17.56
CA GLN D 606 30.73 13.60 18.60
C GLN D 606 30.36 15.02 18.95
N PRO D 607 29.15 15.49 18.63
CA PRO D 607 28.70 16.80 18.98
C PRO D 607 28.44 16.83 20.45
N ALA D 608 28.54 18.00 21.03
CA ALA D 608 28.16 18.16 22.41
C ALA D 608 26.74 17.71 22.67
N SER D 609 26.56 17.18 23.86
CA SER D 609 25.26 16.76 24.29
C SER D 609 25.21 16.73 25.81
N PHE D 610 24.03 16.94 26.36
CA PHE D 610 23.99 16.88 27.80
C PHE D 610 22.65 16.51 28.39
N LEU D 611 22.71 15.97 29.58
CA LEU D 611 21.53 15.62 30.34
C LEU D 611 20.93 16.88 30.85
N PHE D 612 19.61 17.02 30.84
CA PHE D 612 19.08 18.27 31.33
C PHE D 612 17.89 18.12 32.26
N LEU D 613 18.21 18.17 33.52
CA LEU D 613 17.29 18.00 34.62
C LEU D 613 17.00 19.38 35.11
N GLY D 614 16.06 19.50 36.01
CA GLY D 614 15.78 20.82 36.54
C GLY D 614 14.31 21.05 36.70
N LEU D 615 14.00 22.10 37.42
CA LEU D 615 12.62 22.44 37.67
C LEU D 615 11.91 22.69 36.34
N SER D 616 10.72 22.16 36.19
CA SER D 616 9.98 22.34 34.95
C SER D 616 9.56 23.79 34.78
N GLY D 617 9.19 24.18 33.56
CA GLY D 617 8.69 25.53 33.35
C GLY D 617 9.75 26.55 33.68
N SER D 618 10.99 26.20 33.46
CA SER D 618 12.04 27.08 33.88
C SER D 618 13.03 27.31 32.77
N GLY D 619 12.56 27.20 31.53
CA GLY D 619 13.39 27.47 30.39
C GLY D 619 14.36 26.37 29.99
N LYS D 620 14.11 25.12 30.35
CA LYS D 620 15.09 24.11 29.97
C LYS D 620 15.09 23.89 28.47
N THR D 621 13.92 23.86 27.90
CA THR D 621 13.80 23.62 26.50
C THR D 621 13.83 24.95 25.83
N GLU D 622 13.47 25.97 26.58
CA GLU D 622 13.54 27.28 25.99
C GLU D 622 15.00 27.55 25.76
N LEU D 623 15.84 27.14 26.70
CA LEU D 623 17.24 27.31 26.47
C LEU D 623 17.60 26.59 25.24
N ALA D 624 17.19 25.35 25.11
CA ALA D 624 17.56 24.66 23.90
C ALA D 624 17.11 25.45 22.68
N LYS D 625 15.92 26.05 22.74
CA LYS D 625 15.47 26.85 21.62
C LYS D 625 16.37 28.01 21.41
N LYS D 626 16.84 28.61 22.49
CA LYS D 626 17.66 29.77 22.35
C LYS D 626 19.01 29.38 21.87
N VAL D 627 19.44 28.20 22.21
CA VAL D 627 20.69 27.73 21.72
C VAL D 627 20.55 27.52 20.25
N ALA D 628 19.48 26.88 19.85
CA ALA D 628 19.22 26.66 18.45
C ALA D 628 19.11 27.98 17.74
N GLY D 629 18.47 28.91 18.41
CA GLY D 629 18.30 30.21 17.87
C GLY D 629 19.67 30.69 17.58
N PHE D 630 20.43 30.87 18.60
CA PHE D 630 21.76 31.36 18.51
C PHE D 630 22.64 30.63 17.51
N LEU D 631 22.65 29.32 17.55
CA LEU D 631 23.54 28.56 16.70
C LEU D 631 23.16 28.49 15.26
N PHE D 632 21.89 28.73 14.95
CA PHE D 632 21.37 28.62 13.61
C PHE D 632 20.60 29.83 13.16
N ASN D 633 20.47 30.76 14.08
CA ASN D 633 19.65 31.96 13.96
C ASN D 633 18.22 31.50 13.81
N ASP D 634 17.91 30.33 14.35
CA ASP D 634 16.59 29.76 14.13
C ASP D 634 16.09 28.83 15.20
N GLU D 635 15.08 29.24 15.94
CA GLU D 635 14.53 28.40 17.00
C GLU D 635 13.93 27.11 16.39
N ASP D 636 13.50 27.20 15.14
CA ASP D 636 12.90 26.08 14.43
C ASP D 636 13.92 25.00 14.18
N MET D 637 15.18 25.31 14.35
CA MET D 637 16.20 24.32 14.17
C MET D 637 16.07 23.13 15.14
N MET D 638 15.33 23.29 16.22
CA MET D 638 15.20 22.15 17.09
C MET D 638 14.29 21.05 16.58
N ILE D 639 14.67 19.84 16.90
CA ILE D 639 13.86 18.67 16.72
C ILE D 639 13.59 18.11 18.08
N ARG D 640 12.35 17.74 18.36
CA ARG D 640 12.01 17.22 19.66
C ARG D 640 11.53 15.80 19.60
N VAL D 641 11.89 15.00 20.59
CA VAL D 641 11.50 13.60 20.61
C VAL D 641 10.69 13.17 21.82
N ASP D 642 9.49 12.63 21.60
CA ASP D 642 8.74 12.20 22.77
C ASP D 642 9.16 10.83 23.19
N CYS D 643 10.10 10.84 24.10
CA CYS D 643 10.76 9.64 24.53
C CYS D 643 9.88 8.70 25.27
N SER D 644 8.80 9.20 25.84
CA SER D 644 8.00 8.35 26.67
C SER D 644 7.16 7.44 25.81
N GLU D 645 7.10 7.75 24.52
CA GLU D 645 6.32 6.94 23.64
C GLU D 645 7.22 5.86 23.08
N LEU D 646 8.50 5.95 23.40
CA LEU D 646 9.42 5.01 22.83
C LEU D 646 9.56 3.80 23.72
N SER D 647 8.47 3.08 23.81
CA SER D 647 8.30 1.84 24.58
C SER D 647 8.91 0.80 23.71
N GLU D 648 8.86 -0.46 24.12
CA GLU D 648 9.43 -1.55 23.32
C GLU D 648 8.93 -1.52 21.87
N LYS D 649 7.75 -0.94 21.64
CA LYS D 649 7.16 -0.81 20.32
C LYS D 649 8.13 -0.18 19.31
N TYR D 650 8.96 0.76 19.79
CA TYR D 650 9.89 1.53 18.96
C TYR D 650 10.11 0.91 17.59
N ALA D 651 9.56 1.55 16.58
CA ALA D 651 9.62 1.01 15.23
C ALA D 651 9.74 2.14 14.27
N VAL D 652 8.65 2.59 13.68
CA VAL D 652 8.72 3.76 12.80
C VAL D 652 9.27 4.95 13.58
N SER D 653 9.03 4.88 14.88
CA SER D 653 9.41 5.82 15.89
C SER D 653 10.85 5.65 16.38
N LYS D 654 11.53 4.57 16.07
CA LYS D 654 12.89 4.44 16.53
C LYS D 654 13.62 5.27 15.51
N LEU D 655 14.85 5.69 15.81
CA LEU D 655 15.59 6.51 14.83
C LEU D 655 15.60 5.87 13.46
N LEU D 656 15.90 4.57 13.42
CA LEU D 656 16.00 3.83 12.18
C LEU D 656 14.65 3.69 11.51
N GLY D 657 13.59 3.85 12.25
CA GLY D 657 12.32 3.62 11.70
C GLY D 657 12.03 2.15 11.55
N THR D 658 11.11 1.83 10.65
CA THR D 658 10.72 0.46 10.48
C THR D 658 11.85 -0.25 9.81
N THR D 659 11.98 -1.53 10.04
CA THR D 659 12.97 -2.26 9.31
C THR D 659 12.51 -2.29 7.86
N ALA D 660 13.39 -1.98 6.93
CA ALA D 660 12.93 -2.02 5.56
C ALA D 660 12.39 -3.41 5.28
N GLY D 661 11.34 -3.50 4.47
CA GLY D 661 10.70 -4.77 4.17
C GLY D 661 9.34 -4.85 4.88
N TYR D 662 9.18 -4.01 5.89
CA TYR D 662 7.92 -3.91 6.62
C TYR D 662 7.06 -2.84 6.00
N VAL D 663 5.78 -2.88 6.29
CA VAL D 663 4.89 -1.86 5.75
C VAL D 663 5.08 -0.53 6.44
N GLY D 664 5.29 0.51 5.64
CA GLY D 664 5.49 1.87 6.10
C GLY D 664 6.94 2.31 5.96
N TYR D 665 7.17 3.35 5.15
CA TYR D 665 8.52 3.83 4.91
C TYR D 665 8.86 5.19 5.45
N ASP D 666 8.08 5.69 6.40
CA ASP D 666 8.46 6.95 7.04
C ASP D 666 9.42 6.55 8.15
N GLU D 667 10.57 6.05 7.73
CA GLU D 667 11.47 5.38 8.63
C GLU D 667 12.18 6.33 9.54
N GLY D 668 11.56 6.63 10.66
CA GLY D 668 12.16 7.59 11.53
C GLY D 668 11.96 8.93 10.87
N GLY D 669 10.88 9.08 10.11
CA GLY D 669 10.64 10.35 9.43
C GLY D 669 10.74 11.45 10.46
N PHE D 670 10.03 11.22 11.55
CA PHE D 670 10.02 12.06 12.72
C PHE D 670 11.43 12.39 13.16
N LEU D 671 12.32 11.42 13.05
CA LEU D 671 13.66 11.53 13.51
C LEU D 671 14.63 11.69 12.36
N THR D 672 14.92 10.62 11.67
CA THR D 672 15.87 10.61 10.61
C THR D 672 15.57 11.59 9.52
N ASN D 673 14.32 11.67 9.07
CA ASN D 673 14.13 12.59 7.95
C ASN D 673 14.28 14.00 8.43
N GLN D 674 13.75 14.31 9.59
CA GLN D 674 13.91 15.68 10.03
C GLN D 674 15.39 15.99 10.17
N LEU D 675 16.15 15.01 10.65
CA LEU D 675 17.58 15.16 10.82
C LEU D 675 18.24 15.32 9.46
N GLN D 676 17.73 14.64 8.45
CA GLN D 676 18.22 14.78 7.10
C GLN D 676 18.04 16.21 6.65
N TYR D 677 16.90 16.77 6.97
CA TYR D 677 16.59 18.12 6.58
C TYR D 677 17.37 19.13 7.40
N LYS D 678 17.81 18.75 8.58
CA LYS D 678 18.57 19.61 9.45
C LYS D 678 19.91 18.96 9.90
N PRO D 679 20.94 18.92 9.00
CA PRO D 679 22.27 18.31 9.15
C PRO D 679 23.17 19.03 10.11
N TYR D 680 22.72 20.18 10.54
CA TYR D 680 23.33 20.96 11.58
C TYR D 680 22.13 21.23 12.39
N SER D 681 22.13 20.88 13.67
CA SER D 681 20.88 21.01 14.38
C SER D 681 20.89 20.90 15.87
N VAL D 682 19.73 21.09 16.45
CA VAL D 682 19.57 20.84 17.86
C VAL D 682 18.50 19.79 18.03
N LEU D 683 18.78 18.82 18.84
CA LEU D 683 17.85 17.73 19.05
C LEU D 683 17.62 17.54 20.52
N LEU D 684 16.39 17.49 20.91
CA LEU D 684 16.11 17.32 22.31
C LEU D 684 15.18 16.18 22.56
N PHE D 685 15.57 15.41 23.53
CA PHE D 685 14.82 14.29 23.98
C PHE D 685 14.00 14.66 25.18
N ASP D 686 12.68 14.59 25.02
CA ASP D 686 11.77 14.97 26.07
C ASP D 686 11.50 13.75 26.95
N GLU D 687 11.96 13.83 28.20
CA GLU D 687 11.86 12.71 29.16
C GLU D 687 12.63 11.49 28.69
N VAL D 688 13.91 11.69 28.43
CA VAL D 688 14.77 10.65 27.91
C VAL D 688 14.82 9.44 28.85
N GLU D 689 14.63 9.67 30.13
CA GLU D 689 14.65 8.61 31.11
C GLU D 689 13.55 7.59 30.88
N LYS D 690 12.48 7.99 30.18
CA LYS D 690 11.37 7.09 29.96
C LYS D 690 11.52 6.29 28.68
N ALA D 691 12.56 6.56 27.91
CA ALA D 691 12.71 5.81 26.69
C ALA D 691 13.09 4.39 27.05
N HIS D 692 12.64 3.46 26.24
CA HIS D 692 12.98 2.08 26.45
C HIS D 692 14.50 1.98 26.37
N PRO D 693 15.15 1.17 27.20
CA PRO D 693 16.58 0.94 27.15
C PRO D 693 17.10 0.67 25.77
N ASP D 694 16.32 0.02 24.91
CA ASP D 694 16.84 -0.25 23.60
C ASP D 694 16.94 1.04 22.84
N VAL D 695 15.99 1.90 23.05
CA VAL D 695 15.94 3.15 22.35
C VAL D 695 17.08 3.98 22.79
N LEU D 696 17.31 3.96 24.08
CA LEU D 696 18.39 4.73 24.63
C LEU D 696 19.67 4.24 24.06
N THR D 697 19.80 2.94 23.91
CA THR D 697 20.98 2.35 23.35
C THR D 697 21.14 2.79 21.92
N VAL D 698 20.07 2.73 21.16
CA VAL D 698 20.16 3.12 19.78
C VAL D 698 20.61 4.56 19.68
N MET D 699 19.99 5.41 20.46
CA MET D 699 20.36 6.79 20.46
C MET D 699 21.80 6.94 20.83
N LEU D 700 22.20 6.31 21.91
CA LEU D 700 23.54 6.40 22.44
C LEU D 700 24.57 6.06 21.40
N GLN D 701 24.33 4.96 20.72
CA GLN D 701 25.23 4.47 19.71
C GLN D 701 25.38 5.49 18.61
N MET D 702 24.30 6.21 18.33
CA MET D 702 24.30 7.24 17.32
C MET D 702 24.25 8.61 17.97
N LEU D 703 24.65 8.69 19.23
CA LEU D 703 24.71 9.92 19.96
C LEU D 703 26.12 10.38 19.81
N ASP D 704 27.03 9.68 20.46
CA ASP D 704 28.40 10.06 20.19
C ASP D 704 28.57 9.45 18.86
N ASP D 705 29.56 9.88 18.08
CA ASP D 705 29.73 9.25 16.79
C ASP D 705 28.37 9.25 16.15
N GLY D 706 27.85 10.46 15.88
CA GLY D 706 26.45 10.67 15.52
C GLY D 706 25.98 10.13 14.17
N ARG D 707 26.18 8.84 13.98
CA ARG D 707 25.88 8.11 12.78
C ARG D 707 24.42 7.79 12.66
N ILE D 708 23.63 8.83 12.55
CA ILE D 708 22.20 8.67 12.44
C ILE D 708 21.97 7.81 11.26
N THR D 709 21.31 6.66 11.43
CA THR D 709 21.10 5.73 10.34
C THR D 709 19.68 5.19 10.24
N SER D 710 19.12 5.16 9.01
CA SER D 710 17.76 4.67 8.76
C SER D 710 17.66 3.16 8.78
N GLY D 711 16.43 2.66 8.70
CA GLY D 711 16.08 1.24 8.61
C GLY D 711 16.52 0.60 7.28
N GLN D 712 17.00 1.44 6.34
CA GLN D 712 17.55 1.01 5.07
C GLN D 712 19.06 1.08 5.12
N GLY D 713 19.59 1.48 6.27
CA GLY D 713 21.02 1.63 6.45
C GLY D 713 21.54 2.97 5.94
N LYS D 714 20.67 3.95 5.74
CA LYS D 714 21.18 5.20 5.22
C LYS D 714 21.61 6.09 6.33
N THR D 715 22.87 6.51 6.31
CA THR D 715 23.37 7.33 7.38
C THR D 715 23.34 8.82 7.03
N ILE D 716 22.81 9.63 7.96
CA ILE D 716 22.75 11.09 7.88
C ILE D 716 24.02 11.61 8.50
N ASP D 717 24.41 10.94 9.58
CA ASP D 717 25.64 11.24 10.28
C ASP D 717 25.71 12.66 10.83
N CYS D 718 24.67 13.15 11.49
CA CYS D 718 24.78 14.54 11.94
C CYS D 718 25.58 14.72 13.20
N SER D 719 26.88 14.78 13.00
CA SER D 719 27.86 14.98 14.06
C SER D 719 27.82 16.42 14.53
N ASN D 720 26.99 17.20 13.88
CA ASN D 720 26.79 18.59 14.12
C ASN D 720 25.54 18.85 14.95
N CYS D 721 24.91 17.80 15.46
CA CYS D 721 23.71 18.07 16.23
C CYS D 721 23.92 18.19 17.71
N ILE D 722 23.52 19.30 18.27
CA ILE D 722 23.67 19.46 19.69
C ILE D 722 22.52 18.75 20.32
N VAL D 723 22.79 17.87 21.27
CA VAL D 723 21.68 17.10 21.80
C VAL D 723 21.41 17.30 23.28
N ILE D 724 20.15 17.47 23.61
CA ILE D 724 19.73 17.65 24.97
C ILE D 724 18.89 16.48 25.42
N MET D 725 19.24 15.91 26.55
CA MET D 725 18.57 14.73 27.07
C MET D 725 17.81 15.05 28.36
N THR D 726 16.61 15.59 28.25
CA THR D 726 15.92 16.07 29.42
C THR D 726 15.21 15.01 30.19
N SER D 727 14.96 15.28 31.46
CA SER D 727 14.09 14.40 32.24
C SER D 727 13.68 15.03 33.56
N ASN D 728 12.89 14.27 34.33
CA ASN D 728 12.44 14.69 35.64
C ASN D 728 13.13 13.83 36.68
N LEU D 729 14.23 13.20 36.25
CA LEU D 729 14.98 12.31 37.09
C LEU D 729 15.35 12.87 38.45
N GLY D 730 15.80 14.11 38.50
CA GLY D 730 16.23 14.70 39.75
C GLY D 730 15.12 15.42 40.49
N ALA D 731 13.86 15.26 40.07
CA ALA D 731 12.77 16.02 40.65
C ALA D 731 12.70 15.87 42.15
N GLU D 732 12.94 14.67 42.67
CA GLU D 732 12.85 14.49 44.10
C GLU D 732 13.91 15.29 44.86
N PHE D 733 14.94 15.73 44.18
CA PHE D 733 15.97 16.49 44.87
C PHE D 733 15.71 17.95 44.59
N ILE D 734 15.16 18.23 43.43
CA ILE D 734 14.84 19.60 43.05
C ILE D 734 13.79 20.13 44.01
N ASN D 735 12.85 19.25 44.32
CA ASN D 735 11.75 19.51 45.20
C ASN D 735 12.21 19.76 46.64
N SER D 736 13.51 19.57 46.93
CA SER D 736 14.04 19.83 48.24
C SER D 736 14.05 21.32 48.51
N GLN D 737 13.97 22.12 47.45
CA GLN D 737 14.02 23.57 47.52
C GLN D 737 15.27 24.05 48.23
N GLN D 738 16.37 23.33 48.11
CA GLN D 738 17.58 23.75 48.77
C GLN D 738 18.30 24.85 48.03
N GLY D 739 17.75 26.05 48.21
CA GLY D 739 18.21 27.27 47.62
C GLY D 739 17.69 27.44 46.21
N SER D 740 18.15 28.50 45.57
CA SER D 740 17.84 28.83 44.19
C SER D 740 18.90 28.11 43.40
N LYS D 741 20.12 28.62 43.50
CA LYS D 741 21.24 27.91 42.96
C LYS D 741 21.17 26.58 43.67
N ILE D 742 21.14 25.50 42.93
CA ILE D 742 20.96 24.24 43.63
C ILE D 742 22.11 23.84 44.50
N GLN D 743 21.79 23.60 45.75
CA GLN D 743 22.75 23.21 46.74
C GLN D 743 23.56 21.98 46.36
N GLU D 744 24.86 22.11 46.54
CA GLU D 744 25.72 21.00 46.24
C GLU D 744 25.32 19.88 47.14
N SER D 745 25.55 18.69 46.65
CA SER D 745 25.25 17.43 47.26
C SER D 745 23.80 17.05 47.00
N THR D 746 22.92 18.02 46.71
CA THR D 746 21.60 17.58 46.38
C THR D 746 21.77 17.15 44.96
N LYS D 747 22.68 17.85 44.30
CA LYS D 747 23.06 17.54 42.95
C LYS D 747 23.71 16.18 42.90
N ASN D 748 24.45 15.83 43.94
CA ASN D 748 25.10 14.55 43.91
C ASN D 748 24.08 13.45 43.96
N LEU D 749 23.02 13.68 44.73
CA LEU D 749 21.98 12.69 44.83
C LEU D 749 21.30 12.52 43.49
N VAL D 750 21.15 13.63 42.79
CA VAL D 750 20.56 13.56 41.48
C VAL D 750 21.43 12.75 40.58
N MET D 751 22.72 13.02 40.61
CA MET D 751 23.66 12.33 39.75
C MET D 751 23.71 10.88 40.13
N GLY D 752 23.51 10.58 41.40
CA GLY D 752 23.43 9.22 41.83
C GLY D 752 22.30 8.58 41.04
N ALA D 753 21.13 9.21 41.10
CA ALA D 753 19.97 8.70 40.40
C ALA D 753 20.30 8.57 38.92
N VAL D 754 21.03 9.51 38.35
CA VAL D 754 21.36 9.40 36.94
C VAL D 754 22.14 8.16 36.69
N ARG D 755 23.14 7.95 37.53
CA ARG D 755 24.01 6.81 37.42
C ARG D 755 23.26 5.51 37.57
N GLN D 756 22.17 5.53 38.31
CA GLN D 756 21.40 4.32 38.44
C GLN D 756 20.32 4.19 37.37
N HIS D 757 19.84 5.31 36.83
CA HIS D 757 18.77 5.21 35.85
C HIS D 757 19.28 4.86 34.46
N PHE D 758 20.53 5.20 34.20
CA PHE D 758 21.10 4.89 32.92
C PHE D 758 22.30 4.03 33.13
N ARG D 759 22.55 3.13 32.22
CA ARG D 759 23.74 2.34 32.40
C ARG D 759 24.90 3.30 32.23
N PRO D 760 26.01 3.10 32.94
CA PRO D 760 27.14 3.98 32.90
C PRO D 760 27.66 4.17 31.51
N GLU D 761 27.43 3.22 30.64
CA GLU D 761 27.93 3.38 29.32
C GLU D 761 27.28 4.57 28.67
N PHE D 762 26.03 4.80 28.99
CA PHE D 762 25.30 5.90 28.42
C PHE D 762 26.01 7.15 28.88
N LEU D 763 26.25 7.15 30.16
CA LEU D 763 26.81 8.27 30.85
C LEU D 763 28.28 8.47 30.51
N ASN D 764 28.90 7.44 29.99
CA ASN D 764 30.27 7.50 29.58
C ASN D 764 30.44 8.28 28.30
N ARG D 765 29.35 8.56 27.61
CA ARG D 765 29.47 9.24 26.35
C ARG D 765 28.86 10.63 26.36
N ILE D 766 27.90 10.87 27.25
CA ILE D 766 27.25 12.19 27.25
C ILE D 766 28.35 13.21 27.46
N SER D 767 28.23 14.44 26.92
CA SER D 767 29.32 15.36 27.18
C SER D 767 29.13 16.06 28.51
N SER D 768 27.88 16.22 28.94
CA SER D 768 27.67 16.88 30.23
C SER D 768 26.30 16.64 30.83
N ILE D 769 26.06 17.33 31.95
CA ILE D 769 24.83 17.31 32.70
C ILE D 769 24.55 18.63 33.34
N VAL D 770 23.31 19.05 33.21
CA VAL D 770 22.80 20.25 33.79
C VAL D 770 21.58 19.99 34.62
N ILE D 771 21.51 20.60 35.80
CA ILE D 771 20.31 20.50 36.59
C ILE D 771 19.81 21.91 36.85
N PHE D 772 18.72 22.31 36.22
CA PHE D 772 18.35 23.71 36.25
C PHE D 772 17.88 24.18 37.61
N ASN D 773 18.41 25.33 37.99
CA ASN D 773 18.14 26.00 39.25
C ASN D 773 16.75 26.51 39.41
N LYS D 774 16.32 26.62 40.65
CA LYS D 774 15.06 27.28 40.84
C LYS D 774 15.39 28.75 40.71
N LEU D 775 14.62 29.43 39.92
CA LEU D 775 14.85 30.84 39.61
C LEU D 775 14.52 31.79 40.75
N SER D 776 13.64 31.31 41.60
CA SER D 776 13.09 32.03 42.71
C SER D 776 12.44 33.28 42.22
N ARG D 777 12.00 34.09 43.16
CA ARG D 777 11.33 35.32 42.80
C ARG D 777 12.32 36.27 42.20
N LYS D 778 13.57 36.15 42.61
CA LYS D 778 14.56 37.08 42.13
C LYS D 778 14.57 37.13 40.63
N ALA D 779 14.73 35.97 40.00
CA ALA D 779 14.83 35.97 38.58
C ALA D 779 13.49 35.98 37.90
N ILE D 780 12.49 35.29 38.43
CA ILE D 780 11.29 35.23 37.62
C ILE D 780 10.59 36.54 37.57
N HIS D 781 10.78 37.35 38.57
CA HIS D 781 10.23 38.67 38.62
C HIS D 781 10.76 39.50 37.47
N LYS D 782 11.93 39.15 36.95
CA LYS D 782 12.55 39.88 35.88
C LYS D 782 12.25 39.19 34.56
N ILE D 783 12.23 37.88 34.62
CA ILE D 783 12.00 37.08 33.45
C ILE D 783 10.66 37.35 32.88
N VAL D 784 9.67 37.46 33.73
CA VAL D 784 8.37 37.73 33.21
C VAL D 784 8.36 39.05 32.46
N ASP D 785 9.19 39.99 32.88
CA ASP D 785 9.19 41.26 32.21
C ASP D 785 9.75 41.01 30.81
N ILE D 786 10.70 40.09 30.72
CA ILE D 786 11.30 39.81 29.44
C ILE D 786 10.28 39.23 28.51
N ARG D 787 9.51 38.26 28.96
CA ARG D 787 8.55 37.74 28.01
C ARG D 787 7.50 38.77 27.66
N LEU D 788 7.24 39.73 28.53
CA LEU D 788 6.28 40.74 28.15
C LEU D 788 6.86 41.53 27.00
N LYS D 789 8.17 41.76 27.05
CA LYS D 789 8.83 42.40 25.94
C LYS D 789 8.63 41.55 24.71
N GLU D 790 8.85 40.24 24.86
CA GLU D 790 8.65 39.33 23.73
C GLU D 790 7.30 39.49 23.11
N ILE D 791 6.28 39.59 23.94
CA ILE D 791 4.96 39.69 23.39
C ILE D 791 4.87 40.88 22.49
N GLU D 792 5.46 41.97 22.90
CA GLU D 792 5.40 43.11 22.04
C GLU D 792 6.25 42.91 20.81
N GLU D 793 7.39 42.26 20.95
CA GLU D 793 8.30 42.06 19.83
C GLU D 793 7.61 41.25 18.76
N ARG D 794 6.78 40.33 19.18
CA ARG D 794 6.03 39.49 18.27
C ARG D 794 5.03 40.30 17.48
N PHE D 795 4.64 41.46 17.98
CA PHE D 795 3.59 42.19 17.37
C PHE D 795 3.97 42.72 15.99
N GLU D 796 3.01 42.58 15.10
CA GLU D 796 3.16 42.94 13.70
C GLU D 796 3.26 44.41 13.31
N GLN D 797 2.66 45.36 14.02
CA GLN D 797 2.75 46.73 13.51
C GLN D 797 2.87 47.86 14.54
N ASN D 798 3.11 49.06 14.00
CA ASN D 798 3.37 50.24 14.81
C ASN D 798 2.12 50.93 15.33
N ASP D 799 1.40 50.26 16.21
CA ASP D 799 0.20 50.84 16.80
C ASP D 799 0.06 50.31 18.20
N LYS D 800 1.18 49.84 18.73
CA LYS D 800 1.31 49.27 20.05
C LYS D 800 2.55 49.87 20.66
N HIS D 801 3.62 49.11 20.78
CA HIS D 801 4.87 49.61 21.34
C HIS D 801 4.66 50.05 22.75
N TYR D 802 4.00 49.19 23.47
CA TYR D 802 3.76 49.50 24.84
C TYR D 802 5.01 49.38 25.65
N LYS D 803 5.00 50.01 26.81
CA LYS D 803 6.03 49.85 27.78
C LYS D 803 5.36 48.95 28.75
N LEU D 804 4.04 49.14 28.79
CA LEU D 804 3.11 48.43 29.65
C LEU D 804 3.48 48.72 31.08
N ASN D 805 2.53 49.29 31.82
CA ASN D 805 2.87 49.72 33.16
C ASN D 805 2.86 48.55 34.13
N LEU D 806 3.87 47.73 33.96
CA LEU D 806 4.07 46.53 34.71
C LEU D 806 4.53 46.85 36.11
N THR D 807 5.08 48.05 36.22
CA THR D 807 5.63 48.58 37.43
C THR D 807 6.22 47.47 38.24
N GLN D 808 5.60 47.18 39.36
CA GLN D 808 6.04 46.08 40.14
C GLN D 808 4.85 45.22 40.24
N GLU D 809 3.69 45.87 40.19
CA GLU D 809 2.45 45.19 40.44
C GLU D 809 2.19 44.04 39.50
N ALA D 810 2.58 44.16 38.25
CA ALA D 810 2.34 43.08 37.34
C ALA D 810 3.35 42.01 37.56
N LYS D 811 4.55 42.44 37.87
CA LYS D 811 5.62 41.48 38.05
C LYS D 811 5.24 40.63 39.23
N ASP D 812 4.67 41.28 40.24
CA ASP D 812 4.28 40.63 41.46
C ASP D 812 3.05 39.78 41.21
N PHE D 813 2.06 40.30 40.50
CA PHE D 813 0.88 39.54 40.22
C PHE D 813 1.25 38.26 39.52
N LEU D 814 2.00 38.43 38.47
CA LEU D 814 2.36 37.32 37.68
C LEU D 814 3.23 36.38 38.47
N ALA D 815 4.15 36.91 39.26
CA ALA D 815 5.01 36.03 40.03
C ALA D 815 4.22 35.19 41.00
N LYS D 816 3.28 35.82 41.69
CA LYS D 816 2.46 35.16 42.68
C LYS D 816 1.66 34.06 42.08
N TYR D 817 1.21 34.28 40.87
CA TYR D 817 0.38 33.31 40.23
C TYR D 817 1.15 32.65 39.11
N GLY D 818 2.47 32.72 39.22
CA GLY D 818 3.35 32.18 38.23
C GLY D 818 4.23 31.08 38.70
N TYR D 819 5.28 31.43 39.43
CA TYR D 819 6.39 30.48 39.55
C TYR D 819 6.20 29.37 40.54
N SER D 820 5.40 28.41 40.13
CA SER D 820 5.08 27.25 40.96
C SER D 820 6.05 26.11 40.75
N ASP D 821 6.32 25.36 41.77
CA ASP D 821 7.19 24.21 41.56
C ASP D 821 6.59 23.21 40.57
N ASP D 822 5.28 23.24 40.38
CA ASP D 822 4.63 22.29 39.51
C ASP D 822 4.62 22.64 38.02
N MET D 823 5.04 23.83 37.65
CA MET D 823 4.96 24.19 36.23
C MET D 823 5.78 25.42 35.97
N GLY D 824 6.36 25.92 37.01
CA GLY D 824 7.25 27.06 36.94
C GLY D 824 6.59 28.26 36.31
N ALA D 825 7.27 28.82 35.34
CA ALA D 825 6.88 30.00 34.60
C ALA D 825 6.01 29.64 33.43
N ARG D 826 5.79 28.36 33.23
CA ARG D 826 4.98 27.94 32.12
C ARG D 826 3.65 28.68 32.03
N PRO D 827 2.81 28.71 33.09
CA PRO D 827 1.50 29.27 33.01
C PRO D 827 1.56 30.76 32.84
N LEU D 828 2.73 31.38 32.94
CA LEU D 828 2.73 32.80 32.77
C LEU D 828 2.25 33.19 31.42
N ASN D 829 2.46 32.37 30.41
CA ASN D 829 1.91 32.83 29.16
C ASN D 829 0.41 32.87 29.28
N ARG D 830 -0.14 32.00 30.11
CA ARG D 830 -1.56 31.99 30.30
C ARG D 830 -1.97 33.15 31.14
N LEU D 831 -1.18 33.51 32.15
CA LEU D 831 -1.61 34.63 32.96
C LEU D 831 -1.66 35.84 32.09
N ILE D 832 -0.62 35.96 31.30
CA ILE D 832 -0.52 37.07 30.45
C ILE D 832 -1.64 37.03 29.48
N GLN D 833 -1.86 35.91 28.87
CA GLN D 833 -2.94 35.88 27.95
C GLN D 833 -4.28 36.06 28.61
N ASN D 834 -4.50 35.33 29.67
CA ASN D 834 -5.77 35.29 30.35
C ASN D 834 -6.19 36.62 30.83
N GLU D 835 -5.23 37.37 31.35
CA GLU D 835 -5.58 38.65 31.91
C GLU D 835 -5.03 39.78 31.06
N ILE D 836 -3.79 39.71 30.64
CA ILE D 836 -3.30 40.87 29.94
C ILE D 836 -3.79 40.94 28.53
N LEU D 837 -3.56 39.89 27.78
CA LEU D 837 -3.89 40.01 26.39
C LEU D 837 -5.37 40.12 26.24
N ASN D 838 -6.11 39.38 27.04
CA ASN D 838 -7.54 39.45 26.94
C ASN D 838 -8.08 40.83 27.29
N LYS D 839 -7.51 41.49 28.28
CA LYS D 839 -8.04 42.80 28.59
C LYS D 839 -7.62 43.74 27.49
N LEU D 840 -6.45 43.52 26.94
CA LEU D 840 -6.05 44.38 25.85
C LEU D 840 -6.97 44.13 24.70
N ALA D 841 -7.32 42.88 24.46
CA ALA D 841 -8.18 42.56 23.36
C ALA D 841 -9.48 43.28 23.49
N LEU D 842 -10.00 43.34 24.69
CA LEU D 842 -11.23 44.07 24.88
C LEU D 842 -11.07 45.51 24.53
N ARG D 843 -10.05 46.14 25.04
CA ARG D 843 -9.91 47.54 24.75
C ARG D 843 -9.62 47.76 23.28
N ILE D 844 -8.82 46.91 22.70
CA ILE D 844 -8.48 47.00 21.31
C ILE D 844 -9.75 46.87 20.54
N LEU D 845 -10.56 45.92 20.92
CA LEU D 845 -11.87 45.74 20.35
C LEU D 845 -12.70 47.00 20.43
N LYS D 846 -12.66 47.69 21.55
CA LYS D 846 -13.39 48.93 21.65
C LYS D 846 -12.86 49.90 20.59
N ASN D 847 -11.60 49.73 20.20
CA ASN D 847 -10.94 50.49 19.15
C ASN D 847 -10.82 51.96 19.47
N GLU D 848 -10.66 52.21 20.75
CA GLU D 848 -10.46 53.53 21.29
C GLU D 848 -8.98 53.72 21.59
N ILE D 849 -8.15 52.82 21.04
CA ILE D 849 -6.71 52.84 21.22
C ILE D 849 -5.97 53.00 19.94
N LYS D 850 -5.15 54.03 19.85
CA LYS D 850 -4.48 54.22 18.57
C LYS D 850 -3.02 53.81 18.61
N ASP D 851 -2.47 53.79 19.80
CA ASP D 851 -1.07 53.50 19.96
C ASP D 851 -0.70 53.30 21.41
N LYS D 852 0.49 52.80 21.69
CA LYS D 852 1.13 52.77 23.02
C LYS D 852 0.48 51.92 24.10
N GLU D 853 -0.80 52.14 24.33
CA GLU D 853 -1.61 51.43 25.33
C GLU D 853 -1.17 51.68 26.74
N THR D 854 -0.03 51.12 27.04
CA THR D 854 0.66 51.13 28.29
C THR D 854 -0.19 51.36 29.53
N VAL D 855 -0.65 50.25 30.04
CA VAL D 855 -1.58 50.10 31.15
C VAL D 855 -1.00 49.22 32.27
N ASN D 856 -1.60 49.26 33.46
CA ASN D 856 -1.12 48.48 34.64
C ASN D 856 -2.19 47.65 35.31
N VAL D 857 -1.85 47.05 36.45
CA VAL D 857 -2.74 46.27 37.30
C VAL D 857 -3.55 47.18 38.20
N VAL D 858 -4.88 47.03 38.25
CA VAL D 858 -5.60 47.91 39.17
C VAL D 858 -6.36 47.26 40.33
N LEU D 859 -6.58 45.95 40.39
CA LEU D 859 -7.37 45.51 41.54
C LEU D 859 -6.55 44.97 42.69
N GLU D 872 -12.62 36.83 42.69
CA GLU D 872 -12.16 36.10 43.87
C GLU D 872 -10.70 35.73 43.81
N ALA D 873 -10.39 34.54 43.33
CA ALA D 873 -9.01 34.14 43.31
C ALA D 873 -8.22 35.03 42.39
N GLU D 874 -7.02 35.39 42.84
CA GLU D 874 -6.08 36.19 42.08
C GLU D 874 -6.76 37.50 41.70
N GLU D 875 -7.55 38.04 42.64
CA GLU D 875 -8.42 39.23 42.43
C GLU D 875 -7.79 40.40 41.72
N CYS D 876 -6.47 40.56 41.75
CA CYS D 876 -5.92 41.69 41.04
C CYS D 876 -6.32 41.63 39.59
N LEU D 877 -6.28 40.38 39.07
CA LEU D 877 -6.62 40.03 37.70
C LEU D 877 -6.08 41.00 36.70
N GLU D 878 -4.90 41.55 36.95
CA GLU D 878 -4.46 42.64 36.13
C GLU D 878 -5.51 43.74 36.18
N VAL D 879 -6.39 43.70 35.19
CA VAL D 879 -7.43 44.66 34.94
C VAL D 879 -6.76 45.91 34.53
N LEU D 880 -6.82 46.17 33.26
CA LEU D 880 -6.01 47.22 32.75
C LEU D 880 -6.82 48.51 32.71
N PRO D 881 -6.21 49.68 32.81
CA PRO D 881 -6.78 51.00 32.61
C PRO D 881 -6.97 51.35 31.16
N ASN D 882 -7.57 52.49 30.93
CA ASN D 882 -7.87 52.98 29.60
C ASN D 882 -6.79 53.81 28.93
N TYR E 166 13.66 -23.04 -27.57
CA TYR E 166 14.78 -23.96 -27.73
C TYR E 166 15.67 -24.01 -26.52
N LEU E 167 16.30 -25.15 -26.30
CA LEU E 167 17.23 -25.30 -25.18
C LEU E 167 18.41 -24.39 -25.40
N SER E 168 18.68 -24.10 -26.67
CA SER E 168 19.79 -23.25 -27.03
C SER E 168 19.61 -21.83 -26.48
N LYS E 169 18.40 -21.49 -26.10
CA LYS E 169 18.19 -20.20 -25.50
C LYS E 169 18.54 -20.36 -24.04
N TYR E 170 19.47 -19.56 -23.60
CA TYR E 170 19.93 -19.51 -22.21
C TYR E 170 20.69 -20.73 -21.67
N ALA E 171 20.34 -21.96 -22.02
CA ALA E 171 21.14 -23.07 -21.48
C ALA E 171 22.53 -22.98 -22.07
N ILE E 172 23.56 -23.05 -21.25
CA ILE E 172 24.89 -22.97 -21.84
C ILE E 172 25.59 -24.28 -21.85
N ASP E 173 26.06 -24.68 -23.01
CA ASP E 173 26.77 -25.93 -23.04
C ASP E 173 28.13 -25.71 -22.48
N MET E 174 28.24 -26.04 -21.22
CA MET E 174 29.43 -25.76 -20.48
C MET E 174 30.59 -26.62 -20.91
N THR E 175 30.30 -27.75 -21.54
CA THR E 175 31.41 -28.60 -21.90
C THR E 175 31.93 -28.07 -23.20
N GLU E 176 31.07 -27.49 -24.00
CA GLU E 176 31.60 -26.92 -25.20
C GLU E 176 32.37 -25.66 -24.81
N GLN E 177 31.79 -24.88 -23.89
CA GLN E 177 32.47 -23.67 -23.49
C GLN E 177 33.83 -23.98 -22.95
N ALA E 178 33.89 -24.92 -22.01
CA ALA E 178 35.16 -25.27 -21.44
C ALA E 178 36.09 -25.85 -22.49
N ARG E 179 35.55 -26.63 -23.42
CA ARG E 179 36.33 -27.25 -24.49
C ARG E 179 37.05 -26.20 -25.30
N GLN E 180 36.39 -25.08 -25.49
CA GLN E 180 36.93 -23.98 -26.27
C GLN E 180 37.93 -23.13 -25.51
N GLY E 181 38.22 -23.50 -24.27
CA GLY E 181 39.18 -22.77 -23.47
C GLY E 181 38.53 -21.58 -22.80
N LYS E 182 37.21 -21.62 -22.69
CA LYS E 182 36.44 -20.53 -22.10
C LYS E 182 36.10 -20.79 -20.64
N LEU E 183 36.86 -21.68 -20.03
CA LEU E 183 36.73 -22.04 -18.63
C LEU E 183 38.07 -21.97 -17.89
N ASP E 184 38.11 -21.24 -16.79
CA ASP E 184 39.31 -21.16 -16.00
C ASP E 184 39.68 -22.52 -15.43
N PRO E 185 40.96 -22.88 -15.36
CA PRO E 185 41.40 -24.10 -14.73
C PRO E 185 40.90 -24.10 -13.33
N VAL E 186 40.55 -25.26 -12.81
CA VAL E 186 40.06 -25.32 -11.45
C VAL E 186 41.06 -26.05 -10.60
N ILE E 187 41.47 -25.43 -9.51
CA ILE E 187 42.52 -25.98 -8.66
C ILE E 187 42.13 -26.30 -7.21
N GLY E 188 42.44 -27.50 -6.73
CA GLY E 188 42.25 -27.77 -5.30
C GLY E 188 40.83 -28.04 -4.86
N ARG E 189 40.00 -28.48 -5.78
CA ARG E 189 38.61 -28.77 -5.48
C ARG E 189 38.29 -30.22 -5.80
N GLU E 190 39.29 -30.95 -6.23
CA GLU E 190 39.11 -32.28 -6.78
C GLU E 190 38.32 -33.22 -5.91
N GLU E 191 38.46 -33.13 -4.61
CA GLU E 191 37.70 -34.02 -3.77
C GLU E 191 36.20 -33.73 -3.88
N GLU E 192 35.87 -32.45 -4.00
CA GLU E 192 34.49 -32.01 -4.03
C GLU E 192 33.91 -32.33 -5.38
N ILE E 193 34.76 -32.21 -6.39
CA ILE E 193 34.38 -32.51 -7.76
C ILE E 193 34.11 -33.99 -7.87
N ARG E 194 35.01 -34.78 -7.33
CA ARG E 194 34.86 -36.22 -7.37
C ARG E 194 33.63 -36.61 -6.60
N SER E 195 33.37 -35.94 -5.49
CA SER E 195 32.19 -36.27 -4.74
C SER E 195 30.98 -35.99 -5.60
N THR E 196 30.99 -34.86 -6.30
CA THR E 196 29.89 -34.47 -7.14
C THR E 196 29.66 -35.50 -8.22
N ILE E 197 30.73 -35.94 -8.84
CA ILE E 197 30.65 -36.93 -9.88
C ILE E 197 30.16 -38.26 -9.39
N ARG E 198 30.66 -38.68 -8.24
CA ARG E 198 30.22 -39.94 -7.67
C ARG E 198 28.73 -39.86 -7.43
N VAL E 199 28.24 -38.70 -7.01
CA VAL E 199 26.83 -38.58 -6.84
C VAL E 199 26.12 -38.71 -8.16
N LEU E 200 26.62 -38.04 -9.19
CA LEU E 200 25.96 -38.14 -10.47
C LEU E 200 25.93 -39.58 -10.92
N ALA E 201 26.98 -40.32 -10.62
CA ALA E 201 27.06 -41.72 -10.96
C ALA E 201 25.96 -42.53 -10.24
N ARG E 202 25.60 -42.15 -9.00
CA ARG E 202 24.60 -42.91 -8.25
C ARG E 202 23.34 -43.14 -9.06
N ARG E 203 22.84 -44.38 -9.05
CA ARG E 203 21.67 -44.72 -9.85
C ARG E 203 20.40 -44.15 -9.29
N ILE E 204 20.36 -43.85 -8.00
CA ILE E 204 19.14 -43.29 -7.48
C ILE E 204 19.33 -41.83 -7.17
N LYS E 205 20.21 -41.55 -6.25
CA LYS E 205 20.35 -40.15 -5.89
C LYS E 205 21.42 -39.54 -6.74
N SER E 206 21.04 -39.22 -7.96
CA SER E 206 21.95 -38.73 -8.99
C SER E 206 22.12 -37.23 -8.95
N ASN E 207 21.64 -36.60 -7.90
CA ASN E 207 21.63 -35.16 -7.87
C ASN E 207 22.46 -34.55 -6.73
N PRO E 208 23.71 -34.14 -6.94
CA PRO E 208 24.55 -33.52 -5.95
C PRO E 208 24.16 -32.08 -5.74
N CYS E 209 24.51 -31.53 -4.59
CA CYS E 209 24.32 -30.10 -4.39
C CYS E 209 25.45 -29.45 -3.62
N LEU E 210 25.96 -28.34 -4.12
CA LEU E 210 27.05 -27.69 -3.42
C LEU E 210 26.52 -26.74 -2.38
N ILE E 211 26.96 -26.91 -1.14
CA ILE E 211 26.45 -26.10 -0.04
C ILE E 211 27.61 -25.37 0.62
N GLY E 212 27.34 -24.58 1.67
CA GLY E 212 28.42 -23.78 2.24
C GLY E 212 28.20 -22.28 2.03
N GLU E 213 29.31 -21.53 2.12
CA GLU E 213 29.34 -20.07 2.06
C GLU E 213 29.48 -19.51 0.64
N PRO E 214 28.46 -18.86 0.08
CA PRO E 214 28.39 -18.45 -1.34
C PRO E 214 29.55 -17.65 -1.88
N GLY E 215 30.31 -16.95 -1.04
CA GLY E 215 31.40 -16.17 -1.55
C GLY E 215 32.52 -17.06 -2.08
N ILE E 216 32.46 -18.32 -1.73
CA ILE E 216 33.42 -19.32 -2.13
C ILE E 216 33.19 -19.66 -3.59
N GLY E 217 32.06 -19.23 -4.11
CA GLY E 217 31.76 -19.41 -5.50
C GLY E 217 31.14 -20.74 -5.82
N LYS E 218 31.86 -21.82 -5.56
CA LYS E 218 31.37 -23.20 -5.72
C LYS E 218 31.27 -23.64 -7.19
N THR E 219 30.72 -22.77 -8.02
CA THR E 219 30.54 -23.04 -9.42
C THR E 219 31.76 -23.62 -10.06
N ALA E 220 32.97 -23.14 -9.75
CA ALA E 220 34.13 -23.74 -10.39
C ALA E 220 34.13 -25.25 -10.25
N ILE E 221 33.59 -25.79 -9.16
CA ILE E 221 33.53 -27.22 -8.98
C ILE E 221 32.69 -27.79 -10.07
N ILE E 222 31.57 -27.13 -10.30
CA ILE E 222 30.65 -27.63 -11.29
C ILE E 222 31.32 -27.57 -12.63
N GLU E 223 31.98 -26.48 -12.87
CA GLU E 223 32.67 -26.32 -14.11
C GLU E 223 33.79 -27.35 -14.21
N GLY E 224 34.41 -27.69 -13.09
CA GLY E 224 35.43 -28.69 -13.08
C GLY E 224 34.85 -29.98 -13.61
N VAL E 225 33.58 -30.24 -13.28
CA VAL E 225 32.92 -31.42 -13.78
C VAL E 225 32.82 -31.29 -15.29
N ALA E 226 32.44 -30.10 -15.78
CA ALA E 226 32.34 -29.94 -17.23
C ALA E 226 33.66 -30.30 -17.87
N GLN E 227 34.74 -29.88 -17.23
CA GLN E 227 36.02 -30.18 -17.83
C GLN E 227 36.28 -31.66 -17.81
N ARG E 228 35.89 -32.30 -16.73
CA ARG E 228 36.09 -33.72 -16.65
C ARG E 228 35.30 -34.43 -17.71
N ILE E 229 34.12 -33.92 -18.03
CA ILE E 229 33.32 -34.53 -19.07
C ILE E 229 34.03 -34.45 -20.40
N ILE E 230 34.60 -33.29 -20.70
CA ILE E 230 35.30 -33.10 -21.97
C ILE E 230 36.47 -34.05 -22.11
N ASP E 231 37.23 -34.14 -21.03
CA ASP E 231 38.41 -34.96 -20.98
C ASP E 231 38.06 -36.37 -20.61
N ASP E 232 36.80 -36.56 -20.30
CA ASP E 232 36.20 -37.83 -19.94
C ASP E 232 36.84 -38.43 -18.71
N ASP E 233 37.24 -37.60 -17.75
CA ASP E 233 37.79 -38.08 -16.49
C ASP E 233 36.61 -38.19 -15.53
N VAL E 234 35.69 -39.05 -15.95
CA VAL E 234 34.41 -39.34 -15.35
C VAL E 234 34.27 -40.86 -15.31
N PRO E 235 33.35 -41.42 -14.56
CA PRO E 235 33.04 -42.81 -14.64
C PRO E 235 32.45 -42.92 -15.99
N THR E 236 32.74 -43.96 -16.70
CA THR E 236 32.23 -44.06 -18.05
C THR E 236 30.73 -44.20 -18.18
N ILE E 237 30.00 -44.45 -17.12
CA ILE E 237 28.54 -44.47 -17.27
C ILE E 237 28.03 -43.04 -17.55
N LEU E 238 28.89 -42.04 -17.27
CA LEU E 238 28.60 -40.65 -17.53
C LEU E 238 29.41 -40.18 -18.75
N GLN E 239 30.01 -41.12 -19.49
CA GLN E 239 30.87 -40.80 -20.64
C GLN E 239 30.15 -40.00 -21.69
N GLY E 240 28.87 -40.28 -21.86
CA GLY E 240 28.06 -39.60 -22.84
C GLY E 240 27.41 -38.36 -22.25
N ALA E 241 27.80 -37.97 -21.05
CA ALA E 241 27.16 -36.84 -20.42
C ALA E 241 27.51 -35.55 -21.10
N LYS E 242 26.56 -34.62 -21.07
CA LYS E 242 26.77 -33.25 -21.46
C LYS E 242 26.24 -32.39 -20.34
N LEU E 243 26.96 -31.33 -19.98
CA LEU E 243 26.55 -30.49 -18.85
C LEU E 243 26.18 -29.09 -19.26
N PHE E 244 24.97 -28.68 -18.87
CA PHE E 244 24.51 -27.36 -19.22
C PHE E 244 24.15 -26.46 -18.07
N SER E 245 24.45 -25.18 -18.25
CA SER E 245 24.10 -24.19 -17.25
C SER E 245 22.75 -23.65 -17.53
N LEU E 246 21.80 -23.92 -16.65
CA LEU E 246 20.47 -23.44 -16.93
C LEU E 246 20.04 -22.56 -15.76
N ASP E 247 19.96 -21.27 -15.98
CA ASP E 247 19.67 -20.42 -14.83
C ASP E 247 19.18 -19.04 -15.25
N LEU E 248 18.77 -18.27 -14.24
CA LEU E 248 18.34 -16.89 -14.30
C LEU E 248 17.60 -16.49 -15.56
N ALA E 249 18.35 -16.08 -16.57
CA ALA E 249 17.83 -15.57 -17.82
C ALA E 249 16.88 -16.56 -18.45
N ALA E 250 17.13 -17.83 -18.21
CA ALA E 250 16.28 -18.88 -18.75
C ALA E 250 14.83 -18.71 -18.34
N LEU E 251 14.60 -18.19 -17.14
CA LEU E 251 13.26 -18.04 -16.58
C LEU E 251 12.80 -16.60 -16.44
N THR E 252 13.74 -15.70 -16.42
CA THR E 252 13.47 -14.29 -16.20
C THR E 252 13.49 -13.55 -17.52
N ALA E 253 14.68 -13.28 -18.07
CA ALA E 253 14.76 -12.61 -19.39
C ALA E 253 13.99 -13.40 -20.45
N GLY E 254 13.99 -14.71 -20.30
CA GLY E 254 13.32 -15.62 -21.21
C GLY E 254 11.80 -15.64 -21.08
N ALA E 255 11.23 -14.88 -20.14
CA ALA E 255 9.79 -14.86 -19.96
C ALA E 255 9.23 -13.46 -20.11
N LYS E 256 8.04 -13.34 -20.72
CA LYS E 256 7.40 -12.05 -20.88
C LYS E 256 6.07 -11.99 -20.14
N TYR E 257 5.36 -13.11 -20.16
CA TYR E 257 4.04 -13.20 -19.57
C TYR E 257 3.99 -14.34 -18.56
N LYS E 258 3.04 -14.27 -17.64
CA LYS E 258 2.91 -15.37 -16.69
C LYS E 258 2.62 -16.63 -17.48
N GLY E 259 3.34 -17.70 -17.13
CA GLY E 259 3.24 -18.99 -17.80
C GLY E 259 4.42 -19.23 -18.74
N ASP E 260 5.11 -18.17 -19.17
CA ASP E 260 6.27 -18.35 -20.03
C ASP E 260 7.35 -19.00 -19.21
N PHE E 261 7.33 -18.70 -17.93
CA PHE E 261 8.24 -19.22 -16.95
C PHE E 261 8.17 -20.74 -17.00
N GLU E 262 6.94 -21.22 -16.89
CA GLU E 262 6.67 -22.63 -16.94
C GLU E 262 7.10 -23.24 -18.25
N GLU E 263 6.84 -22.54 -19.36
CA GLU E 263 7.26 -23.07 -20.65
C GLU E 263 8.74 -23.08 -20.81
N ARG E 264 9.43 -22.08 -20.28
CA ARG E 264 10.85 -22.13 -20.42
C ARG E 264 11.33 -23.39 -19.74
N PHE E 265 10.75 -23.73 -18.59
CA PHE E 265 11.15 -24.96 -17.97
C PHE E 265 10.79 -26.15 -18.82
N LYS E 266 9.50 -26.35 -19.03
CA LYS E 266 9.06 -27.56 -19.68
C LYS E 266 9.58 -27.71 -21.08
N GLY E 267 9.59 -26.62 -21.82
CA GLY E 267 10.08 -26.63 -23.18
C GLY E 267 11.50 -27.10 -23.19
N VAL E 268 12.35 -26.39 -22.46
CA VAL E 268 13.75 -26.75 -22.46
C VAL E 268 13.98 -28.10 -21.92
N LEU E 269 13.38 -28.37 -20.79
CA LEU E 269 13.63 -29.60 -20.15
C LEU E 269 13.19 -30.77 -20.99
N LYS E 270 12.12 -30.62 -21.75
CA LYS E 270 11.74 -31.71 -22.58
C LYS E 270 12.82 -31.90 -23.63
N GLU E 271 13.34 -30.81 -24.18
CA GLU E 271 14.37 -30.96 -25.19
C GLU E 271 15.59 -31.62 -24.58
N ILE E 272 15.81 -31.37 -23.30
CA ILE E 272 16.91 -32.02 -22.62
C ILE E 272 16.66 -33.52 -22.58
N GLU E 273 15.43 -33.95 -22.31
CA GLU E 273 15.17 -35.38 -22.35
C GLU E 273 15.25 -35.93 -23.76
N GLU E 274 14.86 -35.13 -24.73
CA GLU E 274 14.78 -35.56 -26.10
C GLU E 274 16.07 -36.07 -26.71
N SER E 275 16.33 -37.37 -26.52
CA SER E 275 17.27 -38.16 -27.32
C SER E 275 18.76 -37.89 -27.20
N LYS E 276 19.15 -36.63 -27.18
CA LYS E 276 20.53 -36.23 -27.30
C LYS E 276 21.38 -36.55 -26.08
N THR E 277 21.72 -37.84 -25.99
CA THR E 277 22.53 -38.48 -24.95
C THR E 277 22.16 -38.04 -23.54
N LEU E 278 23.00 -38.42 -22.58
CA LEU E 278 22.81 -38.07 -21.20
C LEU E 278 23.09 -36.61 -20.94
N ILE E 279 22.11 -35.93 -20.42
CA ILE E 279 22.32 -34.55 -20.11
C ILE E 279 22.14 -34.29 -18.66
N VAL E 280 23.11 -33.60 -18.14
CA VAL E 280 23.12 -33.20 -16.78
C VAL E 280 22.96 -31.71 -16.80
N LEU E 281 22.07 -31.22 -16.00
CA LEU E 281 21.87 -29.79 -15.96
C LEU E 281 22.35 -29.28 -14.66
N PHE E 282 22.69 -28.02 -14.60
CA PHE E 282 22.93 -27.53 -13.28
C PHE E 282 22.38 -26.15 -13.08
N ILE E 283 22.05 -25.91 -11.83
CA ILE E 283 21.51 -24.65 -11.41
C ILE E 283 22.28 -24.12 -10.23
N ASP E 284 22.97 -23.02 -10.43
CA ASP E 284 23.77 -22.51 -9.34
C ASP E 284 22.92 -21.87 -8.27
N GLU E 285 21.87 -21.17 -8.65
CA GLU E 285 20.98 -20.75 -7.59
C GLU E 285 19.94 -21.83 -7.54
N ILE E 286 20.21 -22.92 -6.85
CA ILE E 286 19.23 -23.99 -6.90
C ILE E 286 17.95 -23.47 -6.30
N HIS E 287 18.09 -22.51 -5.38
CA HIS E 287 17.01 -21.81 -4.74
C HIS E 287 16.05 -21.13 -5.71
N MET E 288 16.47 -20.84 -6.94
CA MET E 288 15.52 -20.23 -7.83
C MET E 288 14.44 -21.29 -8.07
N LEU E 289 14.82 -22.55 -7.95
CA LEU E 289 13.88 -23.60 -8.13
C LEU E 289 13.24 -23.70 -6.79
N MET E 290 11.95 -23.93 -6.81
CA MET E 290 11.09 -23.90 -5.65
C MET E 290 10.78 -22.45 -5.23
N GLY E 291 11.35 -21.46 -5.93
CA GLY E 291 11.09 -20.08 -5.58
C GLY E 291 11.31 -19.88 -4.09
N ASN E 292 10.34 -19.26 -3.45
CA ASN E 292 10.38 -19.04 -2.02
C ASN E 292 9.32 -19.88 -1.32
N GLY E 293 8.75 -20.84 -2.04
CA GLY E 293 7.65 -21.65 -1.51
C GLY E 293 6.99 -22.51 -2.59
N LYS E 294 7.82 -23.21 -3.34
CA LYS E 294 7.45 -24.17 -4.37
C LYS E 294 6.98 -23.50 -5.65
N ASP E 295 5.69 -23.16 -5.71
CA ASP E 295 5.05 -22.57 -6.90
C ASP E 295 5.45 -23.30 -8.21
N ASP E 296 5.69 -24.59 -8.12
CA ASP E 296 6.26 -25.37 -9.21
C ASP E 296 7.30 -24.62 -10.02
N ALA E 297 8.25 -23.93 -9.36
CA ALA E 297 9.41 -23.42 -10.11
C ALA E 297 10.29 -24.63 -10.32
N ALA E 298 9.78 -25.48 -11.21
CA ALA E 298 10.15 -26.84 -11.52
C ALA E 298 10.30 -27.64 -10.25
N ASN E 299 9.62 -27.21 -9.20
CA ASN E 299 9.69 -27.81 -7.89
C ASN E 299 9.27 -29.24 -7.95
N ILE E 300 8.30 -29.50 -8.79
CA ILE E 300 7.76 -30.82 -8.99
C ILE E 300 8.22 -31.32 -10.33
N LEU E 301 8.16 -30.44 -11.33
CA LEU E 301 8.55 -30.83 -12.66
C LEU E 301 9.93 -31.42 -12.72
N LYS E 302 10.93 -30.72 -12.19
CA LYS E 302 12.26 -31.23 -12.31
C LYS E 302 12.37 -32.61 -11.70
N PRO E 303 11.91 -32.85 -10.45
CA PRO E 303 11.85 -34.18 -9.88
C PRO E 303 11.18 -35.18 -10.77
N ALA E 304 10.07 -34.77 -11.40
CA ALA E 304 9.41 -35.72 -12.26
C ALA E 304 10.33 -36.09 -13.40
N LEU E 305 11.01 -35.09 -13.91
CA LEU E 305 11.91 -35.31 -14.99
C LEU E 305 13.10 -36.09 -14.52
N SER E 306 13.52 -35.92 -13.27
CA SER E 306 14.68 -36.65 -12.78
C SER E 306 14.34 -38.13 -12.70
N ARG E 307 13.06 -38.46 -12.59
CA ARG E 307 12.67 -39.86 -12.61
C ARG E 307 13.06 -40.31 -14.01
N GLY E 308 12.78 -39.44 -14.98
CA GLY E 308 13.13 -39.61 -16.39
C GLY E 308 14.60 -39.26 -16.66
N GLN E 309 15.50 -39.92 -15.93
CA GLN E 309 16.95 -39.76 -16.04
C GLN E 309 17.54 -38.42 -15.59
N LEU E 310 17.07 -37.31 -16.16
CA LEU E 310 17.60 -35.97 -15.88
C LEU E 310 18.34 -35.79 -14.56
N LYS E 311 19.67 -35.89 -14.63
CA LYS E 311 20.51 -35.70 -13.47
C LYS E 311 20.72 -34.21 -13.28
N VAL E 312 20.66 -33.75 -12.03
CA VAL E 312 20.84 -32.34 -11.77
C VAL E 312 21.88 -31.99 -10.71
N ILE E 313 22.74 -31.04 -11.02
CA ILE E 313 23.69 -30.56 -10.04
C ILE E 313 23.19 -29.22 -9.55
N GLY E 314 23.04 -29.05 -8.26
CA GLY E 314 22.59 -27.76 -7.80
C GLY E 314 23.63 -27.09 -6.95
N ALA E 315 23.46 -25.81 -6.69
CA ALA E 315 24.30 -25.17 -5.72
C ALA E 315 23.45 -24.24 -4.92
N THR E 316 23.83 -24.06 -3.70
CA THR E 316 23.08 -23.27 -2.77
C THR E 316 23.94 -22.72 -1.68
N THR E 317 23.29 -22.20 -0.66
CA THR E 317 24.00 -21.71 0.49
C THR E 317 23.46 -22.42 1.68
N ASN E 318 24.20 -22.34 2.76
CA ASN E 318 23.65 -22.92 3.96
C ASN E 318 22.33 -22.27 4.32
N ASN E 319 22.19 -20.97 4.11
CA ASN E 319 20.91 -20.37 4.46
C ASN E 319 19.79 -20.88 3.59
N GLU E 320 20.09 -21.04 2.32
CA GLU E 320 19.05 -21.42 1.39
C GLU E 320 18.57 -22.84 1.56
N TYR E 321 19.46 -23.84 1.51
CA TYR E 321 18.87 -25.15 1.58
C TYR E 321 18.31 -25.40 2.94
N ARG E 322 18.82 -24.72 3.96
CA ARG E 322 18.25 -24.99 5.25
C ARG E 322 16.81 -24.51 5.23
N SER E 323 16.52 -23.40 4.55
CA SER E 323 15.13 -23.04 4.51
C SER E 323 14.34 -23.99 3.59
N ILE E 324 14.98 -24.50 2.55
CA ILE E 324 14.29 -25.39 1.63
C ILE E 324 13.83 -26.65 2.28
N VAL E 325 14.69 -27.28 3.06
CA VAL E 325 14.33 -28.54 3.67
C VAL E 325 13.26 -28.41 4.74
N GLU E 326 12.98 -27.18 5.18
CA GLU E 326 11.96 -26.93 6.20
C GLU E 326 10.62 -26.61 5.56
N LYS E 327 10.64 -26.39 4.25
CA LYS E 327 9.45 -26.07 3.46
C LYS E 327 9.07 -27.25 2.58
N ASP E 328 10.07 -28.06 2.25
CA ASP E 328 9.95 -29.23 1.40
C ASP E 328 10.48 -30.50 2.05
N GLY E 329 11.78 -30.70 1.94
CA GLY E 329 12.47 -31.88 2.44
C GLY E 329 12.64 -32.94 1.36
N ALA E 330 11.78 -32.94 0.35
CA ALA E 330 11.92 -33.89 -0.72
C ALA E 330 13.20 -33.61 -1.46
N PHE E 331 13.53 -32.33 -1.59
CA PHE E 331 14.77 -31.93 -2.22
C PHE E 331 15.90 -32.67 -1.56
N GLU E 332 15.96 -32.63 -0.24
CA GLU E 332 17.01 -33.31 0.49
C GLU E 332 16.99 -34.77 0.19
N ARG E 333 15.81 -35.35 0.15
CA ARG E 333 15.73 -36.76 -0.10
C ARG E 333 16.30 -37.07 -1.49
N ARG E 334 16.08 -36.16 -2.44
CA ARG E 334 16.59 -36.30 -3.79
C ARG E 334 18.07 -35.91 -3.96
N PHE E 335 18.56 -35.00 -3.12
CA PHE E 335 19.92 -34.48 -3.25
C PHE E 335 20.98 -34.88 -2.25
N GLN E 336 22.17 -35.05 -2.81
CA GLN E 336 23.37 -35.38 -2.07
C GLN E 336 24.20 -34.12 -1.79
N LYS E 337 23.94 -33.47 -0.67
CA LYS E 337 24.62 -32.21 -0.39
C LYS E 337 26.10 -32.44 -0.11
N ILE E 338 26.93 -31.59 -0.68
CA ILE E 338 28.39 -31.57 -0.52
C ILE E 338 28.81 -30.18 -0.07
N GLU E 339 29.43 -30.05 1.08
CA GLU E 339 29.79 -28.68 1.46
C GLU E 339 31.10 -28.31 0.88
N VAL E 340 31.19 -27.10 0.35
CA VAL E 340 32.41 -26.63 -0.23
C VAL E 340 33.21 -25.87 0.81
N ALA E 341 34.42 -26.35 1.09
CA ALA E 341 35.21 -25.76 2.17
C ALA E 341 36.03 -24.58 1.71
N GLU E 342 36.16 -23.57 2.55
CA GLU E 342 37.05 -22.49 2.17
C GLU E 342 38.43 -23.10 2.17
N PRO E 343 39.27 -22.87 1.16
CA PRO E 343 40.62 -23.37 1.10
C PRO E 343 41.46 -22.65 2.11
N SER E 344 42.51 -23.28 2.56
CA SER E 344 43.40 -22.61 3.46
C SER E 344 44.13 -21.58 2.68
N VAL E 345 44.83 -20.71 3.37
CA VAL E 345 45.59 -19.73 2.65
C VAL E 345 46.59 -20.44 1.77
N ARG E 346 47.28 -21.43 2.30
CA ARG E 346 48.23 -22.15 1.48
C ARG E 346 47.58 -22.69 0.23
N GLN E 347 46.40 -23.29 0.39
CA GLN E 347 45.73 -23.84 -0.75
C GLN E 347 45.38 -22.74 -1.70
N THR E 348 44.97 -21.62 -1.15
CA THR E 348 44.59 -20.50 -1.96
C THR E 348 45.74 -20.07 -2.78
N VAL E 349 46.92 -20.04 -2.20
CA VAL E 349 48.03 -19.61 -2.98
C VAL E 349 48.26 -20.54 -4.14
N ALA E 350 48.17 -21.84 -3.89
CA ALA E 350 48.37 -22.76 -4.99
C ALA E 350 47.35 -22.45 -6.08
N ILE E 351 46.15 -22.12 -5.68
CA ILE E 351 45.11 -21.79 -6.61
C ILE E 351 45.47 -20.54 -7.36
N LEU E 352 45.94 -19.56 -6.63
CA LEU E 352 46.25 -18.33 -7.28
C LEU E 352 47.34 -18.58 -8.28
N ARG E 353 48.31 -19.44 -7.95
CA ARG E 353 49.37 -19.74 -8.90
C ARG E 353 48.78 -20.31 -10.16
N GLY E 354 47.80 -21.19 -10.00
CA GLY E 354 47.16 -21.76 -11.16
C GLY E 354 46.53 -20.68 -12.02
N LEU E 355 46.01 -19.66 -11.38
CA LEU E 355 45.34 -18.57 -12.06
C LEU E 355 46.27 -17.41 -12.39
N GLN E 356 47.47 -17.44 -11.83
CA GLN E 356 48.46 -16.41 -12.03
C GLN E 356 48.62 -15.94 -13.45
N PRO E 357 48.88 -16.81 -14.46
CA PRO E 357 49.08 -16.36 -15.81
C PRO E 357 47.85 -15.71 -16.38
N LYS E 358 46.69 -16.01 -15.83
CA LYS E 358 45.51 -15.39 -16.38
C LYS E 358 45.58 -13.93 -16.04
N TYR E 359 45.94 -13.66 -14.81
CA TYR E 359 45.99 -12.28 -14.36
C TYR E 359 47.18 -11.55 -14.94
N GLU E 360 48.27 -12.27 -15.16
CA GLU E 360 49.40 -11.60 -15.76
C GLU E 360 49.01 -11.14 -17.15
N ILE E 361 48.30 -12.01 -17.87
CA ILE E 361 47.80 -11.73 -19.20
C ILE E 361 46.79 -10.63 -19.19
N HIS E 362 45.91 -10.68 -18.23
CA HIS E 362 44.89 -9.69 -18.14
C HIS E 362 45.46 -8.31 -18.10
N HIS E 363 46.54 -8.13 -17.36
CA HIS E 363 47.07 -6.80 -17.18
C HIS E 363 48.39 -6.47 -17.82
N GLY E 364 49.08 -7.46 -18.36
CA GLY E 364 50.38 -7.15 -18.97
C GLY E 364 51.42 -6.92 -17.88
N VAL E 365 51.26 -7.63 -16.79
CA VAL E 365 52.14 -7.46 -15.66
C VAL E 365 52.64 -8.80 -15.20
N ARG E 366 53.78 -8.86 -14.53
CA ARG E 366 54.08 -10.12 -13.89
C ARG E 366 53.50 -10.00 -12.49
N ILE E 367 53.30 -11.13 -11.83
CA ILE E 367 52.90 -11.14 -10.44
C ILE E 367 53.96 -11.82 -9.59
N LEU E 368 54.40 -11.16 -8.54
CA LEU E 368 55.39 -11.75 -7.69
C LEU E 368 54.80 -12.96 -6.98
N ASP E 369 55.49 -14.10 -6.97
CA ASP E 369 54.91 -15.27 -6.30
C ASP E 369 54.55 -14.89 -4.87
N SER E 370 55.42 -14.13 -4.23
CA SER E 370 55.16 -13.67 -2.90
C SER E 370 53.86 -12.89 -2.89
N ALA E 371 53.57 -12.14 -3.95
CA ALA E 371 52.34 -11.39 -3.97
C ALA E 371 51.17 -12.31 -4.00
N LEU E 372 51.31 -13.44 -4.63
CA LEU E 372 50.18 -14.34 -4.64
C LEU E 372 49.94 -14.72 -3.19
N VAL E 373 51.04 -14.91 -2.48
CA VAL E 373 50.97 -15.29 -1.10
C VAL E 373 50.35 -14.23 -0.28
N THR E 374 50.81 -13.02 -0.41
CA THR E 374 50.24 -12.04 0.45
C THR E 374 48.84 -11.73 0.05
N ALA E 375 48.49 -11.85 -1.21
CA ALA E 375 47.13 -11.58 -1.53
C ALA E 375 46.27 -12.53 -0.75
N ALA E 376 46.64 -13.78 -0.72
CA ALA E 376 45.82 -14.72 0.02
C ALA E 376 45.84 -14.39 1.51
N GLN E 377 47.01 -14.06 2.03
CA GLN E 377 47.11 -13.80 3.45
C GLN E 377 46.33 -12.60 3.89
N LEU E 378 46.38 -11.57 3.08
CA LEU E 378 45.76 -10.32 3.41
C LEU E 378 44.30 -10.38 3.14
N ALA E 379 43.95 -11.07 2.09
CA ALA E 379 42.56 -11.20 1.82
C ALA E 379 41.94 -11.87 3.02
N LYS E 380 42.61 -12.89 3.50
CA LYS E 380 42.11 -13.60 4.63
C LYS E 380 42.18 -12.74 5.86
N ARG E 381 43.31 -12.07 6.08
CA ARG E 381 43.51 -11.31 7.30
C ARG E 381 42.71 -10.04 7.45
N TYR E 382 42.54 -9.32 6.38
CA TYR E 382 41.93 -8.03 6.48
C TYR E 382 40.56 -8.01 5.85
N LEU E 383 40.29 -8.92 4.92
CA LEU E 383 38.99 -8.91 4.30
C LEU E 383 38.27 -10.25 4.44
N PRO E 384 38.24 -10.86 5.63
CA PRO E 384 37.69 -12.17 5.92
C PRO E 384 36.21 -12.29 5.72
N TYR E 385 35.52 -11.17 5.70
CA TYR E 385 34.08 -11.19 5.53
C TYR E 385 33.72 -11.78 4.15
N ARG E 386 34.66 -11.71 3.23
CA ARG E 386 34.52 -12.21 1.89
C ARG E 386 35.29 -13.52 1.79
N ARG E 387 34.70 -14.57 1.23
CA ARG E 387 35.44 -15.83 1.19
C ARG E 387 36.70 -15.67 0.42
N LEU E 388 37.71 -16.32 0.94
CA LEU E 388 39.04 -16.17 0.44
C LEU E 388 39.23 -16.34 -1.05
N PRO E 389 38.76 -17.37 -1.74
CA PRO E 389 38.96 -17.46 -3.16
C PRO E 389 38.59 -16.16 -3.85
N ASP E 390 37.51 -15.52 -3.38
CA ASP E 390 37.04 -14.29 -3.98
C ASP E 390 37.89 -13.14 -3.57
N SER E 391 38.07 -13.02 -2.29
CA SER E 391 38.79 -11.90 -1.75
C SER E 391 40.21 -11.90 -2.30
N ALA E 392 40.84 -13.06 -2.34
CA ALA E 392 42.18 -13.15 -2.85
C ALA E 392 42.20 -12.71 -4.29
N LEU E 393 41.23 -13.17 -5.07
CA LEU E 393 41.25 -12.75 -6.44
C LEU E 393 40.95 -11.29 -6.55
N ASP E 394 40.15 -10.74 -5.66
CA ASP E 394 39.94 -9.32 -5.72
C ASP E 394 41.27 -8.65 -5.52
N LEU E 395 42.05 -9.08 -4.55
CA LEU E 395 43.31 -8.41 -4.43
C LEU E 395 44.12 -8.62 -5.68
N VAL E 396 44.05 -9.79 -6.29
CA VAL E 396 44.85 -9.99 -7.46
C VAL E 396 44.41 -9.15 -8.64
N ASP E 397 43.18 -9.31 -9.10
CA ASP E 397 42.75 -8.57 -10.28
C ASP E 397 42.74 -7.09 -9.98
N ILE E 398 42.45 -6.70 -8.74
CA ILE E 398 42.48 -5.27 -8.46
C ILE E 398 43.89 -4.76 -8.47
N SER E 399 44.78 -5.45 -7.80
CA SER E 399 46.13 -4.96 -7.74
C SER E 399 46.78 -4.99 -9.09
N CYS E 400 46.45 -5.98 -9.88
CA CYS E 400 47.02 -6.11 -11.18
C CYS E 400 46.54 -4.95 -12.00
N ALA E 401 45.25 -4.64 -11.87
CA ALA E 401 44.69 -3.51 -12.56
C ALA E 401 45.36 -2.24 -12.07
N GLY E 402 45.63 -2.15 -10.78
CA GLY E 402 46.27 -0.97 -10.25
C GLY E 402 47.62 -0.82 -10.92
N VAL E 403 48.29 -1.93 -11.12
CA VAL E 403 49.54 -1.90 -11.80
C VAL E 403 49.29 -1.51 -13.25
N ALA E 404 48.25 -2.04 -13.87
CA ALA E 404 47.95 -1.67 -15.25
C ALA E 404 47.78 -0.15 -15.32
N VAL E 405 47.19 0.43 -14.29
CA VAL E 405 47.04 1.86 -14.26
C VAL E 405 48.46 2.42 -14.22
N ALA E 406 49.33 1.86 -13.37
CA ALA E 406 50.72 2.29 -13.31
C ALA E 406 51.40 2.15 -14.68
N ARG E 407 51.02 1.15 -15.45
CA ARG E 407 51.59 0.93 -16.77
C ARG E 407 51.18 2.03 -17.73
N ASP E 408 50.21 2.84 -17.35
CA ASP E 408 49.81 3.92 -18.18
C ASP E 408 50.34 5.22 -17.58
N SER E 409 51.37 5.12 -16.72
CA SER E 409 52.04 6.27 -16.17
C SER E 409 53.21 6.67 -17.08
N LYS E 410 53.34 5.97 -18.20
CA LYS E 410 54.39 6.25 -19.17
C LYS E 410 54.36 7.75 -19.50
N PRO E 411 53.18 8.32 -19.88
CA PRO E 411 53.01 9.70 -20.17
C PRO E 411 53.49 10.62 -19.06
N GLU E 412 53.64 10.17 -17.82
CA GLU E 412 54.07 11.18 -16.86
C GLU E 412 55.48 11.64 -17.19
N GLU E 413 56.33 10.73 -17.65
CA GLU E 413 57.67 11.18 -17.98
C GLU E 413 57.65 11.81 -19.35
N LEU E 414 56.85 11.22 -20.24
CA LEU E 414 56.85 11.73 -21.60
C LEU E 414 56.26 13.11 -21.63
N ASP E 415 55.13 13.32 -20.93
CA ASP E 415 54.47 14.62 -20.86
C ASP E 415 55.33 15.60 -20.12
N SER E 416 56.09 15.17 -19.11
CA SER E 416 56.90 16.19 -18.48
C SER E 416 57.81 16.80 -19.53
N LYS E 417 58.41 15.96 -20.35
CA LYS E 417 59.32 16.49 -21.35
C LYS E 417 58.57 17.15 -22.52
N GLU E 418 57.48 16.55 -22.97
CA GLU E 418 56.70 17.07 -24.09
C GLU E 418 56.01 18.39 -23.74
N ARG E 419 55.57 18.53 -22.49
CA ARG E 419 54.97 19.78 -22.04
C ARG E 419 56.06 20.82 -21.99
N GLN E 420 57.27 20.42 -21.58
CA GLN E 420 58.39 21.33 -21.60
C GLN E 420 58.67 21.69 -23.05
N LEU E 421 58.51 20.73 -23.98
CA LEU E 421 58.73 21.11 -25.38
C LEU E 421 57.72 22.17 -25.72
N GLN E 422 56.48 22.01 -25.24
CA GLN E 422 55.49 23.04 -25.56
C GLN E 422 55.86 24.39 -25.07
N LEU E 423 56.30 24.48 -23.84
CA LEU E 423 56.59 25.80 -23.31
C LEU E 423 57.66 26.44 -24.17
N ILE E 424 58.63 25.64 -24.59
CA ILE E 424 59.70 26.10 -25.43
C ILE E 424 59.22 26.47 -26.83
N GLN E 425 58.38 25.65 -27.45
CA GLN E 425 57.87 25.88 -28.80
C GLN E 425 57.03 27.16 -28.83
N VAL E 426 56.28 27.37 -27.76
CA VAL E 426 55.47 28.56 -27.56
C VAL E 426 56.40 29.77 -27.44
N GLU E 427 57.42 29.67 -26.59
CA GLU E 427 58.34 30.77 -26.46
C GLU E 427 59.12 31.03 -27.74
N ILE E 428 59.51 30.00 -28.49
CA ILE E 428 60.31 30.25 -29.68
C ILE E 428 59.57 31.14 -30.66
N LYS E 429 58.31 30.89 -30.94
CA LYS E 429 57.69 31.82 -31.87
C LYS E 429 57.53 33.19 -31.23
N ALA E 430 57.20 33.22 -29.94
CA ALA E 430 57.02 34.50 -29.26
C ALA E 430 58.30 35.34 -29.28
N LEU E 431 59.44 34.67 -29.16
CA LEU E 431 60.77 35.26 -29.13
C LEU E 431 61.29 35.66 -30.50
N GLU E 432 60.82 34.98 -31.55
CA GLU E 432 61.31 35.19 -32.91
C GLU E 432 61.15 36.63 -33.42
N ARG E 433 60.06 37.31 -33.06
CA ARG E 433 59.88 38.69 -33.52
C ARG E 433 59.35 39.63 -32.43
N ASP E 434 60.08 40.72 -32.22
CA ASP E 434 59.77 41.75 -31.24
C ASP E 434 60.64 42.98 -31.47
N GLU E 435 60.35 44.05 -30.72
CA GLU E 435 61.15 45.27 -30.75
C GLU E 435 62.57 45.00 -30.26
N ASP E 436 62.68 44.06 -29.33
CA ASP E 436 63.94 43.65 -28.72
C ASP E 436 64.48 42.36 -29.32
N ALA E 437 64.05 41.99 -30.53
CA ALA E 437 64.51 40.76 -31.17
C ALA E 437 66.03 40.67 -31.28
N ASP E 438 66.71 41.82 -31.39
CA ASP E 438 68.16 41.87 -31.52
C ASP E 438 68.91 41.75 -30.18
N SER E 439 68.17 41.79 -29.07
CA SER E 439 68.75 41.69 -27.73
C SER E 439 68.88 40.25 -27.30
N THR E 440 69.83 39.97 -26.42
CA THR E 440 69.98 38.63 -25.85
C THR E 440 68.75 38.23 -25.01
N THR E 441 67.90 39.22 -24.73
CA THR E 441 66.63 39.06 -24.04
C THR E 441 65.70 38.14 -24.84
N LYS E 442 65.70 38.30 -26.17
CA LYS E 442 64.81 37.56 -27.04
C LYS E 442 65.60 36.55 -27.90
N ASP E 443 66.90 36.81 -28.10
CA ASP E 443 67.79 35.93 -28.90
C ASP E 443 67.99 34.61 -28.19
N ARG E 444 67.53 34.52 -26.94
CA ARG E 444 67.54 33.30 -26.15
C ARG E 444 66.72 32.23 -26.87
N LEU E 445 65.98 32.64 -27.91
CA LEU E 445 65.25 31.75 -28.78
C LEU E 445 66.18 30.64 -29.23
N LYS E 446 67.42 31.00 -29.56
CA LYS E 446 68.33 29.99 -30.04
C LYS E 446 68.56 28.97 -28.94
N LEU E 447 68.61 29.42 -27.68
CA LEU E 447 68.80 28.53 -26.55
C LEU E 447 67.53 27.75 -26.37
N ALA E 448 66.40 28.38 -26.66
CA ALA E 448 65.12 27.72 -26.55
C ALA E 448 65.11 26.55 -27.51
N ARG E 449 65.63 26.75 -28.73
CA ARG E 449 65.72 25.65 -29.69
C ARG E 449 66.68 24.59 -29.20
N GLN E 450 67.76 24.98 -28.55
CA GLN E 450 68.67 23.98 -28.02
C GLN E 450 67.98 23.17 -26.93
N LYS E 451 67.15 23.84 -26.13
CA LYS E 451 66.40 23.14 -25.09
C LYS E 451 65.32 22.27 -25.70
N GLU E 452 64.69 22.73 -26.78
CA GLU E 452 63.64 21.94 -27.41
C GLU E 452 64.32 20.66 -27.86
N ALA E 453 65.51 20.81 -28.45
CA ALA E 453 66.28 19.68 -28.92
C ALA E 453 66.74 18.81 -27.75
N SER E 454 67.13 19.43 -26.63
CA SER E 454 67.61 18.67 -25.49
C SER E 454 66.50 17.78 -24.97
N LEU E 455 65.29 18.32 -24.94
CA LEU E 455 64.16 17.53 -24.52
C LEU E 455 63.93 16.41 -25.51
N GLN E 456 64.12 16.68 -26.81
CA GLN E 456 63.95 15.60 -27.77
C GLN E 456 65.02 14.54 -27.50
N GLU E 457 66.23 14.95 -27.12
CA GLU E 457 67.29 13.99 -26.81
C GLU E 457 66.88 13.11 -25.65
N GLU E 458 66.15 13.67 -24.68
CA GLU E 458 65.66 12.86 -23.55
C GLU E 458 64.49 11.98 -23.99
N LEU E 459 63.58 12.55 -24.80
CA LEU E 459 62.40 11.86 -25.29
C LEU E 459 62.72 10.69 -26.19
N GLU E 460 63.76 10.80 -26.98
CA GLU E 460 64.08 9.68 -27.84
C GLU E 460 64.31 8.40 -27.03
N PRO E 461 65.35 8.25 -26.17
CA PRO E 461 65.58 7.05 -25.40
C PRO E 461 64.47 6.82 -24.39
N LEU E 462 63.75 7.86 -23.96
CA LEU E 462 62.66 7.65 -23.03
C LEU E 462 61.52 6.92 -23.73
N ARG E 463 61.10 7.43 -24.88
CA ARG E 463 60.03 6.84 -25.66
C ARG E 463 60.46 5.49 -26.16
N GLN E 464 61.70 5.39 -26.62
CA GLN E 464 62.21 4.14 -27.15
C GLN E 464 62.25 3.12 -26.04
N ARG E 465 62.69 3.52 -24.86
CA ARG E 465 62.73 2.64 -23.72
C ARG E 465 61.33 2.19 -23.38
N TYR E 466 60.39 3.14 -23.31
CA TYR E 466 59.04 2.74 -22.98
C TYR E 466 58.50 1.76 -23.99
N ASN E 467 58.77 1.99 -25.27
CA ASN E 467 58.22 1.10 -26.27
C ASN E 467 58.94 -0.24 -26.32
N GLU E 468 60.26 -0.26 -26.15
CA GLU E 468 60.98 -1.52 -26.18
C GLU E 468 60.48 -2.40 -25.07
N GLU E 469 60.42 -1.82 -23.89
CA GLU E 469 60.01 -2.55 -22.74
C GLU E 469 58.58 -2.96 -22.87
N LYS E 470 57.72 -2.06 -23.35
CA LYS E 470 56.33 -2.35 -23.53
C LYS E 470 56.21 -3.56 -24.41
N HIS E 471 56.97 -3.58 -25.50
CA HIS E 471 56.91 -4.70 -26.40
C HIS E 471 57.36 -5.95 -25.68
N GLY E 472 58.38 -5.88 -24.84
CA GLY E 472 58.80 -7.09 -24.14
C GLY E 472 57.65 -7.67 -23.29
N HIS E 473 56.85 -6.78 -22.72
CA HIS E 473 55.73 -7.20 -21.90
C HIS E 473 54.63 -7.75 -22.79
N GLU E 474 54.40 -7.10 -23.93
CA GLU E 474 53.37 -7.56 -24.85
C GLU E 474 53.74 -8.92 -25.40
N GLU E 475 55.01 -9.11 -25.75
CA GLU E 475 55.44 -10.37 -26.30
C GLU E 475 55.34 -11.44 -25.25
N LEU E 476 55.72 -11.09 -24.02
CA LEU E 476 55.63 -12.03 -22.91
C LEU E 476 54.18 -12.46 -22.76
N THR E 477 53.30 -11.49 -22.78
CA THR E 477 51.89 -11.73 -22.65
C THR E 477 51.36 -12.63 -23.75
N GLN E 478 51.73 -12.35 -24.98
CA GLN E 478 51.24 -13.17 -26.07
C GLN E 478 51.80 -14.56 -25.96
N ALA E 479 53.05 -14.70 -25.51
CA ALA E 479 53.61 -16.02 -25.37
C ALA E 479 52.82 -16.79 -24.35
N LYS E 480 52.44 -16.14 -23.26
CA LYS E 480 51.65 -16.84 -22.26
C LYS E 480 50.29 -17.20 -22.82
N LYS E 481 49.69 -16.30 -23.61
CA LYS E 481 48.38 -16.64 -24.16
C LYS E 481 48.51 -17.84 -25.07
N LYS E 482 49.59 -17.89 -25.84
CA LYS E 482 49.74 -18.98 -26.77
C LYS E 482 50.06 -20.26 -26.05
N LEU E 483 50.81 -20.20 -24.97
CA LEU E 483 51.11 -21.45 -24.30
C LEU E 483 49.78 -22.07 -23.91
N ASP E 484 48.94 -21.27 -23.25
CA ASP E 484 47.67 -21.77 -22.78
C ASP E 484 46.75 -22.24 -23.91
N GLU E 485 46.73 -21.54 -25.03
CA GLU E 485 45.88 -21.98 -26.14
C GLU E 485 46.37 -23.32 -26.67
N LEU E 486 47.70 -23.50 -26.73
CA LEU E 486 48.25 -24.74 -27.24
C LEU E 486 47.85 -25.88 -26.30
N GLU E 487 47.91 -25.64 -24.98
CA GLU E 487 47.52 -26.70 -24.06
C GLU E 487 46.03 -27.00 -24.15
N ASN E 488 45.19 -25.97 -24.33
CA ASN E 488 43.76 -26.23 -24.44
C ASN E 488 43.52 -27.19 -25.60
N LYS E 489 44.10 -26.86 -26.74
CA LYS E 489 43.91 -27.66 -27.93
C LYS E 489 44.47 -29.06 -27.74
N ALA E 490 45.61 -29.18 -27.06
CA ALA E 490 46.20 -30.49 -26.83
C ALA E 490 45.27 -31.34 -26.02
N LEU E 491 44.67 -30.76 -24.99
CA LEU E 491 43.77 -31.53 -24.14
C LEU E 491 42.56 -32.01 -24.91
N ASP E 492 42.06 -31.18 -25.83
CA ASP E 492 40.92 -31.61 -26.60
C ASP E 492 41.33 -32.80 -27.45
N ALA E 493 42.44 -32.63 -28.16
CA ALA E 493 42.94 -33.64 -29.07
C ALA E 493 43.25 -34.95 -28.36
N GLU E 494 43.79 -34.86 -27.15
CA GLU E 494 44.13 -36.07 -26.43
C GLU E 494 42.90 -36.89 -26.08
N ARG E 495 41.80 -36.28 -25.62
CA ARG E 495 40.66 -37.16 -25.29
C ARG E 495 40.02 -37.71 -26.55
N ARG E 496 40.03 -36.91 -27.61
CA ARG E 496 39.50 -37.33 -28.92
C ARG E 496 40.29 -38.50 -29.49
N TYR E 497 41.47 -38.77 -28.91
CA TYR E 497 42.45 -39.76 -29.34
C TYR E 497 43.11 -39.31 -30.63
N ASP E 498 43.00 -38.02 -30.93
CA ASP E 498 43.66 -37.41 -32.08
C ASP E 498 45.01 -36.94 -31.59
N THR E 499 45.78 -37.91 -31.09
CA THR E 499 47.04 -37.64 -30.44
C THR E 499 48.07 -37.09 -31.39
N ALA E 500 47.88 -37.30 -32.68
CA ALA E 500 48.76 -36.71 -33.67
C ALA E 500 48.69 -35.19 -33.60
N THR E 501 47.48 -34.66 -33.35
CA THR E 501 47.34 -33.22 -33.34
C THR E 501 47.70 -32.74 -31.96
N ALA E 502 47.59 -33.64 -30.99
CA ALA E 502 48.05 -33.28 -29.66
C ALA E 502 49.56 -33.15 -29.72
N ALA E 503 50.21 -34.05 -30.46
CA ALA E 503 51.65 -34.10 -30.60
C ALA E 503 52.18 -32.81 -31.21
N ASP E 504 51.43 -32.25 -32.16
CA ASP E 504 51.80 -30.98 -32.78
C ASP E 504 51.94 -29.83 -31.75
N LEU E 505 51.33 -30.00 -30.59
CA LEU E 505 51.33 -29.03 -29.53
C LEU E 505 52.28 -29.49 -28.41
N ARG E 506 52.17 -30.75 -28.02
CA ARG E 506 52.94 -31.30 -26.90
C ARG E 506 54.43 -31.39 -27.18
N TYR E 507 54.79 -31.70 -28.41
CA TYR E 507 56.19 -31.78 -28.72
C TYR E 507 56.56 -30.44 -29.26
N PHE E 508 57.66 -29.91 -28.76
CA PHE E 508 58.19 -28.62 -29.17
C PHE E 508 57.34 -27.39 -28.90
N ALA E 509 56.13 -27.29 -29.44
CA ALA E 509 55.40 -26.02 -29.35
C ALA E 509 55.12 -25.56 -27.91
N ILE E 510 54.50 -26.39 -27.10
CA ILE E 510 54.22 -25.97 -25.74
C ILE E 510 55.49 -25.63 -24.95
N PRO E 511 56.53 -26.49 -24.92
CA PRO E 511 57.77 -26.18 -24.23
C PRO E 511 58.57 -25.07 -24.89
N ASP E 512 58.38 -24.84 -26.19
CA ASP E 512 59.13 -23.76 -26.81
C ASP E 512 58.54 -22.49 -26.31
N ILE E 513 57.21 -22.43 -26.22
CA ILE E 513 56.60 -21.23 -25.71
C ILE E 513 57.07 -21.03 -24.30
N LYS E 514 57.15 -22.09 -23.50
CA LYS E 514 57.67 -21.93 -22.15
C LYS E 514 59.02 -21.23 -22.17
N LYS E 515 59.91 -21.65 -23.06
CA LYS E 515 61.23 -21.03 -23.12
C LYS E 515 61.12 -19.60 -23.64
N GLN E 516 60.18 -19.34 -24.56
CA GLN E 516 60.03 -17.98 -25.06
C GLN E 516 59.62 -17.12 -23.89
N ILE E 517 58.75 -17.63 -23.05
CA ILE E 517 58.28 -16.87 -21.91
C ILE E 517 59.43 -16.49 -21.02
N GLU E 518 60.33 -17.44 -20.73
CA GLU E 518 61.47 -17.11 -19.88
C GLU E 518 62.33 -16.00 -20.51
N LYS E 519 62.54 -16.09 -21.82
CA LYS E 519 63.36 -15.10 -22.50
C LYS E 519 62.67 -13.75 -22.53
N LEU E 520 61.36 -13.77 -22.67
CA LEU E 520 60.59 -12.57 -22.70
C LEU E 520 60.60 -11.93 -21.31
N GLU E 521 60.66 -12.74 -20.24
CA GLU E 521 60.80 -12.17 -18.91
C GLU E 521 62.18 -11.49 -18.82
N ASP E 522 63.20 -12.04 -19.47
CA ASP E 522 64.49 -11.37 -19.47
C ASP E 522 64.38 -10.00 -20.15
N GLN E 523 63.51 -9.87 -21.16
CA GLN E 523 63.29 -8.56 -21.83
C GLN E 523 62.62 -7.56 -20.85
N VAL E 524 61.73 -8.09 -19.99
CA VAL E 524 61.06 -7.32 -18.92
C VAL E 524 62.17 -6.80 -18.00
N ALA E 525 63.16 -7.66 -17.81
CA ALA E 525 64.38 -7.38 -17.10
C ALA E 525 64.22 -6.99 -15.67
N GLU E 526 63.64 -7.84 -14.86
CA GLU E 526 63.66 -7.49 -13.46
C GLU E 526 65.14 -7.54 -13.10
N GLU E 527 65.64 -6.56 -12.36
CA GLU E 527 67.06 -6.49 -12.04
C GLU E 527 67.27 -6.15 -10.59
N GLU E 528 68.48 -6.35 -10.09
CA GLU E 528 68.82 -6.00 -8.71
C GLU E 528 68.54 -4.52 -8.36
N ARG E 529 68.33 -3.68 -9.36
CA ARG E 529 68.03 -2.28 -9.18
C ARG E 529 66.57 -2.01 -8.73
N ARG E 530 65.61 -2.83 -9.22
CA ARG E 530 64.19 -2.61 -8.90
C ARG E 530 63.24 -3.72 -9.42
N ALA E 531 61.97 -3.65 -8.98
CA ALA E 531 60.91 -4.57 -9.41
C ALA E 531 60.48 -4.29 -10.86
N GLY E 532 61.38 -4.63 -11.75
CA GLY E 532 61.27 -4.41 -13.18
C GLY E 532 62.21 -3.29 -13.56
N ALA E 533 63.33 -3.60 -14.24
CA ALA E 533 64.22 -2.53 -14.66
C ALA E 533 63.45 -1.61 -15.60
N ASN E 534 62.44 -2.20 -16.24
CA ASN E 534 61.61 -1.47 -17.15
C ASN E 534 60.80 -0.38 -16.47
N SER E 535 60.41 0.59 -17.28
CA SER E 535 59.61 1.71 -16.85
C SER E 535 58.10 1.47 -16.96
N MET E 536 57.68 0.23 -17.24
CA MET E 536 56.25 -0.06 -17.32
C MET E 536 55.70 -0.18 -15.93
N ILE E 537 56.52 -0.75 -15.06
CA ILE E 537 56.18 -1.05 -13.69
C ILE E 537 55.17 -2.17 -13.66
N GLN E 538 55.68 -3.33 -13.36
CA GLN E 538 54.99 -4.58 -13.42
C GLN E 538 55.49 -5.35 -12.23
N ASN E 539 55.03 -6.56 -12.00
CA ASN E 539 55.48 -7.34 -10.85
C ASN E 539 54.72 -6.91 -9.66
N VAL E 540 53.52 -7.39 -9.55
CA VAL E 540 52.72 -6.98 -8.43
C VAL E 540 53.55 -7.29 -7.21
N VAL E 541 53.79 -6.27 -6.39
CA VAL E 541 54.62 -6.40 -5.22
C VAL E 541 53.85 -6.87 -4.02
N ASP E 542 54.36 -7.93 -3.44
CA ASP E 542 53.79 -8.57 -2.28
C ASP E 542 53.41 -7.68 -1.15
N SER E 543 54.28 -6.76 -0.90
CA SER E 543 54.17 -5.82 0.12
C SER E 543 53.52 -4.59 -0.45
N ASP E 544 54.26 -3.68 -0.99
CA ASP E 544 53.63 -2.45 -1.43
C ASP E 544 52.45 -2.55 -2.39
N THR E 545 52.40 -3.46 -3.35
CA THR E 545 51.26 -3.35 -4.24
C THR E 545 50.06 -3.89 -3.56
N ILE E 546 50.21 -5.06 -3.00
CA ILE E 546 49.08 -5.69 -2.41
C ILE E 546 48.65 -4.91 -1.20
N SER E 547 49.61 -4.44 -0.43
CA SER E 547 49.30 -3.71 0.75
C SER E 547 48.54 -2.48 0.39
N GLU E 548 48.99 -1.75 -0.60
CA GLU E 548 48.25 -0.56 -0.92
C GLU E 548 46.92 -0.90 -1.48
N THR E 549 46.83 -2.00 -2.18
CA THR E 549 45.55 -2.37 -2.68
C THR E 549 44.67 -2.54 -1.47
N ALA E 550 45.16 -3.25 -0.49
CA ALA E 550 44.39 -3.45 0.70
C ALA E 550 44.11 -2.11 1.34
N ALA E 551 45.07 -1.22 1.33
CA ALA E 551 44.81 0.05 1.95
C ALA E 551 43.63 0.68 1.26
N ARG E 552 43.58 0.58 -0.04
CA ARG E 552 42.44 1.16 -0.74
C ARG E 552 41.15 0.47 -0.34
N LEU E 553 41.23 -0.81 -0.01
CA LEU E 553 40.09 -1.61 0.36
C LEU E 553 39.79 -1.68 1.86
N THR E 554 40.78 -1.43 2.70
CA THR E 554 40.66 -1.59 4.15
C THR E 554 40.99 -0.33 4.87
N GLY E 555 41.80 0.47 4.22
CA GLY E 555 42.32 1.67 4.81
C GLY E 555 43.40 1.28 5.78
N ILE E 556 43.83 2.27 6.57
CA ILE E 556 44.89 2.15 7.56
C ILE E 556 46.24 1.95 6.85
N PRO E 557 47.32 2.61 7.29
CA PRO E 557 48.63 2.59 6.69
C PRO E 557 49.39 1.30 6.80
N VAL E 558 50.53 1.31 6.13
CA VAL E 558 51.36 0.15 6.00
C VAL E 558 51.69 -0.57 7.27
N LYS E 559 51.75 0.09 8.43
CA LYS E 559 52.04 -0.66 9.62
C LYS E 559 51.07 -1.80 9.72
N LYS E 560 49.78 -1.53 9.49
CA LYS E 560 48.77 -2.56 9.53
C LYS E 560 49.10 -3.65 8.59
N LEU E 561 49.57 -3.23 7.45
CA LEU E 561 49.78 -4.08 6.34
C LEU E 561 51.18 -4.70 6.33
N SER E 562 52.00 -4.42 7.34
CA SER E 562 53.33 -4.96 7.36
C SER E 562 53.79 -5.37 8.75
N GLU E 563 53.86 -6.68 8.95
CA GLU E 563 54.23 -7.27 10.24
C GLU E 563 54.87 -8.63 10.06
N SER E 564 55.65 -9.05 11.06
CA SER E 564 56.20 -10.41 11.09
C SER E 564 55.23 -11.29 11.87
N GLU E 565 54.25 -10.61 12.45
CA GLU E 565 53.19 -11.14 13.30
C GLU E 565 53.66 -11.63 14.65
N ASN E 566 54.52 -12.65 14.59
CA ASN E 566 55.06 -13.30 15.78
C ASN E 566 55.61 -12.33 16.79
N GLU E 567 56.23 -11.32 16.24
CA GLU E 567 56.92 -10.25 16.91
C GLU E 567 56.01 -9.50 17.85
N LYS E 568 54.71 -9.56 17.59
CA LYS E 568 53.86 -8.84 18.47
C LYS E 568 53.98 -9.39 19.85
N LEU E 569 54.22 -10.67 20.02
CA LEU E 569 54.27 -11.08 21.40
C LEU E 569 55.34 -10.36 22.19
N ILE E 570 56.44 -10.00 21.55
CA ILE E 570 57.53 -9.41 22.27
C ILE E 570 57.52 -7.91 22.17
N HIS E 571 56.66 -7.37 21.30
CA HIS E 571 56.54 -5.94 21.22
C HIS E 571 55.21 -5.47 21.73
N MET E 572 54.15 -6.14 21.35
CA MET E 572 52.81 -5.78 21.75
C MET E 572 52.70 -5.77 23.25
N GLU E 573 53.27 -6.74 23.95
CA GLU E 573 53.13 -6.65 25.39
C GLU E 573 53.73 -5.35 25.93
N ARG E 574 54.72 -4.81 25.25
CA ARG E 574 55.38 -3.62 25.69
C ARG E 574 54.52 -2.46 25.28
N ASP E 575 54.10 -2.48 24.04
CA ASP E 575 53.33 -1.39 23.52
C ASP E 575 52.05 -1.30 24.33
N LEU E 576 51.50 -2.43 24.70
CA LEU E 576 50.34 -2.45 25.54
C LEU E 576 50.67 -1.81 26.85
N SER E 577 51.84 -2.10 27.41
CA SER E 577 52.16 -1.46 28.67
C SER E 577 52.39 0.04 28.46
N SER E 578 52.64 0.44 27.21
CA SER E 578 52.76 1.85 26.94
C SER E 578 51.36 2.43 26.83
N GLU E 579 50.41 1.66 26.29
CA GLU E 579 49.06 2.16 26.14
C GLU E 579 48.36 2.21 27.48
N VAL E 580 48.58 1.21 28.30
CA VAL E 580 47.97 1.19 29.61
C VAL E 580 49.05 1.03 30.62
N VAL E 581 48.83 1.63 31.77
CA VAL E 581 49.87 1.61 32.77
C VAL E 581 49.81 0.42 33.69
N GLY E 582 50.97 -0.20 33.90
CA GLY E 582 51.08 -1.30 34.80
C GLY E 582 50.28 -2.47 34.29
N GLN E 583 49.76 -3.25 35.21
CA GLN E 583 49.02 -4.46 34.88
C GLN E 583 49.88 -5.36 34.02
N MET E 584 51.19 -5.35 34.22
CA MET E 584 52.00 -6.11 33.30
C MET E 584 51.73 -7.58 33.36
N ASP E 585 51.37 -8.10 34.51
CA ASP E 585 51.13 -9.53 34.56
C ASP E 585 49.94 -9.86 33.70
N ALA E 586 48.95 -8.97 33.74
CA ALA E 586 47.77 -9.19 32.94
C ALA E 586 48.15 -9.10 31.49
N ILE E 587 48.96 -8.13 31.18
CA ILE E 587 49.34 -7.93 29.82
C ILE E 587 50.05 -9.12 29.29
N LYS E 588 50.98 -9.64 30.06
CA LYS E 588 51.68 -10.81 29.60
C LYS E 588 50.72 -11.95 29.40
N ALA E 589 49.81 -12.14 30.33
CA ALA E 589 48.89 -13.26 30.20
C ALA E 589 48.09 -13.14 28.93
N VAL E 590 47.66 -11.94 28.65
CA VAL E 590 46.83 -11.74 27.51
C VAL E 590 47.61 -11.90 26.24
N SER E 591 48.75 -11.25 26.20
CA SER E 591 49.58 -11.24 25.02
C SER E 591 49.95 -12.66 24.71
N ASN E 592 50.25 -13.41 25.74
CA ASN E 592 50.60 -14.78 25.58
C ASN E 592 49.49 -15.53 24.93
N ALA E 593 48.29 -15.46 25.46
CA ALA E 593 47.28 -16.23 24.78
C ALA E 593 47.11 -15.81 23.34
N VAL E 594 47.22 -14.54 23.07
CA VAL E 594 47.00 -14.13 21.71
C VAL E 594 47.95 -14.76 20.71
N ARG E 595 49.24 -14.67 20.99
CA ARG E 595 50.13 -15.24 20.00
C ARG E 595 50.40 -16.67 20.23
N LEU E 596 50.25 -17.10 21.46
CA LEU E 596 50.63 -18.44 21.76
C LEU E 596 49.48 -19.36 21.49
N SER E 597 48.24 -18.90 21.60
CA SER E 597 47.19 -19.83 21.24
C SER E 597 47.30 -20.11 19.75
N ARG E 598 47.75 -19.11 19.01
CA ARG E 598 47.93 -19.25 17.59
C ARG E 598 49.10 -20.14 17.27
N SER E 599 50.28 -19.75 17.73
CA SER E 599 51.48 -20.52 17.42
C SER E 599 51.57 -21.82 18.18
N GLY E 600 50.78 -21.94 19.24
CA GLY E 600 50.69 -23.15 20.04
C GLY E 600 49.74 -24.12 19.40
N LEU E 601 49.12 -23.69 18.29
CA LEU E 601 48.20 -24.50 17.51
C LEU E 601 47.02 -25.01 18.31
N ALA E 602 46.50 -24.19 19.20
CA ALA E 602 45.36 -24.56 20.00
C ALA E 602 44.20 -24.83 19.09
N ASN E 603 43.24 -25.59 19.55
CA ASN E 603 42.09 -25.82 18.70
C ASN E 603 41.66 -24.48 18.18
N PRO E 604 41.59 -24.26 16.87
CA PRO E 604 41.24 -22.99 16.28
C PRO E 604 39.90 -22.44 16.73
N ARG E 605 39.07 -23.27 17.34
CA ARG E 605 37.76 -22.85 17.81
C ARG E 605 37.82 -22.52 19.30
N GLN E 606 39.03 -22.43 19.82
CA GLN E 606 39.35 -22.05 21.18
C GLN E 606 40.25 -20.81 21.14
N PRO E 607 39.73 -19.62 20.81
CA PRO E 607 40.47 -18.39 20.71
C PRO E 607 40.86 -17.96 22.08
N ALA E 608 41.80 -17.07 22.18
CA ALA E 608 42.18 -16.57 23.48
C ALA E 608 40.96 -16.04 24.22
N SER E 609 40.92 -16.29 25.53
CA SER E 609 39.84 -15.77 26.33
C SER E 609 40.19 -15.55 27.78
N PHE E 610 39.71 -14.43 28.31
CA PHE E 610 40.02 -14.06 29.66
C PHE E 610 38.87 -13.60 30.50
N LEU E 611 39.04 -13.76 31.80
CA LEU E 611 38.13 -13.14 32.72
C LEU E 611 38.84 -12.05 33.48
N PHE E 612 38.43 -10.82 33.24
CA PHE E 612 39.05 -9.64 33.82
C PHE E 612 38.41 -9.18 35.10
N LEU E 613 39.12 -9.47 36.16
CA LEU E 613 38.78 -9.22 37.52
C LEU E 613 39.59 -8.05 38.00
N GLY E 614 39.39 -7.61 39.21
CA GLY E 614 40.02 -6.37 39.62
C GLY E 614 38.93 -5.38 39.34
N LEU E 615 39.06 -4.12 39.71
CA LEU E 615 37.91 -3.23 39.56
C LEU E 615 37.90 -2.27 38.41
N SER E 616 36.69 -1.89 38.02
CA SER E 616 36.49 -0.85 37.06
C SER E 616 37.37 0.30 37.46
N GLY E 617 37.99 0.95 36.48
CA GLY E 617 38.87 2.06 36.75
C GLY E 617 40.33 1.65 36.67
N SER E 618 40.56 0.32 36.71
CA SER E 618 41.88 -0.32 36.59
C SER E 618 42.38 -0.34 35.16
N GLY E 619 41.45 -0.07 34.25
CA GLY E 619 41.73 -0.11 32.84
C GLY E 619 41.68 -1.46 32.23
N LYS E 620 41.25 -2.47 32.97
CA LYS E 620 41.22 -3.79 32.36
C LYS E 620 40.41 -3.82 31.05
N THR E 621 39.38 -2.99 30.96
CA THR E 621 38.60 -2.94 29.73
C THR E 621 39.39 -2.25 28.67
N GLU E 622 40.00 -1.16 29.06
CA GLU E 622 40.73 -0.37 28.12
C GLU E 622 41.85 -1.21 27.57
N LEU E 623 42.43 -2.09 28.40
CA LEU E 623 43.47 -2.96 27.91
C LEU E 623 42.91 -3.73 26.78
N ALA E 624 41.78 -4.38 27.00
CA ALA E 624 41.25 -5.18 25.93
C ALA E 624 41.03 -4.34 24.67
N LYS E 625 40.58 -3.11 24.86
CA LYS E 625 40.36 -2.25 23.72
C LYS E 625 41.68 -2.02 23.02
N LYS E 626 42.72 -1.78 23.78
CA LYS E 626 44.01 -1.49 23.20
C LYS E 626 44.54 -2.72 22.54
N VAL E 627 44.21 -3.86 23.10
CA VAL E 627 44.64 -5.08 22.53
C VAL E 627 44.02 -5.19 21.17
N ALA E 628 42.73 -4.86 21.05
CA ALA E 628 42.08 -4.87 19.74
C ALA E 628 42.85 -3.98 18.80
N GLY E 629 43.32 -2.88 19.37
CA GLY E 629 44.12 -1.99 18.60
C GLY E 629 45.23 -2.79 17.98
N PHE E 630 46.05 -3.43 18.77
CA PHE E 630 47.20 -4.12 18.22
C PHE E 630 46.89 -5.38 17.44
N LEU E 631 45.85 -6.06 17.84
CA LEU E 631 45.50 -7.28 17.17
C LEU E 631 45.03 -7.06 15.79
N PHE E 632 44.22 -6.04 15.63
CA PHE E 632 43.60 -5.82 14.37
C PHE E 632 43.91 -4.50 13.77
N ASN E 633 44.77 -3.73 14.43
CA ASN E 633 45.05 -2.37 14.01
C ASN E 633 43.74 -1.64 14.00
N ASP E 634 42.92 -1.94 14.99
CA ASP E 634 41.60 -1.37 15.09
C ASP E 634 40.98 -1.51 16.44
N GLU E 635 41.00 -0.47 17.23
CA GLU E 635 40.43 -0.59 18.56
C GLU E 635 38.93 -0.85 18.50
N ASP E 636 38.29 -0.42 17.42
CA ASP E 636 36.85 -0.55 17.32
C ASP E 636 36.45 -1.87 16.72
N MET E 637 37.44 -2.74 16.57
CA MET E 637 37.19 -4.09 16.19
C MET E 637 36.38 -4.78 17.26
N MET E 638 36.53 -4.29 18.49
CA MET E 638 35.85 -4.94 19.59
C MET E 638 34.35 -4.90 19.52
N ILE E 639 33.77 -6.01 19.94
CA ILE E 639 32.36 -6.14 20.07
C ILE E 639 31.97 -6.16 21.52
N ARG E 640 31.35 -5.10 22.00
CA ARG E 640 31.01 -5.06 23.43
C ARG E 640 29.61 -5.56 23.65
N VAL E 641 29.44 -6.31 24.72
CA VAL E 641 28.16 -6.87 25.08
C VAL E 641 27.65 -6.47 26.44
N ASP E 642 26.48 -5.86 26.46
CA ASP E 642 25.95 -5.43 27.73
C ASP E 642 25.38 -6.58 28.47
N CYS E 643 26.17 -7.17 29.33
CA CYS E 643 25.72 -8.37 29.96
C CYS E 643 24.78 -8.12 31.09
N SER E 644 24.60 -6.85 31.45
CA SER E 644 23.71 -6.56 32.54
C SER E 644 22.31 -6.49 31.98
N GLU E 645 22.19 -6.37 30.66
CA GLU E 645 20.89 -6.35 30.02
C GLU E 645 20.55 -7.75 29.54
N LEU E 646 20.69 -8.71 30.45
CA LEU E 646 20.40 -10.08 30.14
C LEU E 646 19.51 -10.72 31.15
N SER E 647 18.27 -10.26 31.14
CA SER E 647 17.19 -10.72 31.98
C SER E 647 16.72 -12.02 31.41
N GLU E 648 15.73 -12.61 32.05
CA GLU E 648 15.12 -13.85 31.59
C GLU E 648 14.71 -13.81 30.11
N LYS E 649 14.44 -12.64 29.57
CA LYS E 649 14.05 -12.61 28.18
C LYS E 649 15.14 -13.14 27.25
N TYR E 650 16.42 -12.88 27.59
CA TYR E 650 17.57 -13.25 26.74
C TYR E 650 17.22 -13.70 25.34
N ALA E 651 16.70 -12.78 24.54
CA ALA E 651 16.24 -13.07 23.19
C ALA E 651 17.13 -12.42 22.17
N VAL E 652 16.72 -11.29 21.61
CA VAL E 652 17.50 -10.68 20.53
C VAL E 652 18.91 -10.35 20.96
N SER E 653 19.04 -9.79 22.16
CA SER E 653 20.34 -9.41 22.70
C SER E 653 21.26 -10.62 22.95
N LYS E 654 20.68 -11.81 22.97
CA LYS E 654 21.42 -13.03 23.19
C LYS E 654 22.31 -13.29 22.01
N LEU E 655 23.42 -13.96 22.29
CA LEU E 655 24.39 -14.39 21.27
C LEU E 655 23.71 -15.05 20.08
N LEU E 656 22.57 -15.70 20.33
CA LEU E 656 21.81 -16.39 19.33
C LEU E 656 20.78 -15.41 18.73
N GLY E 657 20.16 -14.63 19.56
CA GLY E 657 19.13 -13.70 19.11
C GLY E 657 17.80 -14.40 18.89
N THR E 658 16.88 -13.78 18.13
CA THR E 658 15.55 -14.39 17.98
C THR E 658 15.56 -15.67 17.18
N THR E 659 14.94 -16.69 17.74
CA THR E 659 14.82 -18.01 17.15
C THR E 659 14.17 -18.00 15.78
N ALA E 660 14.74 -18.72 14.84
CA ALA E 660 14.20 -18.80 13.51
C ALA E 660 12.72 -19.07 13.49
N GLY E 661 12.02 -18.25 12.70
CA GLY E 661 10.58 -18.40 12.52
C GLY E 661 9.76 -17.55 13.50
N TYR E 662 10.40 -17.01 14.51
CA TYR E 662 9.72 -16.19 15.49
C TYR E 662 9.80 -14.75 15.06
N VAL E 663 8.90 -13.94 15.58
CA VAL E 663 8.86 -12.55 15.20
C VAL E 663 10.12 -11.79 15.62
N GLY E 664 10.69 -11.09 14.64
CA GLY E 664 11.90 -10.29 14.80
C GLY E 664 13.05 -10.98 14.09
N TYR E 665 13.65 -10.28 13.13
CA TYR E 665 14.73 -10.85 12.34
C TYR E 665 16.08 -10.41 12.83
N ASP E 666 16.07 -9.85 14.03
CA ASP E 666 17.28 -9.42 14.67
C ASP E 666 17.88 -10.64 15.36
N GLU E 667 19.04 -11.07 14.87
CA GLU E 667 19.66 -12.28 15.37
C GLU E 667 21.07 -12.01 15.84
N GLY E 668 21.49 -12.76 16.83
CA GLY E 668 22.80 -12.63 17.38
C GLY E 668 23.08 -11.23 17.85
N GLY E 669 22.17 -10.64 18.64
CA GLY E 669 22.19 -9.26 19.12
C GLY E 669 23.49 -8.53 18.86
N PHE E 670 24.53 -8.99 19.49
CA PHE E 670 25.82 -8.40 19.27
C PHE E 670 26.68 -9.32 18.42
N LEU E 671 26.67 -10.60 18.75
CA LEU E 671 27.58 -11.53 18.12
C LEU E 671 27.40 -11.69 16.63
N THR E 672 26.22 -12.01 16.14
CA THR E 672 26.09 -12.21 14.72
C THR E 672 26.17 -10.93 14.05
N ASN E 673 25.47 -10.00 14.65
CA ASN E 673 25.33 -8.71 14.09
C ASN E 673 26.67 -8.06 13.84
N GLN E 674 27.65 -8.33 14.69
CA GLN E 674 28.94 -7.75 14.49
C GLN E 674 29.95 -8.72 13.89
N LEU E 675 29.96 -10.00 14.27
CA LEU E 675 30.98 -10.89 13.72
C LEU E 675 30.82 -11.03 12.25
N GLN E 676 29.59 -10.92 11.76
CA GLN E 676 29.38 -11.04 10.32
C GLN E 676 30.13 -9.95 9.56
N TYR E 677 30.54 -8.89 10.25
CA TYR E 677 31.30 -7.82 9.63
C TYR E 677 32.71 -7.89 10.16
N LYS E 678 32.87 -8.46 11.35
CA LYS E 678 34.16 -8.52 12.00
C LYS E 678 34.52 -9.92 12.49
N PRO E 679 34.72 -10.92 11.59
CA PRO E 679 35.09 -12.30 11.90
C PRO E 679 36.32 -12.38 12.77
N TYR E 680 37.22 -11.45 12.61
CA TYR E 680 38.44 -11.40 13.38
C TYR E 680 38.20 -10.33 14.33
N SER E 681 38.00 -10.69 15.55
CA SER E 681 37.61 -9.70 16.48
C SER E 681 37.75 -10.14 17.88
N VAL E 682 37.54 -9.21 18.74
CA VAL E 682 37.54 -9.49 20.12
C VAL E 682 36.21 -9.05 20.64
N LEU E 683 35.67 -9.84 21.52
CA LEU E 683 34.39 -9.56 22.07
C LEU E 683 34.58 -9.37 23.53
N LEU E 684 33.82 -8.47 24.09
CA LEU E 684 33.93 -8.24 25.48
C LEU E 684 32.59 -8.19 26.18
N PHE E 685 32.54 -8.90 27.28
CA PHE E 685 31.32 -9.05 28.04
C PHE E 685 31.33 -8.14 29.25
N ASP E 686 30.54 -7.08 29.17
CA ASP E 686 30.52 -6.03 30.16
C ASP E 686 29.71 -6.47 31.35
N GLU E 687 30.37 -6.65 32.51
CA GLU E 687 29.72 -7.15 33.72
C GLU E 687 29.07 -8.49 33.46
N VAL E 688 29.88 -9.43 33.00
CA VAL E 688 29.45 -10.77 32.62
C VAL E 688 28.80 -11.49 33.79
N GLU E 689 29.21 -11.12 34.98
CA GLU E 689 28.71 -11.67 36.22
C GLU E 689 27.20 -11.50 36.38
N LYS E 690 26.63 -10.52 35.71
CA LYS E 690 25.21 -10.27 35.81
C LYS E 690 24.40 -11.00 34.76
N ALA E 691 25.07 -11.69 33.87
CA ALA E 691 24.36 -12.36 32.80
C ALA E 691 23.48 -13.48 33.31
N HIS E 692 22.32 -13.66 32.70
CA HIS E 692 21.48 -14.79 33.04
C HIS E 692 22.28 -16.08 32.82
N PRO E 693 22.19 -17.10 33.67
CA PRO E 693 22.82 -18.40 33.51
C PRO E 693 22.63 -19.01 32.14
N ASP E 694 21.50 -18.75 31.51
CA ASP E 694 21.26 -19.29 30.19
C ASP E 694 22.25 -18.68 29.21
N VAL E 695 22.59 -17.45 29.48
CA VAL E 695 23.50 -16.77 28.63
C VAL E 695 24.85 -17.28 28.95
N LEU E 696 25.11 -17.46 30.23
CA LEU E 696 26.42 -17.95 30.60
C LEU E 696 26.62 -19.29 29.93
N THR E 697 25.55 -20.06 29.79
CA THR E 697 25.64 -21.33 29.12
C THR E 697 26.01 -21.17 27.65
N VAL E 698 25.34 -20.28 26.92
CA VAL E 698 25.77 -20.12 25.53
C VAL E 698 27.18 -19.55 25.48
N MET E 699 27.55 -18.74 26.45
CA MET E 699 28.91 -18.25 26.54
C MET E 699 29.87 -19.39 26.77
N LEU E 700 29.50 -20.36 27.59
CA LEU E 700 30.37 -21.47 27.85
C LEU E 700 30.73 -22.05 26.51
N GLN E 701 29.70 -22.27 25.70
CA GLN E 701 29.96 -22.77 24.38
C GLN E 701 30.90 -21.84 23.67
N MET E 702 30.62 -20.54 23.73
CA MET E 702 31.45 -19.58 23.04
C MET E 702 32.91 -19.62 23.49
N LEU E 703 33.14 -20.00 24.73
CA LEU E 703 34.48 -20.04 25.26
C LEU E 703 35.31 -21.21 24.73
N ASP E 704 34.67 -22.22 24.15
CA ASP E 704 35.37 -23.40 23.67
C ASP E 704 34.56 -24.12 22.64
N ASP E 705 35.06 -24.13 21.42
CA ASP E 705 34.30 -24.67 20.31
C ASP E 705 33.13 -23.76 20.25
N GLY E 706 33.45 -22.48 20.14
CA GLY E 706 32.43 -21.43 20.18
C GLY E 706 31.63 -21.29 18.93
N ARG E 707 31.08 -22.37 18.49
CA ARG E 707 30.37 -22.43 17.26
C ARG E 707 28.93 -21.99 17.48
N ILE E 708 28.78 -20.69 17.59
CA ILE E 708 27.50 -20.11 17.93
C ILE E 708 26.59 -19.93 16.75
N THR E 709 25.43 -20.54 16.85
CA THR E 709 24.41 -20.57 15.83
C THR E 709 23.51 -19.35 15.88
N SER E 710 23.33 -18.68 14.76
CA SER E 710 22.46 -17.51 14.78
C SER E 710 20.98 -17.84 15.02
N GLY E 711 20.24 -16.84 15.47
CA GLY E 711 18.80 -16.91 15.71
C GLY E 711 17.94 -17.35 14.52
N GLN E 712 18.02 -16.61 13.39
CA GLN E 712 17.20 -16.89 12.22
C GLN E 712 17.93 -17.72 11.17
N GLY E 713 19.08 -17.24 10.73
CA GLY E 713 19.86 -17.93 9.70
C GLY E 713 20.30 -19.30 10.17
N LYS E 714 20.60 -19.40 11.46
CA LYS E 714 21.09 -20.60 12.09
C LYS E 714 22.41 -21.00 11.52
N THR E 715 23.26 -20.02 11.34
CA THR E 715 24.58 -20.28 10.84
C THR E 715 25.61 -19.96 11.87
N ILE E 716 26.79 -20.46 11.66
CA ILE E 716 27.87 -20.28 12.61
C ILE E 716 29.10 -19.73 11.97
N ASP E 717 29.67 -18.71 12.57
CA ASP E 717 30.93 -18.21 12.06
C ASP E 717 31.74 -17.70 13.23
N CYS E 718 32.50 -18.61 13.83
CA CYS E 718 33.25 -18.29 15.01
C CYS E 718 34.64 -18.92 14.95
N SER E 719 35.68 -18.14 15.20
CA SER E 719 37.06 -18.65 15.15
C SER E 719 38.03 -17.84 16.02
N ASN E 720 38.42 -16.68 15.50
CA ASN E 720 39.38 -15.74 16.06
C ASN E 720 38.68 -14.72 16.90
N CYS E 721 37.62 -15.18 17.49
CA CYS E 721 36.73 -14.42 18.31
C CYS E 721 37.25 -14.36 19.75
N ILE E 722 38.21 -13.49 19.98
CA ILE E 722 38.86 -13.42 21.28
C ILE E 722 37.90 -12.92 22.32
N VAL E 723 37.81 -13.58 23.46
CA VAL E 723 36.83 -13.13 24.45
C VAL E 723 37.32 -12.69 25.79
N ILE E 724 36.92 -11.47 26.14
CA ILE E 724 37.20 -10.93 27.46
C ILE E 724 35.93 -10.74 28.21
N MET E 725 35.85 -11.30 29.36
CA MET E 725 34.68 -11.10 30.14
C MET E 725 35.09 -10.25 31.29
N THR E 726 34.22 -9.35 31.73
CA THR E 726 34.57 -8.49 32.84
C THR E 726 33.61 -8.55 33.98
N SER E 727 34.12 -8.22 35.17
CA SER E 727 33.28 -8.14 36.36
C SER E 727 33.89 -7.34 37.50
N ASN E 728 33.07 -6.95 38.48
CA ASN E 728 33.53 -6.31 39.73
C ASN E 728 33.27 -7.27 40.88
N LEU E 729 33.27 -8.52 40.48
CA LEU E 729 33.05 -9.71 41.27
C LEU E 729 33.85 -9.78 42.57
N GLY E 730 35.12 -9.41 42.51
CA GLY E 730 35.97 -9.48 43.68
C GLY E 730 36.09 -8.15 44.43
N ALA E 731 35.17 -7.21 44.20
CA ALA E 731 35.35 -5.87 44.73
C ALA E 731 35.66 -5.76 46.19
N GLU E 732 35.07 -6.54 47.04
CA GLU E 732 35.42 -6.40 48.45
C GLU E 732 36.88 -6.78 48.71
N PHE E 733 37.42 -7.67 47.90
CA PHE E 733 38.76 -8.19 48.08
C PHE E 733 39.71 -7.14 47.58
N ILE E 734 39.32 -6.54 46.48
CA ILE E 734 40.14 -5.55 45.86
C ILE E 734 40.10 -4.31 46.73
N ASN E 735 38.94 -3.97 47.26
CA ASN E 735 38.85 -2.83 48.15
C ASN E 735 39.72 -3.04 49.36
N SER E 736 39.79 -4.29 49.85
CA SER E 736 40.61 -4.62 51.00
C SER E 736 42.10 -4.47 50.70
N GLN E 737 42.51 -4.85 49.50
CA GLN E 737 43.90 -4.74 49.09
C GLN E 737 44.43 -3.32 49.32
N GLN E 738 45.54 -3.18 50.03
CA GLN E 738 46.07 -1.83 50.25
C GLN E 738 47.24 -1.50 49.35
N GLY E 739 47.84 -2.52 48.78
CA GLY E 739 48.98 -2.33 47.90
C GLY E 739 48.50 -2.27 46.47
N SER E 740 49.43 -2.48 45.54
CA SER E 740 49.13 -2.44 44.12
C SER E 740 48.88 -3.84 43.59
N LYS E 741 49.95 -4.60 43.41
CA LYS E 741 49.83 -5.98 42.97
C LYS E 741 48.83 -6.67 43.88
N ILE E 742 47.83 -7.32 43.31
CA ILE E 742 46.85 -7.94 44.21
C ILE E 742 47.58 -9.05 44.96
N GLN E 743 47.42 -9.05 46.26
CA GLN E 743 48.09 -9.97 47.13
C GLN E 743 47.56 -11.38 47.05
N GLU E 744 48.45 -12.32 47.37
CA GLU E 744 48.07 -13.71 47.45
C GLU E 744 46.97 -13.76 48.46
N SER E 745 46.18 -14.82 48.43
CA SER E 745 45.01 -14.97 49.33
C SER E 745 43.89 -14.03 48.90
N THR E 746 44.14 -12.73 48.81
CA THR E 746 43.15 -11.78 48.33
C THR E 746 42.67 -12.27 47.00
N LYS E 747 43.62 -12.64 46.15
CA LYS E 747 43.29 -13.19 44.86
C LYS E 747 42.47 -14.47 44.99
N ASN E 748 42.73 -15.24 46.04
CA ASN E 748 42.01 -16.48 46.18
C ASN E 748 40.61 -16.17 46.61
N LEU E 749 40.43 -15.07 47.33
CA LEU E 749 39.11 -14.71 47.78
C LEU E 749 38.32 -14.40 46.54
N VAL E 750 39.00 -13.79 45.59
CA VAL E 750 38.37 -13.46 44.35
C VAL E 750 38.01 -14.76 43.65
N MET E 751 38.92 -15.74 43.63
CA MET E 751 38.61 -17.02 42.97
C MET E 751 37.41 -17.68 43.60
N GLY E 752 37.27 -17.52 44.90
CA GLY E 752 36.12 -18.07 45.58
C GLY E 752 34.89 -17.48 44.91
N ALA E 753 34.84 -16.16 44.87
CA ALA E 753 33.73 -15.47 44.26
C ALA E 753 33.57 -15.88 42.79
N VAL E 754 34.67 -16.13 42.09
CA VAL E 754 34.55 -16.51 40.71
C VAL E 754 33.79 -17.80 40.61
N ARG E 755 34.16 -18.73 41.44
CA ARG E 755 33.54 -20.02 41.45
C ARG E 755 32.09 -19.94 41.91
N GLN E 756 31.78 -18.96 42.77
CA GLN E 756 30.40 -18.80 43.18
C GLN E 756 29.55 -18.39 41.99
N HIS E 757 30.08 -17.50 41.18
CA HIS E 757 29.36 -16.97 40.03
C HIS E 757 29.36 -17.88 38.83
N PHE E 758 30.45 -18.59 38.61
CA PHE E 758 30.53 -19.38 37.42
C PHE E 758 30.94 -20.80 37.74
N ARG E 759 30.46 -21.73 36.93
CA ARG E 759 30.81 -23.12 37.14
C ARG E 759 32.20 -23.38 36.55
N PRO E 760 33.00 -24.29 37.09
CA PRO E 760 34.28 -24.72 36.57
C PRO E 760 34.27 -25.03 35.08
N GLU E 761 33.19 -25.54 34.56
CA GLU E 761 33.09 -25.90 33.15
C GLU E 761 33.18 -24.69 32.24
N PHE E 762 32.88 -23.55 32.82
CA PHE E 762 32.93 -22.26 32.17
C PHE E 762 34.34 -21.76 32.34
N LEU E 763 34.75 -21.79 33.58
CA LEU E 763 36.01 -21.21 33.98
C LEU E 763 37.22 -21.91 33.35
N ASN E 764 37.10 -23.19 33.17
CA ASN E 764 38.15 -24.01 32.61
C ASN E 764 38.37 -23.74 31.15
N ARG E 765 37.48 -23.00 30.52
CA ARG E 765 37.58 -22.75 29.11
C ARG E 765 38.33 -21.46 28.87
N ILE E 766 38.54 -20.71 29.94
CA ILE E 766 39.15 -19.40 29.85
C ILE E 766 40.66 -19.58 29.76
N SER E 767 41.33 -18.86 28.86
CA SER E 767 42.78 -18.99 28.74
C SER E 767 43.38 -18.65 30.09
N SER E 768 42.85 -17.59 30.69
CA SER E 768 43.25 -17.24 32.04
C SER E 768 42.25 -16.34 32.73
N ILE E 769 42.15 -16.53 34.01
CA ILE E 769 41.41 -15.62 34.81
C ILE E 769 42.44 -14.66 35.30
N VAL E 770 42.21 -13.40 35.06
CA VAL E 770 43.19 -12.39 35.34
C VAL E 770 42.64 -11.34 36.27
N ILE E 771 43.38 -11.05 37.34
CA ILE E 771 42.94 -10.02 38.26
C ILE E 771 43.82 -8.81 38.08
N PHE E 772 43.20 -7.69 37.80
CA PHE E 772 43.94 -6.47 37.59
C PHE E 772 44.30 -5.81 38.90
N ASN E 773 45.43 -5.11 38.90
CA ASN E 773 46.03 -4.51 40.07
C ASN E 773 45.53 -3.14 40.43
N LYS E 774 45.74 -2.75 41.67
CA LYS E 774 45.37 -1.43 42.10
C LYS E 774 46.52 -0.51 41.76
N LEU E 775 46.44 -0.01 40.56
CA LEU E 775 47.52 0.76 39.96
C LEU E 775 47.91 1.98 40.80
N SER E 776 46.93 2.58 41.45
CA SER E 776 47.15 3.72 42.34
C SER E 776 47.80 4.94 41.71
N ARG E 777 48.23 5.86 42.58
CA ARG E 777 48.78 7.13 42.21
C ARG E 777 49.96 7.03 41.28
N LYS E 778 50.92 6.20 41.63
CA LYS E 778 52.13 6.12 40.83
C LYS E 778 51.83 5.76 39.38
N ALA E 779 50.72 5.09 39.16
CA ALA E 779 50.38 4.70 37.83
C ALA E 779 49.62 5.80 37.15
N ILE E 780 48.64 6.36 37.85
CA ILE E 780 47.85 7.39 37.19
C ILE E 780 48.74 8.57 36.89
N HIS E 781 49.78 8.73 37.68
CA HIS E 781 50.78 9.76 37.50
C HIS E 781 51.39 9.66 36.10
N LYS E 782 51.32 8.48 35.48
CA LYS E 782 51.84 8.23 34.15
C LYS E 782 50.66 8.25 33.18
N ILE E 783 49.51 7.82 33.67
CA ILE E 783 48.32 7.74 32.81
C ILE E 783 47.96 9.10 32.31
N VAL E 784 48.08 10.08 33.16
CA VAL E 784 47.72 11.42 32.77
C VAL E 784 48.57 11.94 31.62
N ASP E 785 49.78 11.40 31.43
CA ASP E 785 50.55 11.88 30.30
C ASP E 785 50.07 11.15 29.09
N ILE E 786 49.75 9.90 29.29
CA ILE E 786 49.33 9.11 28.17
C ILE E 786 48.06 9.70 27.62
N ARG E 787 47.13 10.00 28.51
CA ARG E 787 45.88 10.56 28.09
C ARG E 787 46.07 11.94 27.54
N LEU E 788 46.85 12.73 28.21
CA LEU E 788 47.00 14.06 27.70
C LEU E 788 47.54 14.07 26.31
N LYS E 789 48.61 13.33 26.08
CA LYS E 789 49.17 13.37 24.77
C LYS E 789 48.25 12.70 23.79
N GLU E 790 47.47 11.73 24.23
CA GLU E 790 46.55 11.08 23.30
C GLU E 790 45.67 12.13 22.66
N ILE E 791 45.15 12.99 23.49
CA ILE E 791 44.24 13.99 23.05
C ILE E 791 44.91 14.92 22.08
N GLU E 792 46.08 15.39 22.46
CA GLU E 792 46.75 16.32 21.59
C GLU E 792 47.36 15.65 20.38
N GLU E 793 47.84 14.43 20.54
CA GLU E 793 48.48 13.74 19.44
C GLU E 793 47.53 13.64 18.30
N ARG E 794 46.27 13.39 18.58
CA ARG E 794 45.41 13.42 17.42
C ARG E 794 44.99 14.83 17.11
N PHE E 795 44.48 15.56 18.10
CA PHE E 795 44.01 16.90 17.88
C PHE E 795 43.31 17.00 16.51
N GLU E 796 43.77 17.90 15.66
CA GLU E 796 43.29 18.09 14.32
C GLU E 796 44.48 18.06 13.40
N GLN E 797 45.20 19.18 13.43
CA GLN E 797 46.42 19.41 12.70
C GLN E 797 47.34 20.06 13.69
N ASN E 798 48.63 19.82 13.60
CA ASN E 798 49.52 20.41 14.59
C ASN E 798 49.83 21.89 14.40
N ASP E 799 48.85 22.74 14.63
CA ASP E 799 49.08 24.18 14.55
C ASP E 799 48.95 24.75 15.96
N LYS E 800 49.11 23.86 16.95
CA LYS E 800 49.04 24.21 18.37
C LYS E 800 50.26 23.65 19.09
N HIS E 801 50.06 22.60 19.86
CA HIS E 801 51.09 21.94 20.65
C HIS E 801 51.44 22.58 21.97
N TYR E 802 50.61 22.34 22.94
CA TYR E 802 50.95 22.76 24.28
C TYR E 802 52.15 21.94 24.63
N LYS E 803 53.03 22.44 25.44
CA LYS E 803 54.17 21.62 25.87
C LYS E 803 53.77 20.31 26.56
N LEU E 804 52.53 20.24 27.04
CA LEU E 804 51.97 19.10 27.75
C LEU E 804 52.70 18.88 29.05
N ASN E 805 53.26 19.95 29.54
CA ASN E 805 53.99 19.95 30.78
C ASN E 805 53.07 20.04 31.95
N LEU E 806 52.41 18.93 32.27
CA LEU E 806 51.49 18.90 33.38
C LEU E 806 52.17 19.33 34.66
N THR E 807 53.44 18.96 34.77
CA THR E 807 54.27 19.19 35.92
C THR E 807 53.64 18.35 36.97
N GLN E 808 54.30 18.20 38.09
CA GLN E 808 53.67 17.45 39.14
C GLN E 808 52.38 18.10 39.63
N GLU E 809 52.14 19.38 39.30
CA GLU E 809 50.93 19.98 39.80
C GLU E 809 49.77 19.35 39.13
N ALA E 810 49.72 19.46 37.82
CA ALA E 810 48.54 18.94 37.17
C ALA E 810 48.55 17.45 37.26
N LYS E 811 49.71 16.81 37.20
CA LYS E 811 49.63 15.37 37.22
C LYS E 811 48.98 14.91 38.50
N ASP E 812 49.39 15.49 39.62
CA ASP E 812 48.86 15.04 40.86
C ASP E 812 47.48 15.60 41.15
N PHE E 813 47.16 16.80 40.69
CA PHE E 813 45.83 17.25 40.97
C PHE E 813 44.90 16.38 40.19
N LEU E 814 45.28 16.08 38.96
CA LEU E 814 44.45 15.23 38.17
C LEU E 814 44.38 13.89 38.81
N ALA E 815 45.50 13.39 39.33
CA ALA E 815 45.49 12.09 39.96
C ALA E 815 44.54 12.06 41.12
N LYS E 816 44.55 13.11 41.92
CA LYS E 816 43.69 13.19 43.08
C LYS E 816 42.25 13.33 42.68
N TYR E 817 42.02 14.05 41.61
CA TYR E 817 40.68 14.31 41.13
C TYR E 817 40.25 13.16 40.23
N GLY E 818 41.22 12.35 39.84
CA GLY E 818 41.11 11.27 38.89
C GLY E 818 40.91 9.91 39.52
N TYR E 819 41.92 9.41 40.21
CA TYR E 819 41.92 8.04 40.66
C TYR E 819 41.06 7.82 41.87
N SER E 820 39.77 7.90 41.68
CA SER E 820 38.86 7.72 42.78
C SER E 820 38.60 6.28 42.92
N ASP E 821 38.55 5.77 44.12
CA ASP E 821 38.22 4.37 44.22
C ASP E 821 36.83 4.06 43.66
N ASP E 822 35.97 5.08 43.53
CA ASP E 822 34.64 4.84 42.99
C ASP E 822 34.72 4.31 41.57
N MET E 823 35.66 4.84 40.79
CA MET E 823 35.80 4.42 39.40
C MET E 823 37.24 4.45 38.96
N GLY E 824 38.16 4.37 39.89
CA GLY E 824 39.57 4.42 39.60
C GLY E 824 39.87 5.65 38.78
N ALA E 825 40.55 5.45 37.66
CA ALA E 825 40.94 6.57 36.81
C ALA E 825 39.83 7.10 35.92
N ARG E 826 38.64 6.51 35.93
CA ARG E 826 37.61 6.96 34.99
C ARG E 826 37.36 8.46 34.97
N PRO E 827 37.24 9.17 36.09
CA PRO E 827 36.99 10.59 36.12
C PRO E 827 38.00 11.37 35.30
N LEU E 828 39.17 10.79 35.03
CA LEU E 828 40.20 11.46 34.27
C LEU E 828 39.72 12.01 32.96
N ASN E 829 38.76 11.35 32.34
CA ASN E 829 38.33 11.80 31.04
C ASN E 829 37.14 12.74 31.12
N ARG E 830 36.88 13.23 32.31
CA ARG E 830 35.90 14.26 32.55
C ARG E 830 36.76 15.38 33.04
N LEU E 831 37.86 14.97 33.64
CA LEU E 831 38.85 15.93 34.05
C LEU E 831 39.40 16.29 32.73
N ILE E 832 40.20 17.33 32.64
CA ILE E 832 40.79 17.78 31.38
C ILE E 832 39.72 18.41 30.50
N GLN E 833 38.75 17.63 30.10
CA GLN E 833 37.64 18.10 29.32
C GLN E 833 37.01 19.29 29.97
N ASN E 834 36.69 19.14 31.25
CA ASN E 834 35.97 20.16 31.94
C ASN E 834 36.86 21.03 32.79
N GLU E 835 38.14 20.97 32.53
CA GLU E 835 39.06 21.76 33.29
C GLU E 835 39.84 22.67 32.39
N ILE E 836 40.38 22.11 31.32
CA ILE E 836 41.18 22.87 30.42
C ILE E 836 40.71 22.84 28.98
N LEU E 837 40.09 21.76 28.52
CA LEU E 837 39.84 21.76 27.09
C LEU E 837 38.83 22.79 26.76
N ASN E 838 37.87 22.98 27.65
CA ASN E 838 36.89 24.02 27.41
C ASN E 838 37.58 25.36 27.22
N LYS E 839 38.63 25.57 27.98
CA LYS E 839 39.35 26.81 27.94
C LYS E 839 40.20 26.86 26.72
N LEU E 840 40.75 25.72 26.31
CA LEU E 840 41.59 25.80 25.14
C LEU E 840 40.77 26.23 24.00
N ALA E 841 39.59 25.65 23.88
CA ALA E 841 38.78 26.00 22.75
C ALA E 841 38.48 27.48 22.79
N LEU E 842 38.10 27.97 23.95
CA LEU E 842 37.74 29.36 24.02
C LEU E 842 38.90 30.28 23.74
N ARG E 843 39.98 30.07 24.40
CA ARG E 843 41.09 30.98 24.28
C ARG E 843 41.60 30.95 22.85
N ILE E 844 41.54 29.79 22.21
CA ILE E 844 41.96 29.69 20.85
C ILE E 844 41.00 30.37 19.90
N LEU E 845 39.71 30.13 20.06
CA LEU E 845 38.77 30.71 19.12
C LEU E 845 38.71 32.22 19.31
N LYS E 846 39.01 32.72 20.51
CA LYS E 846 38.99 34.16 20.75
C LYS E 846 40.20 34.83 20.16
N ASN E 847 41.07 34.05 19.54
CA ASN E 847 42.30 34.51 18.95
C ASN E 847 43.23 35.07 19.98
N GLU E 848 43.14 34.53 21.19
CA GLU E 848 44.10 34.88 22.19
C GLU E 848 45.23 33.92 21.97
N ILE E 849 44.85 32.66 21.87
CA ILE E 849 45.84 31.61 21.71
C ILE E 849 45.92 31.19 20.28
N LYS E 850 47.11 31.23 19.72
CA LYS E 850 47.23 30.91 18.32
C LYS E 850 48.11 29.72 18.02
N ASP E 851 49.11 29.45 18.87
CA ASP E 851 50.05 28.37 18.61
C ASP E 851 50.79 27.96 19.89
N LYS E 852 51.44 26.80 19.87
CA LYS E 852 52.22 26.28 21.01
C LYS E 852 51.44 26.30 22.34
N GLU E 853 51.94 27.05 23.34
CA GLU E 853 51.42 27.21 24.72
C GLU E 853 51.98 26.25 25.75
N THR E 854 51.70 26.54 27.01
CA THR E 854 52.21 25.75 28.12
C THR E 854 51.12 25.28 29.05
N VAL E 855 51.44 24.27 29.81
CA VAL E 855 50.57 23.65 30.77
C VAL E 855 51.07 23.88 32.18
N ASN E 856 50.17 24.22 33.08
CA ASN E 856 50.52 24.44 34.47
C ASN E 856 49.23 24.57 35.22
N VAL E 857 49.29 24.75 36.53
CA VAL E 857 48.05 24.97 37.27
C VAL E 857 47.90 26.34 37.89
N VAL E 858 46.80 27.02 37.59
CA VAL E 858 46.60 28.30 38.24
C VAL E 858 45.87 28.01 39.54
N LEU E 859 46.55 28.24 40.63
CA LEU E 859 46.01 27.86 41.92
C LEU E 859 44.97 28.80 42.48
N GLU E 872 35.99 25.78 47.55
CA GLU E 872 35.22 24.56 47.28
C GLU E 872 36.10 23.46 46.76
N ALA E 873 35.56 22.26 46.74
CA ALA E 873 36.35 21.11 46.33
C ALA E 873 36.94 21.31 44.96
N GLU E 874 38.25 21.06 44.86
CA GLU E 874 39.01 21.12 43.61
C GLU E 874 38.92 22.48 42.90
N GLU E 875 38.60 23.55 43.66
CA GLU E 875 38.34 24.87 43.08
C GLU E 875 39.43 25.42 42.16
N CYS E 876 40.70 25.09 42.35
CA CYS E 876 41.68 25.60 41.40
C CYS E 876 41.38 25.17 39.96
N LEU E 877 40.71 24.01 39.79
CA LEU E 877 40.34 23.47 38.48
C LEU E 877 41.44 23.46 37.43
N GLU E 878 42.65 23.14 37.84
CA GLU E 878 43.78 23.10 36.91
C GLU E 878 44.03 24.49 36.33
N VAL E 879 43.34 24.80 35.24
CA VAL E 879 43.43 26.08 34.56
C VAL E 879 44.81 26.31 33.97
N LEU E 880 44.93 26.28 32.66
CA LEU E 880 46.24 26.42 32.07
C LEU E 880 46.62 27.85 31.82
N PRO E 881 47.91 28.13 31.61
CA PRO E 881 48.41 29.40 31.17
C PRO E 881 47.74 29.74 29.84
N ASN E 882 47.61 31.04 29.59
CA ASN E 882 46.94 31.53 28.40
C ASN E 882 47.78 32.58 27.70
N TYR F 166 -6.55 -36.60 -18.81
CA TYR F 166 -6.06 -35.97 -17.60
C TYR F 166 -5.01 -36.80 -16.90
N LEU F 167 -5.32 -38.05 -16.65
CA LEU F 167 -4.42 -38.89 -15.86
C LEU F 167 -2.99 -38.86 -16.35
N SER F 168 -2.79 -38.94 -17.66
CA SER F 168 -1.44 -38.98 -18.25
C SER F 168 -0.62 -37.71 -18.00
N LYS F 169 -1.26 -36.65 -17.52
CA LYS F 169 -0.61 -35.39 -17.23
C LYS F 169 -0.17 -35.31 -15.78
N TYR F 170 -0.66 -36.22 -14.93
CA TYR F 170 -0.42 -36.10 -13.50
C TYR F 170 0.16 -37.35 -12.83
N ALA F 171 -0.25 -38.55 -13.28
CA ALA F 171 0.13 -39.79 -12.61
C ALA F 171 1.08 -40.67 -13.39
N ILE F 172 1.86 -41.45 -12.66
CA ILE F 172 2.75 -42.42 -13.27
C ILE F 172 2.04 -43.73 -13.48
N ASP F 173 2.02 -44.25 -14.69
CA ASP F 173 1.34 -45.51 -14.85
C ASP F 173 2.26 -46.60 -14.40
N MET F 174 2.07 -46.97 -13.14
CA MET F 174 2.96 -47.89 -12.46
C MET F 174 2.90 -49.24 -13.09
N THR F 175 1.74 -49.59 -13.63
CA THR F 175 1.64 -50.89 -14.25
C THR F 175 2.24 -50.86 -15.63
N GLU F 176 2.19 -49.73 -16.31
CA GLU F 176 2.82 -49.75 -17.61
C GLU F 176 4.30 -49.82 -17.40
N GLN F 177 4.79 -49.07 -16.41
CA GLN F 177 6.19 -49.12 -16.14
C GLN F 177 6.57 -50.53 -15.81
N ALA F 178 5.84 -51.16 -14.90
CA ALA F 178 6.15 -52.52 -14.53
C ALA F 178 6.12 -53.46 -15.75
N ARG F 179 5.17 -53.29 -16.66
CA ARG F 179 5.11 -54.13 -17.85
C ARG F 179 6.32 -53.97 -18.74
N GLN F 180 6.93 -52.79 -18.73
CA GLN F 180 8.09 -52.52 -19.53
C GLN F 180 9.39 -52.74 -18.77
N GLY F 181 9.32 -53.23 -17.55
CA GLY F 181 10.51 -53.37 -16.75
C GLY F 181 10.95 -51.98 -16.33
N LYS F 182 12.26 -51.74 -16.22
CA LYS F 182 12.72 -50.43 -15.77
C LYS F 182 12.10 -50.08 -14.41
N LEU F 183 12.00 -51.10 -13.57
CA LEU F 183 11.45 -50.99 -12.24
C LEU F 183 12.10 -52.06 -11.37
N ASP F 184 12.62 -51.65 -10.24
CA ASP F 184 13.29 -52.57 -9.33
C ASP F 184 12.35 -53.64 -8.76
N PRO F 185 12.79 -54.90 -8.61
CA PRO F 185 12.08 -55.96 -7.92
C PRO F 185 11.95 -55.61 -6.46
N VAL F 186 10.86 -56.00 -5.83
CA VAL F 186 10.77 -55.72 -4.42
C VAL F 186 10.49 -57.00 -3.68
N ILE F 187 11.10 -57.16 -2.52
CA ILE F 187 10.87 -58.32 -1.67
C ILE F 187 10.85 -57.92 -0.19
N GLY F 188 10.39 -58.84 0.68
CA GLY F 188 10.40 -58.64 2.14
C GLY F 188 9.17 -57.84 2.59
N ARG F 189 8.33 -57.58 1.62
CA ARG F 189 7.14 -56.78 1.78
C ARG F 189 5.93 -57.55 1.37
N GLU F 190 6.08 -58.84 1.15
CA GLU F 190 4.97 -59.64 0.65
C GLU F 190 3.74 -59.57 1.53
N GLU F 191 3.96 -59.45 2.83
CA GLU F 191 2.85 -59.37 3.77
C GLU F 191 2.18 -58.01 3.67
N GLU F 192 2.99 -56.97 3.49
CA GLU F 192 2.49 -55.62 3.46
C GLU F 192 1.75 -55.41 2.13
N ILE F 193 2.28 -56.03 1.08
CA ILE F 193 1.72 -55.98 -0.25
C ILE F 193 0.45 -56.79 -0.26
N ARG F 194 0.50 -58.00 0.29
CA ARG F 194 -0.69 -58.81 0.30
C ARG F 194 -1.78 -58.10 1.04
N SER F 195 -1.45 -57.45 2.14
CA SER F 195 -2.46 -56.72 2.87
C SER F 195 -3.02 -55.64 1.97
N THR F 196 -2.14 -54.94 1.25
CA THR F 196 -2.59 -53.87 0.38
C THR F 196 -3.56 -54.41 -0.65
N ILE F 197 -3.21 -55.55 -1.25
CA ILE F 197 -4.04 -56.19 -2.25
C ILE F 197 -5.37 -56.65 -1.71
N ARG F 198 -5.36 -57.25 -0.53
CA ARG F 198 -6.58 -57.73 0.08
C ARG F 198 -7.51 -56.57 0.34
N VAL F 199 -6.94 -55.45 0.80
CA VAL F 199 -7.74 -54.29 1.08
C VAL F 199 -8.25 -53.70 -0.21
N LEU F 200 -7.42 -53.59 -1.23
CA LEU F 200 -7.94 -53.04 -2.47
C LEU F 200 -9.05 -53.92 -2.99
N ALA F 201 -8.89 -55.23 -2.86
CA ALA F 201 -9.90 -56.18 -3.28
C ALA F 201 -11.16 -55.97 -2.42
N ARG F 202 -10.98 -55.64 -1.15
CA ARG F 202 -12.09 -55.43 -0.27
C ARG F 202 -13.05 -54.47 -0.91
N ARG F 203 -14.32 -54.76 -0.92
CA ARG F 203 -15.24 -53.81 -1.53
C ARG F 203 -15.77 -52.65 -0.65
N ILE F 204 -15.53 -52.65 0.67
CA ILE F 204 -16.06 -51.54 1.47
C ILE F 204 -14.98 -50.54 1.90
N LYS F 205 -14.25 -50.83 2.98
CA LYS F 205 -13.18 -49.88 3.36
C LYS F 205 -11.96 -50.29 2.60
N SER F 206 -12.04 -50.06 1.29
CA SER F 206 -11.11 -50.59 0.33
C SER F 206 -9.85 -49.83 0.10
N ASN F 207 -9.70 -48.67 0.69
CA ASN F 207 -8.50 -47.91 0.44
C ASN F 207 -7.48 -48.15 1.54
N PRO F 208 -6.37 -48.84 1.31
CA PRO F 208 -5.34 -49.11 2.28
C PRO F 208 -4.48 -47.91 2.50
N CYS F 209 -3.77 -47.88 3.61
CA CYS F 209 -2.75 -46.86 3.81
C CYS F 209 -1.52 -47.42 4.48
N LEU F 210 -0.38 -47.08 3.93
CA LEU F 210 0.87 -47.63 4.44
C LEU F 210 1.31 -46.85 5.67
N ILE F 211 0.81 -47.30 6.82
CA ILE F 211 0.99 -46.61 8.10
C ILE F 211 2.24 -47.04 8.80
N GLY F 212 3.20 -46.16 8.97
CA GLY F 212 4.38 -46.66 9.63
C GLY F 212 5.61 -45.79 9.59
N GLU F 213 6.73 -46.49 9.59
CA GLU F 213 8.05 -45.87 9.59
C GLU F 213 8.36 -45.37 8.17
N PRO F 214 8.79 -44.13 7.97
CA PRO F 214 9.15 -43.58 6.67
C PRO F 214 10.44 -44.20 6.22
N GLY F 215 10.63 -44.38 4.92
CA GLY F 215 11.91 -44.88 4.37
C GLY F 215 12.05 -46.40 4.53
N ILE F 216 10.96 -47.12 4.39
CA ILE F 216 10.97 -48.56 4.56
C ILE F 216 10.59 -49.30 3.29
N GLY F 217 10.48 -48.56 2.21
CA GLY F 217 10.08 -49.16 0.96
C GLY F 217 8.58 -49.08 0.76
N LYS F 218 7.93 -48.02 1.26
CA LYS F 218 6.49 -47.95 1.03
C LYS F 218 6.28 -47.92 -0.48
N THR F 219 7.18 -47.23 -1.18
CA THR F 219 7.15 -47.20 -2.63
C THR F 219 7.27 -48.62 -3.13
N ALA F 220 8.17 -49.37 -2.53
CA ALA F 220 8.42 -50.73 -2.95
C ALA F 220 7.14 -51.54 -2.83
N ILE F 221 6.33 -51.26 -1.80
CA ILE F 221 5.08 -51.98 -1.64
C ILE F 221 4.22 -51.70 -2.84
N ILE F 222 4.18 -50.45 -3.25
CA ILE F 222 3.36 -50.05 -4.38
C ILE F 222 3.87 -50.66 -5.65
N GLU F 223 5.19 -50.72 -5.80
CA GLU F 223 5.78 -51.31 -6.98
C GLU F 223 5.38 -52.78 -6.98
N GLY F 224 5.33 -53.35 -5.79
CA GLY F 224 4.90 -54.70 -5.56
C GLY F 224 3.51 -54.83 -6.11
N VAL F 225 2.61 -53.97 -5.67
CA VAL F 225 1.22 -53.98 -6.11
C VAL F 225 1.14 -53.83 -7.62
N ALA F 226 1.94 -52.92 -8.16
CA ALA F 226 1.99 -52.66 -9.59
C ALA F 226 2.34 -53.94 -10.34
N GLN F 227 3.15 -54.81 -9.73
CA GLN F 227 3.52 -56.08 -10.34
C GLN F 227 2.50 -57.17 -9.99
N ARG F 228 1.89 -57.09 -8.79
CA ARG F 228 0.89 -58.09 -8.42
C ARG F 228 -0.18 -58.05 -9.49
N ILE F 229 -0.55 -56.82 -9.86
CA ILE F 229 -1.40 -56.57 -11.00
C ILE F 229 -0.43 -56.81 -12.13
N ILE F 230 -0.79 -57.55 -13.18
CA ILE F 230 0.11 -57.96 -14.29
C ILE F 230 0.45 -59.42 -14.05
N ASP F 231 1.00 -59.74 -12.87
CA ASP F 231 1.15 -61.14 -12.50
C ASP F 231 -0.24 -61.67 -12.17
N ASP F 232 -1.09 -60.73 -11.77
CA ASP F 232 -2.45 -60.87 -11.35
C ASP F 232 -2.60 -61.87 -10.23
N ASP F 233 -1.66 -61.85 -9.31
CA ASP F 233 -1.77 -62.75 -8.15
C ASP F 233 -2.58 -62.04 -7.09
N VAL F 234 -3.79 -61.71 -7.47
CA VAL F 234 -4.71 -60.93 -6.69
C VAL F 234 -6.08 -61.58 -6.71
N PRO F 235 -6.97 -61.24 -5.78
CA PRO F 235 -8.35 -61.65 -5.85
C PRO F 235 -8.81 -61.17 -7.19
N THR F 236 -9.72 -61.89 -7.83
CA THR F 236 -10.17 -61.50 -9.18
C THR F 236 -10.88 -60.15 -9.19
N ILE F 237 -11.18 -59.63 -8.02
CA ILE F 237 -11.75 -58.32 -7.86
C ILE F 237 -10.87 -57.28 -8.54
N LEU F 238 -9.58 -57.49 -8.44
CA LEU F 238 -8.62 -56.58 -8.99
C LEU F 238 -8.12 -57.02 -10.35
N GLN F 239 -8.74 -58.03 -10.94
CA GLN F 239 -8.28 -58.54 -12.23
C GLN F 239 -8.32 -57.49 -13.32
N GLY F 240 -9.29 -56.61 -13.27
CA GLY F 240 -9.41 -55.58 -14.26
C GLY F 240 -8.70 -54.30 -13.86
N ALA F 241 -7.93 -54.33 -12.77
CA ALA F 241 -7.29 -53.14 -12.21
C ALA F 241 -6.02 -52.67 -12.85
N LYS F 242 -5.75 -51.38 -12.60
CA LYS F 242 -4.48 -50.76 -12.96
C LYS F 242 -4.01 -49.75 -11.91
N LEU F 243 -2.70 -49.74 -11.66
CA LEU F 243 -2.07 -48.81 -10.72
C LEU F 243 -1.35 -47.63 -11.32
N PHE F 244 -1.66 -46.49 -10.75
CA PHE F 244 -1.02 -45.26 -11.12
C PHE F 244 -0.60 -44.55 -9.88
N SER F 245 0.45 -43.78 -9.94
CA SER F 245 0.82 -42.97 -8.79
C SER F 245 0.45 -41.54 -9.06
N LEU F 246 -0.58 -41.06 -8.37
CA LEU F 246 -1.10 -39.72 -8.63
C LEU F 246 -0.78 -38.80 -7.50
N ASP F 247 0.20 -37.96 -7.67
CA ASP F 247 0.55 -37.08 -6.57
C ASP F 247 1.41 -35.95 -7.11
N LEU F 248 1.69 -34.98 -6.26
CA LEU F 248 2.56 -33.84 -6.52
C LEU F 248 2.29 -33.08 -7.79
N ALA F 249 2.53 -33.70 -8.94
CA ALA F 249 2.24 -33.07 -10.21
C ALA F 249 0.77 -32.79 -10.26
N ALA F 250 0.06 -33.74 -9.67
CA ALA F 250 -1.38 -33.77 -9.56
C ALA F 250 -1.96 -32.58 -8.84
N LEU F 251 -1.24 -32.05 -7.87
CA LEU F 251 -1.78 -30.99 -7.04
C LEU F 251 -1.07 -29.66 -7.27
N THR F 252 0.21 -29.73 -7.57
CA THR F 252 1.06 -28.56 -7.72
C THR F 252 1.61 -28.34 -9.12
N ALA F 253 2.25 -29.33 -9.75
CA ALA F 253 2.89 -28.99 -11.05
C ALA F 253 1.89 -28.51 -12.07
N GLY F 254 0.71 -29.12 -12.06
CA GLY F 254 -0.31 -28.75 -13.02
C GLY F 254 -1.19 -27.60 -12.54
N ALA F 255 -0.88 -27.02 -11.37
CA ALA F 255 -1.70 -25.99 -10.75
C ALA F 255 -1.19 -24.58 -11.06
N LYS F 256 -2.13 -23.63 -11.08
CA LYS F 256 -1.86 -22.21 -11.30
C LYS F 256 -2.31 -21.32 -10.13
N TYR F 257 -3.38 -21.76 -9.44
CA TYR F 257 -4.03 -20.96 -8.39
C TYR F 257 -4.98 -21.75 -7.45
N LYS F 258 -5.53 -21.02 -6.47
CA LYS F 258 -6.42 -21.62 -5.48
C LYS F 258 -7.53 -22.46 -6.08
N GLY F 259 -7.66 -23.69 -5.56
CA GLY F 259 -8.69 -24.63 -6.01
C GLY F 259 -8.22 -25.63 -7.04
N ASP F 260 -7.03 -25.40 -7.60
CA ASP F 260 -6.52 -26.32 -8.59
C ASP F 260 -6.32 -27.72 -8.07
N PHE F 261 -6.07 -27.89 -6.78
CA PHE F 261 -5.93 -29.24 -6.26
C PHE F 261 -7.20 -30.04 -6.56
N GLU F 262 -8.35 -29.39 -6.43
CA GLU F 262 -9.58 -30.12 -6.67
C GLU F 262 -9.74 -30.36 -8.14
N GLU F 263 -9.51 -29.33 -8.96
CA GLU F 263 -9.71 -29.48 -10.38
C GLU F 263 -8.84 -30.53 -11.05
N ARG F 264 -7.57 -30.57 -10.70
CA ARG F 264 -6.70 -31.53 -11.35
C ARG F 264 -7.07 -32.93 -10.91
N PHE F 265 -7.40 -33.08 -9.63
CA PHE F 265 -7.76 -34.38 -9.11
C PHE F 265 -9.07 -34.81 -9.72
N LYS F 266 -10.05 -33.91 -9.72
CA LYS F 266 -11.36 -34.17 -10.27
C LYS F 266 -11.25 -34.60 -11.72
N GLY F 267 -10.42 -33.90 -12.48
CA GLY F 267 -10.22 -34.21 -13.87
C GLY F 267 -9.86 -35.66 -14.00
N VAL F 268 -8.86 -36.07 -13.24
CA VAL F 268 -8.43 -37.45 -13.29
C VAL F 268 -9.52 -38.40 -12.85
N LEU F 269 -10.20 -38.08 -11.76
CA LEU F 269 -11.20 -38.98 -11.24
C LEU F 269 -12.30 -39.20 -12.24
N LYS F 270 -12.71 -38.15 -12.94
CA LYS F 270 -13.74 -38.32 -13.93
C LYS F 270 -13.28 -39.30 -14.97
N GLU F 271 -12.08 -39.08 -15.48
CA GLU F 271 -11.54 -39.94 -16.52
C GLU F 271 -11.52 -41.39 -16.11
N ILE F 272 -11.23 -41.65 -14.84
CA ILE F 272 -11.13 -43.02 -14.38
C ILE F 272 -12.35 -43.48 -13.59
N GLU F 273 -13.42 -42.70 -13.56
CA GLU F 273 -14.57 -43.12 -12.76
C GLU F 273 -15.23 -44.34 -13.33
N GLU F 274 -15.33 -44.41 -14.66
CA GLU F 274 -16.00 -45.52 -15.31
C GLU F 274 -15.20 -46.09 -16.46
N SER F 275 -15.45 -47.36 -16.74
CA SER F 275 -14.99 -48.09 -17.92
C SER F 275 -13.50 -48.39 -18.06
N LYS F 276 -12.66 -47.37 -18.00
CA LYS F 276 -11.25 -47.60 -18.30
C LYS F 276 -10.44 -48.21 -17.18
N THR F 277 -10.68 -49.51 -16.93
CA THR F 277 -10.05 -50.38 -15.90
C THR F 277 -10.38 -49.99 -14.47
N LEU F 278 -10.13 -50.91 -13.54
CA LEU F 278 -10.45 -50.70 -12.14
C LEU F 278 -9.27 -49.95 -11.54
N ILE F 279 -9.22 -48.68 -11.84
CA ILE F 279 -8.06 -47.90 -11.46
C ILE F 279 -7.92 -47.60 -10.02
N VAL F 280 -6.70 -47.84 -9.56
CA VAL F 280 -6.27 -47.58 -8.22
C VAL F 280 -5.16 -46.54 -8.30
N LEU F 281 -5.27 -45.51 -7.50
CA LEU F 281 -4.25 -44.48 -7.49
C LEU F 281 -3.39 -44.62 -6.27
N PHE F 282 -2.13 -44.30 -6.35
CA PHE F 282 -1.32 -44.25 -5.14
C PHE F 282 -0.93 -42.83 -4.83
N ILE F 283 -1.03 -42.48 -3.55
CA ILE F 283 -0.64 -41.17 -3.05
C ILE F 283 0.62 -41.34 -2.23
N ASP F 284 1.68 -40.60 -2.54
CA ASP F 284 2.92 -40.77 -1.81
C ASP F 284 2.73 -40.32 -0.39
N GLU F 285 1.95 -39.26 -0.26
CA GLU F 285 1.69 -38.74 1.06
C GLU F 285 0.23 -38.44 1.33
N ILE F 286 -0.34 -39.07 2.35
CA ILE F 286 -1.72 -38.72 2.70
C ILE F 286 -1.73 -37.35 3.36
N HIS F 287 -0.54 -36.81 3.59
CA HIS F 287 -0.34 -35.53 4.21
C HIS F 287 -0.75 -34.45 3.20
N MET F 288 -0.92 -34.85 1.93
CA MET F 288 -1.42 -33.98 0.89
C MET F 288 -2.94 -34.06 0.80
N LEU F 289 -3.52 -34.95 1.60
CA LEU F 289 -4.94 -35.17 1.66
C LEU F 289 -5.32 -34.43 2.93
N MET F 290 -6.61 -34.23 3.21
CA MET F 290 -7.05 -33.40 4.35
C MET F 290 -6.75 -31.93 4.01
N GLY F 291 -6.45 -31.73 2.72
CA GLY F 291 -6.26 -30.50 1.97
C GLY F 291 -5.26 -29.55 2.57
N ASN F 292 -5.31 -28.33 2.09
CA ASN F 292 -4.48 -27.29 2.63
C ASN F 292 -5.26 -26.67 3.78
N GLY F 293 -5.45 -27.45 4.83
CA GLY F 293 -6.39 -27.06 5.89
C GLY F 293 -7.78 -27.42 5.36
N LYS F 294 -7.86 -28.58 4.70
CA LYS F 294 -9.06 -29.12 4.06
C LYS F 294 -9.39 -28.27 2.84
N ASP F 295 -9.92 -27.06 3.05
CA ASP F 295 -10.23 -26.07 1.99
C ASP F 295 -10.74 -26.65 0.67
N ASP F 296 -11.51 -27.74 0.72
CA ASP F 296 -11.98 -28.47 -0.47
C ASP F 296 -10.83 -28.72 -1.49
N ALA F 297 -9.59 -28.73 -1.04
CA ALA F 297 -8.41 -28.83 -1.89
C ALA F 297 -8.13 -30.25 -2.22
N ALA F 298 -8.92 -30.85 -3.13
CA ALA F 298 -8.85 -32.29 -3.50
C ALA F 298 -9.47 -33.15 -2.39
N ASN F 299 -9.23 -32.76 -1.16
CA ASN F 299 -9.78 -33.40 0.00
C ASN F 299 -11.29 -33.60 -0.09
N ILE F 300 -12.02 -32.69 -0.72
CA ILE F 300 -13.47 -32.87 -0.85
C ILE F 300 -13.81 -34.09 -1.69
N LEU F 301 -12.93 -34.40 -2.63
CA LEU F 301 -13.12 -35.50 -3.54
C LEU F 301 -12.86 -36.77 -2.77
N LYS F 302 -12.05 -36.68 -1.73
CA LYS F 302 -11.70 -37.85 -0.96
C LYS F 302 -12.94 -38.54 -0.39
N PRO F 303 -13.67 -38.06 0.62
CA PRO F 303 -14.80 -38.84 1.05
C PRO F 303 -15.79 -39.08 -0.07
N ALA F 304 -15.86 -38.18 -1.07
CA ALA F 304 -16.77 -38.37 -2.18
C ALA F 304 -16.44 -39.63 -2.99
N LEU F 305 -15.13 -39.92 -3.12
CA LEU F 305 -14.70 -41.04 -3.93
C LEU F 305 -14.32 -42.22 -3.07
N SER F 306 -14.26 -42.00 -1.76
CA SER F 306 -13.81 -43.04 -0.84
C SER F 306 -14.68 -44.27 -0.89
N ARG F 307 -15.93 -44.06 -1.25
CA ARG F 307 -16.91 -45.11 -1.35
C ARG F 307 -17.62 -44.98 -2.68
N GLY F 308 -16.84 -44.62 -3.70
CA GLY F 308 -17.31 -44.41 -5.06
C GLY F 308 -16.33 -45.04 -6.04
N GLN F 309 -15.90 -46.27 -5.77
CA GLN F 309 -14.85 -46.89 -6.58
C GLN F 309 -13.70 -45.92 -6.57
N LEU F 310 -13.12 -45.55 -7.71
CA LEU F 310 -12.03 -44.57 -7.62
C LEU F 310 -11.02 -44.94 -6.52
N LYS F 311 -10.53 -46.18 -6.53
CA LYS F 311 -9.67 -46.68 -5.47
C LYS F 311 -8.36 -45.95 -5.30
N VAL F 312 -7.90 -45.90 -4.07
CA VAL F 312 -6.65 -45.24 -3.78
C VAL F 312 -5.87 -45.88 -2.63
N ILE F 313 -4.55 -45.89 -2.76
CA ILE F 313 -3.66 -46.39 -1.74
C ILE F 313 -2.94 -45.20 -1.13
N GLY F 314 -3.01 -45.03 0.17
CA GLY F 314 -2.29 -43.91 0.77
C GLY F 314 -0.99 -44.37 1.43
N ALA F 315 -0.29 -43.43 2.01
CA ALA F 315 0.95 -43.70 2.74
C ALA F 315 1.21 -42.58 3.73
N THR F 316 1.73 -42.93 4.88
CA THR F 316 1.94 -41.89 5.89
C THR F 316 3.05 -42.14 6.88
N THR F 317 3.54 -41.03 7.43
CA THR F 317 4.47 -41.06 8.53
C THR F 317 3.65 -41.01 9.81
N ASN F 318 3.86 -41.98 10.71
CA ASN F 318 3.07 -42.04 11.94
C ASN F 318 3.05 -40.80 12.81
N ASN F 319 4.13 -40.04 12.75
CA ASN F 319 4.31 -38.83 13.52
C ASN F 319 3.17 -37.85 13.27
N GLU F 320 2.66 -37.84 12.04
CA GLU F 320 1.55 -36.97 11.71
C GLU F 320 0.29 -37.81 11.50
N TYR F 321 0.43 -39.07 11.09
CA TYR F 321 -0.72 -39.91 10.82
C TYR F 321 -1.73 -39.80 11.91
N ARG F 322 -1.25 -39.89 13.14
CA ARG F 322 -2.14 -39.81 14.27
C ARG F 322 -2.92 -38.49 14.24
N SER F 323 -2.27 -37.41 13.79
CA SER F 323 -2.92 -36.11 13.71
C SER F 323 -3.82 -36.06 12.48
N ILE F 324 -3.51 -36.86 11.45
CA ILE F 324 -4.36 -36.84 10.27
C ILE F 324 -5.68 -37.44 10.65
N VAL F 325 -5.64 -38.55 11.36
CA VAL F 325 -6.89 -39.17 11.70
C VAL F 325 -7.66 -38.40 12.78
N GLU F 326 -6.96 -37.70 13.68
CA GLU F 326 -7.69 -36.91 14.67
C GLU F 326 -8.36 -35.68 14.02
N LYS F 327 -7.65 -35.02 13.11
CA LYS F 327 -8.17 -33.83 12.44
C LYS F 327 -9.22 -34.16 11.38
N ASP F 328 -9.01 -35.26 10.66
CA ASP F 328 -9.89 -35.67 9.59
C ASP F 328 -11.07 -36.51 10.08
N GLY F 329 -10.82 -37.52 10.93
CA GLY F 329 -11.85 -38.45 11.42
C GLY F 329 -12.19 -39.51 10.38
N ALA F 330 -12.64 -39.02 9.25
CA ALA F 330 -13.03 -39.79 8.10
C ALA F 330 -11.91 -40.67 7.60
N PHE F 331 -10.67 -40.18 7.62
CA PHE F 331 -9.57 -40.98 7.09
C PHE F 331 -9.54 -42.37 7.71
N GLU F 332 -9.65 -42.45 9.04
CA GLU F 332 -9.57 -43.75 9.70
C GLU F 332 -10.79 -44.59 9.33
N ARG F 333 -11.94 -43.92 9.20
CA ARG F 333 -13.18 -44.59 8.84
C ARG F 333 -13.20 -45.06 7.38
N ARG F 334 -12.43 -44.38 6.52
CA ARG F 334 -12.42 -44.66 5.10
C ARG F 334 -11.20 -45.44 4.59
N PHE F 335 -10.11 -45.44 5.36
CA PHE F 335 -8.91 -46.17 5.00
C PHE F 335 -8.56 -47.31 5.93
N GLN F 336 -7.94 -48.32 5.37
CA GLN F 336 -7.44 -49.43 6.18
C GLN F 336 -5.99 -49.28 6.46
N LYS F 337 -5.68 -49.05 7.70
CA LYS F 337 -4.29 -48.93 8.00
C LYS F 337 -3.59 -50.24 7.80
N ILE F 338 -2.42 -50.18 7.22
CA ILE F 338 -1.57 -51.34 7.12
C ILE F 338 -0.33 -51.00 7.87
N GLU F 339 0.01 -51.81 8.84
CA GLU F 339 1.17 -51.47 9.61
C GLU F 339 2.39 -51.86 8.82
N VAL F 340 3.25 -50.90 8.52
CA VAL F 340 4.43 -51.17 7.72
C VAL F 340 5.70 -50.76 8.47
N ALA F 341 6.81 -51.48 8.25
CA ALA F 341 8.05 -51.14 8.99
C ALA F 341 9.33 -51.51 8.26
N GLU F 342 10.45 -50.99 8.76
CA GLU F 342 11.73 -51.25 8.10
C GLU F 342 12.05 -52.75 8.18
N PRO F 343 12.72 -53.32 7.17
CA PRO F 343 13.15 -54.70 7.11
C PRO F 343 14.29 -54.92 8.08
N SER F 344 14.44 -56.15 8.55
CA SER F 344 15.56 -56.48 9.40
C SER F 344 16.79 -56.47 8.55
N VAL F 345 17.96 -56.58 9.18
CA VAL F 345 19.19 -56.63 8.41
C VAL F 345 19.16 -57.83 7.46
N ARG F 346 18.69 -58.99 7.93
CA ARG F 346 18.64 -60.13 7.03
C ARG F 346 17.67 -59.88 5.88
N GLN F 347 16.55 -59.22 6.16
CA GLN F 347 15.65 -58.94 5.06
C GLN F 347 16.30 -57.95 4.13
N THR F 348 17.05 -57.02 4.69
CA THR F 348 17.70 -55.99 3.92
C THR F 348 18.69 -56.63 2.97
N VAL F 349 19.48 -57.59 3.43
CA VAL F 349 20.44 -58.17 2.50
C VAL F 349 19.73 -58.95 1.44
N ALA F 350 18.57 -59.52 1.76
CA ALA F 350 17.89 -60.20 0.69
C ALA F 350 17.53 -59.19 -0.38
N ILE F 351 17.10 -58.01 0.06
CA ILE F 351 16.73 -56.94 -0.86
C ILE F 351 17.93 -56.52 -1.64
N LEU F 352 19.03 -56.35 -0.96
CA LEU F 352 20.21 -55.89 -1.64
C LEU F 352 20.61 -56.90 -2.69
N ARG F 353 20.50 -58.17 -2.38
CA ARG F 353 20.85 -59.19 -3.36
C ARG F 353 19.90 -59.11 -4.51
N GLY F 354 18.64 -58.90 -4.23
CA GLY F 354 17.67 -58.79 -5.29
C GLY F 354 18.00 -57.63 -6.20
N LEU F 355 18.49 -56.54 -5.60
CA LEU F 355 18.81 -55.37 -6.37
C LEU F 355 20.25 -55.32 -6.79
N GLN F 356 21.03 -56.26 -6.32
CA GLN F 356 22.41 -56.32 -6.70
C GLN F 356 22.62 -56.09 -8.19
N PRO F 357 21.95 -56.82 -9.11
CA PRO F 357 22.15 -56.64 -10.53
C PRO F 357 21.71 -55.29 -11.01
N LYS F 358 20.87 -54.59 -10.27
CA LYS F 358 20.42 -53.30 -10.72
C LYS F 358 21.54 -52.30 -10.51
N TYR F 359 22.31 -52.54 -9.47
CA TYR F 359 23.42 -51.67 -9.21
C TYR F 359 24.52 -52.04 -10.13
N GLU F 360 24.74 -53.35 -10.26
CA GLU F 360 25.85 -53.77 -11.06
C GLU F 360 25.68 -53.31 -12.50
N ILE F 361 24.47 -53.43 -13.03
CA ILE F 361 24.21 -53.01 -14.39
C ILE F 361 24.34 -51.52 -14.55
N HIS F 362 23.75 -50.75 -13.65
CA HIS F 362 23.86 -49.32 -13.79
C HIS F 362 25.30 -48.85 -13.76
N HIS F 363 26.01 -49.27 -12.73
CA HIS F 363 27.38 -48.84 -12.51
C HIS F 363 28.40 -49.51 -13.40
N GLY F 364 28.11 -50.73 -13.80
CA GLY F 364 29.05 -51.52 -14.56
C GLY F 364 30.11 -52.07 -13.61
N VAL F 365 29.75 -52.16 -12.34
CA VAL F 365 30.66 -52.59 -11.27
C VAL F 365 30.10 -53.79 -10.53
N ARG F 366 30.87 -54.86 -10.44
CA ARG F 366 30.37 -56.06 -9.79
C ARG F 366 30.34 -55.86 -8.29
N ILE F 367 29.48 -56.57 -7.58
CA ILE F 367 29.45 -56.43 -6.14
C ILE F 367 29.66 -57.75 -5.42
N LEU F 368 30.58 -57.82 -4.48
CA LEU F 368 30.72 -59.08 -3.78
C LEU F 368 29.51 -59.35 -2.89
N ASP F 369 29.10 -60.59 -2.82
CA ASP F 369 28.01 -60.97 -1.95
C ASP F 369 28.10 -60.40 -0.52
N SER F 370 29.25 -60.56 0.09
CA SER F 370 29.46 -60.11 1.43
C SER F 370 29.52 -58.61 1.53
N ALA F 371 29.68 -57.93 0.39
CA ALA F 371 29.68 -56.49 0.39
C ALA F 371 28.27 -56.06 0.69
N LEU F 372 27.34 -56.76 0.08
CA LEU F 372 25.96 -56.38 0.27
C LEU F 372 25.64 -56.57 1.74
N VAL F 373 26.18 -57.66 2.29
CA VAL F 373 25.97 -57.95 3.68
C VAL F 373 26.52 -56.85 4.55
N THR F 374 27.72 -56.44 4.22
CA THR F 374 28.36 -55.40 4.97
C THR F 374 27.51 -54.14 5.01
N ALA F 375 26.98 -53.73 3.86
CA ALA F 375 26.19 -52.51 3.85
C ALA F 375 25.01 -52.60 4.79
N ALA F 376 24.33 -53.73 4.76
CA ALA F 376 23.16 -53.90 5.62
C ALA F 376 23.53 -53.87 7.08
N GLN F 377 24.67 -54.45 7.41
CA GLN F 377 25.05 -54.46 8.79
C GLN F 377 25.43 -53.06 9.26
N LEU F 378 26.12 -52.32 8.39
CA LEU F 378 26.55 -50.96 8.68
C LEU F 378 25.36 -50.07 8.86
N ALA F 379 24.33 -50.36 8.11
CA ALA F 379 23.12 -49.60 8.21
C ALA F 379 22.63 -49.56 9.65
N LYS F 380 22.87 -50.61 10.42
CA LYS F 380 22.43 -50.61 11.80
C LYS F 380 23.54 -50.16 12.72
N ARG F 381 24.74 -50.70 12.51
CA ARG F 381 25.88 -50.46 13.39
C ARG F 381 26.43 -49.05 13.36
N TYR F 382 26.42 -48.48 12.18
CA TYR F 382 27.02 -47.21 11.90
C TYR F 382 25.93 -46.19 11.73
N LEU F 383 24.84 -46.58 11.08
CA LEU F 383 23.77 -45.62 10.84
C LEU F 383 22.44 -46.01 11.44
N PRO F 384 22.36 -46.33 12.75
CA PRO F 384 21.15 -46.74 13.45
C PRO F 384 20.10 -45.65 13.49
N TYR F 385 20.53 -44.43 13.20
CA TYR F 385 19.64 -43.27 13.22
C TYR F 385 18.93 -43.08 11.88
N ARG F 386 19.18 -44.01 10.95
CA ARG F 386 18.57 -43.98 9.64
C ARG F 386 17.84 -45.28 9.38
N ARG F 387 16.87 -45.25 8.48
CA ARG F 387 16.25 -46.51 8.08
C ARG F 387 17.27 -47.44 7.50
N LEU F 388 17.19 -48.70 7.91
CA LEU F 388 18.16 -49.67 7.46
C LEU F 388 18.30 -49.79 5.94
N PRO F 389 17.24 -49.87 5.13
CA PRO F 389 17.39 -50.03 3.71
C PRO F 389 17.84 -48.79 3.03
N ASP F 390 17.57 -47.63 3.58
CA ASP F 390 18.03 -46.46 2.87
C ASP F 390 19.51 -46.42 3.02
N SER F 391 19.95 -46.72 4.22
CA SER F 391 21.35 -46.67 4.48
C SER F 391 22.06 -47.70 3.66
N ALA F 392 21.52 -48.92 3.64
CA ALA F 392 22.18 -49.96 2.90
C ALA F 392 22.20 -49.66 1.43
N LEU F 393 21.10 -49.17 0.89
CA LEU F 393 21.03 -48.90 -0.52
C LEU F 393 21.98 -47.78 -0.86
N ASP F 394 22.07 -46.77 0.01
CA ASP F 394 23.01 -45.70 -0.24
C ASP F 394 24.41 -46.22 -0.20
N LEU F 395 24.71 -47.08 0.75
CA LEU F 395 26.05 -47.59 0.81
C LEU F 395 26.39 -48.34 -0.43
N VAL F 396 25.49 -49.16 -0.92
CA VAL F 396 25.80 -49.88 -2.13
C VAL F 396 25.93 -48.99 -3.33
N ASP F 397 24.98 -48.08 -3.50
CA ASP F 397 24.94 -47.21 -4.66
C ASP F 397 26.21 -46.38 -4.68
N ILE F 398 26.49 -45.76 -3.54
CA ILE F 398 27.63 -44.89 -3.42
C ILE F 398 28.91 -45.69 -3.58
N SER F 399 29.00 -46.85 -2.96
CA SER F 399 30.21 -47.64 -3.06
C SER F 399 30.49 -47.98 -4.49
N CYS F 400 29.43 -48.36 -5.19
CA CYS F 400 29.58 -48.71 -6.57
C CYS F 400 30.03 -47.51 -7.33
N ALA F 401 29.46 -46.34 -7.02
CA ALA F 401 29.86 -45.12 -7.69
C ALA F 401 31.33 -44.84 -7.46
N GLY F 402 31.79 -45.05 -6.23
CA GLY F 402 33.17 -44.80 -5.88
C GLY F 402 34.07 -45.59 -6.80
N VAL F 403 33.79 -46.88 -6.88
CA VAL F 403 34.56 -47.78 -7.72
C VAL F 403 34.42 -47.41 -9.18
N ALA F 404 33.19 -47.11 -9.59
CA ALA F 404 32.90 -46.81 -10.97
C ALA F 404 33.77 -45.67 -11.46
N VAL F 405 33.99 -44.71 -10.59
CA VAL F 405 34.80 -43.56 -10.92
C VAL F 405 36.27 -43.90 -10.86
N ALA F 406 36.69 -44.50 -9.75
CA ALA F 406 38.09 -44.75 -9.56
C ALA F 406 38.70 -45.62 -10.65
N ARG F 407 37.98 -46.65 -11.07
CA ARG F 407 38.50 -47.58 -12.06
C ARG F 407 38.72 -46.95 -13.43
N ASP F 408 38.08 -45.82 -13.71
CA ASP F 408 38.20 -45.24 -15.02
C ASP F 408 39.30 -44.20 -15.07
N SER F 409 40.01 -44.01 -13.96
CA SER F 409 41.07 -43.03 -13.92
C SER F 409 42.11 -43.39 -12.87
N GLN F 538 35.80 -54.12 -12.43
CA GLN F 538 36.05 -54.16 -11.00
C GLN F 538 34.92 -54.80 -10.24
N ASN F 539 35.12 -54.94 -8.93
CA ASN F 539 34.16 -55.60 -8.06
C ASN F 539 34.27 -55.01 -6.65
N VAL F 540 33.16 -54.50 -6.11
CA VAL F 540 33.13 -53.84 -4.80
C VAL F 540 33.64 -54.75 -3.70
N VAL F 541 34.63 -54.24 -2.94
CA VAL F 541 35.25 -55.03 -1.89
C VAL F 541 34.38 -55.09 -0.65
N ASP F 542 34.23 -56.33 -0.18
CA ASP F 542 33.37 -56.73 0.93
C ASP F 542 33.30 -55.73 2.06
N SER F 543 34.42 -55.36 2.58
CA SER F 543 34.47 -54.44 3.68
C SER F 543 35.15 -53.21 3.20
N ASP F 544 36.35 -53.33 2.69
CA ASP F 544 37.07 -52.12 2.41
C ASP F 544 36.30 -51.14 1.54
N THR F 545 35.58 -51.57 0.51
CA THR F 545 34.97 -50.53 -0.27
C THR F 545 33.79 -49.97 0.48
N ILE F 546 32.89 -50.83 0.89
CA ILE F 546 31.71 -50.31 1.52
C ILE F 546 31.93 -49.70 2.85
N SER F 547 32.68 -50.36 3.68
CA SER F 547 32.83 -49.81 4.97
C SER F 547 33.62 -48.52 4.86
N GLU F 548 34.55 -48.37 3.92
CA GLU F 548 35.19 -47.06 3.87
C GLU F 548 34.22 -46.06 3.31
N THR F 549 33.35 -46.50 2.43
CA THR F 549 32.36 -45.59 1.95
C THR F 549 31.63 -45.08 3.17
N ALA F 550 31.22 -45.98 4.04
CA ALA F 550 30.54 -45.59 5.24
C ALA F 550 31.39 -44.65 6.07
N ALA F 551 32.70 -44.89 6.13
CA ALA F 551 33.60 -44.05 6.90
C ALA F 551 33.50 -42.61 6.47
N ARG F 552 33.26 -42.41 5.18
CA ARG F 552 33.19 -41.10 4.59
C ARG F 552 31.82 -40.46 4.74
N LEU F 553 30.88 -41.17 5.35
CA LEU F 553 29.55 -40.66 5.52
C LEU F 553 29.33 -40.06 6.90
N THR F 554 29.81 -40.72 7.95
CA THR F 554 29.53 -40.19 9.29
C THR F 554 30.77 -39.88 10.14
N GLY F 555 31.65 -40.86 10.37
CA GLY F 555 32.82 -40.63 11.21
C GLY F 555 33.47 -41.90 11.73
N ILE F 556 34.13 -41.78 12.88
CA ILE F 556 34.88 -42.84 13.57
C ILE F 556 35.49 -43.89 12.64
N PRO F 557 36.12 -43.46 11.54
CA PRO F 557 36.48 -44.28 10.41
C PRO F 557 37.33 -45.51 10.71
N VAL F 558 38.08 -45.49 11.79
CA VAL F 558 38.93 -46.62 12.12
C VAL F 558 38.17 -47.72 12.82
N LYS F 559 37.32 -47.31 13.75
CA LYS F 559 36.61 -48.25 14.58
C LYS F 559 35.20 -48.43 14.10
N LYS F 560 34.89 -47.72 13.04
CA LYS F 560 33.67 -47.83 12.29
C LYS F 560 33.13 -49.23 12.27
N LEU F 561 33.98 -50.14 11.81
CA LEU F 561 33.69 -51.56 11.74
C LEU F 561 34.97 -52.33 11.66
N SER F 562 35.15 -53.18 12.65
CA SER F 562 36.28 -54.03 12.81
C SER F 562 35.91 -54.91 13.99
N GLU F 563 35.96 -54.30 15.14
CA GLU F 563 35.56 -54.90 16.40
C GLU F 563 34.07 -55.17 16.40
N SER F 564 33.69 -56.29 16.99
CA SER F 564 32.30 -56.70 17.23
C SER F 564 31.73 -56.01 18.45
N GLU F 565 30.42 -55.88 18.50
CA GLU F 565 29.76 -55.34 19.68
C GLU F 565 30.14 -56.13 20.93
N ASN F 566 30.49 -57.41 20.73
CA ASN F 566 30.91 -58.25 21.85
C ASN F 566 32.42 -58.17 22.03
N GLU F 567 33.15 -57.72 21.01
CA GLU F 567 34.61 -57.55 21.11
C GLU F 567 34.86 -56.44 22.09
N LYS F 568 33.93 -55.52 22.08
CA LYS F 568 33.98 -54.41 22.97
C LYS F 568 34.01 -54.89 24.40
N LEU F 569 33.50 -56.08 24.67
CA LEU F 569 33.41 -56.53 26.03
C LEU F 569 34.58 -57.39 26.42
N ILE F 570 35.50 -57.55 25.49
CA ILE F 570 36.70 -58.33 25.71
C ILE F 570 37.80 -57.38 26.07
N HIS F 571 37.89 -56.29 25.31
CA HIS F 571 38.97 -55.33 25.56
C HIS F 571 38.56 -53.97 26.12
N MET F 572 37.38 -53.87 26.68
CA MET F 572 37.00 -52.60 27.28
C MET F 572 37.92 -52.23 28.39
N GLU F 573 38.13 -53.15 29.31
CA GLU F 573 38.98 -52.83 30.43
C GLU F 573 40.40 -52.56 29.94
N ARG F 574 40.85 -53.28 28.92
CA ARG F 574 42.20 -53.09 28.40
C ARG F 574 42.39 -51.66 27.97
N ASP F 575 41.46 -51.18 27.17
CA ASP F 575 41.59 -49.87 26.64
C ASP F 575 41.36 -48.84 27.70
N LEU F 576 40.40 -49.05 28.57
CA LEU F 576 40.16 -48.05 29.58
C LEU F 576 41.37 -47.93 30.49
N SER F 577 42.03 -49.06 30.77
CA SER F 577 43.20 -49.11 31.63
C SER F 577 44.42 -48.47 30.97
N SER F 578 44.30 -48.16 29.68
CA SER F 578 45.35 -47.55 28.94
C SER F 578 45.06 -46.07 28.82
N GLU F 579 43.77 -45.74 28.68
CA GLU F 579 43.35 -44.35 28.54
C GLU F 579 43.48 -43.54 29.83
N VAL F 580 43.23 -44.18 30.97
CA VAL F 580 43.38 -43.53 32.26
C VAL F 580 44.32 -44.43 33.04
N VAL F 581 44.84 -43.96 34.16
CA VAL F 581 45.75 -44.79 34.92
C VAL F 581 45.17 -45.09 36.28
N GLY F 582 45.12 -46.38 36.59
CA GLY F 582 44.54 -46.81 37.85
C GLY F 582 43.02 -46.79 37.76
N GLN F 583 42.38 -46.66 38.92
CA GLN F 583 40.94 -46.73 39.07
C GLN F 583 40.38 -48.01 38.46
N MET F 584 41.06 -49.13 38.68
CA MET F 584 40.57 -50.36 38.07
C MET F 584 39.22 -50.78 38.57
N ASP F 585 38.87 -50.47 39.81
CA ASP F 585 37.55 -50.86 40.27
C ASP F 585 36.48 -50.14 39.45
N ALA F 586 36.76 -48.91 39.04
CA ALA F 586 35.77 -48.18 38.29
C ALA F 586 35.70 -48.73 36.90
N ILE F 587 36.86 -49.05 36.38
CA ILE F 587 36.92 -49.58 35.04
C ILE F 587 36.15 -50.89 34.97
N LYS F 588 36.36 -51.74 35.95
CA LYS F 588 35.69 -53.03 36.00
C LYS F 588 34.20 -52.90 36.30
N ALA F 589 33.84 -52.09 37.29
CA ALA F 589 32.43 -51.96 37.67
C ALA F 589 31.62 -51.42 36.51
N VAL F 590 32.20 -50.46 35.81
CA VAL F 590 31.54 -49.88 34.70
C VAL F 590 31.42 -50.87 33.59
N SER F 591 32.53 -51.54 33.29
CA SER F 591 32.52 -52.48 32.21
C SER F 591 31.49 -53.55 32.43
N ASN F 592 31.34 -54.03 33.66
CA ASN F 592 30.41 -55.11 33.92
C ASN F 592 28.97 -54.79 33.57
N ALA F 593 28.41 -53.68 34.04
CA ALA F 593 27.01 -53.49 33.66
C ALA F 593 26.93 -53.18 32.18
N VAL F 594 27.98 -52.56 31.65
CA VAL F 594 28.00 -52.29 30.23
C VAL F 594 28.00 -53.61 29.47
N ARG F 595 28.72 -54.61 29.96
CA ARG F 595 28.72 -55.90 29.31
C ARG F 595 27.34 -56.43 29.22
N LEU F 596 26.54 -56.26 30.25
CA LEU F 596 25.19 -56.77 30.17
C LEU F 596 24.42 -56.05 29.07
N SER F 597 24.63 -54.75 28.95
CA SER F 597 23.90 -54.02 27.93
C SER F 597 24.34 -54.44 26.52
N ARG F 598 25.65 -54.41 26.27
CA ARG F 598 26.18 -54.72 24.93
C ARG F 598 26.00 -56.16 24.52
N SER F 599 26.03 -57.09 25.46
CA SER F 599 25.85 -58.50 25.17
C SER F 599 24.38 -58.88 24.94
N GLY F 600 23.44 -57.94 25.15
CA GLY F 600 22.03 -58.24 24.98
C GLY F 600 21.43 -58.98 26.16
N LEU F 601 22.06 -58.87 27.33
CA LEU F 601 21.56 -59.54 28.52
C LEU F 601 20.74 -58.59 29.36
N ALA F 602 21.16 -57.32 29.39
CA ALA F 602 20.43 -56.39 30.19
C ALA F 602 19.04 -56.22 29.62
N ASN F 603 18.07 -56.15 30.49
CA ASN F 603 16.72 -55.88 30.08
C ASN F 603 16.63 -54.43 29.59
N PRO F 604 16.15 -54.14 28.36
CA PRO F 604 16.04 -52.80 27.76
C PRO F 604 15.40 -51.72 28.66
N ARG F 605 14.77 -52.14 29.77
CA ARG F 605 14.16 -51.25 30.74
C ARG F 605 15.25 -50.44 31.45
N GLN F 606 16.49 -50.93 31.40
CA GLN F 606 17.57 -50.29 32.12
C GLN F 606 18.89 -50.20 31.34
N PRO F 607 19.45 -48.99 31.17
CA PRO F 607 20.72 -48.73 30.53
C PRO F 607 21.78 -49.17 31.50
N ALA F 608 23.00 -49.43 31.05
CA ALA F 608 24.03 -49.65 32.06
C ALA F 608 24.06 -48.37 32.86
N SER F 609 24.11 -48.42 34.18
CA SER F 609 24.08 -47.17 34.92
C SER F 609 24.89 -47.20 36.19
N PHE F 610 25.68 -46.14 36.39
CA PHE F 610 26.60 -46.11 37.49
C PHE F 610 26.60 -44.82 38.26
N LEU F 611 26.97 -44.90 39.53
CA LEU F 611 27.22 -43.71 40.31
C LEU F 611 28.66 -43.61 40.66
N PHE F 612 29.29 -42.52 40.28
CA PHE F 612 30.70 -42.34 40.49
C PHE F 612 30.98 -41.48 41.69
N LEU F 613 31.56 -42.10 42.69
CA LEU F 613 31.89 -41.49 43.95
C LEU F 613 33.38 -41.24 43.97
N GLY F 614 33.78 -40.00 44.18
CA GLY F 614 35.23 -39.75 44.10
C GLY F 614 35.67 -38.42 44.65
N LEU F 615 36.85 -38.00 44.21
CA LEU F 615 37.46 -36.74 44.64
C LEU F 615 37.45 -35.81 43.45
N SER F 616 37.50 -34.51 43.72
CA SER F 616 37.62 -33.55 42.63
C SER F 616 38.90 -33.84 41.84
N GLY F 617 38.80 -33.94 40.52
CA GLY F 617 39.95 -34.21 39.67
C GLY F 617 40.43 -35.66 39.63
N SER F 618 39.68 -36.61 40.22
CA SER F 618 40.07 -38.02 40.27
C SER F 618 39.73 -38.88 39.02
N GLY F 619 38.96 -38.34 38.07
CA GLY F 619 38.65 -39.10 36.85
C GLY F 619 37.23 -39.59 36.62
N LYS F 620 36.26 -39.07 37.34
CA LYS F 620 34.88 -39.48 37.09
C LYS F 620 34.51 -39.18 35.62
N THR F 621 34.69 -37.92 35.21
CA THR F 621 34.39 -37.52 33.84
C THR F 621 35.20 -38.24 32.82
N GLU F 622 36.50 -38.34 33.03
CA GLU F 622 37.21 -38.97 31.95
C GLU F 622 36.86 -40.39 31.83
N LEU F 623 36.60 -41.11 32.91
CA LEU F 623 36.25 -42.49 32.66
C LEU F 623 35.02 -42.48 31.77
N ALA F 624 34.04 -41.62 32.06
CA ALA F 624 32.84 -41.55 31.23
C ALA F 624 33.20 -41.24 29.78
N LYS F 625 34.17 -40.36 29.58
CA LYS F 625 34.55 -40.05 28.21
C LYS F 625 35.31 -41.18 27.59
N LYS F 626 36.06 -41.92 28.38
CA LYS F 626 36.86 -42.96 27.80
C LYS F 626 35.99 -44.12 27.43
N VAL F 627 34.91 -44.33 28.19
CA VAL F 627 34.02 -45.39 27.78
C VAL F 627 33.24 -44.88 26.59
N ALA F 628 32.97 -43.57 26.50
CA ALA F 628 32.33 -43.08 25.29
C ALA F 628 33.25 -43.33 24.12
N GLY F 629 34.53 -43.12 24.38
CA GLY F 629 35.54 -43.35 23.40
C GLY F 629 35.45 -44.77 22.95
N PHE F 630 35.71 -45.68 23.85
CA PHE F 630 35.72 -47.08 23.55
C PHE F 630 34.42 -47.62 22.95
N LEU F 631 33.29 -47.30 23.58
CA LEU F 631 32.00 -47.85 23.22
C LEU F 631 31.38 -47.26 21.97
N PHE F 632 31.51 -45.95 21.80
CA PHE F 632 30.91 -45.31 20.64
C PHE F 632 31.94 -44.85 19.67
N ASN F 633 33.20 -45.21 19.94
CA ASN F 633 34.35 -44.86 19.11
C ASN F 633 34.50 -43.36 19.05
N ASP F 634 34.06 -42.67 20.10
CA ASP F 634 34.04 -41.21 20.13
C ASP F 634 33.92 -40.65 21.55
N GLU F 635 35.01 -40.15 22.10
CA GLU F 635 34.99 -39.67 23.48
C GLU F 635 34.12 -38.42 23.70
N ASP F 636 33.69 -37.78 22.59
CA ASP F 636 32.85 -36.60 22.67
C ASP F 636 31.40 -36.94 22.32
N MET F 637 31.09 -38.23 22.30
CA MET F 637 29.75 -38.72 22.05
C MET F 637 28.78 -38.28 23.15
N MET F 638 29.31 -38.00 24.32
CA MET F 638 28.54 -37.75 25.52
C MET F 638 27.52 -36.64 25.57
N ILE F 639 26.55 -36.94 26.41
CA ILE F 639 25.42 -36.12 26.82
C ILE F 639 25.52 -35.82 28.30
N ARG F 640 25.27 -34.58 28.74
CA ARG F 640 25.36 -34.41 30.19
C ARG F 640 24.48 -33.33 30.80
N VAL F 641 24.30 -33.49 32.12
CA VAL F 641 23.48 -32.67 32.98
C VAL F 641 24.15 -32.01 34.15
N ASP F 642 24.00 -30.71 34.27
CA ASP F 642 24.52 -30.08 35.47
C ASP F 642 23.46 -30.08 36.52
N CYS F 643 23.59 -30.95 37.50
CA CYS F 643 22.52 -31.14 38.44
C CYS F 643 22.40 -30.03 39.45
N SER F 644 23.37 -29.13 39.51
CA SER F 644 23.28 -28.05 40.49
C SER F 644 22.23 -27.05 40.02
N GLU F 645 21.83 -27.15 38.75
CA GLU F 645 20.81 -26.29 38.19
C GLU F 645 19.46 -26.94 38.28
N LEU F 646 19.41 -28.18 38.77
CA LEU F 646 18.14 -28.86 38.82
C LEU F 646 17.47 -28.58 40.14
N SER F 647 17.02 -27.34 40.19
CA SER F 647 16.47 -26.71 41.36
C SER F 647 15.09 -27.20 41.67
N GLU F 648 14.63 -26.73 42.81
CA GLU F 648 13.31 -26.98 43.34
C GLU F 648 12.18 -26.47 42.43
N LYS F 649 12.46 -25.56 41.52
CA LYS F 649 11.40 -25.03 40.68
C LYS F 649 11.28 -25.92 39.47
N TYR F 650 10.93 -27.19 39.73
CA TYR F 650 10.83 -28.23 38.71
C TYR F 650 11.71 -27.89 37.53
N ALA F 651 13.01 -27.76 37.75
CA ALA F 651 13.81 -27.06 36.76
C ALA F 651 13.49 -27.47 35.33
N VAL F 652 13.38 -26.48 34.47
CA VAL F 652 13.11 -26.66 33.04
C VAL F 652 14.10 -27.55 32.32
N SER F 653 15.30 -27.59 32.88
CA SER F 653 16.40 -28.36 32.35
C SER F 653 16.37 -29.83 32.79
N LYS F 654 15.53 -30.15 33.78
CA LYS F 654 15.30 -31.48 34.35
C LYS F 654 14.96 -32.38 33.21
N LEU F 655 15.28 -33.66 33.29
CA LEU F 655 15.01 -34.60 32.19
C LEU F 655 13.71 -34.34 31.45
N LEU F 656 12.63 -34.18 32.21
CA LEU F 656 11.32 -33.98 31.63
C LEU F 656 11.06 -32.49 31.47
N GLY F 657 11.81 -31.71 32.24
CA GLY F 657 11.77 -30.26 32.33
C GLY F 657 10.44 -29.67 32.69
N THR F 658 10.07 -28.67 31.91
CA THR F 658 8.83 -27.93 32.05
C THR F 658 7.72 -28.55 31.22
N THR F 659 6.56 -28.71 31.82
CA THR F 659 5.39 -29.25 31.13
C THR F 659 4.83 -28.29 30.09
N ALA F 660 4.52 -28.79 28.91
CA ALA F 660 3.95 -27.94 27.88
C ALA F 660 2.72 -27.22 28.43
N GLY F 661 2.55 -25.97 28.02
CA GLY F 661 1.43 -25.14 28.48
C GLY F 661 1.98 -24.06 29.42
N TYR F 662 3.18 -24.30 29.92
CA TYR F 662 3.92 -23.37 30.75
C TYR F 662 4.67 -22.44 29.84
N VAL F 663 5.25 -21.40 30.41
CA VAL F 663 6.01 -20.45 29.60
C VAL F 663 7.32 -21.04 29.05
N GLY F 664 7.55 -20.84 27.74
CA GLY F 664 8.77 -21.28 27.05
C GLY F 664 8.56 -22.52 26.18
N TYR F 665 9.47 -22.71 25.22
CA TYR F 665 9.40 -23.86 24.32
C TYR F 665 10.57 -24.81 24.54
N ASP F 666 11.39 -24.47 25.53
CA ASP F 666 12.55 -25.28 25.87
C ASP F 666 12.14 -26.15 27.04
N GLU F 667 11.87 -27.41 26.78
CA GLU F 667 11.32 -28.31 27.79
C GLU F 667 12.16 -29.57 27.90
N GLY F 668 12.82 -29.77 29.02
CA GLY F 668 13.71 -30.92 29.16
C GLY F 668 15.05 -30.48 28.63
N GLY F 669 15.35 -29.23 28.98
CA GLY F 669 16.51 -28.48 28.55
C GLY F 669 17.79 -29.29 28.40
N PHE F 670 18.23 -29.99 29.46
CA PHE F 670 19.46 -30.73 29.27
C PHE F 670 19.25 -31.97 28.41
N LEU F 671 18.49 -32.93 28.95
CA LEU F 671 18.43 -34.24 28.33
C LEU F 671 17.37 -34.49 27.31
N THR F 672 16.17 -33.92 27.42
CA THR F 672 15.23 -34.26 26.38
C THR F 672 15.84 -33.81 25.11
N ASN F 673 16.34 -32.61 25.14
CA ASN F 673 16.92 -32.03 23.96
C ASN F 673 18.12 -32.82 23.46
N GLN F 674 19.11 -33.09 24.31
CA GLN F 674 20.26 -33.78 23.77
C GLN F 674 19.89 -35.15 23.23
N LEU F 675 19.02 -35.88 23.93
CA LEU F 675 18.61 -37.20 23.46
C LEU F 675 17.71 -37.10 22.24
N GLN F 676 16.92 -36.04 22.14
CA GLN F 676 16.02 -35.79 21.02
C GLN F 676 16.81 -35.71 19.72
N TYR F 677 18.03 -35.20 19.82
CA TYR F 677 18.88 -35.00 18.66
C TYR F 677 19.84 -36.17 18.46
N LYS F 678 20.33 -36.72 19.57
CA LYS F 678 21.31 -37.80 19.59
C LYS F 678 20.77 -38.98 20.43
N PRO F 679 20.06 -39.94 19.80
CA PRO F 679 19.30 -41.05 20.39
C PRO F 679 19.99 -41.87 21.50
N TYR F 680 21.30 -41.95 21.49
CA TYR F 680 21.97 -42.73 22.52
C TYR F 680 23.39 -42.26 22.70
N SER F 681 23.94 -42.46 23.89
CA SER F 681 25.31 -42.12 24.19
C SER F 681 25.69 -42.52 25.61
N VAL F 682 26.94 -42.31 25.93
CA VAL F 682 27.30 -42.26 27.34
C VAL F 682 26.68 -40.95 27.82
N LEU F 683 26.03 -40.97 28.96
CA LEU F 683 25.31 -39.83 29.46
C LEU F 683 25.66 -39.58 30.94
N LEU F 684 25.95 -38.34 31.32
CA LEU F 684 26.43 -38.09 32.68
C LEU F 684 25.79 -36.93 33.47
N PHE F 685 25.56 -37.16 34.76
CA PHE F 685 25.03 -36.18 35.70
C PHE F 685 26.09 -35.63 36.64
N ASP F 686 26.38 -34.35 36.49
CA ASP F 686 27.42 -33.68 37.26
C ASP F 686 26.91 -33.28 38.64
N GLU F 687 27.50 -33.90 39.67
CA GLU F 687 27.11 -33.69 41.06
C GLU F 687 25.62 -33.91 41.25
N VAL F 688 25.18 -35.13 40.95
CA VAL F 688 23.76 -35.48 40.98
C VAL F 688 23.19 -35.28 42.37
N GLU F 689 24.06 -35.31 43.38
CA GLU F 689 23.72 -35.11 44.77
C GLU F 689 23.06 -33.74 44.99
N LYS F 690 23.31 -32.78 44.08
CA LYS F 690 22.77 -31.45 44.22
C LYS F 690 21.40 -31.34 43.57
N ALA F 691 20.97 -32.39 42.90
CA ALA F 691 19.68 -32.38 42.26
C ALA F 691 18.61 -32.33 43.35
N HIS F 692 17.56 -31.55 43.14
CA HIS F 692 16.47 -31.56 44.11
C HIS F 692 15.85 -32.95 44.16
N PRO F 693 15.37 -33.47 45.30
CA PRO F 693 14.68 -34.75 45.39
C PRO F 693 13.63 -34.93 44.28
N ASP F 694 12.98 -33.84 43.83
CA ASP F 694 12.02 -33.91 42.73
C ASP F 694 12.71 -34.54 41.54
N VAL F 695 13.87 -34.00 41.26
CA VAL F 695 14.68 -34.37 40.14
C VAL F 695 15.21 -35.76 40.34
N LEU F 696 15.63 -36.07 41.55
CA LEU F 696 16.18 -37.39 41.82
C LEU F 696 15.15 -38.47 41.53
N THR F 697 13.87 -38.22 41.80
CA THR F 697 12.90 -39.25 41.47
C THR F 697 12.65 -39.30 39.96
N VAL F 698 12.71 -38.16 39.28
CA VAL F 698 12.52 -38.14 37.84
C VAL F 698 13.62 -38.89 37.12
N MET F 699 14.83 -38.66 37.60
CA MET F 699 16.01 -39.26 37.04
C MET F 699 16.06 -40.75 37.24
N LEU F 700 15.14 -41.32 38.00
CA LEU F 700 15.19 -42.75 38.17
C LEU F 700 15.00 -43.39 36.82
N GLN F 701 14.38 -42.65 35.87
CA GLN F 701 14.14 -43.08 34.50
C GLN F 701 15.44 -43.17 33.69
N MET F 702 16.51 -42.57 34.20
CA MET F 702 17.81 -42.62 33.55
C MET F 702 18.63 -43.74 34.16
N LEU F 703 18.36 -44.03 35.43
CA LEU F 703 19.08 -45.06 36.18
C LEU F 703 18.58 -46.48 35.85
N ASP F 704 17.26 -46.55 35.67
CA ASP F 704 16.42 -47.71 35.43
C ASP F 704 15.15 -47.15 34.87
N ASP F 705 14.14 -47.98 34.69
CA ASP F 705 12.85 -47.43 34.24
C ASP F 705 13.02 -46.52 33.04
N GLY F 706 13.79 -46.96 32.03
CA GLY F 706 14.16 -46.17 30.85
C GLY F 706 13.06 -46.01 29.85
N ARG F 707 11.95 -45.48 30.33
CA ARG F 707 10.75 -45.22 29.58
C ARG F 707 10.43 -43.77 29.92
N ILE F 708 10.85 -42.89 29.04
CA ILE F 708 10.85 -41.46 29.34
C ILE F 708 10.01 -40.64 28.40
N THR F 709 8.99 -39.97 28.93
CA THR F 709 8.17 -39.07 28.13
C THR F 709 8.23 -37.70 28.77
N SER F 710 8.77 -36.77 28.01
CA SER F 710 9.06 -35.41 28.45
C SER F 710 7.84 -34.55 28.56
N GLY F 711 8.04 -33.34 29.10
CA GLY F 711 7.00 -32.33 29.18
C GLY F 711 6.48 -31.88 27.81
N GLN F 712 7.19 -32.27 26.71
CA GLN F 712 6.79 -31.92 25.36
C GLN F 712 5.76 -32.92 24.86
N GLY F 713 5.60 -34.00 25.63
CA GLY F 713 4.75 -35.12 25.26
C GLY F 713 5.56 -36.10 24.41
N LYS F 714 6.82 -35.77 24.19
CA LYS F 714 7.68 -36.59 23.36
C LYS F 714 8.36 -37.68 24.14
N THR F 715 8.45 -38.85 23.50
CA THR F 715 9.11 -39.99 24.11
C THR F 715 10.55 -40.13 23.65
N ILE F 716 11.39 -40.29 24.64
CA ILE F 716 12.81 -40.43 24.49
C ILE F 716 13.29 -41.85 24.79
N ASP F 717 12.93 -42.35 25.97
CA ASP F 717 13.37 -43.66 26.49
C ASP F 717 14.89 -43.75 26.67
N CYS F 718 15.36 -44.81 27.33
CA CYS F 718 16.81 -44.91 27.56
C CYS F 718 17.28 -46.37 27.71
N SER F 719 17.84 -46.92 26.62
CA SER F 719 18.26 -48.32 26.60
C SER F 719 19.70 -48.53 26.12
N ASN F 720 20.09 -47.77 25.10
CA ASN F 720 21.40 -47.91 24.44
C ASN F 720 22.41 -46.92 24.97
N CYS F 721 22.06 -46.34 26.11
CA CYS F 721 22.88 -45.36 26.75
C CYS F 721 23.62 -45.98 27.90
N ILE F 722 24.69 -45.33 28.30
CA ILE F 722 25.41 -45.71 29.50
C ILE F 722 25.31 -44.51 30.42
N VAL F 723 24.66 -44.68 31.54
CA VAL F 723 24.36 -43.52 32.36
C VAL F 723 25.20 -43.41 33.62
N ILE F 724 25.86 -42.29 33.78
CA ILE F 724 26.72 -42.01 34.90
C ILE F 724 26.30 -40.87 35.77
N MET F 725 26.12 -41.13 37.02
CA MET F 725 25.83 -40.06 37.93
C MET F 725 27.11 -39.83 38.65
N THR F 726 27.42 -38.60 38.97
CA THR F 726 28.62 -38.37 39.76
C THR F 726 28.30 -37.72 41.08
N SER F 727 29.16 -37.94 42.06
CA SER F 727 29.04 -37.32 43.37
C SER F 727 30.35 -37.24 44.15
N ASN F 728 30.42 -36.19 44.96
CA ASN F 728 31.54 -35.93 45.85
C ASN F 728 31.17 -36.15 47.32
N LEU F 729 30.02 -36.78 47.58
CA LEU F 729 29.57 -36.98 48.97
C LEU F 729 30.55 -37.82 49.77
N GLY F 730 31.14 -38.79 49.11
CA GLY F 730 32.05 -39.71 49.75
C GLY F 730 33.48 -39.22 49.71
N ALA F 731 33.70 -38.02 49.16
CA ALA F 731 35.03 -37.48 49.02
C ALA F 731 35.70 -37.39 50.38
N GLU F 732 34.88 -37.17 51.39
CA GLU F 732 35.33 -37.01 52.76
C GLU F 732 35.97 -38.28 53.33
N PHE F 733 35.56 -39.43 52.82
CA PHE F 733 36.09 -40.67 53.37
C PHE F 733 37.17 -41.15 52.43
N ILE F 734 37.02 -40.84 51.17
CA ILE F 734 37.99 -41.25 50.18
C ILE F 734 39.28 -40.56 50.56
N ASN F 735 39.13 -39.30 51.00
CA ASN F 735 40.21 -38.48 51.46
C ASN F 735 40.68 -38.88 52.88
N SER F 736 40.38 -40.13 53.31
CA SER F 736 40.99 -40.71 54.51
C SER F 736 42.45 -40.91 54.18
N GLN F 737 42.72 -41.04 52.89
CA GLN F 737 44.04 -41.21 52.34
C GLN F 737 44.80 -42.36 52.98
N GLN F 738 44.09 -43.44 53.31
CA GLN F 738 44.79 -44.57 53.87
C GLN F 738 45.37 -45.39 52.71
N GLY F 739 46.39 -44.80 52.11
CA GLY F 739 46.98 -45.26 50.87
C GLY F 739 46.18 -44.58 49.78
N SER F 740 46.64 -44.61 48.53
CA SER F 740 45.82 -43.97 47.51
C SER F 740 44.62 -44.86 47.15
N LYS F 741 44.80 -46.15 47.35
CA LYS F 741 43.75 -47.11 47.06
C LYS F 741 42.81 -47.18 48.23
N ILE F 742 41.52 -47.15 47.96
CA ILE F 742 40.55 -47.18 49.02
C ILE F 742 40.44 -48.54 49.67
N GLN F 743 40.51 -48.55 51.00
CA GLN F 743 40.44 -49.78 51.77
C GLN F 743 39.03 -50.03 52.25
N GLU F 744 38.74 -51.28 52.60
CA GLU F 744 37.47 -51.52 53.23
C GLU F 744 37.50 -50.71 54.51
N SER F 745 36.38 -50.06 54.78
CA SER F 745 36.10 -49.16 55.89
C SER F 745 35.69 -47.89 55.21
N THR F 746 36.64 -47.30 54.51
CA THR F 746 36.38 -46.14 53.72
C THR F 746 35.30 -46.41 52.69
N LYS F 747 35.34 -47.55 51.99
CA LYS F 747 34.25 -47.77 51.01
C LYS F 747 32.89 -47.86 51.68
N ASN F 748 32.85 -48.40 52.88
CA ASN F 748 31.59 -48.58 53.56
C ASN F 748 31.09 -47.22 54.04
N LEU F 749 32.01 -46.37 54.49
CA LEU F 749 31.69 -45.05 54.96
C LEU F 749 31.12 -44.23 53.82
N VAL F 750 31.70 -44.42 52.64
CA VAL F 750 31.19 -43.76 51.47
C VAL F 750 29.78 -44.18 51.23
N MET F 751 29.53 -45.48 51.24
CA MET F 751 28.17 -45.85 50.97
C MET F 751 27.23 -45.44 52.05
N GLY F 752 27.70 -45.35 53.28
CA GLY F 752 26.87 -44.87 54.35
C GLY F 752 26.35 -43.49 53.96
N ALA F 753 27.26 -42.57 53.69
CA ALA F 753 26.87 -41.20 53.34
C ALA F 753 25.99 -41.13 52.11
N VAL F 754 26.27 -41.97 51.12
CA VAL F 754 25.49 -41.96 49.92
C VAL F 754 24.06 -42.41 50.22
N ARG F 755 23.93 -43.49 51.00
CA ARG F 755 22.63 -44.01 51.40
C ARG F 755 21.88 -43.01 52.28
N GLN F 756 22.61 -42.21 53.06
CA GLN F 756 22.00 -41.19 53.89
C GLN F 756 21.43 -40.05 53.06
N HIS F 757 22.19 -39.64 52.04
CA HIS F 757 21.80 -38.52 51.20
C HIS F 757 20.71 -38.84 50.21
N PHE F 758 20.92 -39.88 49.43
CA PHE F 758 19.99 -40.21 48.36
C PHE F 758 18.94 -41.14 48.87
N ARG F 759 17.75 -41.05 48.33
CA ARG F 759 16.79 -42.04 48.73
C ARG F 759 17.44 -43.37 48.31
N PRO F 760 17.45 -44.41 49.15
CA PRO F 760 17.98 -45.72 48.81
C PRO F 760 17.43 -46.21 47.49
N GLU F 761 16.21 -45.82 47.15
CA GLU F 761 15.58 -46.18 45.89
C GLU F 761 16.44 -45.73 44.74
N PHE F 762 16.92 -44.50 44.84
CA PHE F 762 17.74 -43.92 43.81
C PHE F 762 18.90 -44.81 43.63
N LEU F 763 19.51 -45.13 44.74
CA LEU F 763 20.71 -45.93 44.70
C LEU F 763 20.45 -47.36 44.20
N ASN F 764 19.31 -47.92 44.55
CA ASN F 764 18.96 -49.27 44.16
C ASN F 764 18.70 -49.39 42.67
N ARG F 765 18.33 -48.27 42.05
CA ARG F 765 18.08 -48.21 40.63
C ARG F 765 19.37 -48.13 39.81
N ILE F 766 20.53 -48.06 40.47
CA ILE F 766 21.83 -47.97 39.79
C ILE F 766 22.40 -49.37 39.55
N SER F 767 22.86 -49.70 38.33
CA SER F 767 23.35 -51.05 38.10
C SER F 767 24.64 -51.33 38.89
N SER F 768 25.42 -50.29 39.14
CA SER F 768 26.60 -50.41 40.01
C SER F 768 27.07 -49.07 40.56
N ILE F 769 27.34 -49.05 41.84
CA ILE F 769 27.86 -47.85 42.45
C ILE F 769 29.36 -48.01 42.53
N VAL F 770 30.04 -47.04 41.99
CA VAL F 770 31.47 -47.08 41.79
C VAL F 770 32.24 -46.09 42.63
N ILE F 771 33.25 -46.55 43.35
CA ILE F 771 34.02 -45.64 44.16
C ILE F 771 35.44 -45.51 43.63
N PHE F 772 35.84 -44.28 43.35
CA PHE F 772 37.12 -43.92 42.80
C PHE F 772 38.16 -43.67 43.88
N ASN F 773 39.37 -44.14 43.59
CA ASN F 773 40.52 -44.06 44.46
C ASN F 773 41.14 -42.69 44.41
N LYS F 774 42.03 -42.38 45.34
CA LYS F 774 42.72 -41.13 45.19
C LYS F 774 43.50 -41.35 43.93
N LEU F 775 43.42 -40.43 42.99
CA LEU F 775 44.12 -40.64 41.74
C LEU F 775 45.62 -40.81 41.97
N SER F 776 46.21 -39.88 42.73
CA SER F 776 47.61 -39.86 43.13
C SER F 776 48.59 -39.50 42.05
N ARG F 777 49.72 -39.00 42.53
CA ARG F 777 50.81 -38.61 41.67
C ARG F 777 51.34 -39.83 40.91
N LYS F 778 51.17 -41.01 41.50
CA LYS F 778 51.60 -42.23 40.86
C LYS F 778 50.82 -42.51 39.57
N ALA F 779 49.58 -42.02 39.47
CA ALA F 779 48.78 -42.25 38.28
C ALA F 779 49.06 -41.20 37.21
N ILE F 780 49.16 -39.96 37.67
CA ILE F 780 49.39 -38.90 36.70
C ILE F 780 50.79 -39.03 36.14
N HIS F 781 51.62 -39.78 36.86
CA HIS F 781 52.98 -40.11 36.50
C HIS F 781 53.05 -40.45 35.03
N LYS F 782 52.07 -41.20 34.54
CA LYS F 782 52.08 -41.55 33.13
C LYS F 782 51.16 -40.63 32.34
N ILE F 783 50.13 -40.06 32.96
CA ILE F 783 49.20 -39.24 32.17
C ILE F 783 49.89 -38.03 31.62
N VAL F 784 50.90 -37.56 32.33
CA VAL F 784 51.60 -36.39 31.86
C VAL F 784 52.34 -36.67 30.58
N ASP F 785 52.71 -37.92 30.32
CA ASP F 785 53.41 -38.21 29.09
C ASP F 785 52.38 -38.46 28.01
N ILE F 786 51.27 -38.99 28.41
CA ILE F 786 50.25 -39.24 27.43
C ILE F 786 49.74 -37.92 26.87
N ARG F 787 49.39 -37.01 27.76
CA ARG F 787 48.86 -35.73 27.32
C ARG F 787 49.89 -34.97 26.54
N LEU F 788 51.12 -35.02 27.01
CA LEU F 788 52.20 -34.35 26.37
C LEU F 788 52.25 -34.70 24.89
N LYS F 789 52.21 -36.00 24.63
CA LYS F 789 52.29 -36.49 23.27
C LYS F 789 51.08 -36.06 22.48
N GLU F 790 49.91 -36.19 23.11
CA GLU F 790 48.67 -35.87 22.45
C GLU F 790 48.62 -34.44 22.04
N ILE F 791 49.15 -33.57 22.87
CA ILE F 791 49.08 -32.17 22.61
C ILE F 791 49.84 -31.81 21.34
N GLU F 792 51.07 -32.25 21.17
CA GLU F 792 51.66 -31.89 19.87
C GLU F 792 50.99 -32.62 18.71
N GLU F 793 50.70 -33.89 18.90
CA GLU F 793 50.20 -34.65 17.78
C GLU F 793 48.87 -34.15 17.24
N ARG F 794 47.96 -33.81 18.14
CA ARG F 794 46.63 -33.38 17.74
C ARG F 794 46.62 -32.03 17.12
N PHE F 795 47.68 -31.29 17.28
CA PHE F 795 47.70 -29.95 16.76
C PHE F 795 47.64 -29.86 15.26
N GLU F 796 48.34 -30.77 14.61
CA GLU F 796 48.53 -30.61 13.19
C GLU F 796 49.12 -31.85 12.53
N GLN F 797 50.09 -31.58 11.65
CA GLN F 797 50.89 -32.55 10.94
C GLN F 797 52.24 -32.69 11.66
N ASN F 798 53.17 -31.74 11.45
CA ASN F 798 54.47 -31.77 12.15
C ASN F 798 55.34 -30.54 12.03
N ASP F 799 54.95 -29.43 12.65
CA ASP F 799 55.79 -28.24 12.61
C ASP F 799 56.98 -28.44 13.52
N LYS F 800 56.71 -28.85 14.75
CA LYS F 800 57.77 -29.07 15.71
C LYS F 800 57.70 -30.48 16.26
N HIS F 801 56.67 -30.84 17.05
CA HIS F 801 56.58 -32.22 17.50
C HIS F 801 57.87 -32.71 18.13
N TYR F 802 58.19 -32.01 19.19
CA TYR F 802 59.34 -32.17 20.04
C TYR F 802 59.38 -33.54 20.64
N LYS F 803 60.56 -34.02 21.01
CA LYS F 803 60.60 -35.27 21.77
C LYS F 803 59.79 -35.13 23.05
N LEU F 804 59.85 -33.94 23.66
CA LEU F 804 59.11 -33.63 24.88
C LEU F 804 59.48 -34.49 26.08
N ASN F 805 60.64 -35.12 26.11
CA ASN F 805 60.91 -35.94 27.26
C ASN F 805 61.09 -35.11 28.51
N LEU F 806 60.03 -35.11 29.28
CA LEU F 806 59.91 -34.40 30.53
C LEU F 806 60.93 -34.86 31.55
N THR F 807 61.36 -36.11 31.43
CA THR F 807 62.25 -36.72 32.39
C THR F 807 61.58 -36.64 33.73
N GLN F 808 62.19 -37.18 34.75
CA GLN F 808 61.51 -37.14 36.02
C GLN F 808 61.32 -35.70 36.51
N GLU F 809 62.25 -34.81 36.20
CA GLU F 809 62.14 -33.45 36.71
C GLU F 809 60.91 -32.68 36.24
N ALA F 810 60.55 -32.72 34.96
CA ALA F 810 59.37 -31.97 34.58
C ALA F 810 58.16 -32.75 35.01
N LYS F 811 58.26 -34.09 35.07
CA LYS F 811 57.10 -34.81 35.54
C LYS F 811 56.85 -34.42 36.98
N ASP F 812 57.91 -34.23 37.75
CA ASP F 812 57.76 -33.81 39.12
C ASP F 812 57.24 -32.41 39.20
N PHE F 813 57.67 -31.53 38.32
CA PHE F 813 57.13 -30.19 38.38
C PHE F 813 55.62 -30.29 38.25
N LEU F 814 55.22 -30.99 37.23
CA LEU F 814 53.82 -31.10 36.99
C LEU F 814 53.14 -31.81 38.15
N ALA F 815 53.70 -32.86 38.67
CA ALA F 815 53.02 -33.54 39.75
C ALA F 815 53.01 -32.75 41.05
N LYS F 816 54.15 -32.20 41.43
CA LYS F 816 54.31 -31.50 42.69
C LYS F 816 53.50 -30.23 42.75
N TYR F 817 53.39 -29.54 41.63
CA TYR F 817 52.62 -28.31 41.63
C TYR F 817 51.30 -28.49 40.94
N GLY F 818 51.28 -29.28 39.87
CA GLY F 818 50.06 -29.43 39.09
C GLY F 818 49.07 -30.46 39.60
N TYR F 819 49.47 -31.27 40.58
CA TYR F 819 48.52 -32.21 41.14
C TYR F 819 48.15 -31.68 42.49
N SER F 820 46.87 -31.68 42.77
CA SER F 820 46.42 -31.20 44.04
C SER F 820 45.31 -32.00 44.62
N ASP F 821 45.36 -32.20 45.90
CA ASP F 821 44.31 -32.92 46.57
C ASP F 821 42.97 -32.16 46.54
N ASP F 822 42.99 -30.88 46.19
CA ASP F 822 41.77 -30.09 46.09
C ASP F 822 41.14 -30.19 44.70
N MET F 823 41.89 -30.70 43.72
CA MET F 823 41.36 -30.79 42.37
C MET F 823 42.14 -31.74 41.47
N GLY F 824 42.79 -32.69 42.10
CA GLY F 824 43.44 -33.79 41.43
C GLY F 824 44.37 -33.32 40.36
N ALA F 825 44.12 -33.84 39.18
CA ALA F 825 44.93 -33.58 38.02
C ALA F 825 44.62 -32.29 37.24
N ARG F 826 43.49 -31.63 37.49
CA ARG F 826 43.19 -30.48 36.63
C ARG F 826 44.33 -29.45 36.47
N PRO F 827 44.95 -28.96 37.56
CA PRO F 827 45.98 -27.95 37.52
C PRO F 827 47.15 -28.38 36.64
N LEU F 828 47.29 -29.67 36.34
CA LEU F 828 48.39 -30.11 35.49
C LEU F 828 48.20 -29.47 34.14
N ASN F 829 46.95 -29.36 33.72
CA ASN F 829 46.67 -28.82 32.40
C ASN F 829 47.06 -27.39 32.38
N ARG F 830 46.80 -26.73 33.49
CA ARG F 830 47.14 -25.32 33.51
C ARG F 830 48.65 -25.13 33.49
N LEU F 831 49.40 -25.99 34.18
CA LEU F 831 50.84 -25.84 34.14
C LEU F 831 51.35 -26.14 32.76
N ILE F 832 50.78 -27.11 32.09
CA ILE F 832 51.28 -27.38 30.78
C ILE F 832 51.08 -26.17 29.92
N GLN F 833 49.89 -25.58 29.99
CA GLN F 833 49.65 -24.41 29.20
C GLN F 833 50.69 -23.36 29.50
N ASN F 834 50.86 -23.08 30.77
CA ASN F 834 51.69 -21.96 31.14
C ASN F 834 53.20 -22.14 31.04
N GLU F 835 53.69 -23.31 31.41
CA GLU F 835 55.12 -23.56 31.47
C GLU F 835 55.70 -24.36 30.33
N ILE F 836 54.85 -25.06 29.59
CA ILE F 836 55.34 -25.87 28.51
C ILE F 836 54.80 -25.38 27.19
N LEU F 837 53.50 -25.41 27.01
CA LEU F 837 52.96 -25.04 25.71
C LEU F 837 53.23 -23.59 25.40
N ASN F 838 52.86 -22.70 26.29
CA ASN F 838 53.10 -21.29 26.05
C ASN F 838 54.56 -20.98 25.95
N LYS F 839 55.37 -21.71 26.68
CA LYS F 839 56.77 -21.36 26.65
C LYS F 839 57.39 -21.83 25.37
N LEU F 840 57.03 -23.02 24.93
CA LEU F 840 57.56 -23.46 23.68
C LEU F 840 57.01 -22.57 22.62
N ALA F 841 55.73 -22.22 22.72
CA ALA F 841 55.12 -21.41 21.71
C ALA F 841 55.87 -20.07 21.62
N LEU F 842 56.26 -19.51 22.76
CA LEU F 842 57.03 -18.27 22.75
C LEU F 842 58.30 -18.46 21.97
N ARG F 843 58.99 -19.50 22.31
CA ARG F 843 60.24 -19.82 21.70
C ARG F 843 60.03 -20.05 20.19
N ILE F 844 58.93 -20.68 19.85
CA ILE F 844 58.53 -20.96 18.49
C ILE F 844 58.27 -19.67 17.78
N LEU F 845 57.68 -18.68 18.44
CA LEU F 845 57.49 -17.43 17.75
C LEU F 845 58.86 -16.91 17.34
N LYS F 846 59.87 -17.08 18.21
CA LYS F 846 61.23 -16.69 17.83
C LYS F 846 61.78 -17.67 16.79
N ASN F 847 61.13 -18.83 16.65
CA ASN F 847 61.42 -19.91 15.70
C ASN F 847 62.59 -20.76 16.09
N GLU F 848 63.68 -20.15 16.49
CA GLU F 848 64.94 -20.83 16.69
C GLU F 848 65.10 -21.62 17.99
N ILE F 849 64.17 -22.54 18.15
CA ILE F 849 64.04 -23.53 19.17
C ILE F 849 63.55 -24.74 18.42
N LYS F 850 63.93 -24.73 17.16
CA LYS F 850 63.61 -25.69 16.12
C LYS F 850 64.04 -27.12 16.36
N ASP F 851 65.05 -27.34 17.18
CA ASP F 851 65.47 -28.70 17.42
C ASP F 851 64.28 -29.40 18.05
N LYS F 852 63.96 -30.60 17.62
CA LYS F 852 62.78 -31.24 18.19
C LYS F 852 63.12 -31.95 19.50
N GLU F 853 63.45 -31.12 20.47
CA GLU F 853 63.96 -31.50 21.78
C GLU F 853 63.00 -31.98 22.83
N THR F 854 63.61 -32.29 23.96
CA THR F 854 63.02 -32.89 25.11
C THR F 854 62.31 -32.02 26.14
N VAL F 855 62.29 -30.72 25.95
CA VAL F 855 61.60 -29.81 26.89
C VAL F 855 62.18 -29.64 28.29
N ASN F 856 62.35 -30.74 29.00
CA ASN F 856 62.80 -30.69 30.38
C ASN F 856 63.95 -29.77 30.67
N VAL F 857 63.68 -28.81 31.52
CA VAL F 857 64.68 -27.89 32.00
C VAL F 857 64.23 -27.40 33.37
N VAL F 858 65.14 -27.21 34.29
CA VAL F 858 64.71 -26.66 35.57
C VAL F 858 65.43 -25.35 35.76
N LEU F 859 64.71 -24.31 36.09
CA LEU F 859 65.34 -23.03 36.25
C LEU F 859 66.10 -22.96 37.56
N GLU F 872 57.83 -17.57 43.48
CA GLU F 872 57.69 -18.46 44.64
C GLU F 872 57.33 -19.89 44.20
N ALA F 873 56.15 -20.36 44.54
CA ALA F 873 55.81 -21.71 44.14
C ALA F 873 55.90 -21.75 42.64
N GLU F 874 56.32 -22.89 42.13
CA GLU F 874 56.46 -23.17 40.70
C GLU F 874 57.59 -22.40 40.04
N GLU F 875 58.48 -21.77 40.83
CA GLU F 875 59.62 -21.00 40.31
C GLU F 875 60.47 -21.76 39.26
N CYS F 876 60.50 -23.09 39.35
CA CYS F 876 61.28 -23.93 38.44
C CYS F 876 60.86 -23.78 36.99
N LEU F 877 59.59 -23.40 36.79
CA LEU F 877 58.83 -23.11 35.55
C LEU F 877 59.16 -23.77 34.20
N GLU F 878 60.03 -24.74 34.12
CA GLU F 878 60.38 -25.32 32.83
C GLU F 878 60.92 -24.28 31.86
N VAL F 879 60.18 -23.99 30.79
CA VAL F 879 60.64 -23.05 29.75
C VAL F 879 61.85 -23.57 28.96
N LEU F 880 61.66 -24.52 28.04
CA LEU F 880 62.79 -25.01 27.25
C LEU F 880 63.50 -23.85 26.53
N PRO F 881 64.82 -23.72 26.65
CA PRO F 881 65.64 -22.73 25.97
C PRO F 881 65.59 -22.81 24.46
N ASN F 882 65.88 -21.69 23.81
CA ASN F 882 66.00 -21.65 22.36
C ASN F 882 67.24 -22.43 22.01
PB ADP G . -42.46 -10.96 -32.92
O1B ADP G . -42.07 -12.36 -33.23
O2B ADP G . -42.34 -10.53 -31.36
O3B ADP G . -41.67 -10.03 -33.74
PA ADP G . -45.31 -11.25 -32.62
O1A ADP G . -45.23 -12.70 -32.59
O2A ADP G . -45.60 -10.76 -31.28
O3A ADP G . -43.98 -10.71 -33.21
O5' ADP G . -46.39 -10.82 -33.67
C5' ADP G . -47.03 -11.77 -34.54
C4' ADP G . -48.29 -12.05 -33.78
O4' ADP G . -49.50 -11.24 -34.01
C3' ADP G . -48.65 -13.48 -34.05
O3' ADP G . -48.74 -14.26 -32.87
C2' ADP G . -49.93 -13.32 -34.79
O2' ADP G . -50.77 -14.47 -34.87
C1' ADP G . -50.53 -12.26 -33.93
N9 ADP G . -51.98 -12.16 -34.39
C8 ADP G . -52.39 -12.28 -35.65
N7 ADP G . -53.70 -12.14 -35.70
C5 ADP G . -54.16 -11.90 -34.49
C6 ADP G . -55.43 -11.68 -33.98
N6 ADP G . -56.41 -11.69 -34.85
N1 ADP G . -55.63 -11.44 -32.64
C2 ADP G . -54.56 -11.45 -31.82
N3 ADP G . -53.32 -11.69 -32.32
C4 ADP G . -53.06 -11.91 -33.63
PB ADP H . -26.31 -38.96 -5.42
O1B ADP H . -26.08 -37.49 -5.54
O2B ADP H . -25.83 -39.84 -6.70
O3B ADP H . -25.66 -39.46 -4.21
PA ADP H . -28.93 -39.12 -4.18
O1A ADP H . -28.26 -38.63 -2.99
O2A ADP H . -30.07 -38.27 -4.56
O3A ADP H . -27.83 -39.28 -5.28
O5' ADP H . -29.30 -40.61 -3.94
C5' ADP H . -29.35 -41.49 -5.07
C4' ADP H . -29.83 -42.80 -4.51
O4' ADP H . -31.10 -42.80 -3.83
C3' ADP H . -29.92 -43.74 -5.63
O3' ADP H . -28.72 -44.48 -5.84
C2' ADP H . -31.11 -44.59 -5.30
O2' ADP H . -30.86 -45.99 -5.31
C1' ADP H . -31.53 -44.14 -3.92
N9 ADP H . -32.96 -44.57 -3.79
C8 ADP H . -33.90 -44.34 -2.86
N7 ADP H . -35.04 -44.97 -3.20
C5 ADP H . -34.82 -45.60 -4.34
C6 ADP H . -35.55 -46.42 -5.21
N6 ADP H . -36.78 -46.73 -4.91
N1 ADP H . -35.01 -46.91 -6.36
C2 ADP H . -33.75 -46.63 -6.68
N3 ADP H . -33.03 -45.85 -5.85
C4 ADP H . -33.50 -45.33 -4.72
PB ADP I . -35.89 18.30 -23.11
O1B ADP I . -36.41 16.90 -23.19
O2B ADP I . -34.45 18.55 -23.80
O3B ADP I . -36.88 19.25 -23.63
PA ADP I . -35.86 20.00 -20.78
O1A ADP I . -35.11 19.86 -19.53
O2A ADP I . -35.50 21.24 -21.42
O3A ADP I . -35.66 18.71 -21.64
O5' ADP I . -37.36 19.89 -20.43
C5' ADP I . -38.41 20.19 -21.36
C4' ADP I . -38.96 21.43 -20.72
O4' ADP I . -39.81 22.31 -21.47
C3' ADP I . -39.73 21.05 -19.49
O3' ADP I . -38.96 21.11 -18.29
C2' ADP I . -40.87 22.03 -19.53
O2' ADP I . -41.22 22.59 -18.26
C1' ADP I . -40.26 23.08 -20.39
N9 ADP I . -41.20 24.21 -20.53
C8 ADP I . -42.11 24.42 -21.48
N7 ADP I . -42.74 25.55 -21.23
C5 ADP I . -42.28 26.06 -20.12
C6 ADP I . -42.57 27.18 -19.37
N6 ADP I . -43.53 27.99 -19.78
N1 ADP I . -41.88 27.44 -18.24
C2 ADP I . -40.91 26.63 -17.82
N3 ADP I . -40.64 25.51 -18.53
C4 ADP I . -41.28 25.20 -19.66
PB ADP J . -39.67 -10.94 10.70
O1B ADP J . -38.31 -10.46 11.07
O2B ADP J . -39.84 -11.49 9.18
O3B ADP J . -40.13 -11.96 11.65
PA ADP J . -41.93 -9.45 11.70
O1A ADP J . -41.53 -9.56 13.08
O2A ADP J . -42.49 -8.12 11.44
O3A ADP J . -40.71 -9.79 10.80
O5' ADP J . -42.88 -10.63 11.33
C5' ADP J . -43.55 -10.59 10.07
C4' ADP J . -44.63 -11.61 10.26
O4' ADP J . -45.13 -11.73 11.60
C3' ADP J . -45.74 -11.24 9.35
O3' ADP J . -45.78 -12.08 8.19
C2' ADP J . -46.98 -11.27 10.19
O2' ADP J . -47.94 -12.25 9.80
C1' ADP J . -46.55 -11.61 11.58
N9 ADP J . -47.11 -10.58 12.49
C8 ADP J . -46.50 -10.18 13.58
N7 ADP J . -47.23 -9.27 14.19
C5 ADP J . -48.29 -9.07 13.51
C6 ADP J . -49.34 -8.24 13.69
N6 ADP J . -49.29 -7.44 14.76
N1 ADP J . -50.37 -8.21 12.82
C2 ADP J . -50.35 -9.03 11.75
N3 ADP J . -49.29 -9.86 11.56
C4 ADP J . -48.25 -9.92 12.40
PB ADP K . -4.10 29.83 -14.67
O1B ADP K . -3.37 28.58 -14.95
O2B ADP K . -4.97 30.45 -15.88
O3B ADP K . -4.93 29.71 -13.45
PA ADP K . -3.23 31.93 -13.11
O1A ADP K . -4.58 31.89 -12.68
O2A ADP K . -2.37 31.66 -11.97
O3A ADP K . -3.13 30.97 -14.29
O5' ADP K . -3.00 33.28 -13.81
C5' ADP K . -3.98 33.81 -14.71
C4' ADP K . -5.01 34.36 -13.79
O4' ADP K . -4.47 34.94 -12.59
C3' ADP K . -5.77 35.39 -14.54
O3' ADP K . -7.14 35.05 -14.75
C2' ADP K . -5.54 36.67 -13.78
O2' ADP K . -6.72 37.47 -13.63
C1' ADP K . -5.12 36.21 -12.42
N9 ADP K . -4.35 37.29 -11.75
C8 ADP K . -4.11 37.34 -10.44
N7 ADP K . -3.41 38.42 -10.17
C5 ADP K . -3.18 39.08 -11.27
C6 ADP K . -2.53 40.25 -11.59
N6 ADP K . -1.95 40.95 -10.65
N1 ADP K . -2.46 40.69 -12.84
C2 ADP K . -3.06 40.01 -13.82
N3 ADP K . -3.71 38.86 -13.54
C4 ADP K . -3.80 38.35 -12.29
PB ADP L . -23.68 16.40 22.75
O1B ADP L . -24.70 15.55 22.05
O2B ADP L . -23.19 15.85 24.19
O3B ADP L . -22.50 16.59 21.88
PA ADP L . -23.78 19.04 23.91
O1A ADP L . -24.42 19.06 25.20
O2A ADP L . -22.33 19.14 24.02
O3A ADP L . -24.25 17.81 23.08
O5' ADP L . -24.39 20.22 23.11
C5' ADP L . -25.61 19.98 22.41
C4' ADP L . -26.56 19.98 23.57
O4' ADP L . -26.59 21.19 24.37
C3' ADP L . -27.91 19.71 23.03
O3' ADP L . -28.48 18.51 23.52
C2' ADP L . -28.66 20.96 23.38
O2' ADP L . -30.04 20.73 23.67
C1' ADP L . -27.95 21.49 24.58
N9 ADP L . -28.45 22.90 24.63
C8 ADP L . -29.40 23.35 23.85
N7 ADP L . -29.64 24.62 24.10
C5 ADP L . -28.85 25.01 25.06
C6 ADP L . -28.67 26.21 25.71
N6 ADP L . -29.42 27.25 25.35
N1 ADP L . -27.75 26.32 26.69
C2 ADP L . -27.01 25.26 27.02
N3 ADP L . -27.18 24.08 26.39
C4 ADP L . -28.06 23.90 25.40
PB ADP M . 22.96 13.94 -10.80
O1B ADP M . 23.98 13.56 -9.76
O2B ADP M . 22.00 12.74 -11.31
O3B ADP M . 22.15 15.04 -10.27
PA ADP M . 23.48 15.74 -12.97
O1A ADP M . 24.57 15.80 -13.92
O2A ADP M . 22.18 15.89 -13.63
O3A ADP M . 23.64 14.47 -12.10
O5' ADP M . 23.77 16.81 -11.88
C5' ADP M . 24.52 16.48 -10.71
C4' ADP M . 25.77 15.99 -11.35
O4' ADP M . 26.39 17.00 -12.17
C3' ADP M . 26.72 15.52 -10.30
O3' ADP M . 26.76 14.11 -10.07
C2' ADP M . 28.02 16.02 -10.80
O2' ADP M . 28.78 14.92 -11.25
C1' ADP M . 27.77 16.94 -11.94
N9 ADP M . 28.55 18.19 -11.65
C8 ADP M . 28.29 19.44 -12.05
N7 ADP M . 29.24 20.24 -11.58
C5 ADP M . 30.08 19.52 -10.90
C6 ADP M . 31.24 19.77 -10.20
N6 ADP M . 31.66 21.00 -10.15
N1 ADP M . 31.93 18.80 -9.55
C2 ADP M . 31.50 17.55 -9.62
N3 ADP M . 30.36 17.29 -10.29
C4 ADP M . 29.64 18.21 -10.94
PB ADP N . 8.89 22.40 29.79
O1B ADP N . 9.79 21.26 29.49
O2B ADP N . 7.52 22.47 28.90
O3B ADP N . 8.58 22.44 31.22
PA ADP N . 10.74 24.67 29.96
O1A ADP N . 11.34 24.22 31.21
O2A ADP N . 11.77 24.91 28.97
O3A ADP N . 9.59 23.74 29.45
O5' ADP N . 9.93 25.92 30.29
C5' ADP N . 9.20 26.57 29.26
C4' ADP N . 9.03 27.86 29.95
O4' ADP N . 10.05 28.12 30.92
C3' ADP N . 9.06 28.97 28.94
O3' ADP N . 7.86 29.71 28.92
C2' ADP N . 10.24 29.77 29.36
O2' ADP N . 10.13 31.18 29.11
C1' ADP N . 10.18 29.52 30.82
N9 ADP N . 11.31 30.22 31.48
C8 ADP N . 11.48 30.37 32.77
N7 ADP N . 12.58 31.06 32.98
C5 ADP N . 13.12 31.33 31.84
C6 ADP N . 14.23 32.03 31.46
N6 ADP N . 14.99 32.54 32.36
N1 ADP N . 14.57 32.19 30.19
C2 ADP N . 13.80 31.65 29.24
N3 ADP N . 12.67 30.98 29.59
C4 ADP N . 12.31 30.80 30.86
PB ADP O . 29.25 -17.51 -7.94
O1B ADP O . 28.63 -17.20 -6.61
O2B ADP O . 29.61 -19.06 -8.22
O3B ADP O . 28.41 -17.01 -9.05
PA ADP O . 31.97 -17.09 -8.80
O1A ADP O . 31.87 -18.37 -9.47
O2A ADP O . 32.45 -16.04 -9.69
O3A ADP O . 30.62 -16.81 -8.10
O5' ADP O . 32.88 -17.36 -7.59
C5' ADP O . 34.26 -17.07 -7.64
C4' ADP O . 34.70 -18.05 -8.67
O4' ADP O . 36.10 -18.42 -8.52
C3' ADP O . 33.87 -19.30 -8.49
O3' ADP O . 33.53 -20.08 -9.63
C2' ADP O . 34.76 -20.05 -7.60
O2' ADP O . 34.38 -21.44 -7.52
C1' ADP O . 36.02 -19.82 -8.38
N9 ADP O . 37.06 -20.63 -7.73
C8 ADP O . 37.17 -20.96 -6.45
N7 ADP O . 38.25 -21.71 -6.32
C5 ADP O . 38.80 -21.87 -7.49
C6 ADP O . 39.90 -22.52 -7.99
N6 ADP O . 40.62 -23.21 -7.16
N1 ADP O . 40.23 -22.49 -9.29
C2 ADP O . 39.48 -21.79 -10.14
N3 ADP O . 38.41 -21.13 -9.68
C4 ADP O . 38.04 -21.14 -8.40
PB ADP P . 34.17 1.05 33.57
O1B ADP P . 33.42 1.84 34.59
O2B ADP P . 34.08 -0.56 33.74
O3B ADP P . 33.74 1.42 32.21
PA ADP P . 36.94 0.85 32.87
O1A ADP P . 38.08 0.81 33.76
O2A ADP P . 36.73 -0.42 32.22
O3A ADP P . 35.69 1.33 33.65
O5' ADP P . 37.14 2.06 31.92
C5' ADP P . 38.33 2.23 31.19
C4' ADP P . 39.24 2.73 32.26
O4' ADP P . 40.65 2.65 31.96
C3' ADP P . 38.94 4.15 32.56
O3' ADP P . 38.77 4.35 33.95
C2' ADP P . 40.13 4.86 31.97
O2' ADP P . 40.45 6.14 32.51
C1' ADP P . 41.19 3.88 32.35
N9 ADP P . 42.43 4.29 31.67
C8 ADP P . 42.62 5.28 30.83
N7 ADP P . 43.89 5.28 30.45
C5 ADP P . 44.50 4.30 31.08
C6 ADP P . 45.79 3.82 31.11
N6 ADP P . 46.69 4.43 30.35
N1 ADP P . 46.12 2.75 31.92
C2 ADP P . 45.19 2.14 32.65
N3 ADP P . 43.93 2.63 32.62
C4 ADP P . 43.54 3.66 31.86
PB ADP Q . 35.78 -34.33 35.90
O1B ADP Q . 35.76 -32.92 35.42
O2B ADP Q . 35.15 -34.58 37.37
O3B ADP Q . 35.16 -35.22 34.91
PA ADP Q . 37.92 -36.16 36.51
O1A ADP Q . 39.16 -35.88 37.19
O2A ADP Q . 37.04 -36.97 37.30
O3A ADP Q . 37.25 -34.82 36.07
O5' ADP Q . 38.28 -36.73 35.11
C5' ADP Q . 39.16 -37.83 34.97
C4' ADP Q . 40.47 -37.15 35.20
O4' ADP Q . 41.57 -38.02 35.51
C3' ADP Q . 40.86 -36.39 34.00
O3' ADP Q . 41.20 -35.05 34.33
C2' ADP Q . 41.98 -37.20 33.44
O2' ADP Q . 42.93 -36.52 32.62
C1' ADP Q . 42.64 -37.59 34.72
N9 ADP Q . 43.67 -38.58 34.42
C8 ADP Q . 43.98 -39.13 33.25
N7 ADP Q . 44.97 -39.98 33.43
C5 ADP Q . 45.30 -39.96 34.70
C6 ADP Q . 46.25 -40.60 35.48
N6 ADP Q . 47.04 -41.48 34.85
N1 ADP Q . 46.35 -40.35 36.81
C2 ADP Q . 45.53 -39.47 37.40
N3 ADP Q . 44.62 -38.84 36.64
C4 ADP Q . 44.46 -39.05 35.33
PB ADP R . 10.27 -42.51 1.42
O1B ADP R . 8.83 -42.13 1.39
O2B ADP R . 11.27 -41.45 2.11
O3B ADP R . 10.44 -43.84 2.03
PA ADP R . 11.83 -43.58 -0.77
O1A ADP R . 12.21 -42.97 -2.03
O2A ADP R . 13.01 -43.97 -0.04
O3A ADP R . 10.83 -42.64 -0.02
O5' ADP R . 10.89 -44.77 -1.12
C5' ADP R . 10.49 -45.76 -0.16
C4' ADP R . 11.21 -46.94 -0.68
O4' ADP R . 11.41 -48.10 0.13
C3' ADP R . 10.54 -47.42 -1.93
O3' ADP R . 11.09 -46.89 -3.14
C2' ADP R . 10.69 -48.92 -1.82
O2' ADP R . 11.02 -49.60 -3.04
C1' ADP R . 11.83 -48.97 -0.88
N9 ADP R . 12.21 -50.39 -0.64
C8 ADP R . 11.79 -51.19 0.34
N7 ADP R . 12.38 -52.37 0.19
C5 ADP R . 13.11 -52.35 -0.89
C6 ADP R . 13.92 -53.26 -1.55
N6 ADP R . 14.00 -54.49 -1.06
N1 ADP R . 14.59 -52.91 -2.66
C2 ADP R . 14.49 -51.68 -3.15
N3 ADP R . 13.70 -50.78 -2.53
C4 ADP R . 13.02 -51.05 -1.42
#